data_7PAA
#
_entry.id   7PAA
#
_cell.length_a   124.127
_cell.length_b   172.530
_cell.length_c   159.710
_cell.angle_alpha   90.000
_cell.angle_beta   104.527
_cell.angle_gamma   90.000
#
_symmetry.space_group_name_H-M   'P 1 21 1'
#
loop_
_entity.id
_entity.type
_entity.pdbx_description
1 polymer 'scFv 29B1'
2 polymer 'Major capsid protein VP1'
3 water water
#
loop_
_entity_poly.entity_id
_entity_poly.type
_entity_poly.pdbx_seq_one_letter_code
_entity_poly.pdbx_strand_id
1 'polypeptide(L)'
;GSYVLTQPPSVSVAPGKTARITCGGNNIGSRSVHWYQHKPGQAPVMIISYDMNRPSGIPERVSGSNYGNTATLTISRVEA
GDEADYYCQVWDSRSDHPYVFGTGTRVTVLGSTSGSGKPGSGEGSTKGEVQLVESGGGLVKPGGSLRLSCAASGITFQYY
AMNWVRQAPGKGLEWVSSIGGRGDTTYYTDSVKGRFTISRDNSKSTLYLQMNSLRAEDTAVYYCAKEPFDSSGDHRGVFD
YWGQGTLVTVSS
;
ZZZ,KKK,aaa,bbb,ccc,ddd,eee,WWW,XXX,YYY
2 'polypeptide(L)'
;GSHMGGVEVLEVKTGVDSITEVECFLTPEMGDPDEHLRGFSKSISISDTFESDSPNRDMLPCYSVARIPLPNLNEDLTCG
NILMWEAVTLKTEVIGVTSLMNVHSNGQATHDNGAGKPVQGTSFHFFSVGGEALELQGVLFNYRTKYPDGTIFPKNATVQ
SQVMNTEHKAYLDKNKAYPVECWVPDPTRNENTRYFGTLTGGENVPPVLHITNTATTVLLDEFGVGPLCKGDNLYLSAVD
VCGMFTNRSGSQQWRGLSRYFKVQLRKRRVKN
;
AAA,BBB,CCC,DDD,EEE,FFF,GGG,HHH,III,JJJ
#
# COMPACT_ATOMS: atom_id res chain seq x y z
N GLY A 1 -1.26 1.03 -77.31
CA GLY A 1 -2.35 0.06 -77.64
C GLY A 1 -2.43 -1.05 -76.60
N SER A 2 -2.47 -2.31 -77.07
CA SER A 2 -2.54 -3.55 -76.27
C SER A 2 -1.12 -3.99 -75.91
N TYR A 3 -0.98 -4.93 -74.95
CA TYR A 3 0.26 -5.74 -74.77
C TYR A 3 0.30 -6.77 -75.90
N VAL A 4 1.50 -7.08 -76.40
CA VAL A 4 1.73 -7.94 -77.60
C VAL A 4 2.43 -9.24 -77.15
N LEU A 5 1.86 -10.39 -77.53
CA LEU A 5 2.50 -11.73 -77.41
C LEU A 5 2.70 -12.30 -78.82
N THR A 6 3.95 -12.49 -79.23
CA THR A 6 4.31 -13.07 -80.55
C THR A 6 4.72 -14.54 -80.38
N GLN A 7 4.20 -15.41 -81.25
CA GLN A 7 4.44 -16.88 -81.27
C GLN A 7 4.84 -17.29 -82.68
N PRO A 8 5.79 -18.23 -82.85
CA PRO A 8 6.04 -18.84 -84.15
C PRO A 8 4.77 -19.47 -84.71
N PRO A 9 4.40 -19.20 -85.99
CA PRO A 9 3.15 -19.70 -86.53
C PRO A 9 3.04 -21.23 -86.46
N SER A 10 4.14 -21.95 -86.69
CA SER A 10 4.16 -23.44 -86.68
C SER A 10 5.52 -23.98 -86.24
N VAL A 11 5.52 -25.22 -85.74
CA VAL A 11 6.70 -26.00 -85.28
C VAL A 11 6.48 -27.46 -85.68
N SER A 12 7.51 -28.13 -86.21
CA SER A 12 7.50 -29.56 -86.62
C SER A 12 8.49 -30.34 -85.75
N VAL A 13 8.10 -31.55 -85.31
CA VAL A 13 8.98 -32.48 -84.53
C VAL A 13 8.59 -33.92 -84.86
N ALA A 14 9.58 -34.82 -84.83
CA ALA A 14 9.42 -36.28 -84.98
C ALA A 14 8.92 -36.86 -83.65
N PRO A 15 8.16 -37.98 -83.66
CA PRO A 15 7.73 -38.64 -82.42
C PRO A 15 8.96 -39.03 -81.59
N GLY A 16 8.93 -38.75 -80.28
CA GLY A 16 10.04 -39.02 -79.35
C GLY A 16 10.86 -37.78 -79.07
N LYS A 17 11.23 -37.02 -80.11
CA LYS A 17 11.98 -35.74 -80.00
C LYS A 17 11.12 -34.73 -79.21
N THR A 18 11.73 -33.64 -78.70
CA THR A 18 11.07 -32.61 -77.86
C THR A 18 10.68 -31.40 -78.74
N ALA A 19 9.53 -30.79 -78.46
CA ALA A 19 8.98 -29.60 -79.15
C ALA A 19 9.05 -28.38 -78.23
N ARG A 20 9.48 -27.24 -78.76
CA ARG A 20 9.63 -25.96 -78.02
C ARG A 20 8.79 -24.87 -78.70
N ILE A 21 7.71 -24.43 -78.04
CA ILE A 21 6.85 -23.30 -78.48
C ILE A 21 7.27 -22.08 -77.65
N THR A 22 7.79 -21.04 -78.31
CA THR A 22 8.24 -19.78 -77.66
C THR A 22 7.08 -18.77 -77.68
N CYS A 23 6.97 -17.97 -76.62
CA CYS A 23 5.99 -16.86 -76.46
C CYS A 23 6.75 -15.58 -76.16
N GLY A 24 7.06 -14.80 -77.18
CA GLY A 24 7.80 -13.53 -77.07
C GLY A 24 6.91 -12.42 -76.53
N GLY A 25 7.43 -11.66 -75.56
CA GLY A 25 6.71 -10.54 -74.95
C GLY A 25 7.68 -9.55 -74.34
N ASN A 26 7.38 -8.26 -74.46
CA ASN A 26 8.18 -7.15 -73.88
C ASN A 26 8.23 -7.34 -72.35
N ASN A 27 9.34 -7.87 -71.85
CA ASN A 27 9.57 -8.12 -70.40
C ASN A 27 8.48 -9.07 -69.88
N ILE A 28 8.16 -10.12 -70.64
CA ILE A 28 7.09 -11.11 -70.31
C ILE A 28 7.45 -11.84 -69.00
N GLY A 29 8.75 -11.86 -68.65
CA GLY A 29 9.29 -12.57 -67.48
C GLY A 29 8.74 -12.06 -66.16
N SER A 30 8.20 -10.84 -66.12
CA SER A 30 7.61 -10.20 -64.91
C SER A 30 6.08 -10.25 -64.99
N ARG A 31 5.55 -11.15 -65.82
CA ARG A 31 4.09 -11.43 -65.96
C ARG A 31 3.87 -12.95 -65.87
N SER A 32 2.76 -13.37 -65.27
CA SER A 32 2.35 -14.80 -65.18
C SER A 32 1.78 -15.23 -66.52
N VAL A 33 2.40 -16.22 -67.16
CA VAL A 33 2.04 -16.76 -68.51
C VAL A 33 1.32 -18.10 -68.31
N HIS A 34 0.15 -18.26 -68.93
CA HIS A 34 -0.64 -19.52 -68.96
C HIS A 34 -0.68 -20.03 -70.39
N TRP A 35 -0.73 -21.36 -70.56
CA TRP A 35 -0.69 -22.05 -71.88
C TRP A 35 -1.97 -22.89 -72.07
N TYR A 36 -2.56 -22.83 -73.26
CA TYR A 36 -3.76 -23.61 -73.65
C TYR A 36 -3.42 -24.47 -74.87
N GLN A 37 -3.82 -25.75 -74.81
CA GLN A 37 -3.85 -26.69 -75.97
C GLN A 37 -5.24 -26.61 -76.60
N HIS A 38 -5.33 -26.63 -77.93
CA HIS A 38 -6.60 -26.60 -78.70
C HIS A 38 -6.51 -27.54 -79.90
N LYS A 39 -7.27 -28.65 -79.87
CA LYS A 39 -7.43 -29.57 -81.01
C LYS A 39 -8.70 -29.18 -81.77
N PRO A 40 -8.70 -29.22 -83.12
CA PRO A 40 -9.87 -28.81 -83.89
C PRO A 40 -11.16 -29.52 -83.45
N GLY A 41 -12.23 -28.75 -83.20
CA GLY A 41 -13.57 -29.26 -82.86
C GLY A 41 -13.81 -29.36 -81.36
N GLN A 42 -12.75 -29.47 -80.55
CA GLN A 42 -12.84 -29.72 -79.09
C GLN A 42 -12.66 -28.45 -78.26
N ALA A 43 -12.98 -28.54 -76.97
CA ALA A 43 -12.81 -27.46 -75.97
C ALA A 43 -11.32 -27.32 -75.67
N PRO A 44 -10.77 -26.08 -75.71
CA PRO A 44 -9.39 -25.86 -75.29
C PRO A 44 -9.17 -26.30 -73.83
N VAL A 45 -8.04 -26.95 -73.54
CA VAL A 45 -7.65 -27.33 -72.15
C VAL A 45 -6.45 -26.46 -71.74
N MET A 46 -6.41 -26.05 -70.48
CA MET A 46 -5.24 -25.38 -69.86
C MET A 46 -4.21 -26.47 -69.52
N ILE A 47 -2.98 -26.33 -70.00
CA ILE A 47 -1.90 -27.33 -69.80
C ILE A 47 -0.85 -26.79 -68.81
N ILE A 48 -0.59 -25.47 -68.84
CA ILE A 48 0.31 -24.78 -67.87
C ILE A 48 -0.39 -23.52 -67.36
N SER A 49 -0.36 -23.30 -66.04
CA SER A 49 -0.81 -22.06 -65.38
C SER A 49 0.37 -21.48 -64.60
N TYR A 50 0.45 -20.15 -64.50
CA TYR A 50 1.45 -19.41 -63.69
C TYR A 50 2.84 -19.95 -64.04
N ASP A 51 3.18 -19.89 -65.33
CA ASP A 51 4.54 -20.06 -65.92
C ASP A 51 4.90 -21.54 -66.11
N MET A 52 4.69 -22.40 -65.10
CA MET A 52 5.26 -23.77 -65.08
C MET A 52 4.41 -24.76 -64.26
N ASN A 53 3.19 -24.44 -63.87
CA ASN A 53 2.37 -25.32 -62.99
C ASN A 53 1.40 -26.15 -63.85
N ARG A 54 1.40 -27.47 -63.66
CA ARG A 54 0.59 -28.45 -64.42
C ARG A 54 -0.67 -28.83 -63.65
N PRO A 55 -1.87 -28.64 -64.22
CA PRO A 55 -3.11 -29.12 -63.61
C PRO A 55 -3.17 -30.66 -63.50
N SER A 56 -4.00 -31.19 -62.59
CA SER A 56 -4.31 -32.65 -62.51
C SER A 56 -4.68 -33.11 -63.92
N GLY A 57 -3.98 -34.12 -64.45
CA GLY A 57 -4.28 -34.70 -65.77
C GLY A 57 -3.13 -34.53 -66.75
N ILE A 58 -2.53 -33.34 -66.82
CA ILE A 58 -1.42 -33.01 -67.78
C ILE A 58 -0.14 -33.71 -67.32
N PRO A 59 0.53 -34.47 -68.23
CA PRO A 59 1.67 -35.30 -67.84
C PRO A 59 2.96 -34.50 -67.65
N GLU A 60 3.94 -35.12 -66.97
CA GLU A 60 5.25 -34.53 -66.59
C GLU A 60 6.02 -34.09 -67.85
N ARG A 61 5.80 -34.78 -68.97
CA ARG A 61 6.37 -34.45 -70.31
C ARG A 61 6.23 -32.95 -70.58
N VAL A 62 5.02 -32.43 -70.36
CA VAL A 62 4.66 -31.00 -70.60
C VAL A 62 5.30 -30.15 -69.49
N SER A 63 5.93 -29.04 -69.87
CA SER A 63 6.87 -28.27 -69.03
C SER A 63 6.85 -26.80 -69.47
N GLY A 64 6.91 -25.88 -68.52
CA GLY A 64 6.83 -24.43 -68.78
C GLY A 64 7.99 -23.69 -68.17
N SER A 65 8.44 -22.62 -68.82
CA SER A 65 9.36 -21.63 -68.23
C SER A 65 8.96 -20.23 -68.72
N ASN A 66 9.62 -19.21 -68.17
CA ASN A 66 9.35 -17.76 -68.41
C ASN A 66 10.45 -16.98 -67.70
N TYR A 67 11.38 -16.36 -68.44
CA TYR A 67 12.49 -15.60 -67.82
C TYR A 67 12.64 -14.21 -68.45
N GLY A 68 13.07 -14.14 -69.72
CA GLY A 68 13.55 -12.88 -70.30
C GLY A 68 12.45 -12.09 -70.95
N ASN A 69 12.56 -11.91 -72.27
CA ASN A 69 11.51 -11.38 -73.17
C ASN A 69 10.87 -12.57 -73.90
N THR A 70 10.93 -13.75 -73.28
CA THR A 70 10.52 -15.03 -73.91
C THR A 70 10.13 -16.05 -72.84
N ALA A 71 8.93 -16.62 -72.97
CA ALA A 71 8.40 -17.77 -72.19
C ALA A 71 8.34 -18.98 -73.14
N THR A 72 8.53 -20.19 -72.60
CA THR A 72 8.76 -21.42 -73.40
C THR A 72 7.91 -22.58 -72.86
N LEU A 73 6.99 -23.09 -73.68
CA LEU A 73 6.31 -24.39 -73.51
C LEU A 73 7.19 -25.48 -74.14
N THR A 74 7.36 -26.60 -73.45
CA THR A 74 8.24 -27.74 -73.85
C THR A 74 7.47 -29.06 -73.66
N ILE A 75 7.01 -29.66 -74.76
CA ILE A 75 6.52 -31.07 -74.80
C ILE A 75 7.73 -31.94 -75.20
N SER A 76 8.07 -32.95 -74.40
CA SER A 76 9.41 -33.60 -74.42
C SER A 76 9.40 -34.91 -75.20
N ARG A 77 8.47 -35.83 -74.93
CA ARG A 77 8.45 -37.17 -75.56
C ARG A 77 7.18 -37.25 -76.42
N VAL A 78 7.24 -36.53 -77.55
CA VAL A 78 6.07 -36.11 -78.38
C VAL A 78 5.38 -37.35 -78.95
N GLU A 79 4.04 -37.34 -78.94
CA GLU A 79 3.15 -38.41 -79.45
C GLU A 79 2.23 -37.81 -80.51
N ALA A 80 1.63 -38.64 -81.36
CA ALA A 80 0.62 -38.25 -82.36
C ALA A 80 -0.43 -37.35 -81.70
N GLY A 81 -0.86 -37.72 -80.47
CA GLY A 81 -1.88 -37.00 -79.67
C GLY A 81 -1.52 -35.54 -79.41
N ASP A 82 -0.23 -35.21 -79.35
CA ASP A 82 0.27 -33.84 -79.00
C ASP A 82 0.07 -32.87 -80.17
N GLU A 83 -0.25 -33.35 -81.38
CA GLU A 83 -0.56 -32.51 -82.57
C GLU A 83 -1.79 -31.65 -82.24
N ALA A 84 -1.60 -30.32 -82.19
CA ALA A 84 -2.65 -29.34 -81.80
C ALA A 84 -2.11 -27.91 -81.93
N ASP A 85 -2.96 -26.92 -81.70
CA ASP A 85 -2.61 -25.47 -81.59
C ASP A 85 -2.32 -25.15 -80.13
N TYR A 86 -1.22 -24.44 -79.86
CA TYR A 86 -0.78 -24.03 -78.50
C TYR A 86 -0.73 -22.50 -78.42
N TYR A 87 -1.47 -21.92 -77.46
CA TYR A 87 -1.57 -20.47 -77.20
C TYR A 87 -1.04 -20.15 -75.81
N CYS A 88 -0.15 -19.15 -75.72
CA CYS A 88 0.24 -18.48 -74.45
C CYS A 88 -0.71 -17.31 -74.21
N GLN A 89 -0.91 -16.95 -72.94
CA GLN A 89 -1.89 -15.92 -72.50
C GLN A 89 -1.37 -15.22 -71.24
N VAL A 90 -1.54 -13.90 -71.16
CA VAL A 90 -1.22 -13.10 -69.95
C VAL A 90 -2.47 -12.30 -69.55
N TRP A 91 -2.44 -11.77 -68.33
CA TRP A 91 -3.53 -10.96 -67.73
C TRP A 91 -2.94 -9.63 -67.31
N ASP A 92 -3.57 -8.53 -67.74
CA ASP A 92 -3.22 -7.16 -67.30
C ASP A 92 -4.46 -6.53 -66.67
N SER A 93 -4.78 -6.92 -65.43
CA SER A 93 -5.72 -6.20 -64.54
C SER A 93 -5.51 -4.70 -64.74
N ARG A 94 -6.59 -3.93 -64.86
CA ARG A 94 -6.49 -2.45 -65.03
C ARG A 94 -5.63 -2.13 -66.27
N SER A 95 -6.17 -2.44 -67.45
CA SER A 95 -5.74 -1.96 -68.80
C SER A 95 -6.91 -2.14 -69.77
N ASP A 96 -6.87 -1.45 -70.92
CA ASP A 96 -7.98 -1.41 -71.90
C ASP A 96 -8.11 -2.78 -72.58
N HIS A 97 -7.07 -3.62 -72.53
CA HIS A 97 -7.06 -5.01 -73.06
C HIS A 97 -6.55 -5.96 -71.98
N PRO A 98 -7.43 -6.44 -71.06
CA PRO A 98 -7.00 -7.13 -69.85
C PRO A 98 -6.50 -8.57 -70.09
N TYR A 99 -7.19 -9.33 -70.95
CA TYR A 99 -6.83 -10.71 -71.34
C TYR A 99 -6.21 -10.68 -72.75
N VAL A 100 -4.93 -11.04 -72.84
CA VAL A 100 -4.15 -11.01 -74.12
C VAL A 100 -3.70 -12.44 -74.42
N PHE A 101 -3.95 -12.89 -75.64
CA PHE A 101 -3.56 -14.21 -76.18
C PHE A 101 -2.41 -14.04 -77.19
N GLY A 102 -1.56 -15.06 -77.30
CA GLY A 102 -0.57 -15.17 -78.39
C GLY A 102 -1.27 -15.39 -79.71
N THR A 103 -0.54 -15.24 -80.82
CA THR A 103 -1.05 -15.43 -82.20
C THR A 103 -1.34 -16.92 -82.44
N GLY A 104 -0.68 -17.80 -81.69
CA GLY A 104 -0.87 -19.27 -81.74
C GLY A 104 0.25 -19.97 -82.49
N THR A 105 0.63 -21.17 -82.02
CA THR A 105 1.63 -22.07 -82.66
C THR A 105 0.97 -23.42 -82.94
N ARG A 106 0.89 -23.82 -84.21
CA ARG A 106 0.42 -25.16 -84.63
C ARG A 106 1.61 -26.13 -84.61
N VAL A 107 1.54 -27.16 -83.77
CA VAL A 107 2.55 -28.27 -83.69
C VAL A 107 2.05 -29.42 -84.57
N THR A 108 2.91 -29.92 -85.48
CA THR A 108 2.65 -31.10 -86.33
C THR A 108 3.73 -32.17 -86.07
N VAL A 109 3.34 -33.45 -86.11
CA VAL A 109 4.21 -34.63 -85.78
C VAL A 109 4.37 -35.51 -87.02
N GLY A 128 -14.63 -34.58 -64.87
CA GLY A 128 -16.06 -34.46 -65.21
C GLY A 128 -16.94 -34.12 -64.01
N GLU A 129 -16.48 -33.22 -63.12
CA GLU A 129 -17.28 -32.61 -62.03
C GLU A 129 -17.94 -31.33 -62.58
N VAL A 130 -17.12 -30.46 -63.19
CA VAL A 130 -17.53 -29.20 -63.87
C VAL A 130 -17.92 -29.53 -65.32
N GLN A 131 -19.06 -29.01 -65.78
CA GLN A 131 -19.53 -29.05 -67.20
C GLN A 131 -19.90 -27.63 -67.64
N LEU A 132 -19.56 -27.26 -68.88
CA LEU A 132 -20.02 -26.01 -69.55
C LEU A 132 -20.66 -26.38 -70.90
N VAL A 133 -21.99 -26.32 -70.98
CA VAL A 133 -22.78 -26.67 -72.19
C VAL A 133 -23.25 -25.35 -72.84
N GLU A 134 -22.98 -25.18 -74.14
CA GLU A 134 -23.22 -23.90 -74.88
C GLU A 134 -24.42 -24.05 -75.81
N SER A 135 -25.17 -22.96 -76.02
CA SER A 135 -26.36 -22.86 -76.90
C SER A 135 -26.36 -21.51 -77.62
N GLY A 136 -27.21 -21.36 -78.65
CA GLY A 136 -27.57 -20.06 -79.24
C GLY A 136 -26.98 -19.84 -80.62
N GLY A 137 -25.84 -20.46 -80.93
CA GLY A 137 -25.11 -20.27 -82.21
C GLY A 137 -25.97 -20.60 -83.41
N GLY A 138 -25.52 -20.21 -84.60
CA GLY A 138 -26.19 -20.52 -85.89
C GLY A 138 -25.99 -19.43 -86.93
N LEU A 139 -26.81 -19.46 -87.99
CA LEU A 139 -26.81 -18.47 -89.10
C LEU A 139 -27.58 -17.22 -88.67
N VAL A 140 -27.07 -16.03 -88.99
CA VAL A 140 -27.79 -14.74 -88.80
C VAL A 140 -27.21 -13.69 -89.75
N LYS A 141 -28.06 -12.78 -90.25
CA LYS A 141 -27.75 -11.80 -91.31
C LYS A 141 -27.01 -10.59 -90.73
N PRO A 142 -26.15 -9.89 -91.52
CA PRO A 142 -25.52 -8.65 -91.06
C PRO A 142 -26.54 -7.63 -90.51
N GLY A 143 -26.26 -7.05 -89.33
CA GLY A 143 -27.12 -6.08 -88.63
C GLY A 143 -28.12 -6.75 -87.70
N GLY A 144 -28.12 -8.09 -87.63
CA GLY A 144 -29.08 -8.90 -86.84
C GLY A 144 -28.61 -9.10 -85.41
N SER A 145 -29.35 -9.90 -84.62
CA SER A 145 -29.09 -10.20 -83.19
C SER A 145 -29.01 -11.71 -82.96
N LEU A 146 -28.40 -12.10 -81.85
CA LEU A 146 -28.21 -13.52 -81.43
C LEU A 146 -27.83 -13.56 -79.95
N ARG A 147 -28.37 -14.52 -79.20
CA ARG A 147 -28.15 -14.67 -77.73
C ARG A 147 -27.46 -16.02 -77.48
N LEU A 148 -26.16 -15.98 -77.19
CA LEU A 148 -25.39 -17.16 -76.75
C LEU A 148 -25.70 -17.37 -75.27
N SER A 149 -25.82 -18.63 -74.84
CA SER A 149 -25.94 -19.01 -73.41
C SER A 149 -24.98 -20.17 -73.12
N CYS A 150 -24.47 -20.24 -71.89
CA CYS A 150 -23.53 -21.26 -71.40
C CYS A 150 -24.02 -21.73 -70.03
N ALA A 151 -24.56 -22.95 -69.96
CA ALA A 151 -25.15 -23.55 -68.74
C ALA A 151 -24.08 -24.34 -67.99
N ALA A 152 -23.59 -23.78 -66.88
CA ALA A 152 -22.64 -24.42 -65.96
C ALA A 152 -23.41 -25.39 -65.05
N SER A 153 -22.76 -26.48 -64.64
CA SER A 153 -23.25 -27.43 -63.62
C SER A 153 -22.05 -28.00 -62.84
N GLY A 154 -22.24 -28.28 -61.55
CA GLY A 154 -21.21 -28.84 -60.65
C GLY A 154 -20.44 -27.76 -59.91
N ILE A 155 -20.80 -26.48 -60.08
CA ILE A 155 -20.12 -25.35 -59.40
C ILE A 155 -21.18 -24.37 -58.87
N THR A 156 -20.88 -23.71 -57.75
CA THR A 156 -21.65 -22.57 -57.20
C THR A 156 -21.27 -21.31 -57.99
N PHE A 157 -22.11 -20.92 -58.95
CA PHE A 157 -21.71 -20.09 -60.11
C PHE A 157 -21.19 -18.71 -59.68
N GLN A 158 -21.72 -18.16 -58.59
CA GLN A 158 -21.45 -16.76 -58.16
C GLN A 158 -19.98 -16.57 -57.72
N TYR A 159 -19.21 -17.65 -57.53
CA TYR A 159 -17.81 -17.60 -57.06
C TYR A 159 -16.81 -17.73 -58.22
N TYR A 160 -17.27 -17.59 -59.47
CA TYR A 160 -16.44 -17.78 -60.67
C TYR A 160 -16.66 -16.61 -61.65
N ALA A 161 -15.61 -15.85 -61.94
CA ALA A 161 -15.56 -14.93 -63.08
C ALA A 161 -15.67 -15.79 -64.36
N MET A 162 -16.47 -15.33 -65.32
CA MET A 162 -16.75 -16.06 -66.58
C MET A 162 -16.40 -15.17 -67.78
N ASN A 163 -16.09 -15.78 -68.92
CA ASN A 163 -15.57 -15.09 -70.12
C ASN A 163 -16.15 -15.70 -71.39
N TRP A 164 -16.21 -14.90 -72.45
CA TRP A 164 -16.44 -15.35 -73.85
C TRP A 164 -15.14 -15.14 -74.64
N VAL A 165 -14.64 -16.20 -75.26
CA VAL A 165 -13.47 -16.18 -76.18
C VAL A 165 -13.95 -16.73 -77.53
N ARG A 166 -13.47 -16.19 -78.65
CA ARG A 166 -13.91 -16.62 -80.00
C ARG A 166 -12.69 -16.93 -80.87
N GLN A 167 -12.90 -17.75 -81.92
CA GLN A 167 -11.88 -18.14 -82.92
C GLN A 167 -12.50 -18.04 -84.31
N ALA A 168 -12.16 -16.96 -85.03
CA ALA A 168 -12.63 -16.70 -86.42
C ALA A 168 -11.98 -17.74 -87.33
N PRO A 169 -12.67 -18.20 -88.40
CA PRO A 169 -12.06 -19.14 -89.34
C PRO A 169 -10.69 -18.62 -89.81
N GLY A 170 -9.62 -19.39 -89.54
CA GLY A 170 -8.24 -19.04 -89.94
C GLY A 170 -7.46 -18.45 -88.77
N LYS A 171 -8.01 -17.42 -88.12
CA LYS A 171 -7.33 -16.65 -87.03
C LYS A 171 -7.22 -17.52 -85.76
N GLY A 172 -6.51 -17.02 -84.74
CA GLY A 172 -6.29 -17.68 -83.43
C GLY A 172 -7.36 -17.31 -82.41
N LEU A 173 -7.12 -17.57 -81.13
CA LEU A 173 -8.08 -17.25 -80.04
C LEU A 173 -8.04 -15.75 -79.78
N GLU A 174 -9.21 -15.13 -79.67
CA GLU A 174 -9.38 -13.69 -79.30
C GLU A 174 -10.35 -13.63 -78.12
N TRP A 175 -9.92 -13.03 -77.01
CA TRP A 175 -10.81 -12.74 -75.84
C TRP A 175 -11.87 -11.73 -76.29
N VAL A 176 -13.13 -11.92 -75.88
CA VAL A 176 -14.29 -11.10 -76.33
C VAL A 176 -14.79 -10.25 -75.16
N SER A 177 -15.14 -10.90 -74.05
CA SER A 177 -15.81 -10.25 -72.88
C SER A 177 -15.58 -11.07 -71.60
N SER A 178 -15.53 -10.36 -70.47
CA SER A 178 -15.38 -10.92 -69.10
C SER A 178 -16.44 -10.30 -68.19
N ILE A 179 -16.91 -11.09 -67.23
CA ILE A 179 -17.87 -10.65 -66.17
C ILE A 179 -17.44 -11.25 -64.82
N GLY A 180 -17.65 -10.50 -63.73
CA GLY A 180 -17.38 -10.96 -62.36
C GLY A 180 -18.39 -11.98 -61.89
N GLY A 181 -18.15 -12.61 -60.74
CA GLY A 181 -19.04 -13.62 -60.15
C GLY A 181 -20.40 -13.04 -59.75
N ARG A 182 -20.42 -11.80 -59.23
CA ARG A 182 -21.67 -11.12 -58.78
C ARG A 182 -22.32 -10.39 -59.96
N GLY A 183 -21.64 -10.30 -61.11
CA GLY A 183 -22.04 -9.49 -62.28
C GLY A 183 -21.59 -8.04 -62.18
N ASP A 184 -20.78 -7.68 -61.17
CA ASP A 184 -20.32 -6.30 -60.84
C ASP A 184 -19.46 -5.75 -61.98
N THR A 185 -18.41 -6.49 -62.34
CA THR A 185 -17.36 -6.08 -63.30
C THR A 185 -17.72 -6.63 -64.68
N THR A 186 -17.69 -5.77 -65.71
CA THR A 186 -17.91 -6.14 -67.14
C THR A 186 -16.84 -5.46 -67.98
N TYR A 187 -16.17 -6.23 -68.84
CA TYR A 187 -15.12 -5.74 -69.78
C TYR A 187 -15.36 -6.37 -71.16
N TYR A 188 -15.06 -5.63 -72.22
CA TYR A 188 -15.25 -6.03 -73.63
C TYR A 188 -13.99 -5.68 -74.42
N THR A 189 -13.73 -6.39 -75.53
CA THR A 189 -12.73 -5.98 -76.56
C THR A 189 -13.23 -4.70 -77.23
N ASP A 190 -12.32 -3.86 -77.71
CA ASP A 190 -12.65 -2.55 -78.33
C ASP A 190 -13.58 -2.76 -79.54
N SER A 191 -13.52 -3.93 -80.18
CA SER A 191 -14.23 -4.23 -81.46
C SER A 191 -15.68 -4.67 -81.22
N VAL A 192 -16.19 -4.64 -79.98
CA VAL A 192 -17.59 -5.07 -79.68
C VAL A 192 -18.23 -4.16 -78.62
N LYS A 193 -17.62 -3.02 -78.28
CA LYS A 193 -17.98 -2.18 -77.09
C LYS A 193 -19.49 -1.98 -77.01
N GLY A 194 -20.07 -1.27 -77.99
CA GLY A 194 -21.46 -0.78 -77.93
C GLY A 194 -22.48 -1.80 -78.39
N ARG A 195 -22.04 -2.98 -78.86
CA ARG A 195 -22.87 -3.98 -79.59
C ARG A 195 -23.15 -5.21 -78.73
N PHE A 196 -22.11 -5.77 -78.10
CA PHE A 196 -22.18 -7.00 -77.27
C PHE A 196 -22.44 -6.62 -75.81
N THR A 197 -23.27 -7.40 -75.11
CA THR A 197 -23.56 -7.26 -73.66
C THR A 197 -23.44 -8.64 -72.99
N ILE A 198 -22.62 -8.73 -71.95
CA ILE A 198 -22.40 -9.96 -71.14
C ILE A 198 -23.23 -9.83 -69.86
N SER A 199 -23.78 -10.94 -69.36
CA SER A 199 -24.69 -10.98 -68.19
C SER A 199 -24.71 -12.39 -67.60
N ARG A 200 -25.29 -12.54 -66.41
CA ARG A 200 -25.35 -13.82 -65.65
C ARG A 200 -26.70 -14.00 -65.00
N ASP A 201 -27.10 -15.25 -64.78
CA ASP A 201 -28.19 -15.64 -63.84
C ASP A 201 -27.63 -16.70 -62.90
N ASN A 202 -27.09 -16.28 -61.75
CA ASN A 202 -26.36 -17.18 -60.82
C ASN A 202 -27.30 -18.28 -60.30
N SER A 203 -28.59 -17.98 -60.12
CA SER A 203 -29.60 -18.97 -59.67
C SER A 203 -29.80 -20.04 -60.74
N LYS A 204 -30.05 -19.65 -61.99
CA LYS A 204 -30.20 -20.58 -63.15
C LYS A 204 -28.81 -21.14 -63.52
N SER A 205 -27.74 -20.51 -63.04
CA SER A 205 -26.34 -21.01 -63.11
C SER A 205 -25.78 -20.92 -64.54
N THR A 206 -26.22 -19.94 -65.32
CA THR A 206 -25.88 -19.79 -66.76
C THR A 206 -25.25 -18.40 -67.03
N LEU A 207 -24.38 -18.34 -68.05
CA LEU A 207 -23.74 -17.12 -68.59
C LEU A 207 -24.38 -16.78 -69.94
N TYR A 208 -24.60 -15.50 -70.21
CA TYR A 208 -25.24 -15.00 -71.47
C TYR A 208 -24.29 -14.05 -72.19
N LEU A 209 -24.33 -14.07 -73.53
CA LEU A 209 -23.77 -13.01 -74.41
C LEU A 209 -24.86 -12.55 -75.39
N GLN A 210 -25.40 -11.36 -75.17
CA GLN A 210 -26.37 -10.70 -76.07
C GLN A 210 -25.57 -10.00 -77.17
N MET A 211 -25.43 -10.64 -78.32
CA MET A 211 -24.74 -10.07 -79.52
C MET A 211 -25.81 -9.51 -80.46
N ASN A 212 -25.94 -8.18 -80.54
CA ASN A 212 -26.81 -7.52 -81.55
C ASN A 212 -25.96 -6.52 -82.35
N SER A 213 -26.51 -6.02 -83.46
CA SER A 213 -25.83 -5.15 -84.45
C SER A 213 -24.60 -5.88 -84.99
N LEU A 214 -24.77 -7.14 -85.42
CA LEU A 214 -23.68 -8.10 -85.78
C LEU A 214 -23.06 -7.68 -87.12
N ARG A 215 -21.73 -7.67 -87.17
CA ARG A 215 -20.93 -7.41 -88.40
C ARG A 215 -20.40 -8.75 -88.92
N ALA A 216 -19.82 -8.75 -90.13
CA ALA A 216 -19.35 -9.94 -90.88
C ALA A 216 -18.13 -10.57 -90.17
N GLU A 217 -17.28 -9.72 -89.56
CA GLU A 217 -16.00 -10.16 -88.92
C GLU A 217 -16.26 -10.89 -87.60
N ASP A 218 -17.50 -10.98 -87.19
CA ASP A 218 -17.90 -11.63 -85.90
C ASP A 218 -18.04 -13.14 -86.08
N THR A 219 -18.03 -13.65 -87.32
CA THR A 219 -18.18 -15.11 -87.60
C THR A 219 -16.99 -15.83 -86.97
N ALA A 220 -17.27 -16.71 -86.01
CA ALA A 220 -16.25 -17.44 -85.20
C ALA A 220 -16.95 -18.52 -84.38
N VAL A 221 -16.18 -19.47 -83.86
CA VAL A 221 -16.62 -20.42 -82.80
C VAL A 221 -16.49 -19.68 -81.48
N TYR A 222 -17.60 -19.46 -80.77
CA TYR A 222 -17.64 -18.71 -79.48
C TYR A 222 -17.54 -19.70 -78.32
N TYR A 223 -16.43 -19.62 -77.57
CA TYR A 223 -16.10 -20.49 -76.41
C TYR A 223 -16.44 -19.77 -75.11
N CYS A 224 -17.04 -20.53 -74.20
CA CYS A 224 -17.38 -20.14 -72.81
C CYS A 224 -16.21 -20.54 -71.92
N ALA A 225 -15.58 -19.59 -71.22
CA ALA A 225 -14.30 -19.80 -70.48
C ALA A 225 -14.45 -19.41 -69.00
N LYS A 226 -14.27 -20.38 -68.10
CA LYS A 226 -14.41 -20.22 -66.63
C LYS A 226 -13.04 -19.89 -66.01
N GLU A 227 -13.00 -19.01 -65.01
CA GLU A 227 -11.77 -18.72 -64.21
C GLU A 227 -11.80 -19.52 -62.90
N PRO A 228 -10.66 -19.71 -62.22
CA PRO A 228 -10.62 -20.46 -60.97
C PRO A 228 -11.49 -19.83 -59.87
N PHE A 229 -11.88 -20.65 -58.89
CA PHE A 229 -12.70 -20.26 -57.72
C PHE A 229 -12.09 -19.02 -57.06
N ASP A 230 -12.94 -18.07 -56.68
CA ASP A 230 -12.58 -16.87 -55.88
C ASP A 230 -13.73 -16.60 -54.92
N SER A 231 -13.45 -16.39 -53.63
CA SER A 231 -14.47 -16.15 -52.58
C SER A 231 -15.36 -14.96 -52.96
N SER A 232 -14.86 -13.98 -53.72
CA SER A 232 -15.59 -12.75 -54.15
C SER A 232 -16.07 -12.88 -55.59
N GLY A 233 -15.61 -13.91 -56.31
CA GLY A 233 -15.84 -14.06 -57.75
C GLY A 233 -15.07 -13.04 -58.55
N ASP A 234 -13.88 -12.65 -58.07
CA ASP A 234 -12.97 -11.69 -58.75
C ASP A 234 -12.35 -12.34 -59.98
N HIS A 235 -11.85 -11.51 -60.90
CA HIS A 235 -11.05 -11.92 -62.07
C HIS A 235 -9.67 -12.38 -61.59
N ARG A 236 -9.12 -13.44 -62.19
CA ARG A 236 -7.80 -14.00 -61.80
C ARG A 236 -6.85 -14.02 -62.99
N GLY A 237 -7.38 -13.99 -64.22
CA GLY A 237 -6.59 -13.87 -65.45
C GLY A 237 -6.18 -15.21 -66.03
N VAL A 238 -6.90 -16.28 -65.71
CA VAL A 238 -6.62 -17.64 -66.25
C VAL A 238 -7.95 -18.36 -66.51
N PHE A 239 -8.04 -19.10 -67.61
CA PHE A 239 -9.22 -19.86 -68.05
C PHE A 239 -8.99 -21.35 -67.80
N ASP A 240 -9.34 -21.84 -66.60
CA ASP A 240 -8.93 -23.19 -66.13
C ASP A 240 -9.84 -24.27 -66.73
N TYR A 241 -10.97 -23.89 -67.34
CA TYR A 241 -11.93 -24.84 -67.97
C TYR A 241 -12.79 -24.11 -69.02
N TRP A 242 -13.00 -24.78 -70.16
CA TRP A 242 -13.66 -24.23 -71.37
C TRP A 242 -14.86 -25.09 -71.79
N GLY A 243 -15.85 -24.45 -72.42
CA GLY A 243 -16.98 -25.13 -73.09
C GLY A 243 -16.58 -25.59 -74.48
N GLN A 244 -17.37 -26.49 -75.09
CA GLN A 244 -17.01 -27.17 -76.36
C GLN A 244 -17.16 -26.17 -77.52
N GLY A 245 -17.88 -25.06 -77.31
CA GLY A 245 -18.02 -23.98 -78.29
C GLY A 245 -19.35 -24.04 -79.01
N THR A 246 -19.74 -22.96 -79.68
CA THR A 246 -21.00 -22.85 -80.45
C THR A 246 -20.74 -21.96 -81.68
N LEU A 247 -21.07 -22.45 -82.88
CA LEU A 247 -20.74 -21.79 -84.17
C LEU A 247 -21.73 -20.66 -84.43
N VAL A 248 -21.21 -19.45 -84.68
CA VAL A 248 -21.98 -18.25 -85.15
C VAL A 248 -21.45 -17.87 -86.52
N THR A 249 -22.31 -17.86 -87.54
CA THR A 249 -21.98 -17.60 -88.97
C THR A 249 -22.81 -16.42 -89.49
N VAL A 250 -22.25 -15.66 -90.45
CA VAL A 250 -22.78 -14.35 -90.96
C VAL A 250 -22.29 -14.17 -92.41
N VAL B 7 -30.82 -8.06 -17.18
CA VAL B 7 -30.67 -8.14 -15.68
C VAL B 7 -29.63 -7.09 -15.25
N GLU B 8 -30.09 -6.01 -14.58
CA GLU B 8 -29.21 -5.09 -13.80
C GLU B 8 -28.79 -5.86 -12.53
N VAL B 9 -27.49 -6.13 -12.39
CA VAL B 9 -26.92 -6.91 -11.24
C VAL B 9 -26.72 -5.96 -10.04
N LEU B 10 -27.21 -6.35 -8.86
CA LEU B 10 -27.13 -5.55 -7.61
C LEU B 10 -26.33 -6.35 -6.56
N GLU B 11 -26.62 -6.15 -5.27
CA GLU B 11 -25.76 -6.59 -4.14
C GLU B 11 -25.81 -8.13 -3.99
N VAL B 12 -24.75 -8.69 -3.45
CA VAL B 12 -24.63 -10.14 -3.09
C VAL B 12 -25.28 -10.33 -1.72
N LYS B 13 -26.02 -11.43 -1.54
CA LYS B 13 -26.60 -11.81 -0.24
C LYS B 13 -25.51 -12.44 0.63
N THR B 14 -25.45 -12.07 1.91
CA THR B 14 -24.55 -12.69 2.92
C THR B 14 -25.41 -13.41 3.95
N GLY B 15 -24.79 -14.20 4.84
CA GLY B 15 -25.48 -15.04 5.84
C GLY B 15 -25.15 -16.51 5.65
N VAL B 16 -25.53 -17.36 6.61
CA VAL B 16 -25.24 -18.82 6.61
C VAL B 16 -25.79 -19.42 5.30
N ASP B 17 -27.03 -19.05 4.92
CA ASP B 17 -27.82 -19.73 3.87
C ASP B 17 -27.63 -19.06 2.51
N SER B 18 -26.65 -18.16 2.36
CA SER B 18 -26.48 -17.28 1.18
C SER B 18 -25.59 -17.94 0.12
N ILE B 19 -25.09 -19.14 0.41
CA ILE B 19 -24.00 -19.81 -0.35
C ILE B 19 -24.34 -21.31 -0.50
N THR B 20 -24.07 -21.91 -1.65
CA THR B 20 -24.31 -23.34 -1.91
C THR B 20 -23.16 -23.90 -2.76
N GLU B 21 -23.13 -25.22 -2.91
CA GLU B 21 -22.03 -25.97 -3.56
C GLU B 21 -22.65 -27.02 -4.48
N VAL B 22 -22.07 -27.20 -5.66
CA VAL B 22 -22.48 -28.24 -6.65
C VAL B 22 -21.23 -29.06 -6.99
N GLU B 23 -21.34 -30.37 -6.81
CA GLU B 23 -20.24 -31.35 -6.96
C GLU B 23 -20.76 -32.48 -7.83
N CYS B 24 -20.15 -32.73 -8.99
CA CYS B 24 -20.50 -33.88 -9.85
C CYS B 24 -19.37 -34.21 -10.83
N PHE B 25 -19.49 -35.37 -11.50
CA PHE B 25 -18.58 -35.85 -12.58
C PHE B 25 -19.39 -35.97 -13.88
N LEU B 26 -18.76 -35.66 -15.01
CA LEU B 26 -19.33 -35.88 -16.37
C LEU B 26 -18.55 -37.00 -17.04
N THR B 27 -19.24 -38.10 -17.38
CA THR B 27 -18.63 -39.24 -18.11
C THR B 27 -18.39 -38.79 -19.54
N PRO B 28 -17.34 -39.31 -20.21
CA PRO B 28 -17.06 -38.96 -21.59
C PRO B 28 -17.97 -39.74 -22.56
N GLU B 29 -18.39 -39.06 -23.63
CA GLU B 29 -19.08 -39.66 -24.80
C GLU B 29 -18.08 -39.80 -25.94
N MET B 30 -17.28 -40.87 -25.94
CA MET B 30 -16.25 -41.10 -26.99
C MET B 30 -16.84 -41.85 -28.18
N GLY B 31 -18.01 -42.50 -28.02
CA GLY B 31 -18.72 -43.20 -29.10
C GLY B 31 -19.27 -44.53 -28.65
N ASP B 32 -18.48 -45.27 -27.87
CA ASP B 32 -18.91 -46.51 -27.16
C ASP B 32 -19.38 -47.54 -28.19
N PRO B 33 -18.46 -48.14 -28.99
CA PRO B 33 -18.85 -49.06 -30.05
C PRO B 33 -19.46 -50.39 -29.56
N ASP B 34 -18.98 -50.93 -28.45
CA ASP B 34 -19.66 -52.01 -27.70
C ASP B 34 -19.37 -51.85 -26.21
N GLU B 35 -20.05 -52.60 -25.34
CA GLU B 35 -19.99 -52.39 -23.87
C GLU B 35 -18.54 -52.58 -23.41
N HIS B 36 -17.82 -53.55 -23.97
CA HIS B 36 -16.40 -53.82 -23.63
C HIS B 36 -15.54 -52.55 -23.83
N LEU B 37 -15.97 -51.59 -24.66
CA LEU B 37 -15.17 -50.39 -25.04
C LEU B 37 -15.88 -49.08 -24.62
N ARG B 38 -16.49 -49.05 -23.44
CA ARG B 38 -17.08 -47.83 -22.85
C ARG B 38 -15.96 -46.82 -22.62
N GLY B 39 -16.10 -45.60 -23.14
CA GLY B 39 -15.08 -44.53 -23.00
C GLY B 39 -14.03 -44.58 -24.10
N PHE B 40 -14.19 -45.50 -25.05
CA PHE B 40 -13.43 -45.53 -26.32
C PHE B 40 -14.38 -45.17 -27.46
N SER B 41 -13.82 -44.68 -28.58
CA SER B 41 -14.52 -44.57 -29.88
C SER B 41 -14.39 -45.89 -30.62
N LYS B 42 -15.13 -46.04 -31.71
CA LYS B 42 -14.88 -47.12 -32.69
C LYS B 42 -13.53 -46.86 -33.35
N SER B 43 -12.87 -47.91 -33.84
CA SER B 43 -11.64 -47.78 -34.64
CA SER B 43 -11.64 -47.78 -34.64
C SER B 43 -11.93 -46.83 -35.80
N ILE B 44 -10.98 -45.99 -36.16
CA ILE B 44 -11.20 -44.89 -37.14
C ILE B 44 -10.94 -45.41 -38.56
N SER B 45 -12.00 -45.42 -39.39
CA SER B 45 -11.95 -45.60 -40.86
C SER B 45 -11.54 -44.27 -41.52
N ILE B 46 -10.68 -44.30 -42.53
CA ILE B 46 -10.38 -43.16 -43.43
C ILE B 46 -11.21 -43.33 -44.69
N SER B 47 -11.91 -42.29 -45.14
CA SER B 47 -12.72 -42.31 -46.38
C SER B 47 -11.82 -42.26 -47.62
N ASP B 48 -12.34 -42.71 -48.76
CA ASP B 48 -11.61 -42.74 -50.06
C ASP B 48 -11.45 -41.31 -50.58
N THR B 49 -12.52 -40.52 -50.55
CA THR B 49 -12.54 -39.11 -51.02
C THR B 49 -13.27 -38.24 -49.99
N PHE B 50 -13.18 -36.91 -50.14
CA PHE B 50 -13.93 -35.92 -49.34
C PHE B 50 -15.43 -36.10 -49.57
N GLU B 51 -15.82 -36.41 -50.81
CA GLU B 51 -17.25 -36.48 -51.26
CA GLU B 51 -17.25 -36.45 -51.23
C GLU B 51 -17.92 -37.73 -50.67
N SER B 52 -17.15 -38.77 -50.37
CA SER B 52 -17.68 -40.06 -49.82
C SER B 52 -17.19 -40.29 -48.38
N ASP B 53 -17.42 -39.32 -47.50
CA ASP B 53 -17.02 -39.38 -46.07
C ASP B 53 -18.29 -39.43 -45.22
N SER B 54 -18.63 -40.61 -44.70
CA SER B 54 -19.90 -40.89 -44.00
CA SER B 54 -19.90 -40.89 -44.00
C SER B 54 -19.60 -41.68 -42.72
N PRO B 55 -19.09 -41.03 -41.66
CA PRO B 55 -18.62 -41.75 -40.49
C PRO B 55 -19.74 -42.43 -39.69
N ASN B 56 -19.40 -43.57 -39.08
CA ASN B 56 -20.25 -44.32 -38.15
C ASN B 56 -20.45 -43.48 -36.88
N ARG B 57 -21.64 -43.51 -36.28
CA ARG B 57 -21.98 -42.65 -35.12
C ARG B 57 -21.04 -42.93 -33.94
N ASP B 58 -20.69 -44.21 -33.72
CA ASP B 58 -19.86 -44.65 -32.57
C ASP B 58 -18.38 -44.32 -32.85
N MET B 59 -18.08 -43.58 -33.93
CA MET B 59 -16.70 -43.14 -34.28
C MET B 59 -16.48 -41.66 -33.93
N LEU B 60 -17.53 -40.96 -33.52
CA LEU B 60 -17.54 -39.50 -33.29
C LEU B 60 -17.68 -39.21 -31.80
N PRO B 61 -16.59 -38.79 -31.10
CA PRO B 61 -16.71 -38.21 -29.77
C PRO B 61 -17.66 -37.01 -29.81
N CYS B 62 -18.40 -36.81 -28.72
CA CYS B 62 -19.42 -35.75 -28.53
C CYS B 62 -19.15 -34.92 -27.26
N TYR B 63 -19.62 -33.68 -27.25
CA TYR B 63 -19.66 -32.80 -26.06
C TYR B 63 -20.54 -33.48 -25.00
N SER B 64 -20.04 -33.53 -23.77
CA SER B 64 -20.79 -33.96 -22.56
C SER B 64 -21.43 -32.71 -21.94
N VAL B 65 -22.62 -32.85 -21.38
CA VAL B 65 -23.34 -31.70 -20.73
C VAL B 65 -24.16 -32.22 -19.57
N ALA B 66 -24.24 -31.44 -18.51
CA ALA B 66 -25.04 -31.71 -17.30
C ALA B 66 -25.80 -30.44 -16.96
N ARG B 67 -27.10 -30.58 -16.73
CA ARG B 67 -27.99 -29.49 -16.26
C ARG B 67 -28.39 -29.80 -14.82
N ILE B 68 -27.82 -29.08 -13.87
CA ILE B 68 -27.97 -29.37 -12.41
C ILE B 68 -28.93 -28.37 -11.80
N PRO B 69 -30.10 -28.84 -11.28
CA PRO B 69 -31.01 -27.96 -10.55
C PRO B 69 -30.35 -27.49 -9.24
N LEU B 70 -30.51 -26.21 -8.92
CA LEU B 70 -30.01 -25.57 -7.66
C LEU B 70 -31.21 -25.29 -6.75
N PRO B 71 -31.02 -25.07 -5.42
CA PRO B 71 -32.13 -24.75 -4.53
C PRO B 71 -33.04 -23.60 -4.95
N ASN B 72 -34.32 -23.69 -4.59
CA ASN B 72 -35.26 -22.60 -4.94
C ASN B 72 -34.96 -21.41 -4.04
N LEU B 73 -34.77 -20.24 -4.65
CA LEU B 73 -34.33 -19.05 -3.89
C LEU B 73 -35.52 -18.18 -3.58
N ASN B 74 -36.33 -17.92 -4.61
CA ASN B 74 -37.40 -16.93 -4.45
C ASN B 74 -38.67 -17.54 -3.85
N GLU B 75 -38.57 -18.13 -2.65
CA GLU B 75 -39.80 -18.57 -1.95
C GLU B 75 -40.08 -17.43 -0.99
N ASP B 76 -39.48 -16.26 -1.26
CA ASP B 76 -39.60 -15.10 -0.36
C ASP B 76 -40.70 -14.15 -0.84
N LEU B 77 -40.39 -12.84 -0.91
CA LEU B 77 -41.44 -11.84 -1.23
C LEU B 77 -41.01 -10.97 -2.41
N THR B 78 -41.49 -9.72 -2.46
CA THR B 78 -41.22 -8.83 -3.60
C THR B 78 -39.76 -8.38 -3.56
N CYS B 79 -39.10 -8.29 -4.72
CA CYS B 79 -37.67 -7.89 -4.80
C CYS B 79 -36.84 -8.59 -3.72
N ILE B 82 -35.84 -10.50 -6.32
CA ILE B 82 -35.56 -11.48 -7.41
C ILE B 82 -34.10 -11.93 -7.28
N LEU B 83 -33.87 -13.10 -6.69
CA LEU B 83 -32.52 -13.67 -6.46
C LEU B 83 -32.19 -14.67 -7.58
N MET B 84 -30.91 -14.75 -7.95
CA MET B 84 -30.35 -15.78 -8.87
C MET B 84 -29.07 -16.35 -8.25
N TRP B 85 -28.80 -17.63 -8.46
CA TRP B 85 -27.51 -18.25 -8.06
C TRP B 85 -26.41 -17.74 -8.99
N GLU B 86 -25.32 -17.23 -8.43
CA GLU B 86 -24.14 -16.74 -9.19
C GLU B 86 -22.98 -17.70 -8.96
N ALA B 87 -22.45 -18.29 -10.02
CA ALA B 87 -21.28 -19.20 -9.99
C ALA B 87 -20.01 -18.35 -9.78
N VAL B 88 -19.26 -18.59 -8.69
CA VAL B 88 -18.10 -17.76 -8.29
C VAL B 88 -16.79 -18.49 -8.60
N THR B 89 -16.60 -19.70 -8.06
CA THR B 89 -15.33 -20.48 -8.19
C THR B 89 -15.61 -21.90 -8.69
N LEU B 90 -14.70 -22.41 -9.51
CA LEU B 90 -14.71 -23.79 -10.07
C LEU B 90 -13.44 -24.50 -9.63
N LYS B 91 -13.56 -25.75 -9.16
CA LYS B 91 -12.44 -26.72 -9.09
C LYS B 91 -12.79 -27.86 -10.05
N THR B 92 -11.87 -28.26 -10.92
CA THR B 92 -12.09 -29.34 -11.91
C THR B 92 -10.79 -30.12 -12.08
N GLU B 93 -10.89 -31.43 -12.30
CA GLU B 93 -9.75 -32.25 -12.78
C GLU B 93 -10.30 -33.48 -13.53
N VAL B 94 -9.46 -34.06 -14.38
CA VAL B 94 -9.72 -35.31 -15.15
C VAL B 94 -9.59 -36.49 -14.19
N ILE B 95 -10.57 -37.40 -14.18
CA ILE B 95 -10.64 -38.56 -13.24
C ILE B 95 -10.13 -39.80 -13.97
N GLY B 96 -9.02 -40.36 -13.48
CA GLY B 96 -8.46 -41.65 -13.96
C GLY B 96 -7.28 -41.46 -14.88
N VAL B 97 -6.44 -40.44 -14.63
CA VAL B 97 -5.25 -40.12 -15.48
C VAL B 97 -4.27 -41.30 -15.43
N THR B 98 -4.18 -42.00 -14.30
CA THR B 98 -3.23 -43.13 -14.11
C THR B 98 -3.68 -44.34 -14.93
N SER B 99 -4.93 -44.39 -15.40
CA SER B 99 -5.44 -45.51 -16.24
C SER B 99 -4.64 -45.59 -17.55
N LEU B 100 -4.03 -44.48 -17.97
CA LEU B 100 -3.24 -44.38 -19.24
C LEU B 100 -1.85 -45.02 -19.07
N MET B 101 -1.57 -45.62 -17.92
CA MET B 101 -0.34 -46.42 -17.69
C MET B 101 -0.64 -47.92 -17.85
N ASN B 102 -1.88 -48.31 -18.22
CA ASN B 102 -2.19 -49.71 -18.62
C ASN B 102 -1.68 -49.91 -20.05
N VAL B 103 -0.46 -50.40 -20.15
CA VAL B 103 0.34 -50.51 -21.39
C VAL B 103 0.61 -52.01 -21.63
N HIS B 104 -0.26 -52.86 -21.09
CA HIS B 104 -0.13 -54.34 -21.08
C HIS B 104 -1.42 -55.02 -21.57
N SER B 105 -2.38 -54.25 -22.05
CA SER B 105 -3.77 -54.71 -22.34
C SER B 105 -4.11 -54.45 -23.82
N ASN B 106 -3.79 -55.41 -24.67
CA ASN B 106 -4.30 -55.50 -26.07
C ASN B 106 -3.70 -54.39 -26.94
N GLY B 107 -2.53 -53.85 -26.57
CA GLY B 107 -1.86 -52.78 -27.32
C GLY B 107 -0.96 -53.33 -28.43
N GLN B 108 -0.37 -52.43 -29.22
CA GLN B 108 0.64 -52.73 -30.26
C GLN B 108 2.02 -52.46 -29.66
N ALA B 109 2.92 -53.43 -29.68
CA ALA B 109 4.29 -53.29 -29.15
C ALA B 109 4.98 -52.10 -29.84
N THR B 110 5.67 -51.26 -29.06
CA THR B 110 6.54 -50.15 -29.54
C THR B 110 7.57 -50.71 -30.53
N HIS B 111 8.21 -51.83 -30.17
CA HIS B 111 9.19 -52.59 -30.99
C HIS B 111 9.20 -54.05 -30.53
N ASP B 112 10.05 -54.91 -31.12
CA ASP B 112 10.18 -56.34 -30.73
C ASP B 112 10.33 -56.45 -29.20
N ASN B 113 9.46 -57.25 -28.56
CA ASN B 113 9.50 -57.58 -27.11
C ASN B 113 9.18 -56.36 -26.26
N GLY B 114 8.85 -55.24 -26.88
CA GLY B 114 8.60 -53.96 -26.17
C GLY B 114 7.26 -53.96 -25.46
N ALA B 115 7.07 -52.99 -24.57
CA ALA B 115 5.79 -52.76 -23.88
C ALA B 115 4.78 -52.20 -24.89
N GLY B 116 3.51 -52.18 -24.53
CA GLY B 116 2.44 -51.65 -25.39
C GLY B 116 2.70 -50.19 -25.73
N LYS B 117 2.12 -49.70 -26.82
CA LYS B 117 2.12 -48.28 -27.21
C LYS B 117 1.12 -47.60 -26.29
N PRO B 118 1.50 -46.52 -25.58
CA PRO B 118 0.59 -45.84 -24.66
C PRO B 118 -0.38 -44.95 -25.44
N VAL B 119 -1.50 -44.55 -24.83
CA VAL B 119 -2.45 -43.56 -25.42
C VAL B 119 -1.66 -42.29 -25.72
N GLN B 120 -1.75 -41.80 -26.95
CA GLN B 120 -1.03 -40.57 -27.40
C GLN B 120 -1.73 -40.00 -28.64
N GLY B 121 -1.24 -38.88 -29.15
CA GLY B 121 -1.79 -38.22 -30.35
C GLY B 121 -2.77 -37.13 -29.98
N THR B 122 -3.40 -36.53 -31.00
CA THR B 122 -4.25 -35.32 -30.91
C THR B 122 -5.22 -35.49 -29.73
N SER B 123 -5.28 -34.47 -28.86
CA SER B 123 -6.13 -34.41 -27.64
C SER B 123 -6.93 -33.10 -27.66
N PHE B 124 -8.12 -33.09 -27.04
CA PHE B 124 -8.92 -31.87 -26.78
C PHE B 124 -9.51 -31.98 -25.37
N HIS B 125 -9.04 -31.13 -24.47
CA HIS B 125 -9.55 -30.98 -23.08
C HIS B 125 -10.28 -29.64 -23.01
N PHE B 126 -11.54 -29.69 -22.57
CA PHE B 126 -12.46 -28.53 -22.56
C PHE B 126 -13.46 -28.68 -21.43
N PHE B 127 -13.70 -27.61 -20.69
CA PHE B 127 -14.76 -27.50 -19.65
C PHE B 127 -15.35 -26.09 -19.69
N SER B 128 -16.62 -25.99 -19.29
CA SER B 128 -17.41 -24.74 -19.26
C SER B 128 -18.35 -24.76 -18.04
N VAL B 129 -18.52 -23.60 -17.40
CA VAL B 129 -19.57 -23.36 -16.35
C VAL B 129 -20.40 -22.16 -16.82
N GLY B 130 -21.73 -22.25 -16.74
CA GLY B 130 -22.65 -21.22 -17.25
C GLY B 130 -24.04 -21.29 -16.62
N GLY B 131 -24.80 -20.20 -16.73
CA GLY B 131 -26.17 -20.10 -16.21
C GLY B 131 -27.21 -20.39 -17.27
N GLU B 132 -26.75 -20.88 -18.42
CA GLU B 132 -27.58 -21.33 -19.57
C GLU B 132 -26.75 -22.28 -20.43
N ALA B 133 -27.40 -23.05 -21.29
CA ALA B 133 -26.74 -24.02 -22.20
C ALA B 133 -25.59 -23.32 -22.93
N LEU B 134 -24.45 -24.01 -23.07
CA LEU B 134 -23.30 -23.51 -23.86
C LEU B 134 -23.78 -23.25 -25.28
N GLU B 135 -23.44 -22.11 -25.87
CA GLU B 135 -23.82 -21.72 -27.25
C GLU B 135 -22.69 -22.14 -28.20
N LEU B 136 -23.06 -22.84 -29.28
CA LEU B 136 -22.11 -23.49 -30.21
C LEU B 136 -22.15 -22.76 -31.55
N GLN B 137 -20.99 -22.69 -32.22
CA GLN B 137 -20.83 -22.28 -33.65
C GLN B 137 -20.30 -23.49 -34.43
N GLY B 138 -20.80 -23.70 -35.63
CA GLY B 138 -20.42 -24.83 -36.50
C GLY B 138 -19.24 -24.48 -37.41
N VAL B 139 -18.20 -25.31 -37.39
CA VAL B 139 -17.08 -25.27 -38.38
C VAL B 139 -16.76 -26.72 -38.76
N LEU B 140 -16.78 -27.02 -40.06
CA LEU B 140 -16.57 -28.37 -40.63
C LEU B 140 -15.20 -28.45 -41.30
N PHE B 141 -14.42 -29.50 -41.02
CA PHE B 141 -13.14 -29.77 -41.71
C PHE B 141 -13.42 -29.99 -43.21
N ASN B 142 -14.38 -30.88 -43.50
CA ASN B 142 -14.89 -31.19 -44.85
C ASN B 142 -16.40 -30.98 -44.83
N TYR B 143 -16.93 -30.05 -45.64
CA TYR B 143 -18.36 -29.65 -45.62
C TYR B 143 -19.24 -30.79 -46.14
N ARG B 144 -18.68 -31.67 -46.97
CA ARG B 144 -19.41 -32.81 -47.60
C ARG B 144 -19.38 -34.04 -46.68
N THR B 145 -18.76 -33.96 -45.51
CA THR B 145 -18.84 -35.03 -44.47
C THR B 145 -20.32 -35.25 -44.14
N LYS B 146 -20.80 -36.49 -44.19
CA LYS B 146 -22.21 -36.83 -43.86
C LYS B 146 -22.31 -37.34 -42.42
N TYR B 147 -22.75 -36.47 -41.50
CA TYR B 147 -22.89 -36.80 -40.07
C TYR B 147 -24.13 -37.68 -39.90
N PRO B 148 -24.08 -38.68 -39.00
CA PRO B 148 -25.08 -39.74 -38.95
C PRO B 148 -26.34 -39.35 -38.16
N ASP B 149 -27.48 -39.93 -38.53
CA ASP B 149 -28.75 -39.86 -37.76
C ASP B 149 -28.46 -40.17 -36.30
N GLY B 150 -28.95 -39.33 -35.39
CA GLY B 150 -28.75 -39.51 -33.93
C GLY B 150 -27.88 -38.41 -33.38
N THR B 151 -26.98 -37.88 -34.20
CA THR B 151 -26.17 -36.67 -33.87
C THR B 151 -26.91 -35.43 -34.36
N ILE B 152 -26.62 -34.29 -33.75
CA ILE B 152 -27.04 -32.93 -34.17
C ILE B 152 -25.80 -32.22 -34.69
N PHE B 153 -25.84 -31.75 -35.95
CA PHE B 153 -24.66 -31.24 -36.70
C PHE B 153 -25.07 -30.03 -37.54
N PRO B 154 -24.10 -29.24 -38.05
CA PRO B 154 -24.40 -28.16 -39.00
C PRO B 154 -25.27 -28.63 -40.19
N LYS B 155 -26.49 -28.11 -40.26
CA LYS B 155 -27.48 -28.38 -41.32
C LYS B 155 -27.18 -27.46 -42.51
N ASN B 156 -27.52 -27.89 -43.73
CA ASN B 156 -27.38 -27.07 -44.97
C ASN B 156 -25.95 -26.58 -45.11
N ALA B 157 -24.97 -27.47 -44.92
CA ALA B 157 -23.52 -27.17 -45.04
C ALA B 157 -23.23 -26.68 -46.46
N THR B 158 -22.72 -25.46 -46.59
CA THR B 158 -22.22 -24.87 -47.85
C THR B 158 -20.69 -24.95 -47.86
N VAL B 159 -20.09 -24.55 -48.97
CA VAL B 159 -18.61 -24.45 -49.14
C VAL B 159 -18.03 -23.57 -48.03
N GLN B 160 -18.70 -22.47 -47.68
CA GLN B 160 -18.22 -21.49 -46.65
C GLN B 160 -18.28 -22.11 -45.25
N SER B 161 -18.90 -23.28 -45.08
CA SER B 161 -19.00 -23.96 -43.76
C SER B 161 -17.61 -24.40 -43.27
N GLN B 162 -16.65 -24.57 -44.19
CA GLN B 162 -15.27 -25.06 -43.88
C GLN B 162 -14.43 -23.96 -43.22
N VAL B 163 -14.85 -22.69 -43.26
CA VAL B 163 -14.11 -21.55 -42.63
C VAL B 163 -14.99 -20.82 -41.63
N MET B 164 -16.21 -20.44 -42.03
CA MET B 164 -17.18 -19.77 -41.12
C MET B 164 -18.53 -19.54 -41.81
N ASN B 165 -19.59 -20.20 -41.32
CA ASN B 165 -20.99 -20.04 -41.80
C ASN B 165 -21.89 -19.74 -40.58
N THR B 166 -22.43 -18.52 -40.50
CA THR B 166 -23.11 -17.98 -39.30
C THR B 166 -24.47 -18.65 -39.12
N GLU B 167 -24.93 -19.42 -40.12
CA GLU B 167 -26.22 -20.17 -40.07
C GLU B 167 -26.09 -21.28 -39.03
N HIS B 168 -24.88 -21.82 -38.83
CA HIS B 168 -24.61 -23.01 -37.97
C HIS B 168 -24.47 -22.59 -36.50
N LYS B 169 -25.58 -22.17 -35.90
CA LYS B 169 -25.68 -21.84 -34.46
C LYS B 169 -26.48 -22.95 -33.78
N ALA B 170 -26.13 -23.30 -32.54
CA ALA B 170 -26.83 -24.34 -31.77
C ALA B 170 -26.57 -24.14 -30.29
N TYR B 171 -27.37 -24.82 -29.47
CA TYR B 171 -27.23 -24.91 -27.99
C TYR B 171 -26.86 -26.34 -27.61
N LEU B 172 -25.81 -26.51 -26.83
CA LEU B 172 -25.39 -27.82 -26.27
C LEU B 172 -26.42 -28.22 -25.21
N ASP B 173 -27.55 -28.75 -25.64
CA ASP B 173 -28.73 -29.01 -24.80
C ASP B 173 -29.05 -30.52 -24.80
N LYS B 174 -28.09 -31.37 -25.12
CA LYS B 174 -28.29 -32.84 -25.17
C LYS B 174 -26.96 -33.60 -25.18
N ASN B 175 -26.95 -34.78 -24.56
CA ASN B 175 -25.75 -35.66 -24.52
C ASN B 175 -25.75 -36.63 -25.69
N LYS B 176 -24.55 -37.11 -26.02
CA LYS B 176 -24.31 -38.12 -27.09
C LYS B 176 -24.84 -37.62 -28.43
N ALA B 177 -24.86 -36.30 -28.65
CA ALA B 177 -25.57 -35.65 -29.78
C ALA B 177 -24.65 -34.74 -30.57
N TYR B 178 -23.96 -33.80 -29.91
CA TYR B 178 -23.16 -32.74 -30.58
C TYR B 178 -21.73 -33.24 -30.77
N PRO B 179 -21.34 -33.67 -32.00
CA PRO B 179 -20.00 -34.20 -32.24
C PRO B 179 -18.94 -33.12 -32.01
N VAL B 180 -17.79 -33.49 -31.45
CA VAL B 180 -16.74 -32.52 -31.05
C VAL B 180 -16.22 -31.79 -32.29
N GLU B 181 -16.07 -32.49 -33.42
CA GLU B 181 -15.34 -31.97 -34.61
C GLU B 181 -16.22 -31.03 -35.47
N CYS B 182 -17.52 -30.88 -35.15
CA CYS B 182 -18.46 -29.98 -35.87
C CYS B 182 -18.62 -28.65 -35.15
N TRP B 183 -18.50 -28.66 -33.82
CA TRP B 183 -18.97 -27.57 -32.92
C TRP B 183 -17.81 -27.03 -32.08
N VAL B 184 -17.75 -25.72 -31.95
CA VAL B 184 -16.90 -25.01 -30.95
C VAL B 184 -17.78 -24.03 -30.19
N PRO B 185 -17.36 -23.58 -29.00
CA PRO B 185 -18.07 -22.49 -28.32
C PRO B 185 -18.13 -21.27 -29.25
N ASP B 186 -19.33 -20.70 -29.41
CA ASP B 186 -19.60 -19.48 -30.22
C ASP B 186 -19.08 -18.28 -29.47
N PRO B 187 -17.99 -17.63 -29.96
CA PRO B 187 -17.40 -16.49 -29.25
C PRO B 187 -18.24 -15.21 -29.38
N THR B 188 -19.26 -15.20 -30.25
CA THR B 188 -20.17 -14.04 -30.46
C THR B 188 -21.24 -14.01 -29.36
N ARG B 189 -21.50 -15.15 -28.71
CA ARG B 189 -22.47 -15.26 -27.58
C ARG B 189 -21.71 -15.70 -26.30
N ASN B 190 -22.35 -16.52 -25.47
CA ASN B 190 -21.76 -17.11 -24.25
C ASN B 190 -21.36 -16.02 -23.26
N GLU B 191 -22.13 -14.92 -23.19
CA GLU B 191 -21.93 -13.82 -22.19
C GLU B 191 -22.07 -14.38 -20.77
N ASN B 192 -22.94 -15.39 -20.58
CA ASN B 192 -23.36 -15.95 -19.27
C ASN B 192 -22.68 -17.31 -19.04
N THR B 193 -21.60 -17.60 -19.76
CA THR B 193 -20.78 -18.83 -19.60
C THR B 193 -19.30 -18.46 -19.56
N ARG B 194 -18.50 -19.16 -18.77
CA ARG B 194 -17.03 -19.16 -18.83
C ARG B 194 -16.59 -20.49 -19.41
N TYR B 195 -15.86 -20.49 -20.54
CA TYR B 195 -15.36 -21.73 -21.19
C TYR B 195 -13.85 -21.65 -21.33
N PHE B 196 -13.23 -22.83 -21.26
CA PHE B 196 -11.77 -23.05 -21.37
C PHE B 196 -11.55 -24.35 -22.12
N GLY B 197 -10.71 -24.30 -23.15
CA GLY B 197 -10.42 -25.45 -24.02
C GLY B 197 -9.02 -25.38 -24.58
N THR B 198 -8.39 -26.53 -24.78
CA THR B 198 -7.06 -26.65 -25.42
C THR B 198 -7.05 -27.84 -26.37
N LEU B 199 -6.83 -27.60 -27.66
CA LEU B 199 -6.52 -28.67 -28.63
C LEU B 199 -5.00 -28.78 -28.77
N THR B 200 -4.44 -29.93 -28.42
CA THR B 200 -3.03 -30.30 -28.67
C THR B 200 -3.02 -31.39 -29.76
N GLY B 201 -3.07 -30.97 -31.02
CA GLY B 201 -3.07 -31.86 -32.21
C GLY B 201 -1.69 -32.46 -32.45
N GLY B 202 -1.57 -33.32 -33.47
CA GLY B 202 -0.34 -34.08 -33.79
C GLY B 202 -0.56 -35.57 -33.55
N GLU B 203 0.29 -36.42 -34.11
CA GLU B 203 0.03 -37.90 -34.19
C GLU B 203 0.71 -38.63 -33.02
N ASN B 204 1.83 -38.12 -32.50
CA ASN B 204 2.63 -38.79 -31.45
C ASN B 204 2.70 -37.91 -30.20
N VAL B 205 1.76 -36.98 -30.04
CA VAL B 205 1.81 -35.93 -28.99
C VAL B 205 1.66 -36.62 -27.63
N PRO B 206 2.54 -36.32 -26.65
CA PRO B 206 2.40 -36.84 -25.30
C PRO B 206 1.25 -36.15 -24.55
N PRO B 207 0.31 -36.91 -23.95
CA PRO B 207 -0.59 -36.37 -22.93
C PRO B 207 0.19 -35.78 -21.75
N VAL B 208 -0.20 -34.57 -21.32
CA VAL B 208 0.32 -33.94 -20.07
C VAL B 208 -0.90 -33.57 -19.22
N LEU B 209 -1.19 -34.39 -18.21
CA LEU B 209 -2.37 -34.25 -17.32
C LEU B 209 -1.90 -33.99 -15.88
N HIS B 210 -2.24 -32.82 -15.34
CA HIS B 210 -1.99 -32.41 -13.93
C HIS B 210 -3.23 -32.71 -13.10
N ILE B 211 -3.03 -33.23 -11.90
CA ILE B 211 -4.13 -33.41 -10.89
C ILE B 211 -3.69 -32.73 -9.60
N THR B 212 -4.62 -32.00 -8.96
CA THR B 212 -4.43 -31.37 -7.64
C THR B 212 -5.79 -30.90 -7.13
N ASN B 213 -5.98 -30.93 -5.82
CA ASN B 213 -7.21 -30.38 -5.16
C ASN B 213 -6.88 -29.02 -4.54
N THR B 214 -5.80 -28.36 -4.97
CA THR B 214 -5.33 -27.04 -4.46
C THR B 214 -5.61 -25.92 -5.47
N ALA B 215 -6.07 -26.23 -6.68
CA ALA B 215 -6.20 -25.26 -7.80
C ALA B 215 -7.66 -24.86 -7.97
N THR B 216 -7.93 -23.54 -8.00
CA THR B 216 -9.28 -22.93 -8.08
C THR B 216 -9.30 -21.90 -9.21
N THR B 217 -10.27 -21.99 -10.12
CA THR B 217 -10.55 -20.99 -11.18
C THR B 217 -11.66 -20.05 -10.71
N VAL B 218 -11.44 -18.75 -10.77
CA VAL B 218 -12.47 -17.72 -10.42
C VAL B 218 -13.30 -17.40 -11.69
N LEU B 219 -14.63 -17.47 -11.59
CA LEU B 219 -15.53 -17.39 -12.75
C LEU B 219 -16.06 -15.96 -12.95
N LEU B 220 -15.71 -15.04 -12.04
CA LEU B 220 -16.18 -13.62 -12.09
C LEU B 220 -15.59 -12.96 -13.33
N ASP B 221 -16.34 -12.08 -14.00
CA ASP B 221 -15.88 -11.27 -15.15
C ASP B 221 -15.14 -10.03 -14.64
N GLU B 222 -14.81 -9.10 -15.52
CA GLU B 222 -14.03 -7.87 -15.22
C GLU B 222 -14.84 -6.94 -14.29
N PHE B 223 -16.16 -7.09 -14.24
CA PHE B 223 -17.09 -6.31 -13.37
C PHE B 223 -17.35 -7.02 -12.04
N GLY B 224 -16.75 -8.20 -11.80
CA GLY B 224 -16.91 -8.98 -10.57
C GLY B 224 -18.20 -9.78 -10.53
N VAL B 225 -18.80 -10.04 -11.70
CA VAL B 225 -20.07 -10.81 -11.83
C VAL B 225 -19.76 -12.17 -12.46
N GLY B 226 -20.20 -13.26 -11.84
CA GLY B 226 -20.07 -14.61 -12.40
C GLY B 226 -21.30 -14.99 -13.20
N PRO B 227 -21.33 -16.20 -13.80
CA PRO B 227 -22.52 -16.71 -14.47
C PRO B 227 -23.76 -16.74 -13.57
N LEU B 228 -24.88 -16.18 -14.05
CA LEU B 228 -26.16 -16.10 -13.30
C LEU B 228 -27.10 -17.20 -13.81
N CYS B 229 -27.42 -18.16 -12.94
CA CYS B 229 -28.18 -19.39 -13.27
C CYS B 229 -29.66 -19.03 -13.42
N LYS B 230 -30.09 -18.87 -14.67
CA LYS B 230 -31.51 -18.72 -15.10
C LYS B 230 -32.29 -19.99 -14.78
N GLY B 231 -33.49 -19.84 -14.22
CA GLY B 231 -34.36 -20.97 -13.84
C GLY B 231 -33.71 -21.85 -12.80
N ASP B 232 -32.78 -21.30 -12.01
CA ASP B 232 -32.09 -22.02 -10.91
C ASP B 232 -31.43 -23.28 -11.48
N ASN B 233 -30.76 -23.18 -12.63
CA ASN B 233 -30.07 -24.31 -13.30
C ASN B 233 -28.62 -23.91 -13.61
N LEU B 234 -27.66 -24.72 -13.16
CA LEU B 234 -26.22 -24.60 -13.51
C LEU B 234 -25.94 -25.57 -14.67
N TYR B 235 -25.23 -25.10 -15.70
CA TYR B 235 -24.88 -25.87 -16.91
C TYR B 235 -23.36 -26.15 -16.93
N LEU B 236 -23.00 -27.40 -16.62
CA LEU B 236 -21.61 -27.90 -16.77
C LEU B 236 -21.49 -28.62 -18.10
N SER B 237 -20.38 -28.42 -18.80
CA SER B 237 -20.10 -28.98 -20.15
C SER B 237 -18.62 -29.32 -20.24
N ALA B 238 -18.28 -30.44 -20.88
CA ALA B 238 -16.89 -30.97 -20.90
C ALA B 238 -16.63 -31.83 -22.13
N VAL B 239 -15.38 -31.80 -22.60
CA VAL B 239 -14.76 -32.78 -23.55
C VAL B 239 -13.36 -33.12 -23.02
N ASP B 240 -13.02 -34.41 -22.93
CA ASP B 240 -11.65 -34.87 -22.53
C ASP B 240 -11.25 -36.09 -23.35
N VAL B 241 -11.01 -35.84 -24.64
CA VAL B 241 -10.34 -36.78 -25.58
C VAL B 241 -8.85 -36.74 -25.23
N CYS B 242 -8.35 -37.75 -24.53
CA CYS B 242 -6.97 -37.79 -23.97
C CYS B 242 -5.94 -38.10 -25.05
N GLY B 243 -6.40 -38.69 -26.15
CA GLY B 243 -5.57 -39.13 -27.28
C GLY B 243 -6.14 -40.40 -27.87
N MET B 244 -5.30 -41.20 -28.50
CA MET B 244 -5.74 -42.42 -29.23
C MET B 244 -5.03 -43.65 -28.69
N PHE B 245 -5.78 -44.75 -28.62
CA PHE B 245 -5.29 -46.09 -28.24
C PHE B 245 -5.06 -46.89 -29.53
N THR B 246 -3.83 -47.32 -29.78
CA THR B 246 -3.44 -48.22 -30.89
C THR B 246 -3.48 -49.66 -30.35
N ASN B 247 -4.33 -50.51 -30.92
CA ASN B 247 -4.42 -51.95 -30.53
C ASN B 247 -3.57 -52.77 -31.50
N ARG B 248 -3.41 -54.08 -31.23
CA ARG B 248 -2.43 -54.99 -31.88
C ARG B 248 -2.46 -54.85 -33.40
N SER B 249 -3.65 -54.80 -33.99
CA SER B 249 -3.89 -54.76 -35.45
C SER B 249 -3.39 -53.46 -36.07
N GLY B 250 -3.15 -52.43 -35.26
CA GLY B 250 -2.71 -51.10 -35.72
C GLY B 250 -3.84 -50.08 -35.69
N SER B 251 -5.10 -50.52 -35.62
CA SER B 251 -6.29 -49.62 -35.62
C SER B 251 -6.27 -48.74 -34.38
N GLN B 252 -6.77 -47.51 -34.52
CA GLN B 252 -6.68 -46.45 -33.49
C GLN B 252 -8.09 -45.99 -33.10
N GLN B 253 -8.36 -45.94 -31.79
CA GLN B 253 -9.62 -45.48 -31.18
C GLN B 253 -9.30 -44.30 -30.27
N TRP B 254 -10.18 -43.30 -30.25
CA TRP B 254 -10.13 -42.23 -29.22
C TRP B 254 -10.29 -42.89 -27.85
N ARG B 255 -9.61 -42.36 -26.83
CA ARG B 255 -9.85 -42.69 -25.42
C ARG B 255 -10.14 -41.39 -24.68
N GLY B 256 -11.20 -41.38 -23.88
CA GLY B 256 -11.60 -40.23 -23.06
C GLY B 256 -11.72 -40.60 -21.59
N LEU B 257 -11.77 -39.58 -20.72
CA LEU B 257 -11.92 -39.76 -19.25
C LEU B 257 -13.00 -38.81 -18.75
N SER B 258 -13.62 -39.16 -17.62
CA SER B 258 -14.62 -38.31 -16.92
C SER B 258 -13.93 -37.05 -16.39
N ARG B 259 -14.72 -36.03 -16.04
CA ARG B 259 -14.23 -34.74 -15.48
C ARG B 259 -15.03 -34.40 -14.23
N TYR B 260 -14.34 -34.22 -13.11
CA TYR B 260 -14.89 -33.70 -11.84
C TYR B 260 -15.13 -32.20 -11.97
N PHE B 261 -16.26 -31.74 -11.44
CA PHE B 261 -16.62 -30.31 -11.27
C PHE B 261 -17.00 -30.09 -9.81
N LYS B 262 -16.55 -28.96 -9.25
CA LYS B 262 -17.05 -28.44 -7.96
C LYS B 262 -17.21 -26.94 -8.11
N VAL B 263 -18.44 -26.44 -8.02
CA VAL B 263 -18.78 -25.00 -8.26
C VAL B 263 -19.35 -24.44 -6.96
N GLN B 264 -18.76 -23.35 -6.48
CA GLN B 264 -19.27 -22.52 -5.36
C GLN B 264 -20.19 -21.45 -5.94
N LEU B 265 -21.45 -21.41 -5.51
CA LEU B 265 -22.44 -20.41 -5.95
C LEU B 265 -22.87 -19.57 -4.75
N ARG B 266 -23.29 -18.32 -5.01
CA ARG B 266 -23.82 -17.39 -3.98
C ARG B 266 -25.08 -16.72 -4.53
N LYS B 267 -26.00 -16.33 -3.65
CA LYS B 267 -27.26 -15.64 -4.01
C LYS B 267 -26.93 -14.19 -4.39
N ARG B 268 -27.48 -13.72 -5.52
CA ARG B 268 -27.30 -12.34 -6.03
C ARG B 268 -28.65 -11.74 -6.41
N ARG B 269 -28.95 -10.53 -5.95
CA ARG B 269 -30.20 -9.82 -6.32
C ARG B 269 -29.98 -9.15 -7.68
N VAL B 270 -31.00 -9.22 -8.54
CA VAL B 270 -31.03 -8.61 -9.90
C VAL B 270 -32.38 -7.92 -10.04
N LYS B 271 -32.56 -7.13 -11.12
CA LYS B 271 -33.79 -6.31 -11.32
C LYS B 271 -34.38 -6.50 -12.73
N ASN B 272 -35.64 -6.03 -12.85
CA ASN B 272 -36.45 -5.78 -14.08
C ASN B 272 -35.90 -6.60 -15.26
N VAL C 7 -15.20 -30.29 13.32
CA VAL C 7 -14.02 -29.50 13.81
C VAL C 7 -14.20 -28.02 13.41
N GLU C 8 -14.68 -27.19 14.34
CA GLU C 8 -14.56 -25.70 14.28
C GLU C 8 -13.11 -25.33 14.62
N VAL C 9 -12.36 -24.80 13.65
CA VAL C 9 -10.92 -24.47 13.78
C VAL C 9 -10.78 -23.11 14.48
N LEU C 10 -9.94 -23.01 15.52
CA LEU C 10 -9.73 -21.77 16.31
C LEU C 10 -8.26 -21.37 16.21
N GLU C 11 -7.71 -20.71 17.24
CA GLU C 11 -6.41 -19.99 17.18
C GLU C 11 -5.26 -20.99 17.11
N VAL C 12 -4.14 -20.55 16.53
CA VAL C 12 -2.86 -21.31 16.45
C VAL C 12 -2.11 -21.08 17.75
N LYS C 13 -1.46 -22.11 18.30
CA LYS C 13 -0.58 -22.01 19.49
C LYS C 13 0.78 -21.44 19.06
N THR C 14 1.32 -20.50 19.84
CA THR C 14 2.66 -19.93 19.65
C THR C 14 3.53 -20.35 20.84
N GLY C 15 4.83 -20.09 20.78
CA GLY C 15 5.79 -20.50 21.82
C GLY C 15 6.83 -21.45 21.26
N VAL C 16 7.90 -21.71 22.03
CA VAL C 16 9.04 -22.58 21.60
C VAL C 16 8.49 -23.94 21.17
N ASP C 17 7.57 -24.51 21.96
CA ASP C 17 7.14 -25.93 21.86
C ASP C 17 5.86 -26.07 21.02
N SER C 18 5.50 -25.04 20.26
CA SER C 18 4.21 -24.96 19.52
C SER C 18 4.37 -25.51 18.10
N ILE C 19 5.58 -25.92 17.72
CA ILE C 19 5.96 -26.21 16.29
C ILE C 19 6.82 -27.48 16.28
N THR C 20 6.63 -28.35 15.29
CA THR C 20 7.42 -29.59 15.11
C THR C 20 7.69 -29.81 13.61
N GLU C 21 8.54 -30.78 13.31
CA GLU C 21 9.07 -31.05 11.95
C GLU C 21 9.07 -32.55 11.74
N VAL C 22 8.66 -33.01 10.56
CA VAL C 22 8.68 -34.44 10.16
C VAL C 22 9.49 -34.54 8.87
N GLU C 23 10.50 -35.39 8.87
CA GLU C 23 11.47 -35.55 7.76
C GLU C 23 11.58 -37.05 7.46
N CYS C 24 11.26 -37.50 6.25
CA CYS C 24 11.42 -38.93 5.87
C CYS C 24 11.47 -39.10 4.34
N PHE C 25 11.83 -40.31 3.90
CA PHE C 25 11.84 -40.72 2.47
CA PHE C 25 11.87 -40.74 2.48
C PHE C 25 10.85 -41.87 2.28
N LEU C 26 10.17 -41.90 1.14
CA LEU C 26 9.29 -43.05 0.75
C LEU C 26 9.97 -43.77 -0.42
N THR C 27 10.32 -45.04 -0.24
CA THR C 27 10.89 -45.88 -1.32
C THR C 27 9.78 -46.21 -2.30
N PRO C 28 10.11 -46.39 -3.60
CA PRO C 28 9.11 -46.70 -4.60
C PRO C 28 8.74 -48.19 -4.58
N GLU C 29 7.46 -48.47 -4.85
CA GLU C 29 6.94 -49.84 -5.06
C GLU C 29 6.67 -50.05 -6.55
N MET C 30 7.72 -50.33 -7.34
CA MET C 30 7.60 -50.50 -8.80
C MET C 30 7.21 -51.95 -9.16
N GLY C 31 7.40 -52.91 -8.25
CA GLY C 31 7.00 -54.32 -8.44
C GLY C 31 8.05 -55.29 -7.92
N ASP C 32 9.32 -54.98 -8.17
CA ASP C 32 10.49 -55.67 -7.56
C ASP C 32 10.45 -57.15 -7.93
N PRO C 33 10.68 -57.49 -9.21
CA PRO C 33 10.56 -58.87 -9.70
C PRO C 33 11.59 -59.84 -9.12
N ASP C 34 12.83 -59.39 -8.91
CA ASP C 34 13.83 -60.10 -8.07
C ASP C 34 14.73 -59.06 -7.39
N GLU C 35 15.55 -59.47 -6.41
CA GLU C 35 16.30 -58.54 -5.54
C GLU C 35 17.23 -57.70 -6.41
N HIS C 36 17.81 -58.28 -7.46
CA HIS C 36 18.71 -57.55 -8.40
C HIS C 36 18.01 -56.35 -9.04
N LEU C 37 16.66 -56.32 -9.06
CA LEU C 37 15.84 -55.28 -9.76
C LEU C 37 14.94 -54.53 -8.78
N ARG C 38 15.44 -54.21 -7.58
CA ARG C 38 14.70 -53.40 -6.59
C ARG C 38 14.48 -52.02 -7.20
N GLY C 39 13.25 -51.53 -7.21
CA GLY C 39 12.90 -50.21 -7.76
C GLY C 39 12.66 -50.25 -9.26
N PHE C 40 12.66 -51.45 -9.85
CA PHE C 40 12.17 -51.73 -11.22
C PHE C 40 10.90 -52.57 -11.11
N SER C 41 10.06 -52.53 -12.15
CA SER C 41 8.95 -53.48 -12.36
C SER C 41 9.47 -54.70 -13.12
N LYS C 42 8.66 -55.74 -13.22
CA LYS C 42 8.92 -56.86 -14.15
C LYS C 42 8.80 -56.34 -15.58
N SER C 43 9.48 -56.99 -16.53
CA SER C 43 9.28 -56.74 -17.98
CA SER C 43 9.28 -56.74 -17.98
C SER C 43 7.78 -56.78 -18.29
N ILE C 44 7.31 -55.87 -19.13
CA ILE C 44 5.86 -55.73 -19.40
C ILE C 44 5.45 -56.68 -20.52
N SER C 45 4.60 -57.66 -20.21
CA SER C 45 3.85 -58.53 -21.16
C SER C 45 2.62 -57.79 -21.68
N ILE C 46 2.36 -57.87 -22.99
CA ILE C 46 1.10 -57.39 -23.62
C ILE C 46 0.16 -58.60 -23.76
N SER C 47 -1.08 -58.48 -23.32
CA SER C 47 -2.11 -59.56 -23.42
C SER C 47 -2.58 -59.70 -24.86
N ASP C 48 -3.16 -60.85 -25.20
CA ASP C 48 -3.68 -61.16 -26.56
C ASP C 48 -4.96 -60.36 -26.80
N THR C 49 -5.88 -60.35 -25.83
CA THR C 49 -7.19 -59.64 -25.91
C THR C 49 -7.45 -58.90 -24.60
N PHE C 50 -8.46 -58.02 -24.58
CA PHE C 50 -8.93 -57.30 -23.37
C PHE C 50 -9.47 -58.33 -22.36
N GLU C 51 -10.14 -59.38 -22.87
CA GLU C 51 -10.80 -60.45 -22.08
C GLU C 51 -9.78 -61.25 -21.26
N SER C 52 -8.58 -61.45 -21.81
CA SER C 52 -7.52 -62.33 -21.25
C SER C 52 -6.33 -61.47 -20.81
N ASP C 53 -6.57 -60.48 -19.97
CA ASP C 53 -5.52 -59.57 -19.43
C ASP C 53 -5.40 -59.80 -17.93
N SER C 54 -4.35 -60.51 -17.52
CA SER C 54 -4.16 -61.01 -16.13
CA SER C 54 -4.16 -61.01 -16.13
C SER C 54 -2.71 -60.75 -15.72
N PRO C 55 -2.35 -59.49 -15.39
CA PRO C 55 -0.95 -59.14 -15.15
C PRO C 55 -0.35 -59.75 -13.87
N ASN C 56 0.94 -60.03 -13.95
CA ASN C 56 1.79 -60.51 -12.82
C ASN C 56 1.88 -59.40 -11.77
N ARG C 57 1.88 -59.73 -10.48
CA ARG C 57 1.84 -58.73 -9.39
C ARG C 57 3.07 -57.82 -9.46
N ASP C 58 4.24 -58.40 -9.78
CA ASP C 58 5.53 -57.66 -9.81
C ASP C 58 5.62 -56.80 -11.09
N MET C 59 4.55 -56.69 -11.87
CA MET C 59 4.51 -55.89 -13.11
C MET C 59 3.74 -54.57 -12.85
N LEU C 60 3.10 -54.45 -11.69
CA LEU C 60 2.20 -53.33 -11.36
C LEU C 60 2.85 -52.43 -10.31
N PRO C 61 3.35 -51.23 -10.70
CA PRO C 61 3.69 -50.20 -9.72
C PRO C 61 2.49 -49.87 -8.82
N CYS C 62 2.77 -49.54 -7.55
CA CYS C 62 1.77 -49.27 -6.49
C CYS C 62 2.03 -47.90 -5.84
N TYR C 63 0.98 -47.28 -5.28
CA TYR C 63 1.07 -46.09 -4.42
C TYR C 63 1.90 -46.44 -3.19
N SER C 64 2.86 -45.59 -2.84
CA SER C 64 3.65 -45.64 -1.59
C SER C 64 2.93 -44.80 -0.53
N VAL C 65 2.95 -45.22 0.72
CA VAL C 65 2.28 -44.50 1.84
C VAL C 65 3.10 -44.68 3.11
N ALA C 66 3.16 -43.63 3.92
CA ALA C 66 3.81 -43.59 5.24
C ALA C 66 2.86 -42.91 6.24
N ARG C 67 2.63 -43.57 7.37
CA ARG C 67 1.82 -43.05 8.49
C ARG C 67 2.77 -42.73 9.64
N ILE C 68 3.06 -41.45 9.85
CA ILE C 68 4.10 -41.00 10.81
C ILE C 68 3.42 -40.49 12.07
N PRO C 69 3.64 -41.14 13.23
CA PRO C 69 3.15 -40.63 14.51
C PRO C 69 3.83 -39.30 14.84
N LEU C 70 3.07 -38.34 15.35
CA LEU C 70 3.55 -37.02 15.81
C LEU C 70 3.54 -36.99 17.34
N PRO C 71 4.27 -36.06 17.99
CA PRO C 71 4.20 -35.91 19.44
C PRO C 71 2.76 -35.92 19.98
N ASN C 72 2.51 -36.69 21.03
CA ASN C 72 1.17 -36.83 21.67
C ASN C 72 0.78 -35.46 22.27
N LEU C 73 -0.49 -35.06 22.11
CA LEU C 73 -0.94 -33.67 22.39
C LEU C 73 -1.89 -33.64 23.60
N ASN C 74 -2.79 -34.64 23.72
CA ASN C 74 -3.82 -34.78 24.82
C ASN C 74 -3.20 -35.25 26.15
N GLU C 75 -3.97 -35.20 27.23
CA GLU C 75 -3.52 -35.37 28.64
C GLU C 75 -4.41 -36.39 29.36
N ILE C 82 -8.42 -28.97 23.26
CA ILE C 82 -8.27 -30.08 22.25
C ILE C 82 -7.38 -29.61 21.10
N LEU C 83 -6.09 -29.96 21.13
CA LEU C 83 -5.08 -29.54 20.13
C LEU C 83 -4.92 -30.61 19.04
N MET C 84 -4.63 -30.19 17.81
CA MET C 84 -4.28 -31.07 16.68
C MET C 84 -3.08 -30.50 15.96
N TRP C 85 -2.21 -31.36 15.44
CA TRP C 85 -1.07 -30.93 14.60
C TRP C 85 -1.62 -30.51 13.23
N GLU C 86 -1.25 -29.31 12.78
CA GLU C 86 -1.68 -28.73 11.48
C GLU C 86 -0.46 -28.66 10.57
N ALA C 87 -0.50 -29.35 9.42
CA ALA C 87 0.59 -29.34 8.41
C ALA C 87 0.55 -28.03 7.65
N VAL C 88 1.62 -27.23 7.70
CA VAL C 88 1.68 -25.84 7.15
C VAL C 88 2.49 -25.81 5.85
N THR C 89 3.73 -26.29 5.85
CA THR C 89 4.62 -26.22 4.66
C THR C 89 5.24 -27.58 4.39
N LEU C 90 5.41 -27.90 3.10
CA LEU C 90 6.05 -29.13 2.57
C LEU C 90 7.28 -28.73 1.75
N LYS C 91 8.39 -29.44 1.95
CA LYS C 91 9.53 -29.51 0.99
C LYS C 91 9.63 -30.96 0.53
N THR C 92 9.71 -31.19 -0.77
CA THR C 92 9.82 -32.55 -1.35
C THR C 92 10.75 -32.48 -2.58
N GLU C 93 11.50 -33.55 -2.82
CA GLU C 93 12.17 -33.77 -4.13
C GLU C 93 12.43 -35.27 -4.32
N VAL C 94 12.61 -35.67 -5.57
CA VAL C 94 12.94 -37.07 -6.00
C VAL C 94 14.41 -37.33 -5.69
N ILE C 95 14.72 -38.44 -5.02
CA ILE C 95 16.10 -38.79 -4.58
C ILE C 95 16.74 -39.74 -5.60
N GLY C 96 17.81 -39.30 -6.25
CA GLY C 96 18.64 -40.13 -7.12
C GLY C 96 18.35 -39.89 -8.59
N VAL C 97 18.05 -38.64 -8.95
CA VAL C 97 17.70 -38.24 -10.36
C VAL C 97 18.91 -38.53 -11.26
N THR C 98 20.13 -38.39 -10.76
CA THR C 98 21.37 -38.56 -11.56
C THR C 98 21.59 -40.04 -11.87
N SER C 99 20.92 -40.95 -11.17
CA SER C 99 21.03 -42.42 -11.43
C SER C 99 20.56 -42.73 -12.86
N LEU C 100 19.70 -41.89 -13.43
CA LEU C 100 19.13 -42.07 -14.79
C LEU C 100 20.17 -41.72 -15.87
N MET C 101 21.39 -41.39 -15.48
CA MET C 101 22.53 -41.18 -16.41
C MET C 101 23.41 -42.44 -16.48
N ASN C 102 23.02 -43.53 -15.79
CA ASN C 102 23.68 -44.84 -15.98
C ASN C 102 23.12 -45.43 -17.27
N VAL C 103 23.86 -45.22 -18.36
CA VAL C 103 23.43 -45.54 -19.75
C VAL C 103 24.44 -46.55 -20.31
N HIS C 104 25.08 -47.30 -19.42
CA HIS C 104 26.20 -48.24 -19.70
C HIS C 104 25.94 -49.62 -19.09
N SER C 105 24.76 -49.83 -18.52
CA SER C 105 24.45 -51.00 -17.66
C SER C 105 23.26 -51.78 -18.24
N ASN C 106 23.54 -52.72 -19.15
CA ASN C 106 22.59 -53.77 -19.61
C ASN C 106 21.47 -53.16 -20.47
N GLY C 107 21.69 -51.99 -21.07
CA GLY C 107 20.71 -51.29 -21.91
C GLY C 107 20.70 -51.80 -23.35
N GLN C 108 19.79 -51.27 -24.17
CA GLN C 108 19.72 -51.49 -25.64
C GLN C 108 20.35 -50.28 -26.32
N ALA C 109 21.33 -50.49 -27.20
CA ALA C 109 22.03 -49.41 -27.93
C ALA C 109 20.99 -48.60 -28.72
N THR C 110 21.10 -47.26 -28.66
CA THR C 110 20.32 -46.30 -29.49
C THR C 110 20.47 -46.69 -30.96
N HIS C 111 21.71 -46.93 -31.41
CA HIS C 111 22.09 -47.36 -32.77
C HIS C 111 23.42 -48.13 -32.69
N ASP C 112 23.97 -48.57 -33.82
CA ASP C 112 25.27 -49.29 -33.89
C ASP C 112 26.34 -48.51 -33.12
N ASN C 113 27.00 -49.17 -32.14
CA ASN C 113 28.14 -48.64 -31.35
C ASN C 113 27.65 -47.55 -30.39
N GLY C 114 26.36 -47.25 -30.38
CA GLY C 114 25.80 -46.12 -29.61
C GLY C 114 25.77 -46.44 -28.13
N ALA C 115 25.57 -45.42 -27.30
CA ALA C 115 25.39 -45.56 -25.84
C ALA C 115 24.04 -46.22 -25.60
N GLY C 116 23.79 -46.67 -24.37
CA GLY C 116 22.52 -47.29 -23.98
C GLY C 116 21.35 -46.35 -24.20
N LYS C 117 20.14 -46.89 -24.29
CA LYS C 117 18.90 -46.10 -24.34
C LYS C 117 18.61 -45.68 -22.90
N PRO C 118 18.43 -44.37 -22.63
CA PRO C 118 18.19 -43.88 -21.27
C PRO C 118 16.75 -44.15 -20.85
N VAL C 119 16.45 -44.16 -19.54
CA VAL C 119 15.06 -44.29 -19.04
C VAL C 119 14.24 -43.16 -19.66
N GLN C 120 13.10 -43.50 -20.26
CA GLN C 120 12.21 -42.53 -20.93
C GLN C 120 10.81 -43.15 -21.08
N GLY C 121 9.85 -42.38 -21.60
CA GLY C 121 8.46 -42.82 -21.80
C GLY C 121 7.55 -42.40 -20.64
N THR C 122 6.33 -42.93 -20.64
CA THR C 122 5.27 -42.58 -19.66
C THR C 122 5.81 -42.44 -18.23
N SER C 123 5.50 -41.31 -17.63
CA SER C 123 5.91 -41.07 -16.21
C SER C 123 4.70 -40.56 -15.42
N PHE C 124 4.64 -40.87 -14.13
CA PHE C 124 3.64 -40.32 -13.17
C PHE C 124 4.37 -39.97 -11.87
N HIS C 125 4.49 -38.67 -11.58
CA HIS C 125 5.06 -38.11 -10.33
C HIS C 125 3.91 -37.53 -9.51
N PHE C 126 3.77 -37.99 -8.26
CA PHE C 126 2.63 -37.67 -7.38
C PHE C 126 3.06 -37.71 -5.91
N PHE C 127 2.65 -36.70 -5.15
CA PHE C 127 2.86 -36.64 -3.68
C PHE C 127 1.65 -35.97 -3.02
N SER C 128 1.36 -36.37 -1.79
CA SER C 128 0.21 -35.91 -0.97
C SER C 128 0.66 -35.78 0.50
N VAL C 129 0.17 -34.73 1.18
CA VAL C 129 0.28 -34.58 2.65
C VAL C 129 -1.15 -34.45 3.19
N GLY C 130 -1.48 -35.13 4.28
CA GLY C 130 -2.85 -35.17 4.83
C GLY C 130 -2.88 -35.63 6.28
N GLY C 131 -3.99 -35.33 6.98
CA GLY C 131 -4.23 -35.70 8.38
C GLY C 131 -5.02 -36.99 8.51
N GLU C 132 -5.22 -37.66 7.38
CA GLU C 132 -5.88 -38.99 7.29
C GLU C 132 -5.42 -39.65 5.99
N ALA C 133 -5.58 -40.97 5.90
CA ALA C 133 -5.24 -41.75 4.69
C ALA C 133 -5.80 -41.06 3.44
N LEU C 134 -5.01 -41.00 2.36
CA LEU C 134 -5.46 -40.49 1.04
C LEU C 134 -6.67 -41.30 0.59
N GLU C 135 -7.73 -40.62 0.15
CA GLU C 135 -8.98 -41.26 -0.33
C GLU C 135 -8.85 -41.48 -1.84
N LEU C 136 -9.12 -42.71 -2.30
CA LEU C 136 -8.93 -43.13 -3.71
C LEU C 136 -10.29 -43.31 -4.40
N GLN C 137 -10.34 -43.03 -5.70
CA GLN C 137 -11.44 -43.41 -6.63
C GLN C 137 -10.87 -44.38 -7.67
N GLY C 138 -11.64 -45.40 -8.03
CA GLY C 138 -11.22 -46.42 -9.01
C GLY C 138 -11.62 -46.02 -10.41
N VAL C 139 -10.67 -46.05 -11.35
CA VAL C 139 -10.93 -45.98 -12.81
C VAL C 139 -10.03 -46.99 -13.50
N LEU C 140 -10.60 -47.87 -14.33
CA LEU C 140 -9.90 -48.98 -15.02
C LEU C 140 -9.78 -48.64 -16.52
N PHE C 141 -8.61 -48.84 -17.10
CA PHE C 141 -8.40 -48.74 -18.57
C PHE C 141 -9.26 -49.80 -19.26
N ASN C 142 -9.10 -51.06 -18.82
CA ASN C 142 -9.88 -52.24 -19.27
C ASN C 142 -10.54 -52.86 -18.05
N TYR C 143 -11.88 -52.91 -18.00
CA TYR C 143 -12.65 -53.35 -16.80
C TYR C 143 -12.47 -54.85 -16.59
N ARG C 144 -12.13 -55.60 -17.64
CA ARG C 144 -11.97 -57.08 -17.59
C ARG C 144 -10.52 -57.44 -17.20
N THR C 145 -9.63 -56.46 -16.99
CA THR C 145 -8.27 -56.70 -16.45
C THR C 145 -8.41 -57.41 -15.12
N LYS C 146 -7.72 -58.55 -14.93
CA LYS C 146 -7.75 -59.33 -13.67
C LYS C 146 -6.54 -58.98 -12.81
N TYR C 147 -6.75 -58.15 -11.80
CA TYR C 147 -5.68 -57.71 -10.87
C TYR C 147 -5.38 -58.85 -9.91
N PRO C 148 -4.10 -59.05 -9.56
CA PRO C 148 -3.67 -60.26 -8.88
C PRO C 148 -3.87 -60.26 -7.35
N ASP C 149 -4.06 -61.45 -6.77
CA ASP C 149 -4.11 -61.66 -5.29
C ASP C 149 -2.89 -60.99 -4.67
N GLY C 150 -3.10 -60.20 -3.63
CA GLY C 150 -2.04 -59.46 -2.93
C GLY C 150 -2.18 -57.97 -3.13
N THR C 151 -2.75 -57.54 -4.26
CA THR C 151 -3.12 -56.13 -4.53
C THR C 151 -4.57 -55.90 -4.07
N ILE C 152 -4.90 -54.65 -3.78
CA ILE C 152 -6.28 -54.15 -3.51
C ILE C 152 -6.70 -53.31 -4.70
N PHE C 153 -7.80 -53.65 -5.37
CA PHE C 153 -8.21 -53.09 -6.68
C PHE C 153 -9.73 -52.91 -6.69
N PRO C 154 -10.28 -52.14 -7.67
CA PRO C 154 -11.73 -52.06 -7.86
C PRO C 154 -12.43 -53.42 -7.96
N LYS C 155 -13.29 -53.72 -6.97
CA LYS C 155 -14.06 -54.97 -6.85
C LYS C 155 -15.35 -54.81 -7.68
N ASN C 156 -15.88 -55.91 -8.20
CA ASN C 156 -17.17 -55.91 -8.96
C ASN C 156 -17.10 -54.88 -10.08
N ALA C 157 -16.03 -54.92 -10.88
CA ALA C 157 -15.84 -54.03 -12.05
C ALA C 157 -16.96 -54.29 -13.06
N THR C 158 -17.73 -53.25 -13.38
CA THR C 158 -18.76 -53.24 -14.44
C THR C 158 -18.19 -52.50 -15.67
N VAL C 159 -18.96 -52.47 -16.75
CA VAL C 159 -18.61 -51.74 -18.00
C VAL C 159 -18.36 -50.28 -17.66
N GLN C 160 -19.16 -49.68 -16.77
CA GLN C 160 -19.07 -48.24 -16.41
C GLN C 160 -17.80 -47.97 -15.59
N SER C 161 -17.06 -48.99 -15.16
CA SER C 161 -15.80 -48.84 -14.39
C SER C 161 -14.71 -48.19 -15.26
N GLN C 162 -14.82 -48.27 -16.58
CA GLN C 162 -13.81 -47.73 -17.55
C GLN C 162 -13.92 -46.20 -17.67
N VAL C 163 -14.99 -45.57 -17.19
CA VAL C 163 -15.17 -44.09 -17.23
C VAL C 163 -15.38 -43.53 -15.82
N MET C 164 -16.33 -44.10 -15.06
CA MET C 164 -16.58 -43.67 -13.66
C MET C 164 -17.63 -44.55 -12.98
N ASN C 165 -17.22 -45.29 -11.94
CA ASN C 165 -18.10 -46.16 -11.11
C ASN C 165 -17.88 -45.80 -9.63
N THR C 166 -18.88 -45.17 -9.00
CA THR C 166 -18.77 -44.56 -7.64
C THR C 166 -18.66 -45.63 -6.56
N GLU C 167 -18.89 -46.91 -6.91
CA GLU C 167 -18.75 -48.05 -5.97
C GLU C 167 -17.25 -48.24 -5.63
N HIS C 168 -16.33 -47.85 -6.51
CA HIS C 168 -14.87 -48.06 -6.37
C HIS C 168 -14.23 -46.95 -5.54
N LYS C 169 -14.54 -46.91 -4.25
CA LYS C 169 -13.93 -46.00 -3.25
C LYS C 169 -13.02 -46.82 -2.34
N ALA C 170 -11.88 -46.26 -1.94
CA ALA C 170 -10.89 -46.94 -1.07
C ALA C 170 -10.03 -45.91 -0.34
N TYR C 171 -9.34 -46.38 0.70
CA TYR C 171 -8.34 -45.61 1.47
C TYR C 171 -6.97 -46.19 1.19
N LEU C 172 -6.00 -45.35 0.80
CA LEU C 172 -4.57 -45.74 0.65
C LEU C 172 -3.99 -45.98 2.05
N ASP C 173 -4.25 -47.17 2.59
CA ASP C 173 -3.96 -47.51 4.01
C ASP C 173 -2.95 -48.67 4.06
N LYS C 174 -2.23 -48.95 2.97
CA LYS C 174 -1.30 -50.11 2.91
C LYS C 174 -0.29 -49.96 1.76
N ASN C 175 0.94 -50.46 1.98
CA ASN C 175 2.04 -50.42 0.98
CA ASN C 175 2.04 -50.42 0.98
C ASN C 175 1.99 -51.66 0.09
N LYS C 176 2.53 -51.54 -1.12
CA LYS C 176 2.67 -52.66 -2.10
C LYS C 176 1.30 -53.29 -2.39
N ALA C 177 0.21 -52.51 -2.32
CA ALA C 177 -1.17 -53.01 -2.37
C ALA C 177 -2.01 -52.30 -3.45
N TYR C 178 -2.03 -50.97 -3.48
CA TYR C 178 -2.92 -50.20 -4.37
C TYR C 178 -2.19 -49.90 -5.68
N PRO C 179 -2.49 -50.63 -6.78
CA PRO C 179 -1.79 -50.42 -8.06
C PRO C 179 -2.09 -49.01 -8.59
N VAL C 180 -1.09 -48.38 -9.21
CA VAL C 180 -1.16 -46.97 -9.67
C VAL C 180 -2.26 -46.84 -10.74
N GLU C 181 -2.39 -47.83 -11.62
CA GLU C 181 -3.25 -47.74 -12.84
C GLU C 181 -4.73 -47.96 -12.51
N CYS C 182 -5.09 -48.37 -11.28
CA CYS C 182 -6.51 -48.61 -10.87
C CYS C 182 -7.08 -47.39 -10.14
N TRP C 183 -6.21 -46.66 -9.43
CA TRP C 183 -6.61 -45.70 -8.38
C TRP C 183 -6.08 -44.31 -8.71
N VAL C 184 -6.92 -43.31 -8.48
CA VAL C 184 -6.53 -41.87 -8.48
C VAL C 184 -7.08 -41.26 -7.18
N PRO C 185 -6.53 -40.12 -6.72
CA PRO C 185 -7.13 -39.39 -5.61
C PRO C 185 -8.58 -39.03 -5.95
N ASP C 186 -9.50 -39.36 -5.05
CA ASP C 186 -10.96 -39.09 -5.15
C ASP C 186 -11.21 -37.60 -4.96
N PRO C 187 -11.56 -36.85 -6.02
CA PRO C 187 -11.75 -35.41 -5.89
C PRO C 187 -13.04 -35.01 -5.14
N THR C 188 -13.93 -35.97 -4.86
CA THR C 188 -15.19 -35.77 -4.10
C THR C 188 -14.90 -35.75 -2.60
N ARG C 189 -13.79 -36.34 -2.17
CA ARG C 189 -13.35 -36.35 -0.74
C ARG C 189 -12.01 -35.59 -0.62
N ASN C 190 -11.13 -36.01 0.29
CA ASN C 190 -9.76 -35.49 0.48
C ASN C 190 -9.80 -34.02 0.92
N GLU C 191 -10.81 -33.64 1.70
CA GLU C 191 -10.93 -32.27 2.30
C GLU C 191 -9.71 -32.00 3.20
N ASN C 192 -9.18 -33.03 3.87
CA ASN C 192 -8.12 -32.95 4.91
C ASN C 192 -6.77 -33.42 4.33
N THR C 193 -6.61 -33.42 3.01
CA THR C 193 -5.36 -33.78 2.31
C THR C 193 -5.09 -32.77 1.19
N ARG C 194 -3.82 -32.43 0.96
CA ARG C 194 -3.37 -31.69 -0.23
C ARG C 194 -2.62 -32.68 -1.12
N TYR C 195 -3.06 -32.88 -2.36
CA TYR C 195 -2.41 -33.80 -3.34
C TYR C 195 -2.04 -33.04 -4.62
N PHE C 196 -0.94 -33.46 -5.22
CA PHE C 196 -0.34 -32.92 -6.46
C PHE C 196 0.20 -34.11 -7.28
N GLY C 197 -0.18 -34.18 -8.54
CA GLY C 197 0.20 -35.28 -9.44
C GLY C 197 0.29 -34.81 -10.87
N THR C 198 1.23 -35.37 -11.64
CA THR C 198 1.41 -35.08 -13.08
C THR C 198 1.66 -36.39 -13.81
N LEU C 199 0.79 -36.75 -14.76
CA LEU C 199 1.06 -37.83 -15.73
C LEU C 199 1.56 -37.20 -17.02
N THR C 200 2.79 -37.53 -17.41
CA THR C 200 3.39 -37.18 -18.73
C THR C 200 3.53 -38.46 -19.55
N GLY C 201 2.43 -38.86 -20.20
CA GLY C 201 2.34 -40.07 -21.03
C GLY C 201 3.09 -39.90 -22.35
N GLY C 202 3.11 -40.94 -23.19
CA GLY C 202 3.89 -41.01 -24.44
C GLY C 202 5.02 -42.03 -24.32
N GLU C 203 5.59 -42.47 -25.45
CA GLU C 203 6.50 -43.65 -25.49
C GLU C 203 7.97 -43.20 -25.41
N ASN C 204 8.31 -42.02 -25.92
CA ASN C 204 9.71 -41.50 -26.01
C ASN C 204 9.86 -40.20 -25.21
N VAL C 205 8.98 -39.98 -24.23
CA VAL C 205 8.89 -38.70 -23.48
C VAL C 205 10.14 -38.54 -22.62
N PRO C 206 10.82 -37.38 -22.69
CA PRO C 206 11.96 -37.11 -21.83
C PRO C 206 11.51 -36.85 -20.39
N PRO C 207 12.12 -37.55 -19.39
CA PRO C 207 12.05 -37.12 -18.00
C PRO C 207 12.60 -35.70 -17.82
N VAL C 208 11.88 -34.85 -17.10
CA VAL C 208 12.35 -33.51 -16.66
C VAL C 208 12.20 -33.41 -15.15
N LEU C 209 13.28 -33.63 -14.41
CA LEU C 209 13.33 -33.70 -12.93
C LEU C 209 14.17 -32.52 -12.43
N HIS C 210 13.56 -31.63 -11.65
CA HIS C 210 14.21 -30.49 -10.96
C HIS C 210 14.52 -30.91 -9.53
N ILE C 211 15.69 -30.53 -9.01
CA ILE C 211 16.06 -30.70 -7.58
C ILE C 211 16.52 -29.33 -7.05
N THR C 212 16.06 -28.97 -5.86
CA THR C 212 16.48 -27.77 -5.10
C THR C 212 15.99 -27.87 -3.66
N ASN C 213 16.75 -27.30 -2.71
CA ASN C 213 16.35 -27.23 -1.29
C ASN C 213 15.84 -25.82 -0.98
N THR C 214 15.46 -25.05 -2.01
CA THR C 214 15.01 -23.63 -1.88
C THR C 214 13.51 -23.51 -2.12
N ALA C 215 12.83 -24.59 -2.51
CA ALA C 215 11.41 -24.59 -2.94
C ALA C 215 10.53 -25.15 -1.83
N THR C 216 9.48 -24.41 -1.46
CA THR C 216 8.52 -24.73 -0.38
C THR C 216 7.10 -24.63 -0.94
N THR C 217 6.27 -25.64 -0.69
CA THR C 217 4.82 -25.65 -0.98
C THR C 217 4.07 -25.34 0.32
N VAL C 218 3.15 -24.36 0.28
CA VAL C 218 2.29 -24.02 1.45
C VAL C 218 1.04 -24.90 1.36
N LEU C 219 0.65 -25.55 2.46
CA LEU C 219 -0.44 -26.57 2.48
C LEU C 219 -1.76 -25.95 2.99
N LEU C 220 -1.74 -24.68 3.39
CA LEU C 220 -2.95 -23.98 3.91
C LEU C 220 -3.98 -23.84 2.77
N ASP C 221 -5.26 -23.98 3.09
CA ASP C 221 -6.40 -23.80 2.13
C ASP C 221 -6.71 -22.30 2.04
N GLU C 222 -7.81 -21.94 1.35
CA GLU C 222 -8.23 -20.53 1.11
C GLU C 222 -8.63 -19.86 2.43
N PHE C 223 -8.92 -20.62 3.49
CA PHE C 223 -9.28 -20.12 4.85
C PHE C 223 -8.05 -20.06 5.77
N GLY C 224 -6.86 -20.42 5.28
CA GLY C 224 -5.60 -20.38 6.05
C GLY C 224 -5.44 -21.57 6.99
N VAL C 225 -6.15 -22.67 6.72
CA VAL C 225 -6.14 -23.92 7.53
C VAL C 225 -5.46 -25.01 6.71
N GLY C 226 -4.45 -25.66 7.29
CA GLY C 226 -3.75 -26.81 6.66
C GLY C 226 -4.38 -28.13 7.09
N PRO C 227 -3.90 -29.28 6.56
CA PRO C 227 -4.37 -30.59 7.01
C PRO C 227 -4.21 -30.79 8.53
N LEU C 228 -5.29 -31.23 9.19
CA LEU C 228 -5.32 -31.46 10.66
C LEU C 228 -5.15 -32.97 10.94
N CYS C 229 -4.05 -33.34 11.58
CA CYS C 229 -3.64 -34.74 11.83
C CYS C 229 -4.49 -35.35 12.94
N LYS C 230 -5.53 -36.09 12.53
CA LYS C 230 -6.39 -36.92 13.42
C LYS C 230 -5.56 -38.04 14.05
N GLY C 231 -5.73 -38.25 15.35
CA GLY C 231 -4.99 -39.27 16.11
C GLY C 231 -3.49 -39.00 16.11
N ASP C 232 -3.09 -37.74 15.92
CA ASP C 232 -1.67 -37.29 15.95
C ASP C 232 -0.87 -38.10 14.92
N ASN C 233 -1.42 -38.29 13.72
CA ASN C 233 -0.79 -39.06 12.61
C ASN C 233 -0.78 -38.22 11.33
N LEU C 234 0.39 -38.04 10.74
CA LEU C 234 0.59 -37.39 9.43
C LEU C 234 0.68 -38.47 8.36
N TYR C 235 -0.05 -38.32 7.24
CA TYR C 235 -0.10 -39.31 6.14
C TYR C 235 0.61 -38.73 4.90
N LEU C 236 1.80 -39.25 4.63
CA LEU C 236 2.57 -38.97 3.39
C LEU C 236 2.32 -40.08 2.38
N SER C 237 2.11 -39.73 1.12
CA SER C 237 1.80 -40.68 0.02
C SER C 237 2.51 -40.19 -1.24
N ALA C 238 3.03 -41.10 -2.05
CA ALA C 238 3.85 -40.75 -3.23
C ALA C 238 3.81 -41.85 -4.31
N VAL C 239 3.94 -41.41 -5.57
CA VAL C 239 4.28 -42.28 -6.75
C VAL C 239 5.31 -41.52 -7.57
N ASP C 240 6.40 -42.18 -7.97
CA ASP C 240 7.43 -41.57 -8.85
C ASP C 240 7.92 -42.62 -9.86
N VAL C 241 7.05 -42.97 -10.80
CA VAL C 241 7.38 -43.75 -12.02
C VAL C 241 8.08 -42.78 -12.97
N CYS C 242 9.41 -42.87 -13.08
CA CYS C 242 10.27 -41.90 -13.81
C CYS C 242 10.22 -42.16 -15.30
N GLY C 243 9.77 -43.37 -15.69
CA GLY C 243 9.68 -43.82 -17.08
C GLY C 243 10.01 -45.29 -17.17
N MET C 244 10.52 -45.73 -18.33
CA MET C 244 10.79 -47.15 -18.59
C MET C 244 12.23 -47.37 -19.00
N PHE C 245 12.81 -48.46 -18.50
CA PHE C 245 14.16 -48.94 -18.87
C PHE C 245 14.00 -50.02 -19.92
N THR C 246 14.60 -49.80 -21.11
CA THR C 246 14.73 -50.81 -22.20
C THR C 246 16.08 -51.53 -22.03
N ASN C 247 16.04 -52.85 -21.84
CA ASN C 247 17.27 -53.69 -21.72
C ASN C 247 17.56 -54.32 -23.08
N ARG C 248 18.70 -54.99 -23.22
CA ARG C 248 19.31 -55.44 -24.51
C ARG C 248 18.27 -56.13 -25.39
N SER C 249 17.46 -57.01 -24.82
CA SER C 249 16.47 -57.88 -25.50
C SER C 249 15.30 -57.05 -26.06
N GLY C 250 15.15 -55.79 -25.63
CA GLY C 250 14.06 -54.88 -26.04
C GLY C 250 12.96 -54.78 -24.99
N SER C 251 12.92 -55.70 -24.02
CA SER C 251 11.97 -55.71 -22.87
CA SER C 251 11.97 -55.71 -22.87
C SER C 251 11.99 -54.36 -22.17
N GLN C 252 10.84 -53.90 -21.68
CA GLN C 252 10.73 -52.60 -20.97
C GLN C 252 10.18 -52.84 -19.56
N GLN C 253 10.84 -52.25 -18.56
CA GLN C 253 10.46 -52.27 -17.12
C GLN C 253 10.27 -50.83 -16.67
N TRP C 254 9.27 -50.55 -15.84
CA TRP C 254 9.15 -49.26 -15.11
C TRP C 254 10.40 -49.09 -14.24
N ARG C 255 10.90 -47.86 -14.11
CA ARG C 255 11.92 -47.49 -13.11
C ARG C 255 11.36 -46.36 -12.26
N GLY C 256 11.47 -46.48 -10.94
CA GLY C 256 11.01 -45.49 -9.97
C GLY C 256 12.12 -45.04 -9.04
N LEU C 257 11.90 -43.94 -8.31
CA LEU C 257 12.85 -43.38 -7.34
C LEU C 257 12.11 -43.02 -6.05
N SER C 258 12.84 -42.99 -4.94
CA SER C 258 12.34 -42.54 -3.62
C SER C 258 12.01 -41.05 -3.67
N ARG C 259 11.19 -40.59 -2.71
CA ARG C 259 10.77 -39.18 -2.57
C ARG C 259 11.04 -38.74 -1.14
N TYR C 260 11.81 -37.65 -0.99
CA TYR C 260 12.01 -36.92 0.28
C TYR C 260 10.79 -36.08 0.58
N PHE C 261 10.37 -36.07 1.84
CA PHE C 261 9.34 -35.20 2.44
C PHE C 261 9.94 -34.49 3.66
N LYS C 262 9.64 -33.20 3.80
CA LYS C 262 9.88 -32.43 5.04
C LYS C 262 8.66 -31.56 5.29
N VAL C 263 7.93 -31.82 6.38
CA VAL C 263 6.65 -31.13 6.69
C VAL C 263 6.86 -30.38 8.00
N GLN C 264 6.58 -29.07 7.98
CA GLN C 264 6.47 -28.19 9.17
C GLN C 264 5.04 -28.26 9.68
N LEU C 265 4.83 -28.63 10.95
CA LEU C 265 3.50 -28.69 11.58
C LEU C 265 3.47 -27.72 12.76
N ARG C 266 2.29 -27.22 13.11
CA ARG C 266 2.07 -26.32 14.28
C ARG C 266 0.81 -26.78 15.02
N LYS C 267 0.77 -26.53 16.33
CA LYS C 267 -0.37 -26.90 17.21
C LYS C 267 -1.52 -25.92 16.93
N ARG C 268 -2.73 -26.46 16.73
CA ARG C 268 -3.96 -25.69 16.49
C ARG C 268 -5.07 -26.19 17.42
N ARG C 269 -5.78 -25.28 18.08
CA ARG C 269 -6.94 -25.62 18.93
C ARG C 269 -8.17 -25.74 18.03
N VAL C 270 -9.00 -26.77 18.28
CA VAL C 270 -10.27 -27.06 17.58
C VAL C 270 -11.34 -27.36 18.64
N LYS C 271 -12.62 -27.45 18.25
CA LYS C 271 -13.75 -27.64 19.19
C LYS C 271 -14.63 -28.83 18.75
N GLU D 8 23.50 -18.70 16.50
CA GLU D 8 22.46 -17.62 16.53
C GLU D 8 22.92 -16.47 15.61
N VAL D 9 22.16 -16.20 14.55
CA VAL D 9 22.48 -15.15 13.53
C VAL D 9 21.96 -13.79 14.01
N LEU D 10 22.81 -12.77 14.00
CA LEU D 10 22.48 -11.40 14.47
C LEU D 10 22.62 -10.41 13.29
N GLU D 11 22.95 -9.15 13.57
CA GLU D 11 22.84 -8.03 12.60
C GLU D 11 23.90 -8.15 11.50
N VAL D 12 23.59 -7.60 10.32
CA VAL D 12 24.51 -7.51 9.16
C VAL D 12 25.38 -6.25 9.35
N LYS D 13 26.67 -6.36 9.05
CA LYS D 13 27.62 -5.21 9.05
C LYS D 13 27.38 -4.35 7.81
N THR D 14 27.36 -3.03 7.97
CA THR D 14 27.30 -2.04 6.86
C THR D 14 28.61 -1.26 6.83
N GLY D 15 28.84 -0.46 5.79
CA GLY D 15 30.08 0.31 5.58
C GLY D 15 30.76 -0.08 4.29
N VAL D 16 31.79 0.68 3.87
CA VAL D 16 32.53 0.44 2.60
C VAL D 16 33.02 -1.01 2.61
N ASP D 17 33.65 -1.45 3.71
CA ASP D 17 34.45 -2.69 3.80
C ASP D 17 33.61 -3.88 4.27
N SER D 18 32.27 -3.77 4.25
CA SER D 18 31.34 -4.76 4.86
C SER D 18 30.91 -5.81 3.83
N ILE D 19 31.39 -5.69 2.60
CA ILE D 19 30.86 -6.42 1.41
C ILE D 19 32.06 -6.84 0.55
N THR D 20 32.02 -8.03 -0.03
CA THR D 20 33.07 -8.55 -0.95
C THR D 20 32.39 -9.37 -2.06
N GLU D 21 33.18 -9.77 -3.05
CA GLU D 21 32.72 -10.39 -4.32
C GLU D 21 33.67 -11.54 -4.65
N VAL D 22 33.14 -12.67 -5.09
CA VAL D 22 33.92 -13.85 -5.54
C VAL D 22 33.48 -14.18 -6.95
N GLU D 23 34.43 -14.23 -7.88
CA GLU D 23 34.20 -14.43 -9.33
C GLU D 23 35.15 -15.54 -9.78
N CYS D 24 34.63 -16.64 -10.33
CA CYS D 24 35.46 -17.73 -10.89
C CYS D 24 34.64 -18.62 -11.83
N PHE D 25 35.33 -19.50 -12.56
CA PHE D 25 34.72 -20.53 -13.44
CA PHE D 25 34.72 -20.53 -13.44
C PHE D 25 35.14 -21.92 -12.95
N LEU D 26 34.26 -22.91 -13.09
CA LEU D 26 34.56 -24.33 -12.79
C LEU D 26 34.58 -25.10 -14.11
N THR D 27 35.72 -25.69 -14.46
CA THR D 27 35.85 -26.53 -15.68
C THR D 27 35.08 -27.81 -15.43
N PRO D 28 34.51 -28.43 -16.47
CA PRO D 28 33.80 -29.69 -16.31
C PRO D 28 34.76 -30.88 -16.22
N GLU D 29 34.40 -31.88 -15.42
CA GLU D 29 35.10 -33.19 -15.33
C GLU D 29 34.25 -34.23 -16.05
N MET D 30 34.34 -34.31 -17.38
CA MET D 30 33.51 -35.26 -18.17
C MET D 30 34.19 -36.62 -18.28
N GLY D 31 35.50 -36.72 -18.00
CA GLY D 31 36.26 -37.98 -17.98
C GLY D 31 37.62 -37.84 -18.63
N ASP D 32 37.67 -37.11 -19.75
CA ASP D 32 38.92 -36.67 -20.42
C ASP D 32 39.74 -37.88 -20.83
N PRO D 33 39.28 -38.67 -21.82
CA PRO D 33 39.93 -39.94 -22.19
C PRO D 33 41.32 -39.79 -22.83
N ASP D 34 41.54 -38.73 -23.61
CA ASP D 34 42.90 -38.25 -24.00
C ASP D 34 42.86 -36.73 -24.16
N GLU D 35 44.03 -36.08 -24.28
CA GLU D 35 44.15 -34.59 -24.25
C GLU D 35 43.30 -34.00 -25.38
N HIS D 36 43.27 -34.64 -26.54
CA HIS D 36 42.48 -34.18 -27.72
C HIS D 36 40.98 -34.06 -27.37
N LEU D 37 40.51 -34.74 -26.31
CA LEU D 37 39.07 -34.82 -25.94
C LEU D 37 38.82 -34.25 -24.53
N ARG D 38 39.50 -33.16 -24.17
CA ARG D 38 39.28 -32.45 -22.89
C ARG D 38 37.85 -31.93 -22.89
N GLY D 39 37.08 -32.24 -21.84
CA GLY D 39 35.68 -31.80 -21.71
C GLY D 39 34.71 -32.75 -22.40
N PHE D 40 35.21 -33.87 -22.92
CA PHE D 40 34.40 -35.03 -23.38
C PHE D 40 34.64 -36.20 -22.44
N SER D 41 33.69 -37.14 -22.36
CA SER D 41 33.89 -38.48 -21.75
C SER D 41 34.48 -39.42 -22.79
N LYS D 42 34.92 -40.59 -22.35
CA LYS D 42 35.25 -41.72 -23.26
C LYS D 42 33.96 -42.19 -23.91
N SER D 43 34.04 -42.77 -25.11
CA SER D 43 32.88 -43.41 -25.78
CA SER D 43 32.91 -43.45 -25.79
C SER D 43 32.25 -44.41 -24.80
N ILE D 44 30.92 -44.49 -24.81
CA ILE D 44 30.17 -45.28 -23.79
C ILE D 44 30.04 -46.74 -24.24
N SER D 45 30.66 -47.67 -23.50
CA SER D 45 30.46 -49.12 -23.59
C SER D 45 29.20 -49.51 -22.84
N ILE D 46 28.38 -50.40 -23.42
CA ILE D 46 27.22 -51.04 -22.73
C ILE D 46 27.68 -52.42 -22.25
N SER D 47 27.47 -52.74 -20.98
CA SER D 47 27.84 -54.05 -20.37
C SER D 47 26.88 -55.15 -20.85
N ASP D 48 27.32 -56.41 -20.76
CA ASP D 48 26.55 -57.60 -21.20
C ASP D 48 25.40 -57.86 -20.23
N THR D 49 25.67 -57.79 -18.92
CA THR D 49 24.67 -58.00 -17.84
C THR D 49 24.87 -56.93 -16.77
N PHE D 50 23.91 -56.84 -15.82
CA PHE D 50 23.98 -55.95 -14.64
C PHE D 50 25.16 -56.40 -13.74
N GLU D 51 25.40 -57.71 -13.64
CA GLU D 51 26.41 -58.28 -12.71
C GLU D 51 27.83 -57.98 -13.23
N SER D 52 28.02 -57.82 -14.54
CA SER D 52 29.35 -57.58 -15.17
C SER D 52 29.44 -56.15 -15.73
N ASP D 53 29.14 -55.14 -14.90
CA ASP D 53 29.16 -53.71 -15.29
C ASP D 53 30.28 -53.01 -14.53
N SER D 54 31.39 -52.74 -15.21
CA SER D 54 32.66 -52.27 -14.61
CA SER D 54 32.66 -52.26 -14.60
C SER D 54 33.22 -51.12 -15.45
N PRO D 55 32.63 -49.91 -15.39
CA PRO D 55 32.98 -48.83 -16.32
C PRO D 55 34.39 -48.28 -16.13
N ASN D 56 34.98 -47.86 -17.25
CA ASN D 56 36.30 -47.17 -17.31
C ASN D 56 36.16 -45.81 -16.62
N ARG D 57 37.17 -45.36 -15.89
CA ARG D 57 37.11 -44.12 -15.07
C ARG D 57 36.85 -42.92 -15.97
N ASP D 58 37.46 -42.88 -17.15
CA ASP D 58 37.36 -41.73 -18.09
C ASP D 58 36.00 -41.76 -18.81
N MET D 59 35.07 -42.65 -18.42
CA MET D 59 33.70 -42.77 -19.00
C MET D 59 32.66 -42.14 -18.07
N LEU D 60 33.07 -41.76 -16.86
CA LEU D 60 32.17 -41.28 -15.78
C LEU D 60 32.37 -39.80 -15.56
N PRO D 61 31.44 -38.94 -16.00
CA PRO D 61 31.42 -37.55 -15.56
C PRO D 61 31.34 -37.46 -14.02
N CYS D 62 31.97 -36.42 -13.46
CA CYS D 62 32.09 -36.19 -11.99
C CYS D 62 31.61 -34.78 -11.62
N TYR D 63 31.12 -34.62 -10.38
CA TYR D 63 30.84 -33.29 -9.77
C TYR D 63 32.14 -32.50 -9.77
N SER D 64 32.06 -31.23 -10.19
CA SER D 64 33.13 -30.22 -10.07
C SER D 64 32.92 -29.45 -8.76
N VAL D 65 34.00 -29.06 -8.08
CA VAL D 65 33.94 -28.32 -6.79
C VAL D 65 35.12 -27.36 -6.70
N ALA D 66 34.88 -26.19 -6.12
CA ALA D 66 35.88 -25.14 -5.88
C ALA D 66 35.70 -24.67 -4.43
N ARG D 67 36.79 -24.62 -3.68
CA ARG D 67 36.83 -24.09 -2.30
C ARG D 67 37.62 -22.79 -2.30
N ILE D 68 36.92 -21.65 -2.21
CA ILE D 68 37.51 -20.31 -2.41
C ILE D 68 37.70 -19.65 -1.05
N PRO D 69 38.95 -19.38 -0.64
CA PRO D 69 39.21 -18.61 0.58
C PRO D 69 38.70 -17.16 0.40
N LEU D 70 38.04 -16.64 1.43
CA LEU D 70 37.52 -15.25 1.51
C LEU D 70 38.42 -14.45 2.45
N PRO D 71 38.41 -13.10 2.37
CA PRO D 71 39.17 -12.26 3.30
C PRO D 71 39.02 -12.72 4.77
N ASN D 72 40.15 -12.80 5.50
CA ASN D 72 40.19 -13.23 6.92
C ASN D 72 39.43 -12.20 7.76
N LEU D 73 38.64 -12.65 8.74
CA LEU D 73 37.63 -11.78 9.42
C LEU D 73 37.92 -11.60 10.90
N ASN D 74 38.00 -12.72 11.62
CA ASN D 74 37.78 -12.85 13.09
C ASN D 74 39.05 -13.34 13.78
N ASN D 81 31.62 -9.64 18.13
CA ASN D 81 32.97 -10.24 18.25
C ASN D 81 33.27 -11.16 17.04
N ILE D 82 32.32 -12.03 16.63
CA ILE D 82 32.55 -13.17 15.71
C ILE D 82 31.79 -12.97 14.38
N LEU D 83 32.50 -12.57 13.31
CA LEU D 83 31.92 -12.29 11.97
C LEU D 83 32.10 -13.51 11.06
N MET D 84 31.13 -13.74 10.17
CA MET D 84 31.20 -14.75 9.08
C MET D 84 30.75 -14.10 7.77
N TRP D 85 31.33 -14.51 6.66
CA TRP D 85 30.88 -14.10 5.30
C TRP D 85 29.55 -14.80 5.00
N GLU D 86 28.53 -14.04 4.61
CA GLU D 86 27.18 -14.54 4.24
C GLU D 86 26.98 -14.34 2.75
N ALA D 87 26.80 -15.43 2.00
CA ALA D 87 26.51 -15.40 0.54
C ALA D 87 25.08 -14.91 0.32
N VAL D 88 24.89 -13.81 -0.41
CA VAL D 88 23.57 -13.13 -0.57
C VAL D 88 23.02 -13.38 -1.97
N THR D 89 23.79 -13.07 -3.03
CA THR D 89 23.31 -13.18 -4.43
C THR D 89 24.35 -13.94 -5.27
N LEU D 90 23.85 -14.73 -6.22
CA LEU D 90 24.62 -15.52 -7.22
C LEU D 90 24.24 -15.03 -8.61
N LYS D 91 25.24 -14.84 -9.49
CA LYS D 91 25.06 -14.82 -10.96
C LYS D 91 25.85 -16.00 -11.52
N THR D 92 25.23 -16.81 -12.39
CA THR D 92 25.89 -17.99 -13.00
C THR D 92 25.41 -18.14 -14.44
N GLU D 93 26.29 -18.60 -15.34
CA GLU D 93 25.88 -19.08 -16.68
C GLU D 93 26.93 -20.06 -17.22
N VAL D 94 26.51 -20.91 -18.15
CA VAL D 94 27.33 -21.92 -18.86
C VAL D 94 28.19 -21.17 -19.90
N ILE D 95 29.50 -21.42 -19.90
CA ILE D 95 30.48 -20.72 -20.78
C ILE D 95 30.76 -21.59 -22.00
N GLY D 96 30.40 -21.08 -23.18
CA GLY D 96 30.74 -21.68 -24.48
C GLY D 96 29.56 -22.41 -25.09
N VAL D 97 28.34 -21.90 -24.91
CA VAL D 97 27.09 -22.55 -25.39
C VAL D 97 27.14 -22.62 -26.93
N THR D 98 27.74 -21.63 -27.58
CA THR D 98 27.81 -21.52 -29.06
C THR D 98 28.75 -22.60 -29.63
N SER D 99 29.63 -23.19 -28.81
CA SER D 99 30.55 -24.27 -29.25
C SER D 99 29.75 -25.47 -29.77
N LEU D 100 28.50 -25.64 -29.31
CA LEU D 100 27.61 -26.77 -29.68
C LEU D 100 27.05 -26.58 -31.10
N MET D 101 27.45 -25.51 -31.80
CA MET D 101 27.10 -25.29 -33.23
C MET D 101 28.23 -25.77 -34.14
N ASN D 102 29.32 -26.31 -33.57
CA ASN D 102 30.39 -26.96 -34.39
C ASN D 102 29.86 -28.33 -34.79
N VAL D 103 29.25 -28.37 -35.97
CA VAL D 103 28.49 -29.53 -36.50
C VAL D 103 29.21 -30.01 -37.77
N HIS D 104 30.51 -29.70 -37.87
CA HIS D 104 31.37 -29.94 -39.07
C HIS D 104 32.64 -30.70 -38.70
N SER D 105 32.78 -31.15 -37.44
CA SER D 105 34.03 -31.65 -36.86
C SER D 105 33.85 -33.09 -36.37
N ASN D 106 34.06 -34.06 -37.26
CA ASN D 106 34.21 -35.51 -36.91
C ASN D 106 32.88 -36.12 -36.44
N GLY D 107 31.74 -35.52 -36.79
CA GLY D 107 30.38 -35.98 -36.41
C GLY D 107 29.85 -37.04 -37.36
N GLN D 108 28.68 -37.60 -37.04
CA GLN D 108 27.93 -38.55 -37.89
C GLN D 108 26.86 -37.75 -38.63
N ALA D 109 26.80 -37.86 -39.95
CA ALA D 109 25.81 -37.15 -40.80
C ALA D 109 24.40 -37.53 -40.34
N THR D 110 23.51 -36.55 -40.21
CA THR D 110 22.06 -36.72 -39.93
C THR D 110 21.46 -37.66 -40.99
N HIS D 111 21.79 -37.43 -42.26
CA HIS D 111 21.38 -38.25 -43.44
C HIS D 111 22.42 -38.07 -44.55
N ASP D 112 22.24 -38.70 -45.72
CA ASP D 112 23.14 -38.55 -46.89
C ASP D 112 23.40 -37.07 -47.17
N ASN D 113 24.69 -36.67 -47.21
CA ASN D 113 25.16 -35.30 -47.57
C ASN D 113 24.79 -34.29 -46.47
N GLY D 114 24.17 -34.75 -45.39
CA GLY D 114 23.66 -33.85 -44.34
C GLY D 114 24.80 -33.31 -43.50
N ALA D 115 24.51 -32.30 -42.68
CA ALA D 115 25.44 -31.73 -41.69
C ALA D 115 25.61 -32.76 -40.56
N GLY D 116 26.61 -32.55 -39.72
CA GLY D 116 26.86 -33.41 -38.55
C GLY D 116 25.66 -33.46 -37.63
N LYS D 117 25.58 -34.50 -36.80
CA LYS D 117 24.57 -34.63 -35.72
C LYS D 117 25.04 -33.75 -34.57
N PRO D 118 24.22 -32.80 -34.08
CA PRO D 118 24.63 -31.88 -33.03
C PRO D 118 24.60 -32.58 -31.68
N VAL D 119 25.30 -32.05 -30.68
CA VAL D 119 25.26 -32.58 -29.29
C VAL D 119 23.79 -32.57 -28.83
N GLN D 120 23.29 -33.69 -28.34
CA GLN D 120 21.88 -33.83 -27.90
C GLN D 120 21.79 -35.02 -26.95
N GLY D 121 20.59 -35.27 -26.41
CA GLY D 121 20.34 -36.38 -25.48
C GLY D 121 20.42 -35.95 -24.03
N THR D 122 20.40 -36.93 -23.13
CA THR D 122 20.37 -36.69 -21.66
C THR D 122 21.30 -35.56 -21.25
N SER D 123 20.76 -34.64 -20.47
CA SER D 123 21.61 -33.55 -19.91
C SER D 123 21.33 -33.43 -18.41
N PHE D 124 22.33 -32.99 -17.63
CA PHE D 124 22.19 -32.60 -16.21
C PHE D 124 22.99 -31.31 -15.97
N HIS D 125 22.27 -30.22 -15.71
CA HIS D 125 22.82 -28.90 -15.32
C HIS D 125 22.51 -28.69 -13.84
N PHE D 126 23.55 -28.41 -13.05
CA PHE D 126 23.50 -28.32 -11.58
C PHE D 126 24.55 -27.33 -11.09
N PHE D 127 24.19 -26.46 -10.15
CA PHE D 127 25.13 -25.54 -9.45
C PHE D 127 24.66 -25.37 -8.00
N SER D 128 25.60 -25.15 -7.09
CA SER D 128 25.37 -25.01 -5.62
C SER D 128 26.31 -23.94 -5.07
N VAL D 129 25.82 -23.12 -4.14
CA VAL D 129 26.63 -22.16 -3.34
C VAL D 129 26.38 -22.48 -1.87
N GLY D 130 27.44 -22.57 -1.06
CA GLY D 130 27.36 -23.02 0.35
C GLY D 130 28.56 -22.61 1.18
N GLY D 131 28.40 -22.60 2.50
CA GLY D 131 29.45 -22.23 3.47
C GLY D 131 30.19 -23.44 3.98
N GLU D 132 29.91 -24.60 3.39
CA GLU D 132 30.58 -25.89 3.68
C GLU D 132 30.41 -26.79 2.46
N ALA D 133 31.22 -27.83 2.36
CA ALA D 133 31.18 -28.82 1.26
C ALA D 133 29.75 -29.30 1.05
N LEU D 134 29.32 -29.41 -0.21
CA LEU D 134 27.99 -29.97 -0.57
C LEU D 134 27.89 -31.37 0.02
N GLU D 135 26.78 -31.69 0.69
CA GLU D 135 26.54 -33.01 1.30
C GLU D 135 25.79 -33.88 0.30
N LEU D 136 26.29 -35.10 0.06
CA LEU D 136 25.83 -36.03 -1.02
C LEU D 136 25.11 -37.23 -0.38
N GLN D 137 24.08 -37.73 -1.06
CA GLN D 137 23.41 -39.03 -0.78
C GLN D 137 23.63 -39.94 -1.98
N GLY D 138 23.90 -41.21 -1.74
CA GLY D 138 24.17 -42.19 -2.80
C GLY D 138 22.91 -42.88 -3.25
N VAL D 139 22.68 -42.91 -4.56
CA VAL D 139 21.64 -43.76 -5.21
C VAL D 139 22.26 -44.36 -6.47
N LEU D 140 22.18 -45.68 -6.63
CA LEU D 140 22.79 -46.43 -7.75
C LEU D 140 21.69 -46.94 -8.69
N PHE D 141 21.88 -46.79 -10.01
CA PHE D 141 20.96 -47.36 -11.02
C PHE D 141 21.01 -48.89 -10.92
N ASN D 142 22.22 -49.42 -10.92
CA ASN D 142 22.53 -50.87 -10.74
C ASN D 142 23.50 -50.98 -9.57
N TYR D 143 23.14 -51.68 -8.50
CA TYR D 143 23.92 -51.74 -7.23
C TYR D 143 25.20 -52.55 -7.45
N ARG D 144 25.21 -53.43 -8.45
CA ARG D 144 26.35 -54.34 -8.75
C ARG D 144 27.32 -53.63 -9.71
N THR D 145 27.04 -52.41 -10.16
CA THR D 145 27.99 -51.59 -10.95
C THR D 145 29.28 -51.50 -10.15
N LYS D 146 30.43 -51.80 -10.75
CA LYS D 146 31.76 -51.70 -10.07
C LYS D 146 32.46 -50.39 -10.47
N TYR D 147 32.41 -49.39 -9.59
CA TYR D 147 33.00 -48.04 -9.83
C TYR D 147 34.51 -48.15 -9.65
N PRO D 148 35.30 -47.45 -10.49
CA PRO D 148 36.73 -47.71 -10.61
C PRO D 148 37.58 -47.03 -9.54
N ASP D 149 38.73 -47.63 -9.21
CA ASP D 149 39.78 -47.02 -8.35
C ASP D 149 40.09 -45.60 -8.85
N GLY D 150 40.07 -44.62 -7.96
CA GLY D 150 40.32 -43.21 -8.28
C GLY D 150 39.08 -42.37 -8.08
N THR D 151 37.90 -42.98 -8.20
CA THR D 151 36.59 -42.36 -7.88
C THR D 151 36.21 -42.71 -6.43
N ILE D 152 35.38 -41.87 -5.82
CA ILE D 152 34.74 -42.09 -4.48
C ILE D 152 33.26 -42.34 -4.76
N PHE D 153 32.74 -43.47 -4.31
CA PHE D 153 31.40 -44.00 -4.69
C PHE D 153 30.75 -44.66 -3.48
N PRO D 154 29.43 -44.91 -3.50
CA PRO D 154 28.77 -45.70 -2.47
C PRO D 154 29.48 -47.03 -2.15
N LYS D 155 30.01 -47.14 -0.94
CA LYS D 155 30.71 -48.34 -0.42
C LYS D 155 29.66 -49.32 0.14
N ASN D 156 29.93 -50.62 0.10
CA ASN D 156 29.04 -51.67 0.66
C ASN D 156 27.64 -51.55 0.07
N ALA D 157 27.53 -51.43 -1.26
CA ALA D 157 26.26 -51.32 -1.99
C ALA D 157 25.45 -52.60 -1.74
N THR D 158 24.25 -52.45 -1.16
CA THR D 158 23.25 -53.55 -0.98
C THR D 158 22.17 -53.39 -2.05
N VAL D 159 21.24 -54.34 -2.09
CA VAL D 159 20.06 -54.31 -3.00
C VAL D 159 19.32 -52.98 -2.80
N GLN D 160 19.16 -52.52 -1.56
CA GLN D 160 18.36 -51.31 -1.20
C GLN D 160 19.07 -50.04 -1.68
N SER D 161 20.31 -50.14 -2.14
CA SER D 161 21.11 -48.99 -2.66
C SER D 161 20.46 -48.44 -3.95
N GLN D 162 19.68 -49.26 -4.67
CA GLN D 162 19.05 -48.90 -5.97
C GLN D 162 17.86 -47.96 -5.75
N VAL D 163 17.32 -47.84 -4.52
CA VAL D 163 16.18 -46.94 -4.23
C VAL D 163 16.55 -45.93 -3.14
N MET D 164 17.13 -46.38 -2.02
CA MET D 164 17.59 -45.49 -0.92
C MET D 164 18.29 -46.28 0.19
N ASN D 165 19.58 -46.03 0.39
CA ASN D 165 20.43 -46.63 1.46
C ASN D 165 21.12 -45.49 2.21
N THR D 166 20.73 -45.25 3.47
CA THR D 166 21.16 -44.08 4.26
C THR D 166 22.64 -44.20 4.67
N GLU D 167 23.25 -45.36 4.48
CA GLU D 167 24.69 -45.57 4.76
C GLU D 167 25.52 -44.73 3.77
N HIS D 168 25.00 -44.47 2.55
CA HIS D 168 25.75 -43.82 1.44
C HIS D 168 25.72 -42.31 1.58
N LYS D 169 26.39 -41.76 2.59
CA LYS D 169 26.52 -40.31 2.84
C LYS D 169 27.96 -39.91 2.53
N ALA D 170 28.17 -38.75 1.93
CA ALA D 170 29.51 -38.25 1.57
C ALA D 170 29.50 -36.73 1.48
N TYR D 171 30.69 -36.13 1.48
CA TYR D 171 30.96 -34.69 1.24
C TYR D 171 31.68 -34.56 -0.10
N LEU D 172 31.16 -33.68 -0.97
CA LEU D 172 31.81 -33.29 -2.24
C LEU D 172 33.02 -32.42 -1.90
N ASP D 173 34.14 -33.06 -1.56
CA ASP D 173 35.35 -32.43 -0.98
C ASP D 173 36.55 -32.70 -1.90
N LYS D 174 36.32 -33.09 -3.15
CA LYS D 174 37.41 -33.44 -4.10
C LYS D 174 36.93 -33.41 -5.56
N ASN D 175 37.84 -33.03 -6.45
CA ASN D 175 37.59 -32.93 -7.91
CA ASN D 175 37.66 -32.90 -7.93
C ASN D 175 37.95 -34.25 -8.61
N LYS D 176 37.27 -34.54 -9.71
CA LYS D 176 37.50 -35.75 -10.56
C LYS D 176 37.30 -37.03 -9.74
N ALA D 177 36.42 -37.02 -8.73
CA ALA D 177 36.31 -38.11 -7.73
C ALA D 177 34.87 -38.62 -7.60
N TYR D 178 33.88 -37.73 -7.42
CA TYR D 178 32.48 -38.12 -7.14
C TYR D 178 31.73 -38.24 -8.46
N PRO D 179 31.49 -39.46 -8.98
CA PRO D 179 30.78 -39.62 -10.24
C PRO D 179 29.35 -39.08 -10.14
N VAL D 180 28.86 -38.47 -11.22
CA VAL D 180 27.52 -37.79 -11.22
C VAL D 180 26.44 -38.81 -10.96
N GLU D 181 26.54 -40.02 -11.54
CA GLU D 181 25.44 -41.02 -11.57
C GLU D 181 25.29 -41.77 -10.23
N CYS D 182 26.22 -41.60 -9.28
CA CYS D 182 26.17 -42.27 -7.94
C CYS D 182 25.56 -41.36 -6.88
N TRP D 183 25.77 -40.05 -7.04
CA TRP D 183 25.58 -39.04 -5.96
C TRP D 183 24.54 -38.02 -6.39
N VAL D 184 23.68 -37.63 -5.45
CA VAL D 184 22.80 -36.44 -5.54
C VAL D 184 22.98 -35.62 -4.28
N PRO D 185 22.64 -34.32 -4.28
CA PRO D 185 22.57 -33.55 -3.05
C PRO D 185 21.64 -34.25 -2.05
N ASP D 186 22.13 -34.46 -0.83
CA ASP D 186 21.38 -35.05 0.31
C ASP D 186 20.34 -34.04 0.81
N PRO D 187 19.04 -34.29 0.59
CA PRO D 187 18.02 -33.33 1.03
C PRO D 187 17.77 -33.34 2.54
N THR D 188 18.36 -34.32 3.27
CA THR D 188 18.24 -34.41 4.75
C THR D 188 19.24 -33.46 5.43
N ARG D 189 20.29 -33.04 4.72
CA ARG D 189 21.29 -32.07 5.23
CA ARG D 189 21.31 -32.08 5.21
C ARG D 189 21.28 -30.83 4.32
N ASN D 190 22.42 -30.20 4.10
CA ASN D 190 22.61 -29.04 3.19
C ASN D 190 21.82 -27.82 3.70
N GLU D 191 21.70 -27.67 5.02
CA GLU D 191 21.05 -26.49 5.64
C GLU D 191 21.82 -25.22 5.25
N ASN D 192 23.15 -25.31 5.08
CA ASN D 192 24.06 -24.17 4.87
C ASN D 192 24.48 -24.09 3.41
N THR D 193 23.73 -24.73 2.51
CA THR D 193 23.97 -24.71 1.03
C THR D 193 22.65 -24.45 0.30
N ARG D 194 22.69 -23.67 -0.79
CA ARG D 194 21.58 -23.57 -1.77
C ARG D 194 22.01 -24.31 -3.04
N TYR D 195 21.25 -25.33 -3.45
CA TYR D 195 21.54 -26.13 -4.67
C TYR D 195 20.35 -26.10 -5.62
N PHE D 196 20.66 -26.14 -6.90
CA PHE D 196 19.71 -26.10 -8.03
C PHE D 196 20.22 -27.07 -9.10
N GLY D 197 19.35 -27.97 -9.57
CA GLY D 197 19.70 -28.99 -10.57
C GLY D 197 18.51 -29.38 -11.42
N THR D 198 18.76 -29.68 -12.68
CA THR D 198 17.73 -30.16 -13.64
C THR D 198 18.31 -31.30 -14.49
N LEU D 199 17.73 -32.49 -14.38
CA LEU D 199 18.00 -33.60 -15.33
C LEU D 199 16.92 -33.58 -16.39
N THR D 200 17.32 -33.38 -17.65
CA THR D 200 16.44 -33.53 -18.84
C THR D 200 16.92 -34.75 -19.61
N GLY D 201 16.43 -35.94 -19.21
CA GLY D 201 16.77 -37.24 -19.80
C GLY D 201 16.09 -37.44 -21.13
N GLY D 202 16.35 -38.55 -21.81
CA GLY D 202 15.88 -38.85 -23.19
C GLY D 202 17.05 -38.91 -24.16
N GLU D 203 16.87 -39.52 -25.34
CA GLU D 203 18.00 -39.88 -26.24
C GLU D 203 18.22 -38.78 -27.28
N ASN D 204 17.17 -38.06 -27.69
CA ASN D 204 17.21 -37.06 -28.78
C ASN D 204 16.85 -35.68 -28.25
N VAL D 205 16.97 -35.47 -26.94
CA VAL D 205 16.47 -34.24 -26.25
C VAL D 205 17.29 -33.06 -26.74
N PRO D 206 16.64 -31.94 -27.14
CA PRO D 206 17.36 -30.73 -27.50
C PRO D 206 17.90 -30.01 -26.26
N PRO D 207 19.21 -29.65 -26.24
CA PRO D 207 19.74 -28.69 -25.28
C PRO D 207 19.03 -27.33 -25.42
N VAL D 208 18.63 -26.74 -24.31
CA VAL D 208 18.07 -25.35 -24.25
C VAL D 208 18.89 -24.59 -23.21
N LEU D 209 19.85 -23.80 -23.67
CA LEU D 209 20.81 -23.03 -22.83
C LEU D 209 20.58 -21.53 -23.05
N HIS D 210 20.18 -20.81 -22.00
CA HIS D 210 20.03 -19.34 -22.03
C HIS D 210 21.28 -18.73 -21.40
N ILE D 211 21.73 -17.61 -21.95
CA ILE D 211 22.86 -16.80 -21.40
C ILE D 211 22.38 -15.35 -21.26
N THR D 212 22.68 -14.73 -20.12
CA THR D 212 22.41 -13.29 -19.84
C THR D 212 23.23 -12.86 -18.62
N ASN D 213 23.64 -11.60 -18.58
CA ASN D 213 24.30 -11.00 -17.40
C ASN D 213 23.30 -10.15 -16.62
N THR D 214 21.99 -10.34 -16.83
CA THR D 214 20.90 -9.54 -16.20
C THR D 214 20.14 -10.36 -15.15
N ALA D 215 20.48 -11.64 -14.98
CA ALA D 215 19.74 -12.59 -14.11
C ALA D 215 20.53 -12.85 -12.83
N THR D 216 19.89 -12.69 -11.68
CA THR D 216 20.48 -12.81 -10.32
C THR D 216 19.61 -13.75 -9.47
N THR D 217 20.21 -14.76 -8.84
CA THR D 217 19.55 -15.66 -7.85
C THR D 217 19.84 -15.14 -6.44
N VAL D 218 18.81 -14.95 -5.62
CA VAL D 218 18.98 -14.55 -4.19
C VAL D 218 19.11 -15.83 -3.35
N LEU D 219 20.15 -15.91 -2.50
CA LEU D 219 20.55 -17.15 -1.76
C LEU D 219 20.00 -17.13 -0.33
N LEU D 220 19.31 -16.06 0.08
CA LEU D 220 18.72 -15.92 1.44
C LEU D 220 17.60 -16.96 1.60
N ASP D 221 17.46 -17.52 2.79
CA ASP D 221 16.37 -18.48 3.13
C ASP D 221 15.13 -17.67 3.54
N GLU D 222 14.10 -18.34 4.07
CA GLU D 222 12.80 -17.73 4.43
C GLU D 222 12.99 -16.77 5.61
N PHE D 223 14.08 -16.89 6.37
CA PHE D 223 14.43 -16.02 7.53
C PHE D 223 15.38 -14.87 7.11
N GLY D 224 15.73 -14.76 5.83
CA GLY D 224 16.59 -13.69 5.29
C GLY D 224 18.06 -13.95 5.55
N VAL D 225 18.43 -15.21 5.83
CA VAL D 225 19.84 -15.62 6.10
C VAL D 225 20.34 -16.45 4.92
N GLY D 226 21.49 -16.09 4.36
CA GLY D 226 22.16 -16.83 3.29
C GLY D 226 23.16 -17.82 3.87
N PRO D 227 23.82 -18.65 3.03
CA PRO D 227 24.90 -19.52 3.48
C PRO D 227 26.00 -18.78 4.24
N LEU D 228 26.38 -19.28 5.42
CA LEU D 228 27.45 -18.70 6.29
C LEU D 228 28.74 -19.51 6.09
N CYS D 229 29.77 -18.87 5.55
CA CYS D 229 31.06 -19.48 5.18
C CYS D 229 31.90 -19.75 6.44
N LYS D 230 31.85 -20.99 6.91
CA LYS D 230 32.70 -21.52 8.01
C LYS D 230 34.16 -21.51 7.57
N GLY D 231 35.06 -21.08 8.46
CA GLY D 231 36.50 -20.99 8.18
C GLY D 231 36.81 -20.03 7.04
N ASP D 232 35.92 -19.08 6.76
CA ASP D 232 36.10 -18.04 5.71
C ASP D 232 36.30 -18.73 4.34
N ASN D 233 35.52 -19.77 4.05
CA ASN D 233 35.61 -20.54 2.78
C ASN D 233 34.22 -20.62 2.13
N LEU D 234 34.12 -20.22 0.87
CA LEU D 234 32.91 -20.37 0.03
C LEU D 234 33.08 -21.64 -0.82
N TYR D 235 32.04 -22.48 -0.89
CA TYR D 235 32.05 -23.76 -1.64
C TYR D 235 31.11 -23.68 -2.84
N LEU D 236 31.70 -23.54 -4.04
CA LEU D 236 30.98 -23.59 -5.34
C LEU D 236 31.09 -25.01 -5.89
N SER D 237 30.00 -25.55 -6.41
CA SER D 237 29.91 -26.93 -6.94
C SER D 237 28.99 -26.90 -8.17
N ALA D 238 29.32 -27.69 -9.21
CA ALA D 238 28.65 -27.63 -10.53
C ALA D 238 28.78 -28.95 -11.29
N VAL D 239 27.76 -29.26 -12.08
CA VAL D 239 27.76 -30.29 -13.15
C VAL D 239 27.07 -29.65 -14.36
N ASP D 240 27.67 -29.76 -15.56
CA ASP D 240 27.01 -29.30 -16.81
C ASP D 240 27.30 -30.28 -17.94
N VAL D 241 26.68 -31.45 -17.87
CA VAL D 241 26.62 -32.45 -18.96
C VAL D 241 25.57 -31.94 -19.94
N CYS D 242 26.01 -31.38 -21.08
CA CYS D 242 25.14 -30.67 -22.05
C CYS D 242 24.37 -31.67 -22.90
N GLY D 243 24.86 -32.91 -22.96
CA GLY D 243 24.30 -33.99 -23.78
C GLY D 243 25.41 -34.87 -24.32
N MET D 244 25.20 -35.50 -25.47
CA MET D 244 26.16 -36.48 -26.02
C MET D 244 26.55 -36.09 -27.44
N PHE D 245 27.83 -36.30 -27.76
CA PHE D 245 28.40 -36.12 -29.12
C PHE D 245 28.48 -37.49 -29.80
N THR D 246 27.79 -37.66 -30.92
CA THR D 246 27.88 -38.86 -31.78
C THR D 246 28.95 -38.59 -32.85
N ASN D 247 30.00 -39.41 -32.90
CA ASN D 247 31.07 -39.28 -33.92
C ASN D 247 30.78 -40.27 -35.07
N ARG D 248 31.56 -40.20 -36.15
CA ARG D 248 31.32 -40.88 -37.45
C ARG D 248 30.91 -42.34 -37.22
N SER D 249 31.65 -43.05 -36.37
CA SER D 249 31.51 -44.50 -36.09
C SER D 249 30.17 -44.82 -35.41
N GLY D 250 29.49 -43.81 -34.86
CA GLY D 250 28.22 -43.98 -34.14
C GLY D 250 28.40 -43.92 -32.63
N SER D 251 29.63 -44.10 -32.12
CA SER D 251 29.90 -44.10 -30.66
CA SER D 251 29.90 -44.10 -30.66
C SER D 251 29.56 -42.71 -30.09
N GLN D 252 29.13 -42.69 -28.83
CA GLN D 252 28.60 -41.47 -28.16
C GLN D 252 29.44 -41.17 -26.90
N GLN D 253 29.85 -39.91 -26.76
CA GLN D 253 30.60 -39.36 -25.61
C GLN D 253 29.78 -38.24 -24.98
N TRP D 254 29.78 -38.13 -23.66
CA TRP D 254 29.26 -36.94 -22.95
C TRP D 254 30.08 -35.74 -23.39
N ARG D 255 29.44 -34.58 -23.55
CA ARG D 255 30.12 -33.27 -23.72
C ARG D 255 29.63 -32.36 -22.60
N GLY D 256 30.56 -31.66 -21.95
CA GLY D 256 30.27 -30.70 -20.87
C GLY D 256 30.89 -29.35 -21.15
N LEU D 257 30.49 -28.34 -20.37
CA LEU D 257 31.02 -26.96 -20.47
C LEU D 257 31.30 -26.41 -19.07
N SER D 258 32.19 -25.42 -19.00
CA SER D 258 32.52 -24.70 -17.75
C SER D 258 31.32 -23.87 -17.29
N ARG D 259 31.32 -23.47 -16.02
CA ARG D 259 30.24 -22.65 -15.42
C ARG D 259 30.88 -21.47 -14.71
N TYR D 260 30.45 -20.27 -15.08
CA TYR D 260 30.78 -19.00 -14.39
C TYR D 260 29.95 -18.90 -13.11
N PHE D 261 30.61 -18.44 -12.04
CA PHE D 261 30.00 -18.06 -10.74
C PHE D 261 30.42 -16.64 -10.41
N LYS D 262 29.48 -15.84 -9.90
CA LYS D 262 29.75 -14.54 -9.23
C LYS D 262 28.87 -14.46 -7.99
N VAL D 263 29.49 -14.44 -6.82
CA VAL D 263 28.77 -14.44 -5.52
C VAL D 263 29.09 -13.14 -4.80
N GLN D 264 28.05 -12.39 -4.42
CA GLN D 264 28.18 -11.21 -3.53
CA GLN D 264 28.17 -11.21 -3.53
C GLN D 264 27.97 -11.71 -2.09
N LEU D 265 28.96 -11.44 -1.22
CA LEU D 265 28.93 -11.83 0.21
C LEU D 265 28.97 -10.55 1.07
N ARG D 266 28.42 -10.63 2.28
CA ARG D 266 28.42 -9.53 3.28
C ARG D 266 28.78 -10.09 4.66
N LYS D 267 29.40 -9.27 5.50
CA LYS D 267 29.81 -9.65 6.87
C LYS D 267 28.56 -9.72 7.75
N ARG D 268 28.45 -10.80 8.52
CA ARG D 268 27.32 -11.05 9.46
C ARG D 268 27.87 -11.47 10.82
N ARG D 269 27.39 -10.85 11.91
CA ARG D 269 27.78 -11.23 13.28
C ARG D 269 26.92 -12.43 13.70
N VAL D 270 27.54 -13.39 14.37
CA VAL D 270 26.87 -14.60 14.93
C VAL D 270 27.38 -14.79 16.35
N LYS D 271 26.78 -15.71 17.12
CA LYS D 271 27.13 -15.94 18.55
C LYS D 271 27.46 -17.41 18.77
N ASN D 272 28.20 -17.71 19.85
CA ASN D 272 28.81 -19.05 20.15
C ASN D 272 30.03 -19.25 19.24
N VAL E 7 33.78 6.22 -12.84
CA VAL E 7 32.60 7.00 -13.36
C VAL E 7 31.51 6.98 -12.29
N GLU E 8 31.52 7.95 -11.37
CA GLU E 8 30.45 8.13 -10.34
C GLU E 8 29.21 8.68 -11.06
N VAL E 9 28.12 7.91 -11.11
CA VAL E 9 26.86 8.25 -11.84
C VAL E 9 26.02 9.17 -10.96
N LEU E 10 25.55 10.30 -11.51
CA LEU E 10 24.75 11.32 -10.79
C LEU E 10 23.37 11.43 -11.45
N GLU E 11 22.76 12.63 -11.40
CA GLU E 11 21.32 12.85 -11.73
C GLU E 11 21.09 12.75 -13.23
N VAL E 12 19.87 12.34 -13.62
CA VAL E 12 19.40 12.26 -15.03
C VAL E 12 18.92 13.65 -15.45
N LYS E 13 19.25 14.07 -16.67
CA LYS E 13 18.78 15.36 -17.24
C LYS E 13 17.33 15.20 -17.69
N THR E 14 16.48 16.19 -17.40
CA THR E 14 15.08 16.26 -17.88
C THR E 14 14.96 17.45 -18.84
N GLY E 15 13.82 17.59 -19.50
CA GLY E 15 13.57 18.64 -20.51
C GLY E 15 13.28 18.01 -21.86
N VAL E 16 12.85 18.83 -22.83
CA VAL E 16 12.48 18.40 -24.22
C VAL E 16 13.66 17.64 -24.84
N ASP E 17 14.88 18.20 -24.71
CA ASP E 17 16.09 17.81 -25.47
C ASP E 17 16.96 16.82 -24.68
N SER E 18 16.41 16.22 -23.62
CA SER E 18 17.16 15.38 -22.65
C SER E 18 17.13 13.91 -23.08
N ILE E 19 16.42 13.59 -24.16
CA ILE E 19 16.05 12.20 -24.54
C ILE E 19 16.23 12.05 -26.05
N THR E 20 16.72 10.90 -26.52
CA THR E 20 16.91 10.60 -27.96
C THR E 20 16.57 9.13 -28.21
N GLU E 21 16.51 8.75 -29.48
CA GLU E 21 16.03 7.43 -29.95
C GLU E 21 16.98 6.94 -31.06
N VAL E 22 17.33 5.67 -31.03
CA VAL E 22 18.16 5.01 -32.09
C VAL E 22 17.39 3.81 -32.62
N GLU E 23 17.19 3.76 -33.92
CA GLU E 23 16.36 2.76 -34.64
C GLU E 23 17.21 2.25 -35.81
N CYS E 24 17.46 0.95 -35.87
CA CYS E 24 18.19 0.34 -37.02
C CYS E 24 17.94 -1.17 -37.07
N PHE E 25 18.36 -1.81 -38.17
CA PHE E 25 18.36 -3.28 -38.38
C PHE E 25 19.80 -3.75 -38.57
N LEU E 26 20.13 -4.94 -38.09
CA LEU E 26 21.43 -5.61 -38.33
C LEU E 26 21.19 -6.81 -39.23
N THR E 27 21.78 -6.83 -40.42
CA THR E 27 21.69 -7.96 -41.36
C THR E 27 22.50 -9.11 -40.81
N PRO E 28 22.11 -10.37 -41.06
CA PRO E 28 22.85 -11.53 -40.56
C PRO E 28 24.06 -11.85 -41.43
N GLU E 29 25.16 -12.26 -40.81
CA GLU E 29 26.39 -12.75 -41.49
C GLU E 29 26.43 -14.27 -41.36
N MET E 30 25.70 -14.97 -42.23
CA MET E 30 25.60 -16.45 -42.18
C MET E 30 26.75 -17.08 -42.96
N GLY E 31 27.42 -16.33 -43.84
CA GLY E 31 28.59 -16.82 -44.60
C GLY E 31 28.56 -16.36 -46.05
N ASP E 32 27.38 -16.42 -46.67
CA ASP E 32 27.08 -15.82 -48.00
C ASP E 32 27.99 -16.47 -49.06
N PRO E 33 27.78 -17.77 -49.39
CA PRO E 33 28.66 -18.49 -50.30
C PRO E 33 28.65 -17.98 -51.75
N ASP E 34 27.49 -17.55 -52.25
CA ASP E 34 27.38 -16.73 -53.50
C ASP E 34 26.19 -15.78 -53.34
N GLU E 35 26.03 -14.83 -54.27
CA GLU E 35 25.03 -13.73 -54.13
C GLU E 35 23.63 -14.34 -54.06
N HIS E 36 23.36 -15.39 -54.83
CA HIS E 36 22.06 -16.09 -54.83
C HIS E 36 21.69 -16.55 -53.42
N LEU E 37 22.66 -16.75 -52.52
CA LEU E 37 22.46 -17.34 -51.16
C LEU E 37 22.85 -16.35 -50.06
N ARG E 38 22.50 -15.07 -50.22
CA ARG E 38 22.70 -14.02 -49.18
C ARG E 38 21.82 -14.38 -47.98
N GLY E 39 22.41 -14.44 -46.78
CA GLY E 39 21.69 -14.80 -45.53
C GLY E 39 21.64 -16.30 -45.31
N PHE E 40 22.28 -17.09 -46.19
CA PHE E 40 22.56 -18.53 -46.00
C PHE E 40 24.07 -18.73 -45.78
N SER E 41 24.44 -19.82 -45.10
CA SER E 41 25.84 -20.31 -45.05
C SER E 41 26.08 -21.20 -46.28
N LYS E 42 27.34 -21.57 -46.52
CA LYS E 42 27.68 -22.65 -47.47
C LYS E 42 27.13 -23.97 -46.91
N SER E 43 26.89 -24.96 -47.78
CA SER E 43 26.59 -26.36 -47.38
CA SER E 43 26.59 -26.36 -47.38
C SER E 43 27.65 -26.82 -46.39
N ILE E 44 27.24 -27.54 -45.34
CA ILE E 44 28.16 -27.95 -44.25
C ILE E 44 28.86 -29.27 -44.62
N SER E 45 30.18 -29.22 -44.78
CA SER E 45 31.11 -30.38 -44.87
C SER E 45 31.39 -30.90 -43.45
N ILE E 46 31.43 -32.21 -43.29
CA ILE E 46 31.92 -32.89 -42.04
C ILE E 46 33.35 -33.36 -42.29
N SER E 47 34.28 -33.02 -41.39
CA SER E 47 35.71 -33.41 -41.51
C SER E 47 35.88 -34.90 -41.19
N ASP E 48 36.98 -35.49 -41.67
CA ASP E 48 37.29 -36.93 -41.48
C ASP E 48 37.67 -37.19 -40.02
N THR E 49 38.53 -36.32 -39.45
CA THR E 49 39.01 -36.41 -38.04
C THR E 49 38.97 -35.01 -37.40
N PHE E 50 39.16 -34.95 -36.09
CA PHE E 50 39.28 -33.68 -35.31
C PHE E 50 40.53 -32.93 -35.78
N GLU E 51 41.62 -33.64 -36.07
CA GLU E 51 42.93 -33.00 -36.36
CA GLU E 51 42.93 -33.01 -36.37
C GLU E 51 42.93 -32.41 -37.79
N SER E 52 42.03 -32.88 -38.67
CA SER E 52 41.91 -32.37 -40.07
C SER E 52 40.57 -31.67 -40.29
N ASP E 53 40.25 -30.68 -39.44
CA ASP E 53 39.00 -29.89 -39.51
C ASP E 53 39.37 -28.44 -39.86
N SER E 54 39.14 -28.05 -41.12
CA SER E 54 39.59 -26.75 -41.69
CA SER E 54 39.59 -26.75 -41.69
C SER E 54 38.44 -26.14 -42.48
N PRO E 55 37.42 -25.55 -41.80
CA PRO E 55 36.20 -25.11 -42.48
C PRO E 55 36.42 -23.91 -43.41
N ASN E 56 35.63 -23.88 -44.48
CA ASN E 56 35.55 -22.77 -45.46
C ASN E 56 34.99 -21.54 -44.75
N ARG E 57 35.47 -20.34 -45.07
CA ARG E 57 35.05 -19.10 -44.36
C ARG E 57 33.55 -18.88 -44.55
N ASP E 58 33.01 -19.18 -45.73
CA ASP E 58 31.57 -18.93 -46.05
C ASP E 58 30.70 -20.02 -45.41
N MET E 59 31.26 -20.88 -44.56
CA MET E 59 30.53 -21.96 -43.83
C MET E 59 30.31 -21.57 -42.37
N LEU E 60 30.90 -20.46 -41.92
CA LEU E 60 30.90 -20.03 -40.49
C LEU E 60 30.05 -18.77 -40.34
N PRO E 61 28.83 -18.88 -39.77
CA PRO E 61 28.10 -17.71 -39.30
C PRO E 61 28.96 -16.91 -38.31
N CYS E 62 28.78 -15.58 -38.32
CA CYS E 62 29.56 -14.61 -37.50
C CYS E 62 28.62 -13.68 -36.71
N TYR E 63 29.09 -13.17 -35.57
CA TYR E 63 28.43 -12.09 -34.80
C TYR E 63 28.29 -10.86 -35.71
N SER E 64 27.09 -10.27 -35.72
CA SER E 64 26.79 -8.97 -36.35
C SER E 64 26.99 -7.88 -35.29
N VAL E 65 27.49 -6.71 -35.69
CA VAL E 65 27.74 -5.57 -34.78
C VAL E 65 27.51 -4.26 -35.54
N ALA E 66 26.94 -3.27 -34.84
CA ALA E 66 26.70 -1.91 -35.33
C ALA E 66 27.19 -0.92 -34.27
N ARG E 67 27.99 0.05 -34.69
CA ARG E 67 28.46 1.16 -33.83
C ARG E 67 27.78 2.43 -34.29
N ILE E 68 26.80 2.91 -33.52
CA ILE E 68 25.92 4.04 -33.93
C ILE E 68 26.36 5.28 -33.18
N PRO E 69 26.85 6.32 -33.88
CA PRO E 69 27.11 7.61 -33.25
C PRO E 69 25.82 8.27 -32.78
N LEU E 70 25.84 8.83 -31.57
CA LEU E 70 24.72 9.57 -30.93
C LEU E 70 25.02 11.06 -30.99
N PRO E 71 24.01 11.94 -30.84
CA PRO E 71 24.25 13.38 -30.76
C PRO E 71 25.43 13.74 -29.85
N ASN E 72 26.31 14.63 -30.32
CA ASN E 72 27.50 15.09 -29.57
C ASN E 72 27.01 15.84 -28.33
N LEU E 73 27.64 15.63 -27.17
CA LEU E 73 27.13 16.11 -25.85
C LEU E 73 28.03 17.18 -25.22
N ASN E 74 29.34 16.92 -25.18
CA ASN E 74 30.33 17.54 -24.25
C ASN E 74 31.57 18.02 -25.03
N ILE E 82 29.84 16.99 -17.42
CA ILE E 82 30.22 15.83 -18.28
C ILE E 82 29.01 14.90 -18.45
N LEU E 83 28.32 14.98 -19.59
CA LEU E 83 27.09 14.18 -19.88
C LEU E 83 27.45 12.96 -20.73
N MET E 84 26.75 11.85 -20.53
CA MET E 84 26.82 10.63 -21.36
C MET E 84 25.42 10.15 -21.69
N TRP E 85 25.21 9.60 -22.88
CA TRP E 85 23.93 8.96 -23.26
C TRP E 85 23.79 7.65 -22.48
N GLU E 86 22.66 7.46 -21.81
CA GLU E 86 22.34 6.24 -21.03
C GLU E 86 21.21 5.50 -21.75
N ALA E 87 21.47 4.25 -22.18
CA ALA E 87 20.47 3.36 -22.82
C ALA E 87 19.50 2.85 -21.75
N VAL E 88 18.20 3.14 -21.90
CA VAL E 88 17.16 2.85 -20.86
C VAL E 88 16.31 1.65 -21.29
N THR E 89 15.67 1.71 -22.47
CA THR E 89 14.74 0.66 -22.95
C THR E 89 15.12 0.23 -24.36
N LEU E 90 14.95 -1.06 -24.64
CA LEU E 90 15.17 -1.72 -25.96
C LEU E 90 13.83 -2.30 -26.42
N LYS E 91 13.50 -2.13 -27.71
CA LYS E 91 12.53 -2.98 -28.44
C LYS E 91 13.32 -3.69 -29.54
N THR E 92 13.14 -4.99 -29.69
CA THR E 92 13.82 -5.78 -30.75
C THR E 92 12.88 -6.87 -31.24
N GLU E 93 12.97 -7.23 -32.52
CA GLU E 93 12.35 -8.46 -33.08
C GLU E 93 13.11 -8.90 -34.34
N VAL E 94 12.95 -10.17 -34.69
CA VAL E 94 13.51 -10.81 -35.92
C VAL E 94 12.66 -10.37 -37.11
N ILE E 95 13.30 -9.86 -38.18
CA ILE E 95 12.59 -9.33 -39.38
C ILE E 95 12.56 -10.43 -40.45
N GLY E 96 11.35 -10.89 -40.79
CA GLY E 96 11.11 -11.82 -41.90
C GLY E 96 10.89 -13.24 -41.44
N VAL E 97 10.21 -13.42 -40.31
CA VAL E 97 9.93 -14.75 -39.71
C VAL E 97 9.04 -15.55 -40.65
N THR E 98 8.15 -14.90 -41.40
CA THR E 98 7.19 -15.57 -42.33
C THR E 98 7.94 -16.12 -43.55
N SER E 99 9.15 -15.65 -43.84
CA SER E 99 9.96 -16.16 -44.98
C SER E 99 10.23 -17.66 -44.80
N LEU E 100 10.17 -18.17 -43.57
CA LEU E 100 10.46 -19.60 -43.23
C LEU E 100 9.25 -20.47 -43.58
N MET E 101 8.22 -19.90 -44.20
CA MET E 101 7.07 -20.67 -44.75
C MET E 101 7.23 -20.87 -46.26
N ASN E 102 8.35 -20.42 -46.86
CA ASN E 102 8.69 -20.76 -48.27
C ASN E 102 9.23 -22.18 -48.25
N VAL E 103 8.34 -23.13 -48.50
CA VAL E 103 8.57 -24.59 -48.37
C VAL E 103 8.37 -25.23 -49.77
N HIS E 104 8.56 -24.42 -50.82
CA HIS E 104 8.28 -24.75 -52.24
C HIS E 104 9.48 -24.43 -53.14
N SER E 105 10.61 -24.02 -52.54
CA SER E 105 11.77 -23.41 -53.23
C SER E 105 13.02 -24.24 -52.97
N ASN E 106 13.26 -25.26 -53.82
CA ASN E 106 14.54 -26.00 -53.93
C ASN E 106 14.79 -26.85 -52.67
N GLY E 107 13.74 -27.20 -51.91
CA GLY E 107 13.85 -28.01 -50.68
C GLY E 107 13.87 -29.50 -50.98
N GLN E 108 14.07 -30.31 -49.94
CA GLN E 108 13.98 -31.79 -49.97
C GLN E 108 12.60 -32.19 -49.46
N ALA E 109 11.85 -33.00 -50.21
CA ALA E 109 10.48 -33.45 -49.85
C ALA E 109 10.55 -34.21 -48.52
N THR E 110 9.61 -33.91 -47.61
CA THR E 110 9.40 -34.60 -46.31
C THR E 110 9.24 -36.09 -46.60
N HIS E 111 8.40 -36.43 -47.59
CA HIS E 111 8.14 -37.81 -48.07
C HIS E 111 7.67 -37.75 -49.52
N ASP E 112 7.34 -38.87 -50.15
CA ASP E 112 6.84 -38.92 -51.55
C ASP E 112 5.71 -37.89 -51.70
N ASN E 113 5.83 -37.00 -52.70
CA ASN E 113 4.80 -36.00 -53.12
C ASN E 113 4.62 -34.93 -52.04
N GLY E 114 5.40 -34.99 -50.96
CA GLY E 114 5.24 -34.09 -49.80
C GLY E 114 5.76 -32.70 -50.11
N ALA E 115 5.42 -31.73 -49.27
CA ALA E 115 5.93 -30.35 -49.34
C ALA E 115 7.40 -30.38 -48.94
N GLY E 116 8.11 -29.29 -49.20
CA GLY E 116 9.53 -29.14 -48.83
C GLY E 116 9.73 -29.30 -47.33
N LYS E 117 10.95 -29.65 -46.92
CA LYS E 117 11.35 -29.68 -45.49
C LYS E 117 11.57 -28.24 -45.07
N PRO E 118 10.94 -27.76 -43.99
CA PRO E 118 11.07 -26.36 -43.57
C PRO E 118 12.42 -26.16 -42.88
N VAL E 119 12.88 -24.92 -42.74
CA VAL E 119 14.09 -24.58 -41.94
C VAL E 119 13.85 -25.07 -40.51
N GLN E 120 14.77 -25.85 -39.96
CA GLN E 120 14.66 -26.43 -38.59
C GLN E 120 16.06 -26.80 -38.10
N GLY E 121 16.16 -27.30 -36.86
CA GLY E 121 17.44 -27.72 -36.25
C GLY E 121 18.04 -26.62 -35.41
N THR E 122 19.30 -26.83 -35.01
CA THR E 122 20.04 -25.92 -34.11
C THR E 122 19.82 -24.46 -34.43
N SER E 123 19.46 -23.70 -33.41
CA SER E 123 19.29 -22.24 -33.59
C SER E 123 20.02 -21.51 -32.46
N PHE E 124 20.51 -20.29 -32.72
CA PHE E 124 21.07 -19.38 -31.70
C PHE E 124 20.58 -17.96 -31.99
N HIS E 125 19.69 -17.44 -31.13
CA HIS E 125 19.16 -16.05 -31.15
C HIS E 125 19.78 -15.27 -29.99
N PHE E 126 20.43 -14.16 -30.31
CA PHE E 126 21.24 -13.34 -29.39
C PHE E 126 21.20 -11.87 -29.83
N PHE E 127 21.06 -10.97 -28.85
CA PHE E 127 21.15 -9.50 -29.05
C PHE E 127 21.74 -8.87 -27.80
N SER E 128 22.45 -7.76 -27.97
CA SER E 128 23.16 -7.02 -26.89
C SER E 128 23.01 -5.52 -27.16
N VAL E 129 22.85 -4.72 -26.10
CA VAL E 129 22.96 -3.23 -26.12
C VAL E 129 24.01 -2.83 -25.09
N GLY E 130 24.91 -1.92 -25.45
CA GLY E 130 26.06 -1.53 -24.59
C GLY E 130 26.65 -0.19 -24.97
N GLY E 131 27.43 0.40 -24.07
CA GLY E 131 28.13 1.70 -24.28
C GLY E 131 29.56 1.50 -24.72
N GLU E 132 29.94 0.25 -25.01
CA GLU E 132 31.25 -0.15 -25.56
C GLU E 132 31.11 -1.49 -26.28
N ALA E 133 32.07 -1.83 -27.12
CA ALA E 133 32.08 -3.10 -27.89
C ALA E 133 31.80 -4.27 -26.94
N LEU E 134 30.96 -5.22 -27.36
CA LEU E 134 30.70 -6.47 -26.60
C LEU E 134 32.04 -7.16 -26.35
N GLU E 135 32.29 -7.59 -25.11
CA GLU E 135 33.53 -8.32 -24.73
C GLU E 135 33.27 -9.82 -24.87
N LEU E 136 34.18 -10.54 -25.57
CA LEU E 136 34.02 -11.97 -25.95
C LEU E 136 35.02 -12.82 -25.16
N GLN E 137 34.62 -14.06 -24.83
CA GLN E 137 35.47 -15.14 -24.30
C GLN E 137 35.45 -16.28 -25.33
N GLY E 138 36.60 -16.90 -25.57
CA GLY E 138 36.76 -17.98 -26.55
C GLY E 138 36.52 -19.33 -25.91
N VAL E 139 35.65 -20.14 -26.51
CA VAL E 139 35.51 -21.60 -26.21
C VAL E 139 35.38 -22.36 -27.53
N LEU E 140 36.23 -23.36 -27.74
CA LEU E 140 36.29 -24.15 -28.99
C LEU E 140 35.70 -25.54 -28.74
N PHE E 141 34.85 -26.04 -29.65
CA PHE E 141 34.33 -27.42 -29.60
C PHE E 141 35.51 -28.38 -29.77
N ASN E 142 36.31 -28.13 -30.81
CA ASN E 142 37.54 -28.89 -31.15
C ASN E 142 38.68 -27.89 -31.26
N TYR E 143 39.70 -27.99 -30.40
CA TYR E 143 40.77 -26.97 -30.28
C TYR E 143 41.65 -27.00 -31.55
N ARG E 144 41.68 -28.14 -32.25
CA ARG E 144 42.53 -28.32 -33.46
C ARG E 144 41.78 -27.87 -34.71
N THR E 145 40.55 -27.36 -34.58
CA THR E 145 39.79 -26.75 -35.70
C THR E 145 40.63 -25.59 -36.24
N LYS E 146 40.88 -25.54 -37.55
CA LYS E 146 41.66 -24.45 -38.19
C LYS E 146 40.73 -23.40 -38.81
N TYR E 147 40.54 -22.29 -38.09
CA TYR E 147 39.65 -21.19 -38.52
C TYR E 147 40.36 -20.42 -39.64
N PRO E 148 39.62 -19.97 -40.66
CA PRO E 148 40.21 -19.46 -41.89
C PRO E 148 40.66 -17.99 -41.83
N ASP E 149 41.70 -17.65 -42.60
CA ASP E 149 42.15 -16.26 -42.82
C ASP E 149 40.94 -15.39 -43.16
N GLY E 150 40.78 -14.25 -42.49
CA GLY E 150 39.66 -13.32 -42.72
C GLY E 150 38.74 -13.27 -41.52
N THR E 151 38.68 -14.35 -40.74
CA THR E 151 37.98 -14.43 -39.43
C THR E 151 38.99 -14.11 -38.32
N ILE E 152 38.48 -13.63 -37.19
CA ILE E 152 39.24 -13.42 -35.92
C ILE E 152 38.74 -14.48 -34.94
N PHE E 153 39.65 -15.32 -34.43
CA PHE E 153 39.35 -16.56 -33.65
C PHE E 153 40.34 -16.70 -32.51
N PRO E 154 40.07 -17.56 -31.51
CA PRO E 154 41.04 -17.87 -30.46
C PRO E 154 42.42 -18.28 -31.02
N LYS E 155 43.42 -17.46 -30.71
CA LYS E 155 44.83 -17.66 -31.13
C LYS E 155 45.50 -18.57 -30.10
N ASN E 156 46.51 -19.35 -30.52
CA ASN E 156 47.31 -20.23 -29.62
C ASN E 156 46.39 -21.17 -28.84
N ALA E 157 45.45 -21.81 -29.53
CA ALA E 157 44.49 -22.77 -28.95
C ALA E 157 45.28 -23.92 -28.33
N THR E 158 45.12 -24.14 -27.01
CA THR E 158 45.67 -25.30 -26.27
C THR E 158 44.55 -26.31 -26.03
N VAL E 159 44.89 -27.44 -25.43
CA VAL E 159 43.90 -28.50 -25.04
C VAL E 159 42.83 -27.87 -24.15
N GLN E 160 43.22 -27.00 -23.21
CA GLN E 160 42.30 -26.36 -22.22
C GLN E 160 41.36 -25.37 -22.93
N SER E 161 41.56 -25.08 -24.20
CA SER E 161 40.68 -24.16 -24.98
C SER E 161 39.28 -24.79 -25.16
N GLN E 162 39.16 -26.11 -25.05
CA GLN E 162 37.89 -26.84 -25.27
C GLN E 162 36.93 -26.68 -24.08
N VAL E 163 37.41 -26.24 -22.91
CA VAL E 163 36.56 -26.03 -21.70
C VAL E 163 36.62 -24.56 -21.26
N MET E 164 37.83 -24.01 -21.11
CA MET E 164 38.02 -22.59 -20.68
C MET E 164 39.50 -22.19 -20.69
N ASN E 165 39.90 -21.28 -21.57
CA ASN E 165 41.27 -20.71 -21.66
C ASN E 165 41.14 -19.17 -21.60
N THR E 166 41.60 -18.55 -20.51
CA THR E 166 41.38 -17.11 -20.22
C THR E 166 42.21 -16.23 -21.17
N GLU E 167 43.15 -16.81 -21.93
CA GLU E 167 43.98 -16.09 -22.93
C GLU E 167 43.08 -15.61 -24.08
N HIS E 168 41.99 -16.33 -24.37
CA HIS E 168 41.07 -16.07 -25.51
C HIS E 168 40.04 -14.99 -25.14
N LYS E 169 40.51 -13.76 -25.02
CA LYS E 169 39.66 -12.56 -24.78
C LYS E 169 39.69 -11.73 -26.06
N ALA E 170 38.57 -11.11 -26.42
CA ALA E 170 38.46 -10.26 -27.64
C ALA E 170 37.30 -9.27 -27.48
N TYR E 171 37.30 -8.25 -28.34
CA TYR E 171 36.20 -7.26 -28.49
C TYR E 171 35.50 -7.52 -29.82
N LEU E 172 34.17 -7.65 -29.81
CA LEU E 172 33.35 -7.69 -31.05
C LEU E 172 33.36 -6.30 -31.70
N ASP E 173 34.41 -6.00 -32.46
CA ASP E 173 34.73 -4.66 -32.99
C ASP E 173 34.75 -4.70 -34.52
N LYS E 174 34.19 -5.74 -35.14
CA LYS E 174 34.22 -5.92 -36.62
C LYS E 174 33.13 -6.89 -37.09
N ASN E 175 32.57 -6.64 -38.28
CA ASN E 175 31.53 -7.49 -38.92
CA ASN E 175 31.53 -7.51 -38.89
C ASN E 175 32.21 -8.57 -39.77
N LYS E 176 31.50 -9.69 -39.99
CA LYS E 176 31.93 -10.82 -40.86
C LYS E 176 33.29 -11.39 -40.38
N ALA E 177 33.59 -11.28 -39.08
CA ALA E 177 34.94 -11.56 -38.54
C ALA E 177 34.90 -12.59 -37.40
N TYR E 178 34.05 -12.38 -36.39
CA TYR E 178 34.04 -13.21 -35.16
C TYR E 178 33.05 -14.37 -35.36
N PRO E 179 33.52 -15.60 -35.64
CA PRO E 179 32.63 -16.72 -35.86
C PRO E 179 31.81 -17.00 -34.60
N VAL E 180 30.55 -17.42 -34.75
CA VAL E 180 29.62 -17.64 -33.62
C VAL E 180 30.15 -18.76 -32.74
N GLU E 181 30.71 -19.82 -33.33
CA GLU E 181 31.01 -21.10 -32.62
C GLU E 181 32.30 -20.98 -31.79
N CYS E 182 33.09 -19.90 -31.93
CA CYS E 182 34.36 -19.68 -31.20
C CYS E 182 34.15 -18.79 -29.97
N TRP E 183 33.18 -17.88 -30.05
CA TRP E 183 33.05 -16.73 -29.12
C TRP E 183 31.70 -16.75 -28.42
N VAL E 184 31.70 -16.46 -27.12
CA VAL E 184 30.49 -16.15 -26.33
C VAL E 184 30.75 -14.85 -25.60
N PRO E 185 29.70 -14.12 -25.15
CA PRO E 185 29.90 -12.98 -24.27
C PRO E 185 30.69 -13.40 -23.02
N ASP E 186 31.74 -12.64 -22.70
CA ASP E 186 32.62 -12.86 -21.51
C ASP E 186 31.88 -12.44 -20.26
N PRO E 187 31.45 -13.38 -19.39
CA PRO E 187 30.69 -13.03 -18.20
C PRO E 187 31.53 -12.38 -17.09
N THR E 188 32.86 -12.37 -17.25
CA THR E 188 33.79 -11.73 -16.28
C THR E 188 33.85 -10.22 -16.53
N ARG E 189 33.47 -9.77 -17.74
CA ARG E 189 33.44 -8.34 -18.12
C ARG E 189 32.01 -7.96 -18.51
N ASN E 190 31.83 -7.03 -19.45
CA ASN E 190 30.51 -6.60 -19.99
C ASN E 190 29.68 -5.91 -18.91
N GLU E 191 30.33 -5.18 -17.99
CA GLU E 191 29.66 -4.37 -16.94
C GLU E 191 28.77 -3.31 -17.62
N ASN E 192 29.19 -2.79 -18.78
CA ASN E 192 28.54 -1.65 -19.47
C ASN E 192 27.72 -2.16 -20.66
N THR E 193 27.38 -3.45 -20.70
CA THR E 193 26.55 -4.08 -21.77
C THR E 193 25.47 -4.95 -21.11
N ARG E 194 24.26 -4.97 -21.69
CA ARG E 194 23.20 -5.96 -21.39
C ARG E 194 23.11 -6.90 -22.59
N TYR E 195 23.32 -8.20 -22.38
CA TYR E 195 23.25 -9.24 -23.43
C TYR E 195 22.24 -10.31 -23.02
N PHE E 196 21.58 -10.85 -24.04
CA PHE E 196 20.55 -11.91 -23.97
C PHE E 196 20.77 -12.86 -25.14
N GLY E 197 20.84 -14.16 -24.86
CA GLY E 197 21.07 -15.20 -25.88
C GLY E 197 20.42 -16.51 -25.50
N THR E 198 19.94 -17.26 -26.49
CA THR E 198 19.35 -18.60 -26.30
C THR E 198 19.86 -19.53 -27.41
N LEU E 199 20.54 -20.60 -27.04
CA LEU E 199 20.87 -21.71 -27.98
C LEU E 199 19.83 -22.81 -27.78
N THR E 200 19.04 -23.12 -28.81
CA THR E 200 18.14 -24.28 -28.85
C THR E 200 18.70 -25.30 -29.85
N GLY E 201 19.65 -26.14 -29.38
CA GLY E 201 20.34 -27.16 -30.17
C GLY E 201 19.43 -28.34 -30.47
N GLY E 202 19.92 -29.33 -31.24
CA GLY E 202 19.13 -30.48 -31.72
C GLY E 202 18.99 -30.44 -33.24
N GLU E 203 18.61 -31.55 -33.87
CA GLU E 203 18.69 -31.71 -35.35
C GLU E 203 17.33 -31.38 -36.00
N ASN E 204 16.22 -31.63 -35.31
CA ASN E 204 14.84 -31.48 -35.87
C ASN E 204 14.05 -30.45 -35.06
N VAL E 205 14.76 -29.56 -34.36
CA VAL E 205 14.14 -28.61 -33.38
C VAL E 205 13.26 -27.63 -34.16
N PRO E 206 11.99 -27.42 -33.74
CA PRO E 206 11.15 -26.39 -34.36
C PRO E 206 11.60 -24.99 -33.95
N PRO E 207 11.80 -24.07 -34.92
CA PRO E 207 11.86 -22.63 -34.64
C PRO E 207 10.56 -22.15 -33.98
N VAL E 208 10.69 -21.36 -32.91
CA VAL E 208 9.55 -20.63 -32.25
C VAL E 208 9.93 -19.16 -32.18
N LEU E 209 9.39 -18.37 -33.10
CA LEU E 209 9.68 -16.92 -33.28
C LEU E 209 8.40 -16.12 -33.01
N HIS E 210 8.40 -15.29 -31.97
CA HIS E 210 7.30 -14.35 -31.63
C HIS E 210 7.66 -12.99 -32.23
N ILE E 211 6.67 -12.28 -32.76
CA ILE E 211 6.81 -10.86 -33.21
C ILE E 211 5.70 -10.05 -32.54
N THR E 212 6.04 -8.87 -32.03
CA THR E 212 5.10 -7.88 -31.45
C THR E 212 5.82 -6.54 -31.28
N ASN E 213 5.09 -5.44 -31.43
CA ASN E 213 5.62 -4.08 -31.19
C ASN E 213 5.15 -3.59 -29.82
N THR E 214 4.70 -4.49 -28.93
CA THR E 214 4.14 -4.16 -27.59
C THR E 214 5.13 -4.53 -26.47
N ALA E 215 6.25 -5.18 -26.80
CA ALA E 215 7.19 -5.76 -25.81
C ALA E 215 8.43 -4.86 -25.70
N THR E 216 8.80 -4.48 -24.48
CA THR E 216 9.93 -3.58 -24.16
C THR E 216 10.81 -4.24 -23.10
N THR E 217 12.12 -4.30 -23.33
CA THR E 217 13.14 -4.74 -22.33
C THR E 217 13.75 -3.51 -21.67
N VAL E 218 13.78 -3.46 -20.33
CA VAL E 218 14.42 -2.35 -19.56
C VAL E 218 15.89 -2.70 -19.34
N LEU E 219 16.81 -1.81 -19.67
CA LEU E 219 18.28 -2.05 -19.70
C LEU E 219 18.95 -1.59 -18.41
N LEU E 220 18.19 -1.00 -17.47
CA LEU E 220 18.73 -0.49 -16.18
C LEU E 220 19.17 -1.68 -15.32
N ASP E 221 20.27 -1.53 -14.59
CA ASP E 221 20.80 -2.54 -13.65
C ASP E 221 20.07 -2.37 -12.31
N GLU E 222 20.50 -3.12 -11.28
CA GLU E 222 19.85 -3.17 -9.95
C GLU E 222 19.95 -1.80 -9.25
N PHE E 223 20.86 -0.93 -9.69
CA PHE E 223 21.08 0.44 -9.17
C PHE E 223 20.30 1.49 -10.00
N GLY E 224 19.59 1.06 -11.03
CA GLY E 224 18.78 1.96 -11.88
C GLY E 224 19.62 2.68 -12.92
N VAL E 225 20.80 2.15 -13.24
CA VAL E 225 21.74 2.72 -14.25
C VAL E 225 21.76 1.81 -15.46
N GLY E 226 21.56 2.36 -16.66
CA GLY E 226 21.69 1.62 -17.93
C GLY E 226 23.10 1.75 -18.50
N PRO E 227 23.38 1.09 -19.66
CA PRO E 227 24.66 1.24 -20.34
C PRO E 227 24.97 2.71 -20.66
N LEU E 228 26.18 3.17 -20.32
CA LEU E 228 26.65 4.56 -20.57
C LEU E 228 27.54 4.57 -21.80
N CYS E 229 27.10 5.28 -22.84
CA CYS E 229 27.76 5.31 -24.17
C CYS E 229 29.00 6.20 -24.15
N LYS E 230 30.16 5.56 -23.99
CA LYS E 230 31.51 6.17 -24.08
C LYS E 230 31.73 6.68 -25.51
N GLY E 231 32.29 7.89 -25.64
CA GLY E 231 32.54 8.55 -26.94
C GLY E 231 31.26 8.77 -27.73
N ASP E 232 30.11 8.83 -27.04
CA ASP E 232 28.79 9.09 -27.66
C ASP E 232 28.51 8.02 -28.73
N ASN E 233 28.81 6.76 -28.43
CA ASN E 233 28.62 5.59 -29.35
C ASN E 233 27.82 4.49 -28.67
N LEU E 234 26.71 4.08 -29.28
CA LEU E 234 25.89 2.94 -28.84
C LEU E 234 26.32 1.72 -29.65
N TYR E 235 26.53 0.58 -28.99
CA TYR E 235 26.99 -0.69 -29.61
C TYR E 235 25.85 -1.72 -29.58
N LEU E 236 25.23 -1.95 -30.75
CA LEU E 236 24.25 -3.05 -30.97
C LEU E 236 24.97 -4.26 -31.57
N SER E 237 24.65 -5.45 -31.09
CA SER E 237 25.27 -6.73 -31.51
C SER E 237 24.21 -7.83 -31.52
N ALA E 238 24.25 -8.73 -32.50
CA ALA E 238 23.16 -9.70 -32.74
C ALA E 238 23.67 -10.95 -33.47
N VAL E 239 23.05 -12.10 -33.17
CA VAL E 239 23.14 -13.36 -33.96
C VAL E 239 21.72 -13.94 -34.04
N ASP E 240 21.27 -14.31 -35.24
CA ASP E 240 19.94 -14.96 -35.43
C ASP E 240 20.08 -16.05 -36.48
N VAL E 241 20.75 -17.14 -36.10
CA VAL E 241 20.77 -18.44 -36.83
C VAL E 241 19.45 -19.13 -36.53
N CYS E 242 18.50 -19.12 -37.46
CA CYS E 242 17.09 -19.56 -37.27
C CYS E 242 17.02 -21.09 -37.31
N GLY E 243 18.02 -21.71 -37.90
CA GLY E 243 18.11 -23.16 -38.09
C GLY E 243 18.81 -23.48 -39.40
N MET E 244 18.49 -24.61 -40.00
CA MET E 244 19.16 -25.09 -41.23
C MET E 244 18.14 -25.38 -42.32
N PHE E 245 18.52 -25.03 -43.54
CA PHE E 245 17.77 -25.32 -44.78
C PHE E 245 18.37 -26.58 -45.43
N THR E 246 17.56 -27.63 -45.58
CA THR E 246 17.91 -28.85 -46.33
C THR E 246 17.42 -28.68 -47.77
N ASN E 247 18.33 -28.70 -48.75
CA ASN E 247 17.99 -28.62 -50.19
C ASN E 247 17.91 -30.04 -50.77
N ARG E 248 17.46 -30.18 -52.02
CA ARG E 248 17.06 -31.46 -52.69
C ARG E 248 18.11 -32.55 -52.45
N SER E 249 19.39 -32.22 -52.61
CA SER E 249 20.55 -33.14 -52.54
C SER E 249 20.75 -33.67 -51.12
N GLY E 250 20.14 -33.05 -50.12
CA GLY E 250 20.26 -33.42 -48.70
C GLY E 250 21.19 -32.50 -47.94
N SER E 251 22.03 -31.73 -48.63
CA SER E 251 23.01 -30.80 -48.03
CA SER E 251 23.01 -30.80 -48.03
C SER E 251 22.27 -29.74 -47.20
N GLN E 252 22.88 -29.29 -46.10
CA GLN E 252 22.24 -28.39 -45.11
C GLN E 252 23.08 -27.13 -44.98
N GLN E 253 22.42 -25.97 -45.05
CA GLN E 253 23.00 -24.61 -44.88
C GLN E 253 22.31 -23.92 -43.71
N TRP E 254 23.05 -23.15 -42.90
CA TRP E 254 22.45 -22.22 -41.92
C TRP E 254 21.59 -21.21 -42.68
N ARG E 255 20.46 -20.81 -42.09
CA ARG E 255 19.64 -19.66 -42.55
C ARG E 255 19.51 -18.70 -41.37
N GLY E 256 19.75 -17.42 -41.63
CA GLY E 256 19.64 -16.34 -40.63
C GLY E 256 18.71 -15.23 -41.10
N LEU E 257 18.29 -14.38 -40.17
CA LEU E 257 17.42 -13.21 -40.45
C LEU E 257 17.97 -11.96 -39.75
N SER E 258 17.63 -10.79 -40.29
CA SER E 258 17.98 -9.47 -39.72
C SER E 258 17.27 -9.28 -38.40
N ARG E 259 17.76 -8.37 -37.56
CA ARG E 259 17.16 -8.05 -36.24
C ARG E 259 16.98 -6.54 -36.15
N TYR E 260 15.74 -6.10 -35.89
CA TYR E 260 15.36 -4.71 -35.58
C TYR E 260 15.78 -4.38 -34.14
N PHE E 261 16.32 -3.18 -33.96
CA PHE E 261 16.65 -2.57 -32.65
C PHE E 261 16.00 -1.19 -32.58
N LYS E 262 15.42 -0.85 -31.43
CA LYS E 262 14.97 0.52 -31.11
C LYS E 262 15.33 0.80 -29.66
N VAL E 263 16.27 1.72 -29.43
CA VAL E 263 16.82 2.01 -28.08
C VAL E 263 16.45 3.44 -27.72
N GLN E 264 15.81 3.62 -26.56
CA GLN E 264 15.54 4.92 -25.89
C GLN E 264 16.76 5.27 -25.02
N LEU E 265 17.40 6.41 -25.28
CA LEU E 265 18.54 6.90 -24.47
C LEU E 265 18.18 8.24 -23.82
N ARG E 266 18.78 8.54 -22.66
CA ARG E 266 18.59 9.80 -21.91
C ARG E 266 19.96 10.32 -21.48
N LYS E 267 20.10 11.64 -21.33
CA LYS E 267 21.35 12.29 -20.88
C LYS E 267 21.53 12.07 -19.38
N ARG E 268 22.72 11.66 -18.98
CA ARG E 268 23.08 11.42 -17.55
C ARG E 268 24.39 12.14 -17.26
N ARG E 269 24.46 12.86 -16.14
CA ARG E 269 25.71 13.50 -15.66
C ARG E 269 26.53 12.47 -14.87
N VAL E 270 27.84 12.47 -15.10
CA VAL E 270 28.82 11.59 -14.41
C VAL E 270 30.01 12.46 -13.98
N LYS E 271 30.93 11.92 -13.18
CA LYS E 271 32.09 12.66 -12.64
C LYS E 271 33.40 11.88 -12.91
N ASN E 272 34.55 12.54 -12.66
CA ASN E 272 35.94 12.01 -12.67
C ASN E 272 36.14 11.02 -13.83
N VAL F 7 -0.95 14.81 -33.70
CA VAL F 7 -2.18 14.66 -32.83
C VAL F 7 -1.76 14.56 -31.35
N GLU F 8 -1.74 15.68 -30.61
CA GLU F 8 -1.58 15.76 -29.13
C GLU F 8 -2.83 15.12 -28.47
N VAL F 9 -2.66 14.03 -27.73
CA VAL F 9 -3.75 13.24 -27.12
C VAL F 9 -4.15 13.91 -25.79
N LEU F 10 -5.45 14.15 -25.58
CA LEU F 10 -6.00 14.80 -24.37
C LEU F 10 -6.97 13.83 -23.67
N GLU F 11 -7.98 14.36 -22.97
CA GLU F 11 -8.80 13.60 -21.99
C GLU F 11 -9.73 12.63 -22.71
N VAL F 12 -10.09 11.54 -22.02
CA VAL F 12 -11.06 10.52 -22.50
C VAL F 12 -12.46 11.04 -22.18
N LYS F 13 -13.42 10.83 -23.09
CA LYS F 13 -14.85 11.17 -22.89
C LYS F 13 -15.49 10.07 -22.05
N THR F 14 -16.29 10.46 -21.05
CA THR F 14 -17.09 9.53 -20.21
C THR F 14 -18.57 9.79 -20.52
N GLY F 15 -19.46 8.93 -20.00
CA GLY F 15 -20.91 9.00 -20.25
C GLY F 15 -21.40 7.72 -20.90
N VAL F 16 -22.73 7.57 -21.02
CA VAL F 16 -23.37 6.36 -21.61
C VAL F 16 -22.82 6.15 -23.03
N ASP F 17 -22.76 7.23 -23.83
CA ASP F 17 -22.54 7.18 -25.29
C ASP F 17 -21.06 7.34 -25.64
N SER F 18 -20.16 7.19 -24.66
CA SER F 18 -18.72 7.51 -24.79
C SER F 18 -17.93 6.27 -25.21
N ILE F 19 -18.62 5.15 -25.39
CA ILE F 19 -17.98 3.80 -25.51
C ILE F 19 -18.76 2.98 -26.55
N THR F 20 -18.06 2.22 -27.39
CA THR F 20 -18.68 1.38 -28.44
C THR F 20 -17.88 0.07 -28.53
N GLU F 21 -18.43 -0.88 -29.29
CA GLU F 21 -17.92 -2.27 -29.38
C GLU F 21 -17.94 -2.69 -30.85
N VAL F 22 -16.90 -3.38 -31.30
CA VAL F 22 -16.80 -3.93 -32.68
C VAL F 22 -16.51 -5.42 -32.53
N GLU F 23 -17.35 -6.23 -33.17
CA GLU F 23 -17.35 -7.72 -33.08
C GLU F 23 -17.40 -8.22 -34.53
N CYS F 24 -16.43 -9.00 -34.97
CA CYS F 24 -16.46 -9.65 -36.30
C CYS F 24 -15.48 -10.83 -36.36
N PHE F 25 -15.57 -11.63 -37.43
CA PHE F 25 -14.64 -12.75 -37.72
C PHE F 25 -13.98 -12.48 -39.07
N LEU F 26 -12.71 -12.87 -39.22
CA LEU F 26 -11.94 -12.78 -40.49
C LEU F 26 -11.69 -14.19 -41.00
N THR F 27 -12.24 -14.52 -42.18
CA THR F 27 -12.04 -15.84 -42.82
C THR F 27 -10.60 -15.90 -43.30
N PRO F 28 -9.99 -17.10 -43.33
CA PRO F 28 -8.60 -17.23 -43.77
C PRO F 28 -8.54 -17.25 -45.29
N GLU F 29 -7.47 -16.67 -45.85
CA GLU F 29 -7.12 -16.74 -47.28
C GLU F 29 -5.97 -17.72 -47.45
N MET F 30 -6.24 -19.03 -47.51
CA MET F 30 -5.17 -20.06 -47.61
C MET F 30 -4.79 -20.29 -49.07
N GLY F 31 -5.64 -19.90 -50.03
CA GLY F 31 -5.39 -20.04 -51.47
C GLY F 31 -6.61 -20.50 -52.23
N ASP F 32 -7.35 -21.46 -51.68
CA ASP F 32 -8.69 -21.90 -52.16
C ASP F 32 -8.58 -22.42 -53.59
N PRO F 33 -7.92 -23.58 -53.80
CA PRO F 33 -7.67 -24.09 -55.15
C PRO F 33 -8.94 -24.49 -55.91
N ASP F 34 -9.94 -25.05 -55.24
CA ASP F 34 -11.33 -25.20 -55.78
C ASP F 34 -12.31 -25.06 -54.61
N GLU F 35 -13.62 -24.96 -54.90
CA GLU F 35 -14.65 -24.67 -53.87
C GLU F 35 -14.64 -25.78 -52.81
N HIS F 36 -14.44 -27.04 -53.21
CA HIS F 36 -14.39 -28.20 -52.27
C HIS F 36 -13.30 -27.96 -51.21
N LEU F 37 -12.30 -27.13 -51.47
CA LEU F 37 -11.11 -26.94 -50.59
C LEU F 37 -11.00 -25.48 -50.12
N ARG F 38 -12.13 -24.86 -49.75
CA ARG F 38 -12.17 -23.51 -49.14
C ARG F 38 -11.46 -23.58 -47.78
N GLY F 39 -10.48 -22.71 -47.55
CA GLY F 39 -9.72 -22.68 -46.29
C GLY F 39 -8.53 -23.64 -46.32
N PHE F 40 -8.28 -24.28 -47.45
CA PHE F 40 -7.03 -25.01 -47.76
C PHE F 40 -6.26 -24.26 -48.85
N SER F 41 -4.95 -24.47 -48.92
CA SER F 41 -4.10 -24.08 -50.07
C SER F 41 -4.13 -25.20 -51.10
N LYS F 42 -3.59 -24.92 -52.29
CA LYS F 42 -3.29 -25.97 -53.29
C LYS F 42 -2.19 -26.85 -52.70
N SER F 43 -2.11 -28.12 -53.12
CA SER F 43 -1.01 -28.99 -52.68
C SER F 43 0.30 -28.35 -53.14
N ILE F 44 1.36 -28.49 -52.35
CA ILE F 44 2.62 -27.71 -52.50
C ILE F 44 3.59 -28.42 -53.44
N SER F 45 3.89 -27.81 -54.59
CA SER F 45 4.96 -28.17 -55.54
C SER F 45 6.30 -27.64 -55.03
N ILE F 46 7.36 -28.44 -55.12
CA ILE F 46 8.76 -28.00 -54.86
C ILE F 46 9.41 -27.72 -56.23
N SER F 47 10.04 -26.55 -56.38
CA SER F 47 10.73 -26.14 -57.63
C SER F 47 12.03 -26.93 -57.78
N ASP F 48 12.54 -27.00 -59.02
CA ASP F 48 13.79 -27.73 -59.35
C ASP F 48 15.00 -26.93 -58.81
N THR F 49 15.01 -25.62 -59.04
CA THR F 49 16.11 -24.71 -58.60
C THR F 49 15.50 -23.45 -57.99
N PHE F 50 16.33 -22.63 -57.34
CA PHE F 50 15.95 -21.30 -56.80
C PHE F 50 15.55 -20.39 -57.97
N GLU F 51 16.24 -20.49 -59.12
CA GLU F 51 16.08 -19.59 -60.30
C GLU F 51 14.75 -19.88 -61.01
N SER F 52 14.21 -21.10 -60.90
CA SER F 52 12.95 -21.52 -61.56
C SER F 52 11.87 -21.83 -60.51
N ASP F 53 11.59 -20.89 -59.61
CA ASP F 53 10.55 -21.02 -58.55
C ASP F 53 9.43 -20.02 -58.86
N SER F 54 8.30 -20.52 -59.36
CA SER F 54 7.18 -19.69 -59.87
CA SER F 54 7.18 -19.69 -59.87
C SER F 54 5.86 -20.26 -59.34
N PRO F 55 5.52 -20.04 -58.06
CA PRO F 55 4.38 -20.71 -57.44
C PRO F 55 3.02 -20.27 -58.00
N ASN F 56 2.08 -21.21 -57.99
CA ASN F 56 0.65 -20.99 -58.35
C ASN F 56 0.02 -20.08 -57.29
N ARG F 57 -0.88 -19.18 -57.69
CA ARG F 57 -1.47 -18.18 -56.78
C ARG F 57 -2.23 -18.87 -55.65
N ASP F 58 -2.92 -19.97 -55.97
CA ASP F 58 -3.78 -20.71 -54.99
C ASP F 58 -2.92 -21.59 -54.08
N MET F 59 -1.59 -21.44 -54.12
CA MET F 59 -0.63 -22.18 -53.27
C MET F 59 -0.07 -21.26 -52.16
N LEU F 60 -0.38 -19.96 -52.23
CA LEU F 60 0.19 -18.93 -51.33
C LEU F 60 -0.89 -18.43 -50.39
N PRO F 61 -0.86 -18.81 -49.09
CA PRO F 61 -1.66 -18.13 -48.07
C PRO F 61 -1.34 -16.63 -48.06
N CYS F 62 -2.35 -15.82 -47.73
CA CYS F 62 -2.30 -14.34 -47.72
C CYS F 62 -2.77 -13.80 -46.37
N TYR F 63 -2.28 -12.61 -45.99
CA TYR F 63 -2.80 -11.80 -44.84
C TYR F 63 -4.28 -11.47 -45.10
N SER F 64 -5.12 -11.70 -44.10
CA SER F 64 -6.54 -11.28 -44.07
C SER F 64 -6.60 -9.88 -43.46
N VAL F 65 -7.53 -9.05 -43.92
CA VAL F 65 -7.70 -7.66 -43.40
C VAL F 65 -9.17 -7.27 -43.47
N ALA F 66 -9.63 -6.54 -42.46
CA ALA F 66 -11.00 -6.00 -42.37
C ALA F 66 -10.89 -4.52 -41.97
N ARG F 67 -11.57 -3.65 -42.71
CA ARG F 67 -11.65 -2.20 -42.43
C ARG F 67 -13.07 -1.88 -41.98
N ILE F 68 -13.28 -1.70 -40.68
CA ILE F 68 -14.63 -1.59 -40.08
C ILE F 68 -14.92 -0.14 -39.77
N PRO F 69 -15.90 0.48 -40.45
CA PRO F 69 -16.36 1.83 -40.10
C PRO F 69 -16.99 1.86 -38.70
N LEU F 70 -16.61 2.84 -37.89
CA LEU F 70 -17.12 2.90 -36.49
C LEU F 70 -18.15 4.02 -36.41
N PRO F 71 -19.02 4.04 -35.39
CA PRO F 71 -19.96 5.12 -35.22
C PRO F 71 -19.44 6.53 -35.50
N ASN F 72 -20.27 7.39 -36.06
CA ASN F 72 -19.85 8.78 -36.42
C ASN F 72 -19.64 9.55 -35.14
N LEU F 73 -18.73 10.52 -35.14
CA LEU F 73 -18.41 11.19 -33.87
C LEU F 73 -18.97 12.61 -33.83
N ASN F 74 -19.02 13.30 -34.96
CA ASN F 74 -19.62 14.66 -35.06
C ASN F 74 -19.41 15.43 -33.74
N ILE F 82 -12.43 17.85 -31.51
CA ILE F 82 -12.00 16.80 -32.49
C ILE F 82 -11.83 15.44 -31.79
N LEU F 83 -12.84 14.56 -31.88
CA LEU F 83 -12.85 13.24 -31.20
C LEU F 83 -12.39 12.15 -32.16
N MET F 84 -11.71 11.13 -31.63
CA MET F 84 -11.32 9.90 -32.37
C MET F 84 -11.68 8.68 -31.52
N TRP F 85 -12.07 7.58 -32.15
CA TRP F 85 -12.28 6.29 -31.43
C TRP F 85 -10.92 5.70 -31.06
N GLU F 86 -10.74 5.37 -29.78
CA GLU F 86 -9.48 4.78 -29.24
C GLU F 86 -9.75 3.32 -28.88
N ALA F 87 -9.03 2.40 -29.51
CA ALA F 87 -9.13 0.94 -29.23
C ALA F 87 -8.43 0.66 -27.90
N VAL F 88 -9.15 0.09 -26.92
CA VAL F 88 -8.66 -0.10 -25.52
C VAL F 88 -8.36 -1.58 -25.27
N THR F 89 -9.34 -2.47 -25.45
CA THR F 89 -9.19 -3.92 -25.16
C THR F 89 -9.61 -4.77 -26.38
N LEU F 90 -8.91 -5.88 -26.59
CA LEU F 90 -9.18 -6.90 -27.63
C LEU F 90 -9.49 -8.24 -26.95
N LYS F 91 -10.52 -8.94 -27.41
CA LYS F 91 -10.72 -10.40 -27.20
C LYS F 91 -10.66 -11.07 -28.57
N THR F 92 -9.85 -12.10 -28.72
CA THR F 92 -9.70 -12.84 -30.00
C THR F 92 -9.54 -14.33 -29.69
N GLU F 93 -10.05 -15.20 -30.57
CA GLU F 93 -9.71 -16.64 -30.58
C GLU F 93 -9.94 -17.20 -31.99
N VAL F 94 -9.28 -18.33 -32.28
CA VAL F 94 -9.40 -19.11 -33.54
C VAL F 94 -10.73 -19.87 -33.51
N ILE F 95 -11.51 -19.78 -34.57
CA ILE F 95 -12.87 -20.41 -34.65
C ILE F 95 -12.76 -21.73 -35.42
N GLY F 96 -13.07 -22.84 -34.73
CA GLY F 96 -13.18 -24.19 -35.34
C GLY F 96 -11.95 -25.04 -35.06
N VAL F 97 -11.35 -24.91 -33.88
CA VAL F 97 -10.10 -25.64 -33.50
C VAL F 97 -10.41 -27.14 -33.48
N THR F 98 -11.63 -27.53 -33.12
CA THR F 98 -12.04 -28.96 -33.00
C THR F 98 -12.15 -29.59 -34.39
N SER F 99 -12.24 -28.80 -35.46
CA SER F 99 -12.31 -29.32 -36.85
C SER F 99 -11.05 -30.12 -37.18
N LEU F 100 -9.94 -29.84 -36.49
CA LEU F 100 -8.63 -30.51 -36.73
C LEU F 100 -8.62 -31.92 -36.13
N MET F 101 -9.74 -32.37 -35.56
CA MET F 101 -9.91 -33.77 -35.07
C MET F 101 -10.62 -34.61 -36.13
N ASN F 102 -10.94 -34.05 -37.31
CA ASN F 102 -11.47 -34.84 -38.45
C ASN F 102 -10.27 -35.53 -39.08
N VAL F 103 -10.05 -36.76 -38.65
CA VAL F 103 -8.85 -37.57 -38.97
C VAL F 103 -9.33 -38.81 -39.73
N HIS F 104 -10.49 -38.72 -40.38
CA HIS F 104 -11.22 -39.82 -41.05
C HIS F 104 -11.60 -39.45 -42.49
N SER F 105 -11.15 -38.29 -42.97
CA SER F 105 -11.63 -37.66 -44.23
C SER F 105 -10.46 -37.44 -45.19
N ASN F 106 -10.15 -38.46 -46.02
CA ASN F 106 -9.27 -38.35 -47.21
C ASN F 106 -7.79 -38.17 -46.79
N GLY F 107 -7.43 -38.56 -45.56
CA GLY F 107 -6.06 -38.42 -45.03
C GLY F 107 -5.17 -39.58 -45.43
N GLN F 108 -3.88 -39.50 -45.07
CA GLN F 108 -2.87 -40.58 -45.24
C GLN F 108 -2.73 -41.28 -43.89
N ALA F 109 -2.90 -42.60 -43.86
CA ALA F 109 -2.79 -43.41 -42.62
C ALA F 109 -1.41 -43.19 -41.98
N THR F 110 -1.37 -42.99 -40.66
CA THR F 110 -0.14 -42.90 -39.84
C THR F 110 0.70 -44.16 -40.11
N HIS F 111 0.06 -45.34 -40.07
CA HIS F 111 0.65 -46.67 -40.33
C HIS F 111 -0.46 -47.60 -40.82
N ASP F 112 -0.15 -48.87 -41.10
CA ASP F 112 -1.14 -49.90 -41.53
C ASP F 112 -2.36 -49.88 -40.58
N ASN F 113 -3.56 -49.71 -41.14
CA ASN F 113 -4.87 -49.77 -40.43
C ASN F 113 -5.04 -48.57 -39.48
N GLY F 114 -4.07 -47.66 -39.46
CA GLY F 114 -4.06 -46.52 -38.52
C GLY F 114 -5.07 -45.47 -38.92
N ALA F 115 -5.36 -44.55 -38.01
CA ALA F 115 -6.22 -43.37 -38.27
C ALA F 115 -5.45 -42.43 -39.20
N GLY F 116 -6.15 -41.45 -39.76
CA GLY F 116 -5.54 -40.43 -40.64
C GLY F 116 -4.45 -39.66 -39.92
N LYS F 117 -3.54 -39.06 -40.70
CA LYS F 117 -2.51 -38.13 -40.18
C LYS F 117 -3.21 -36.81 -39.91
N PRO F 118 -3.11 -36.26 -38.69
CA PRO F 118 -3.78 -35.00 -38.35
C PRO F 118 -3.02 -33.81 -38.93
N VAL F 119 -3.69 -32.67 -39.05
CA VAL F 119 -3.05 -31.39 -39.49
C VAL F 119 -1.91 -31.12 -38.52
N GLN F 120 -0.71 -30.89 -39.04
CA GLN F 120 0.52 -30.63 -38.23
C GLN F 120 1.55 -29.92 -39.13
N GLY F 121 2.69 -29.56 -38.55
CA GLY F 121 3.80 -28.88 -39.24
C GLY F 121 3.75 -27.37 -39.06
N THR F 122 4.59 -26.66 -39.82
CA THR F 122 4.76 -25.19 -39.70
C THR F 122 3.44 -24.46 -39.57
N SER F 123 3.37 -23.62 -38.56
CA SER F 123 2.15 -22.80 -38.33
C SER F 123 2.55 -21.35 -38.11
N PHE F 124 1.68 -20.39 -38.47
CA PHE F 124 1.85 -18.94 -38.20
C PHE F 124 0.48 -18.39 -37.78
N HIS F 125 0.35 -18.04 -36.50
CA HIS F 125 -0.83 -17.37 -35.90
C HIS F 125 -0.45 -15.92 -35.60
N PHE F 126 -1.25 -14.98 -36.13
CA PHE F 126 -0.98 -13.53 -36.12
C PHE F 126 -2.30 -12.76 -36.15
N PHE F 127 -2.41 -11.73 -35.31
CA PHE F 127 -3.55 -10.77 -35.31
C PHE F 127 -3.02 -9.38 -34.95
N SER F 128 -3.69 -8.34 -35.47
CA SER F 128 -3.33 -6.91 -35.28
C SER F 128 -4.60 -6.07 -35.13
N VAL F 129 -4.57 -5.08 -34.24
CA VAL F 129 -5.62 -4.03 -34.11
C VAL F 129 -4.94 -2.66 -34.26
N GLY F 130 -5.51 -1.77 -35.08
CA GLY F 130 -4.88 -0.49 -35.44
C GLY F 130 -5.87 0.53 -35.97
N GLY F 131 -5.47 1.81 -35.94
CA GLY F 131 -6.28 2.94 -36.41
C GLY F 131 -5.91 3.33 -37.82
N GLU F 132 -5.12 2.49 -38.48
CA GLU F 132 -4.73 2.62 -39.91
C GLU F 132 -4.25 1.25 -40.39
N ALA F 133 -4.17 1.07 -41.71
CA ALA F 133 -3.73 -0.18 -42.37
C ALA F 133 -2.41 -0.63 -41.76
N LEU F 134 -2.28 -1.94 -41.48
CA LEU F 134 -1.01 -2.53 -40.99
C LEU F 134 0.09 -2.20 -42.00
N GLU F 135 1.24 -1.75 -41.52
CA GLU F 135 2.39 -1.39 -42.39
C GLU F 135 3.31 -2.61 -42.49
N LEU F 136 3.68 -2.99 -43.72
CA LEU F 136 4.42 -4.24 -44.04
C LEU F 136 5.85 -3.92 -44.47
N GLN F 137 6.79 -4.80 -44.11
CA GLN F 137 8.18 -4.84 -44.64
C GLN F 137 8.35 -6.15 -45.39
N GLY F 138 9.02 -6.11 -46.54
CA GLY F 138 9.27 -7.28 -47.40
C GLY F 138 10.55 -8.00 -47.02
N VAL F 139 10.46 -9.31 -46.79
CA VAL F 139 11.64 -10.22 -46.70
C VAL F 139 11.31 -11.50 -47.47
N LEU F 140 12.18 -11.87 -48.41
CA LEU F 140 12.00 -13.03 -49.32
C LEU F 140 12.96 -14.15 -48.90
N PHE F 141 12.48 -15.39 -48.83
CA PHE F 141 13.32 -16.59 -48.61
C PHE F 141 14.28 -16.75 -49.78
N ASN F 142 13.74 -16.70 -51.00
CA ASN F 142 14.49 -16.75 -52.27
C ASN F 142 14.09 -15.52 -53.08
N TYR F 143 15.04 -14.63 -53.41
CA TYR F 143 14.74 -13.33 -54.05
C TYR F 143 14.29 -13.56 -55.50
N ARG F 144 14.67 -14.70 -56.11
CA ARG F 144 14.33 -15.03 -57.51
C ARG F 144 12.98 -15.76 -57.60
N THR F 145 12.30 -15.98 -56.48
CA THR F 145 10.90 -16.50 -56.49
C THR F 145 10.04 -15.54 -57.29
N LYS F 146 9.27 -16.04 -58.25
CA LYS F 146 8.36 -15.23 -59.10
C LYS F 146 6.93 -15.32 -58.57
N TYR F 147 6.51 -14.30 -57.84
CA TYR F 147 5.15 -14.23 -57.24
C TYR F 147 4.15 -13.93 -58.36
N PRO F 148 2.95 -14.53 -58.32
CA PRO F 148 2.04 -14.51 -59.45
C PRO F 148 1.19 -13.23 -59.55
N ASP F 149 0.81 -12.86 -60.78
CA ASP F 149 -0.19 -11.80 -61.08
C ASP F 149 -1.43 -12.02 -60.20
N GLY F 150 -1.89 -10.97 -59.51
CA GLY F 150 -3.06 -11.02 -58.64
C GLY F 150 -2.66 -10.82 -57.20
N THR F 151 -1.42 -11.19 -56.84
CA THR F 151 -0.79 -10.90 -55.53
C THR F 151 0.02 -9.60 -55.61
N ILE F 152 0.20 -8.93 -54.47
CA ILE F 152 1.07 -7.75 -54.28
C ILE F 152 2.26 -8.22 -53.46
N PHE F 153 3.48 -8.06 -53.99
CA PHE F 153 4.73 -8.66 -53.46
C PHE F 153 5.88 -7.66 -53.60
N PRO F 154 7.02 -7.88 -52.89
CA PRO F 154 8.22 -7.06 -53.07
C PRO F 154 8.62 -6.92 -54.55
N LYS F 155 8.55 -5.70 -55.07
CA LYS F 155 8.91 -5.33 -56.46
C LYS F 155 10.42 -5.10 -56.52
N ASN F 156 11.04 -5.31 -57.68
CA ASN F 156 12.49 -5.03 -57.91
C ASN F 156 13.33 -5.73 -56.83
N ALA F 157 13.05 -7.01 -56.59
CA ALA F 157 13.79 -7.85 -55.61
C ALA F 157 15.26 -7.92 -56.03
N THR F 158 16.16 -7.46 -55.16
CA THR F 158 17.63 -7.58 -55.30
C THR F 158 18.10 -8.74 -54.42
N VAL F 159 19.41 -9.03 -54.48
CA VAL F 159 20.09 -10.05 -53.62
C VAL F 159 19.84 -9.73 -52.14
N GLN F 160 19.90 -8.44 -51.76
CA GLN F 160 19.75 -7.97 -50.35
C GLN F 160 18.31 -8.16 -49.87
N SER F 161 17.37 -8.52 -50.75
CA SER F 161 15.94 -8.72 -50.40
C SER F 161 15.78 -9.97 -49.52
N GLN F 162 16.77 -10.87 -49.53
CA GLN F 162 16.75 -12.14 -48.75
C GLN F 162 17.06 -11.88 -47.26
N VAL F 163 17.60 -10.72 -46.90
CA VAL F 163 17.93 -10.40 -45.48
C VAL F 163 17.21 -9.11 -45.06
N MET F 164 17.30 -8.04 -45.85
CA MET F 164 16.60 -6.76 -45.56
C MET F 164 16.82 -5.73 -46.68
N ASN F 165 15.74 -5.36 -47.37
CA ASN F 165 15.73 -4.32 -48.44
C ASN F 165 14.62 -3.30 -48.12
N THR F 166 15.01 -2.08 -47.74
CA THR F 166 14.09 -1.05 -47.18
C THR F 166 13.17 -0.49 -48.27
N GLU F 167 13.41 -0.83 -49.54
CA GLU F 167 12.54 -0.43 -50.68
C GLU F 167 11.20 -1.17 -50.58
N HIS F 168 11.17 -2.35 -49.96
CA HIS F 168 9.98 -3.24 -49.88
C HIS F 168 9.10 -2.83 -48.70
N LYS F 169 8.43 -1.69 -48.84
CA LYS F 169 7.43 -1.17 -47.87
C LYS F 169 6.06 -1.25 -48.54
N ALA F 170 5.02 -1.58 -47.78
CA ALA F 170 3.64 -1.70 -48.28
C ALA F 170 2.64 -1.54 -47.13
N TYR F 171 1.38 -1.27 -47.48
CA TYR F 171 0.20 -1.24 -46.58
C TYR F 171 -0.68 -2.46 -46.86
N LEU F 172 -1.03 -3.22 -45.82
CA LEU F 172 -2.01 -4.32 -45.91
C LEU F 172 -3.39 -3.70 -46.10
N ASP F 173 -3.71 -3.34 -47.35
CA ASP F 173 -4.91 -2.55 -47.71
C ASP F 173 -5.81 -3.35 -48.65
N LYS F 174 -5.63 -4.67 -48.73
CA LYS F 174 -6.41 -5.54 -49.67
C LYS F 174 -6.37 -7.02 -49.26
N ASN F 175 -7.47 -7.73 -49.52
CA ASN F 175 -7.62 -9.17 -49.22
C ASN F 175 -7.15 -10.02 -50.40
N LYS F 176 -6.70 -11.25 -50.10
CA LYS F 176 -6.28 -12.27 -51.09
C LYS F 176 -5.13 -11.72 -51.95
N ALA F 177 -4.30 -10.83 -51.40
CA ALA F 177 -3.31 -10.04 -52.18
C ALA F 177 -1.90 -10.16 -51.59
N TYR F 178 -1.71 -9.95 -50.28
CA TYR F 178 -0.37 -9.88 -49.65
C TYR F 178 0.01 -11.27 -49.17
N PRO F 179 0.89 -12.02 -49.87
CA PRO F 179 1.26 -13.38 -49.47
C PRO F 179 2.01 -13.37 -48.13
N VAL F 180 1.75 -14.36 -47.27
CA VAL F 180 2.28 -14.39 -45.88
C VAL F 180 3.80 -14.44 -45.92
N GLU F 181 4.38 -15.19 -46.87
CA GLU F 181 5.83 -15.52 -46.87
C GLU F 181 6.69 -14.36 -47.40
N CYS F 182 6.09 -13.28 -47.94
CA CYS F 182 6.81 -12.10 -48.48
C CYS F 182 6.86 -10.97 -47.46
N TRP F 183 5.84 -10.88 -46.61
CA TRP F 183 5.54 -9.68 -45.79
C TRP F 183 5.52 -10.02 -44.30
N VAL F 184 6.12 -9.14 -43.50
CA VAL F 184 5.99 -9.13 -42.02
C VAL F 184 5.59 -7.73 -41.60
N PRO F 185 5.00 -7.54 -40.41
CA PRO F 185 4.78 -6.19 -39.88
C PRO F 185 6.11 -5.42 -39.80
N ASP F 186 6.13 -4.21 -40.36
CA ASP F 186 7.31 -3.30 -40.38
C ASP F 186 7.53 -2.74 -38.99
N PRO F 187 8.59 -3.16 -38.28
CA PRO F 187 8.81 -2.68 -36.91
C PRO F 187 9.30 -1.22 -36.84
N THR F 188 9.63 -0.61 -37.97
CA THR F 188 10.09 0.81 -38.06
C THR F 188 8.87 1.74 -38.07
N ARG F 189 7.69 1.24 -38.43
CA ARG F 189 6.41 2.00 -38.44
CA ARG F 189 6.42 2.03 -38.42
C ARG F 189 5.46 1.35 -37.43
N ASN F 190 4.16 1.36 -37.71
CA ASN F 190 3.09 0.70 -36.92
C ASN F 190 3.03 1.32 -35.51
N GLU F 191 3.26 2.62 -35.39
CA GLU F 191 3.09 3.38 -34.12
C GLU F 191 1.63 3.29 -33.67
N ASN F 192 0.67 3.26 -34.62
CA ASN F 192 -0.79 3.36 -34.37
C ASN F 192 -1.45 1.98 -34.51
N THR F 193 -0.68 0.90 -34.43
CA THR F 193 -1.16 -0.50 -34.46
C THR F 193 -0.50 -1.31 -33.34
N ARG F 194 -1.23 -2.26 -32.75
CA ARG F 194 -0.67 -3.31 -31.87
C ARG F 194 -0.76 -4.62 -32.65
N TYR F 195 0.38 -5.29 -32.87
CA TYR F 195 0.45 -6.59 -33.60
C TYR F 195 1.11 -7.64 -32.71
N PHE F 196 0.63 -8.88 -32.87
CA PHE F 196 1.08 -10.10 -32.15
C PHE F 196 1.13 -11.25 -33.16
N GLY F 197 2.26 -11.96 -33.23
CA GLY F 197 2.45 -13.06 -34.17
C GLY F 197 3.41 -14.09 -33.62
N THR F 198 3.17 -15.36 -33.93
CA THR F 198 4.04 -16.51 -33.55
C THR F 198 4.19 -17.44 -34.75
N LEU F 199 5.41 -17.63 -35.23
CA LEU F 199 5.75 -18.72 -36.17
C LEU F 199 6.33 -19.89 -35.36
N THR F 200 5.65 -21.03 -35.41
CA THR F 200 6.13 -22.33 -34.87
C THR F 200 6.41 -23.24 -36.07
N GLY F 201 7.63 -23.11 -36.63
CA GLY F 201 8.11 -23.89 -37.80
C GLY F 201 8.47 -25.31 -37.41
N GLY F 202 8.86 -26.12 -38.41
CA GLY F 202 9.13 -27.57 -38.24
C GLY F 202 8.11 -28.39 -39.00
N GLU F 203 8.40 -29.67 -39.26
CA GLU F 203 7.63 -30.49 -40.24
C GLU F 203 6.54 -31.30 -39.51
N ASN F 204 6.78 -31.69 -38.25
CA ASN F 204 5.87 -32.59 -37.48
C ASN F 204 5.36 -31.87 -36.23
N VAL F 205 5.39 -30.53 -36.24
CA VAL F 205 5.09 -29.69 -35.04
C VAL F 205 3.62 -29.86 -34.67
N PRO F 206 3.30 -30.16 -33.39
CA PRO F 206 1.92 -30.21 -32.94
C PRO F 206 1.30 -28.82 -32.85
N PRO F 207 0.13 -28.59 -33.47
CA PRO F 207 -0.70 -27.42 -33.15
C PRO F 207 -1.08 -27.40 -31.66
N VAL F 208 -0.94 -26.23 -31.01
CA VAL F 208 -1.43 -26.00 -29.62
C VAL F 208 -2.32 -24.77 -29.66
N LEU F 209 -3.63 -24.97 -29.66
CA LEU F 209 -4.67 -23.92 -29.80
C LEU F 209 -5.51 -23.87 -28.53
N HIS F 210 -5.47 -22.76 -27.79
CA HIS F 210 -6.31 -22.52 -26.58
C HIS F 210 -7.51 -21.66 -26.99
N ILE F 211 -8.67 -21.97 -26.42
CA ILE F 211 -9.92 -21.18 -26.62
C ILE F 211 -10.48 -20.85 -25.23
N THR F 212 -10.90 -19.60 -25.04
CA THR F 212 -11.55 -19.11 -23.80
C THR F 212 -12.18 -17.75 -24.08
N ASN F 213 -13.28 -17.44 -23.42
CA ASN F 213 -13.92 -16.10 -23.51
C ASN F 213 -13.59 -15.29 -22.25
N THR F 214 -12.54 -15.68 -21.51
CA THR F 214 -12.14 -15.06 -20.23
C THR F 214 -10.85 -14.25 -20.40
N ALA F 215 -10.22 -14.29 -21.58
CA ALA F 215 -8.89 -13.68 -21.82
C ALA F 215 -9.04 -12.38 -22.61
N THR F 216 -8.44 -11.30 -22.10
CA THR F 216 -8.51 -9.93 -22.67
C THR F 216 -7.10 -9.36 -22.83
N THR F 217 -6.76 -8.85 -24.02
CA THR F 217 -5.49 -8.13 -24.30
C THR F 217 -5.74 -6.62 -24.21
N VAL F 218 -4.96 -5.88 -23.42
CA VAL F 218 -5.06 -4.39 -23.34
C VAL F 218 -4.18 -3.78 -24.43
N LEU F 219 -4.73 -2.85 -25.21
CA LEU F 219 -4.08 -2.29 -26.43
C LEU F 219 -3.39 -0.95 -26.13
N LEU F 220 -3.49 -0.45 -24.90
CA LEU F 220 -2.87 0.84 -24.47
C LEU F 220 -1.36 0.67 -24.48
N ASP F 221 -0.64 1.73 -24.88
CA ASP F 221 0.85 1.79 -24.90
C ASP F 221 1.31 2.19 -23.50
N GLU F 222 2.61 2.49 -23.33
CA GLU F 222 3.24 2.80 -22.02
C GLU F 222 2.72 4.15 -21.51
N PHE F 223 2.16 5.00 -22.38
CA PHE F 223 1.55 6.31 -22.04
C PHE F 223 0.03 6.21 -21.80
N GLY F 224 -0.54 5.01 -21.87
CA GLY F 224 -1.98 4.78 -21.61
C GLY F 224 -2.85 5.15 -22.81
N VAL F 225 -2.26 5.24 -24.00
CA VAL F 225 -2.97 5.59 -25.25
C VAL F 225 -3.06 4.35 -26.14
N GLY F 226 -4.25 4.00 -26.60
CA GLY F 226 -4.48 2.90 -27.56
C GLY F 226 -4.47 3.40 -28.99
N PRO F 227 -4.57 2.50 -29.99
CA PRO F 227 -4.69 2.91 -31.39
C PRO F 227 -5.83 3.92 -31.62
N LEU F 228 -5.55 5.01 -32.32
CA LEU F 228 -6.54 6.08 -32.64
C LEU F 228 -7.03 5.90 -34.07
N CYS F 229 -8.30 5.58 -34.19
CA CYS F 229 -8.93 5.25 -35.49
C CYS F 229 -9.20 6.49 -36.31
N LYS F 230 -8.46 6.63 -37.41
CA LYS F 230 -8.59 7.79 -38.30
C LYS F 230 -9.64 7.50 -39.35
N GLY F 231 -10.53 8.47 -39.63
CA GLY F 231 -11.61 8.26 -40.59
C GLY F 231 -12.70 7.47 -39.93
N ASP F 232 -12.62 7.30 -38.62
CA ASP F 232 -13.59 6.47 -37.88
C ASP F 232 -13.54 5.08 -38.50
N ASN F 233 -12.32 4.57 -38.72
CA ASN F 233 -12.12 3.22 -39.31
C ASN F 233 -11.13 2.41 -38.47
N LEU F 234 -11.55 1.25 -37.94
CA LEU F 234 -10.74 0.27 -37.18
C LEU F 234 -10.20 -0.74 -38.17
N TYR F 235 -8.90 -1.08 -38.09
CA TYR F 235 -8.23 -2.03 -39.01
C TYR F 235 -7.85 -3.31 -38.25
N LEU F 236 -8.61 -4.37 -38.49
CA LEU F 236 -8.31 -5.74 -38.00
C LEU F 236 -7.58 -6.50 -39.11
N SER F 237 -6.55 -7.28 -38.74
CA SER F 237 -5.68 -8.05 -39.66
C SER F 237 -5.26 -9.34 -38.96
N ALA F 238 -5.23 -10.45 -39.70
CA ALA F 238 -5.03 -11.80 -39.13
C ALA F 238 -4.41 -12.77 -40.14
N VAL F 239 -3.60 -13.69 -39.65
CA VAL F 239 -3.14 -14.93 -40.35
C VAL F 239 -3.25 -16.09 -39.35
N ASP F 240 -3.86 -17.21 -39.76
CA ASP F 240 -3.96 -18.43 -38.91
C ASP F 240 -3.78 -19.65 -39.81
N VAL F 241 -2.57 -19.85 -40.28
CA VAL F 241 -2.09 -21.11 -40.90
C VAL F 241 -1.85 -22.10 -39.75
N CYS F 242 -2.75 -23.07 -39.56
CA CYS F 242 -2.76 -23.98 -38.38
C CYS F 242 -1.74 -25.12 -38.56
N GLY F 243 -1.30 -25.32 -39.79
CA GLY F 243 -0.36 -26.39 -40.19
C GLY F 243 -0.75 -26.94 -41.55
N MET F 244 -0.37 -28.17 -41.83
CA MET F 244 -0.55 -28.78 -43.17
C MET F 244 -1.37 -30.05 -43.07
N PHE F 245 -2.25 -30.27 -44.04
CA PHE F 245 -3.05 -31.50 -44.20
C PHE F 245 -2.37 -32.39 -45.24
N THR F 246 -1.98 -33.61 -44.84
CA THR F 246 -1.44 -34.66 -45.75
C THR F 246 -2.61 -35.54 -46.21
N ASN F 247 -2.88 -35.59 -47.50
CA ASN F 247 -3.96 -36.46 -48.08
C ASN F 247 -3.32 -37.77 -48.57
N ARG F 248 -4.15 -38.74 -48.97
CA ARG F 248 -3.77 -40.15 -49.23
C ARG F 248 -2.49 -40.24 -50.07
N SER F 249 -2.40 -39.44 -51.13
CA SER F 249 -1.32 -39.45 -52.14
C SER F 249 0.00 -38.98 -51.54
N GLY F 250 -0.03 -38.33 -50.37
CA GLY F 250 1.17 -37.81 -49.68
C GLY F 250 1.30 -36.31 -49.83
N SER F 251 0.60 -35.70 -50.80
CA SER F 251 0.71 -34.25 -51.06
C SER F 251 0.15 -33.46 -49.87
N GLN F 252 0.71 -32.27 -49.62
CA GLN F 252 0.45 -31.47 -48.40
C GLN F 252 -0.11 -30.10 -48.80
N GLN F 253 -1.19 -29.69 -48.15
CA GLN F 253 -1.87 -28.38 -48.30
C GLN F 253 -1.90 -27.68 -46.95
N TRP F 254 -1.68 -26.36 -46.93
CA TRP F 254 -1.93 -25.50 -45.74
C TRP F 254 -3.41 -25.62 -45.37
N ARG F 255 -3.70 -25.62 -44.08
CA ARG F 255 -5.08 -25.50 -43.56
C ARG F 255 -5.11 -24.31 -42.61
N GLY F 256 -6.10 -23.44 -42.78
CA GLY F 256 -6.29 -22.25 -41.94
C GLY F 256 -7.67 -22.22 -41.32
N LEU F 257 -7.87 -21.35 -40.34
CA LEU F 257 -9.17 -21.16 -39.65
C LEU F 257 -9.45 -19.66 -39.51
N SER F 258 -10.73 -19.31 -39.38
CA SER F 258 -11.19 -17.92 -39.12
C SER F 258 -10.73 -17.45 -37.74
N ARG F 259 -10.71 -16.14 -37.52
CA ARG F 259 -10.36 -15.51 -36.22
C ARG F 259 -11.45 -14.53 -35.82
N TYR F 260 -12.01 -14.76 -34.63
CA TYR F 260 -12.94 -13.83 -33.93
C TYR F 260 -12.13 -12.65 -33.36
N PHE F 261 -12.68 -11.45 -33.52
CA PHE F 261 -12.22 -10.18 -32.90
C PHE F 261 -13.39 -9.58 -32.14
N LYS F 262 -13.10 -9.03 -30.96
CA LYS F 262 -14.02 -8.13 -30.22
C LYS F 262 -13.19 -7.00 -29.64
N VAL F 263 -13.43 -5.77 -30.10
CA VAL F 263 -12.61 -4.59 -29.70
C VAL F 263 -13.54 -3.61 -28.97
N GLN F 264 -13.14 -3.23 -27.76
CA GLN F 264 -13.78 -2.14 -26.96
C GLN F 264 -13.08 -0.83 -27.35
N LEU F 265 -13.85 0.17 -27.82
CA LEU F 265 -13.30 1.50 -28.18
C LEU F 265 -13.97 2.57 -27.31
N ARG F 266 -13.28 3.68 -27.07
CA ARG F 266 -13.79 4.85 -26.30
C ARG F 266 -13.42 6.14 -27.02
N LYS F 267 -14.23 7.17 -26.86
CA LYS F 267 -14.03 8.49 -27.51
C LYS F 267 -12.89 9.20 -26.78
N ARG F 268 -11.94 9.75 -27.55
CA ARG F 268 -10.78 10.52 -27.04
C ARG F 268 -10.68 11.84 -27.79
N ARG F 269 -10.49 12.95 -27.07
CA ARG F 269 -10.23 14.26 -27.69
C ARG F 269 -8.74 14.38 -28.02
N VAL F 270 -8.43 14.92 -29.20
CA VAL F 270 -7.05 15.18 -29.69
C VAL F 270 -7.02 16.60 -30.26
N LYS F 271 -5.83 17.13 -30.60
CA LYS F 271 -5.67 18.52 -31.08
C LYS F 271 -4.94 18.53 -32.43
N ASN F 272 -5.26 19.52 -33.28
CA ASN F 272 -4.61 19.88 -34.58
C ASN F 272 -4.32 18.63 -35.42
N VAL G 7 10.86 31.51 -15.44
CA VAL G 7 11.64 30.26 -15.22
C VAL G 7 10.75 29.04 -15.47
N GLU G 8 11.02 28.28 -16.54
CA GLU G 8 10.61 26.85 -16.65
C GLU G 8 11.57 26.03 -15.77
N VAL G 9 11.06 25.44 -14.69
CA VAL G 9 11.84 24.69 -13.66
C VAL G 9 12.09 23.27 -14.17
N LEU G 10 13.34 22.80 -14.15
CA LEU G 10 13.73 21.45 -14.64
C LEU G 10 14.31 20.63 -13.48
N GLU G 11 15.28 19.75 -13.75
CA GLU G 11 15.74 18.70 -12.79
C GLU G 11 16.60 19.32 -11.69
N VAL G 12 16.59 18.68 -10.52
CA VAL G 12 17.43 19.04 -9.35
C VAL G 12 18.81 18.41 -9.54
N LYS G 13 19.87 19.14 -9.21
CA LYS G 13 21.27 18.63 -9.23
C LYS G 13 21.51 17.77 -7.99
N THR G 14 22.14 16.62 -8.16
CA THR G 14 22.58 15.71 -7.06
C THR G 14 24.11 15.70 -7.03
N GLY G 15 24.69 15.09 -6.01
CA GLY G 15 26.16 15.06 -5.79
C GLY G 15 26.54 15.74 -4.49
N VAL G 16 27.79 15.59 -4.08
CA VAL G 16 28.33 16.14 -2.78
C VAL G 16 28.03 17.65 -2.73
N ASP G 17 28.32 18.36 -3.83
CA ASP G 17 28.39 19.85 -3.88
C ASP G 17 27.07 20.46 -4.34
N SER G 18 25.98 19.69 -4.38
CA SER G 18 24.69 20.07 -4.99
C SER G 18 23.77 20.75 -3.96
N ILE G 19 24.23 20.85 -2.71
CA ILE G 19 23.39 21.20 -1.52
C ILE G 19 24.19 22.17 -0.65
N THR G 20 23.55 23.17 -0.06
CA THR G 20 24.18 24.14 0.87
C THR G 20 23.20 24.49 1.98
N GLU G 21 23.69 25.19 3.01
CA GLU G 21 22.95 25.48 4.26
C GLU G 21 23.19 26.96 4.61
N VAL G 22 22.15 27.65 5.07
CA VAL G 22 22.23 29.06 5.54
C VAL G 22 21.66 29.09 6.95
N GLU G 23 22.44 29.63 7.89
CA GLU G 23 22.14 29.64 9.34
C GLU G 23 22.39 31.08 9.82
N CYS G 24 21.38 31.75 10.34
CA CYS G 24 21.54 33.12 10.93
C CYS G 24 20.38 33.44 11.88
N PHE G 25 20.52 34.53 12.63
CA PHE G 25 19.49 35.09 13.53
C PHE G 25 19.17 36.51 13.07
N LEU G 26 17.91 36.92 13.18
CA LEU G 26 17.46 38.31 12.91
C LEU G 26 17.08 38.95 14.23
N THR G 27 17.76 40.04 14.62
CA THR G 27 17.44 40.83 15.83
C THR G 27 16.13 41.55 15.57
N PRO G 28 15.32 41.79 16.62
CA PRO G 28 14.06 42.52 16.46
C PRO G 28 14.28 44.03 16.40
N GLU G 29 13.49 44.72 15.58
CA GLU G 29 13.42 46.20 15.51
C GLU G 29 12.13 46.64 16.21
N MET G 30 12.16 46.74 17.53
CA MET G 30 10.99 47.16 18.35
C MET G 30 10.91 48.69 18.48
N GLY G 31 11.99 49.43 18.21
CA GLY G 31 12.01 50.91 18.21
C GLY G 31 13.25 51.48 18.89
N ASP G 32 13.67 50.86 20.00
CA ASP G 32 14.97 51.10 20.69
C ASP G 32 15.06 52.56 21.11
N PRO G 33 14.25 52.99 22.11
CA PRO G 33 14.18 54.39 22.51
C PRO G 33 15.47 54.93 23.14
N ASP G 34 16.18 54.13 23.93
CA ASP G 34 17.59 54.39 24.31
C ASP G 34 18.32 53.05 24.43
N GLU G 35 19.64 53.08 24.60
CA GLU G 35 20.50 51.86 24.55
C GLU G 35 20.05 50.92 25.67
N HIS G 36 19.70 51.43 26.83
CA HIS G 36 19.24 50.63 28.00
C HIS G 36 18.01 49.77 27.64
N LEU G 37 17.27 50.12 26.58
CA LEU G 37 15.98 49.48 26.19
C LEU G 37 16.07 48.89 24.78
N ARG G 38 17.20 48.28 24.41
CA ARG G 38 17.39 47.57 23.12
C ARG G 38 16.41 46.39 23.06
N GLY G 39 15.59 46.30 22.03
CA GLY G 39 14.60 45.22 21.88
C GLY G 39 13.28 45.54 22.57
N PHE G 40 13.16 46.76 23.12
CA PHE G 40 11.87 47.35 23.58
C PHE G 40 11.49 48.50 22.65
N SER G 41 10.20 48.83 22.60
CA SER G 41 9.68 50.08 21.99
C SER G 41 9.71 51.19 23.05
N LYS G 42 9.48 52.43 22.61
CA LYS G 42 9.20 53.55 23.53
C LYS G 42 7.85 53.26 24.20
N SER G 43 7.63 53.81 25.40
CA SER G 43 6.29 53.86 26.07
CA SER G 43 6.29 53.80 26.05
C SER G 43 5.26 54.33 25.06
N ILE G 44 4.07 53.73 25.06
CA ILE G 44 3.04 54.05 24.04
C ILE G 44 2.17 55.22 24.52
N SER G 45 2.26 56.35 23.81
CA SER G 45 1.34 57.51 23.92
C SER G 45 0.06 57.20 23.15
N ILE G 46 -1.10 57.56 23.71
CA ILE G 46 -2.42 57.54 23.01
C ILE G 46 -2.70 58.97 22.55
N SER G 47 -3.07 59.15 21.28
CA SER G 47 -3.41 60.47 20.68
C SER G 47 -4.79 60.93 21.17
N ASP G 48 -5.04 62.24 21.11
CA ASP G 48 -6.31 62.87 21.55
C ASP G 48 -7.42 62.51 20.56
N THR G 49 -7.15 62.62 19.25
CA THR G 49 -8.11 62.32 18.15
C THR G 49 -7.40 61.52 17.06
N PHE G 50 -8.17 60.97 16.11
CA PHE G 50 -7.65 60.27 14.92
C PHE G 50 -6.86 61.26 14.06
N GLU G 51 -7.33 62.51 14.00
CA GLU G 51 -6.76 63.56 13.09
CA GLU G 51 -6.78 63.58 13.10
C GLU G 51 -5.39 64.01 13.60
N SER G 52 -5.12 63.91 14.91
CA SER G 52 -3.86 64.37 15.54
C SER G 52 -3.05 63.18 16.10
N ASP G 53 -2.80 62.17 15.27
CA ASP G 53 -2.06 60.93 15.65
C ASP G 53 -0.73 60.93 14.89
N SER G 54 0.35 61.26 15.59
CA SER G 54 1.70 61.48 14.99
CA SER G 54 1.70 61.48 14.99
C SER G 54 2.74 60.75 15.84
N PRO G 55 2.86 59.41 15.73
CA PRO G 55 3.70 58.64 16.66
C PRO G 55 5.20 58.89 16.47
N ASN G 56 5.93 58.76 17.58
CA ASN G 56 7.42 58.84 17.67
C ASN G 56 8.00 57.61 16.96
N ARG G 57 9.08 57.77 16.21
CA ARG G 57 9.66 56.68 15.39
C ARG G 57 10.03 55.49 16.27
N ASP G 58 10.56 55.74 17.48
CA ASP G 58 11.04 54.69 18.40
C ASP G 58 9.85 54.02 19.11
N MET G 59 8.61 54.32 18.70
CA MET G 59 7.37 53.73 19.27
C MET G 59 6.79 52.69 18.31
N LEU G 60 7.35 52.58 17.10
CA LEU G 60 6.80 51.73 16.01
C LEU G 60 7.75 50.56 15.76
N PRO G 61 7.38 49.33 16.20
CA PRO G 61 8.07 48.11 15.75
C PRO G 61 8.05 48.01 14.22
N CYS G 62 9.11 47.46 13.64
CA CYS G 62 9.34 47.35 12.17
C CYS G 62 9.63 45.89 11.80
N TYR G 63 9.35 45.54 10.54
CA TYR G 63 9.75 44.26 9.90
C TYR G 63 11.29 44.19 9.88
N SER G 64 11.84 43.05 10.31
CA SER G 64 13.28 42.71 10.21
C SER G 64 13.48 41.97 8.89
N VAL G 65 14.63 42.17 8.24
CA VAL G 65 14.93 41.54 6.93
C VAL G 65 16.44 41.30 6.84
N ALA G 66 16.83 40.18 6.23
CA ALA G 66 18.22 39.79 5.98
C ALA G 66 18.33 39.28 4.54
N ARG G 67 19.29 39.83 3.80
CA ARG G 67 19.60 39.41 2.43
C ARG G 67 20.93 38.68 2.44
N ILE G 68 20.91 37.37 2.35
CA ILE G 68 22.10 36.50 2.53
C ILE G 68 22.59 36.05 1.16
N PRO G 69 23.81 36.47 0.74
CA PRO G 69 24.43 35.94 -0.47
C PRO G 69 24.71 34.44 -0.30
N LEU G 70 24.43 33.66 -1.34
CA LEU G 70 24.70 32.20 -1.45
C LEU G 70 25.89 31.97 -2.37
N PRO G 71 26.56 30.81 -2.32
CA PRO G 71 27.63 30.49 -3.26
C PRO G 71 27.27 30.84 -4.71
N ASN G 72 28.20 31.48 -5.43
CA ASN G 72 28.04 31.90 -6.84
C ASN G 72 27.90 30.65 -7.71
N LEU G 73 27.00 30.64 -8.68
CA LEU G 73 26.59 29.41 -9.41
C LEU G 73 26.99 29.44 -10.90
N ASN G 74 26.79 30.57 -11.59
CA ASN G 74 26.89 30.65 -13.07
C ASN G 74 27.70 31.88 -13.49
N ILE G 82 21.94 26.97 -16.60
CA ILE G 82 21.54 28.11 -15.72
C ILE G 82 20.99 27.54 -14.40
N LEU G 83 21.80 27.53 -13.33
CA LEU G 83 21.42 26.96 -12.01
C LEU G 83 20.94 28.08 -11.09
N MET G 84 19.99 27.76 -10.20
CA MET G 84 19.54 28.67 -9.11
C MET G 84 19.47 27.86 -7.81
N TRP G 85 19.74 28.50 -6.68
CA TRP G 85 19.56 27.90 -5.35
C TRP G 85 18.05 27.84 -5.05
N GLU G 86 17.57 26.66 -4.68
CA GLU G 86 16.14 26.40 -4.34
C GLU G 86 16.06 26.11 -2.85
N ALA G 87 15.32 26.93 -2.09
CA ALA G 87 15.07 26.76 -0.64
C ALA G 87 14.09 25.61 -0.44
N VAL G 88 14.48 24.56 0.29
CA VAL G 88 13.70 23.30 0.43
C VAL G 88 13.07 23.23 1.83
N THR G 89 13.88 23.29 2.89
CA THR G 89 13.40 23.13 4.30
C THR G 89 13.90 24.31 5.15
N LEU G 90 13.06 24.72 6.11
CA LEU G 90 13.34 25.78 7.12
C LEU G 90 13.24 25.16 8.52
N LYS G 91 14.20 25.47 9.39
CA LYS G 91 14.07 25.36 10.86
C LYS G 91 14.15 26.77 11.43
N THR G 92 13.20 27.15 12.29
CA THR G 92 13.16 28.49 12.93
C THR G 92 12.66 28.35 14.36
N GLU G 93 13.17 29.18 15.28
CA GLU G 93 12.58 29.36 16.63
C GLU G 93 12.99 30.73 17.19
N VAL G 94 12.19 31.23 18.13
CA VAL G 94 12.40 32.51 18.86
C VAL G 94 13.53 32.28 19.87
N ILE G 95 14.52 33.17 19.90
CA ILE G 95 15.72 33.06 20.78
C ILE G 95 15.51 33.93 22.02
N GLY G 96 15.47 33.30 23.20
CA GLY G 96 15.43 33.96 24.52
C GLY G 96 14.03 34.01 25.10
N VAL G 97 13.24 32.94 24.91
CA VAL G 97 11.83 32.88 25.39
C VAL G 97 11.85 32.93 26.93
N THR G 98 12.86 32.36 27.58
CA THR G 98 12.95 32.29 29.06
C THR G 98 13.23 33.67 29.64
N SER G 99 13.69 34.64 28.86
CA SER G 99 13.94 36.03 29.31
C SER G 99 12.63 36.66 29.81
N LEU G 100 11.48 36.17 29.35
CA LEU G 100 10.14 36.70 29.74
C LEU G 100 9.75 36.22 31.13
N MET G 101 10.63 35.50 31.83
CA MET G 101 10.43 35.10 33.24
C MET G 101 11.17 36.06 34.17
N ASN G 102 11.82 37.10 33.63
CA ASN G 102 12.42 38.19 34.46
C ASN G 102 11.28 39.11 34.89
N VAL G 103 10.71 38.81 36.05
CA VAL G 103 9.46 39.42 36.58
C VAL G 103 9.84 40.16 37.87
N HIS G 104 11.11 40.58 37.98
CA HIS G 104 11.74 41.18 39.18
C HIS G 104 12.48 42.47 38.82
N SER G 105 12.35 42.95 37.58
CA SER G 105 13.19 44.04 37.03
C SER G 105 12.28 45.19 36.55
N ASN G 106 11.99 46.13 37.43
CA ASN G 106 11.38 47.45 37.08
C ASN G 106 9.93 47.30 36.59
N GLY G 107 9.24 46.22 36.96
CA GLY G 107 7.84 45.94 36.58
C GLY G 107 6.85 46.61 37.51
N GLN G 108 5.55 46.50 37.20
CA GLN G 108 4.41 46.92 38.05
C GLN G 108 3.89 45.69 38.77
N ALA G 109 3.76 45.74 40.10
CA ALA G 109 3.27 44.60 40.91
C ALA G 109 1.87 44.21 40.44
N THR G 110 1.60 42.91 40.29
CA THR G 110 0.25 42.34 40.01
C THR G 110 -0.74 42.85 41.05
N HIS G 111 -0.35 42.79 42.33
CA HIS G 111 -1.12 43.27 43.50
C HIS G 111 -0.13 43.63 44.63
N ASP G 112 -0.61 44.05 45.80
CA ASP G 112 0.23 44.37 46.99
C ASP G 112 1.21 43.22 47.25
N ASN G 113 2.50 43.52 47.32
CA ASN G 113 3.60 42.57 47.66
C ASN G 113 3.80 41.52 46.56
N GLY G 114 3.04 41.63 45.46
CA GLY G 114 3.05 40.62 44.40
C GLY G 114 4.32 40.72 43.56
N ALA G 115 4.60 39.70 42.75
CA ALA G 115 5.68 39.70 41.75
C ALA G 115 5.32 40.70 40.66
N GLY G 116 6.29 41.04 39.81
CA GLY G 116 6.09 41.92 38.65
C GLY G 116 5.03 41.38 37.69
N LYS G 117 4.44 42.26 36.88
CA LYS G 117 3.52 41.86 35.80
C LYS G 117 4.39 41.33 34.66
N PRO G 118 4.15 40.11 34.16
CA PRO G 118 4.98 39.54 33.10
C PRO G 118 4.59 40.15 31.75
N VAL G 119 5.47 40.08 30.74
CA VAL G 119 5.17 40.52 29.35
C VAL G 119 3.92 39.77 28.89
N GLN G 120 2.92 40.49 28.38
CA GLN G 120 1.62 39.92 27.93
C GLN G 120 0.93 40.93 27.00
N GLY G 121 -0.21 40.54 26.43
CA GLY G 121 -0.99 41.38 25.52
C GLY G 121 -0.68 41.07 24.06
N THR G 122 -1.20 41.92 23.16
CA THR G 122 -1.08 41.72 21.69
C THR G 122 0.29 41.26 21.27
N SER G 123 0.29 40.21 20.47
CA SER G 123 1.57 39.68 19.92
C SER G 123 1.40 39.43 18.43
N PHE G 124 2.49 39.56 17.66
CA PHE G 124 2.59 39.19 16.23
C PHE G 124 3.92 38.47 15.99
N HIS G 125 3.84 37.17 15.71
CA HIS G 125 4.98 36.31 15.32
C HIS G 125 4.84 35.95 13.83
N PHE G 126 5.89 36.26 13.06
CA PHE G 126 5.90 36.19 11.58
C PHE G 126 7.32 35.89 11.10
N PHE G 127 7.45 34.95 10.15
CA PHE G 127 8.71 34.66 9.43
C PHE G 127 8.40 34.30 7.98
N SER G 128 9.35 34.60 7.09
CA SER G 128 9.25 34.38 5.63
C SER G 128 10.61 33.94 5.09
N VAL G 129 10.60 33.00 4.13
CA VAL G 129 11.78 32.60 3.32
C VAL G 129 11.38 32.77 1.85
N GLY G 130 12.27 33.36 1.05
CA GLY G 130 11.99 33.73 -0.37
C GLY G 130 13.24 33.97 -1.18
N GLY G 131 13.11 33.92 -2.51
CA GLY G 131 14.20 34.16 -3.47
C GLY G 131 14.21 35.59 -3.97
N GLU G 132 13.41 36.45 -3.34
CA GLU G 132 13.35 37.90 -3.61
C GLU G 132 12.74 38.58 -2.39
N ALA G 133 12.92 39.89 -2.27
CA ALA G 133 12.37 40.70 -1.16
C ALA G 133 10.89 40.38 -0.97
N LEU G 134 10.45 40.23 0.29
CA LEU G 134 9.02 40.04 0.64
C LEU G 134 8.22 41.22 0.08
N GLU G 135 7.11 40.94 -0.60
CA GLU G 135 6.25 41.98 -1.22
C GLU G 135 5.13 42.35 -0.22
N LEU G 136 4.96 43.65 0.04
CA LEU G 136 4.08 44.20 1.10
C LEU G 136 2.85 44.87 0.48
N GLN G 137 1.71 44.77 1.16
CA GLN G 137 0.49 45.56 0.89
C GLN G 137 0.22 46.44 2.11
N GLY G 138 -0.19 47.68 1.89
CA GLY G 138 -0.46 48.67 2.94
C GLY G 138 -1.90 48.62 3.39
N VAL G 139 -2.13 48.50 4.70
CA VAL G 139 -3.46 48.69 5.36
C VAL G 139 -3.22 49.48 6.64
N LEU G 140 -3.95 50.59 6.80
CA LEU G 140 -3.81 51.54 7.94
C LEU G 140 -5.02 51.42 8.85
N PHE G 141 -4.81 51.33 10.16
CA PHE G 141 -5.90 51.35 11.16
C PHE G 141 -6.62 52.69 11.06
N ASN G 142 -5.85 53.78 11.10
CA ASN G 142 -6.31 55.19 10.94
C ASN G 142 -5.51 55.79 9.79
N TYR G 143 -6.18 56.24 8.72
CA TYR G 143 -5.52 56.70 7.47
C TYR G 143 -4.84 58.05 7.72
N ARG G 144 -5.29 58.80 8.72
CA ARG G 144 -4.76 60.14 9.06
C ARG G 144 -3.58 60.03 10.02
N THR G 145 -3.20 58.82 10.45
CA THR G 145 -1.96 58.59 11.26
C THR G 145 -0.79 59.16 10.46
N LYS G 146 0.06 59.99 11.08
CA LYS G 146 1.25 60.59 10.43
C LYS G 146 2.51 59.82 10.82
N TYR G 147 2.97 58.94 9.93
CA TYR G 147 4.15 58.09 10.15
C TYR G 147 5.39 58.99 10.04
N PRO G 148 6.43 58.75 10.86
CA PRO G 148 7.54 59.68 10.99
C PRO G 148 8.64 59.52 9.93
N ASP G 149 9.32 60.61 9.59
CA ASP G 149 10.53 60.63 8.74
C ASP G 149 11.51 59.55 9.22
N GLY G 150 12.01 58.71 8.31
CA GLY G 150 12.93 57.61 8.64
C GLY G 150 12.28 56.27 8.43
N THR G 151 10.95 56.19 8.56
CA THR G 151 10.14 54.99 8.20
C THR G 151 9.66 55.14 6.74
N ILE G 152 9.37 54.00 6.11
CA ILE G 152 8.71 53.88 4.78
C ILE G 152 7.31 53.33 5.04
N PHE G 153 6.27 54.06 4.61
CA PHE G 153 4.85 53.84 4.96
C PHE G 153 3.98 54.07 3.73
N PRO G 154 2.70 53.65 3.76
CA PRO G 154 1.74 54.00 2.71
C PRO G 154 1.64 55.51 2.44
N LYS G 155 2.06 55.90 1.22
CA LYS G 155 2.06 57.30 0.72
C LYS G 155 0.69 57.62 0.13
N ASN G 156 0.26 58.88 0.21
CA ASN G 156 -1.01 59.37 -0.36
C ASN G 156 -2.16 58.53 0.23
N ALA G 157 -2.20 58.37 1.54
CA ALA G 157 -3.27 57.63 2.24
C ALA G 157 -4.61 58.32 1.97
N THR G 158 -5.56 57.60 1.39
CA THR G 158 -6.97 58.03 1.21
C THR G 158 -7.84 57.33 2.26
N VAL G 159 -9.11 57.69 2.30
CA VAL G 159 -10.13 57.05 3.19
C VAL G 159 -10.13 55.53 2.98
N GLN G 160 -10.01 55.07 1.73
CA GLN G 160 -10.07 53.63 1.35
C GLN G 160 -8.81 52.90 1.83
N SER G 161 -7.80 53.60 2.34
CA SER G 161 -6.54 52.99 2.85
C SER G 161 -6.82 52.17 4.12
N GLN G 162 -7.91 52.46 4.82
CA GLN G 162 -8.29 51.81 6.11
C GLN G 162 -8.84 50.40 5.87
N VAL G 163 -9.22 50.04 4.64
CA VAL G 163 -9.76 48.69 4.30
C VAL G 163 -8.90 48.04 3.22
N MET G 164 -8.64 48.75 2.12
CA MET G 164 -7.79 48.23 1.01
C MET G 164 -7.57 49.29 -0.08
N ASN G 165 -6.32 49.72 -0.25
CA ASN G 165 -5.89 50.68 -1.31
C ASN G 165 -4.70 50.06 -2.06
N THR G 166 -4.90 49.67 -3.33
CA THR G 166 -3.94 48.87 -4.12
C THR G 166 -2.72 49.71 -4.52
N GLU G 167 -2.77 51.02 -4.31
CA GLU G 167 -1.63 51.95 -4.57
C GLU G 167 -0.50 51.67 -3.57
N HIS G 168 -0.83 51.15 -2.38
CA HIS G 168 0.12 50.91 -1.25
C HIS G 168 0.83 49.56 -1.42
N LYS G 169 1.70 49.45 -2.43
CA LYS G 169 2.56 48.26 -2.69
C LYS G 169 4.01 48.65 -2.37
N ALA G 170 4.78 47.74 -1.80
CA ALA G 170 6.18 48.00 -1.43
C ALA G 170 6.94 46.69 -1.35
N TYR G 171 8.27 46.79 -1.34
CA TYR G 171 9.23 45.68 -1.09
C TYR G 171 9.91 45.91 0.26
N LEU G 172 9.88 44.88 1.12
CA LEU G 172 10.63 44.86 2.41
C LEU G 172 12.11 44.74 2.07
N ASP G 173 12.75 45.86 1.72
CA ASP G 173 14.13 45.90 1.17
C ASP G 173 15.04 46.70 2.10
N LYS G 174 14.64 46.91 3.35
CA LYS G 174 15.39 47.76 4.31
C LYS G 174 14.96 47.47 5.76
N ASN G 175 15.91 47.60 6.68
CA ASN G 175 15.70 47.37 8.14
CA ASN G 175 15.70 47.37 8.14
C ASN G 175 15.34 48.69 8.83
N LYS G 176 14.64 48.58 9.97
CA LYS G 176 14.24 49.72 10.84
C LYS G 176 13.45 50.75 10.02
N ALA G 177 12.70 50.31 9.00
CA ALA G 177 12.05 51.20 8.01
C ALA G 177 10.55 50.91 7.89
N TYR G 178 10.15 49.65 7.66
CA TYR G 178 8.74 49.28 7.35
C TYR G 178 8.01 48.96 8.65
N PRO G 179 7.17 49.88 9.18
CA PRO G 179 6.48 49.66 10.44
C PRO G 179 5.52 48.47 10.33
N VAL G 180 5.40 47.67 11.38
CA VAL G 180 4.60 46.41 11.36
C VAL G 180 3.14 46.77 11.09
N GLU G 181 2.62 47.85 11.69
CA GLU G 181 1.17 48.16 11.71
C GLU G 181 0.67 48.75 10.38
N CYS G 182 1.57 49.10 9.44
CA CYS G 182 1.20 49.66 8.12
C CYS G 182 1.16 48.59 7.04
N TRP G 183 2.00 47.56 7.19
CA TRP G 183 2.34 46.61 6.10
C TRP G 183 1.97 45.19 6.49
N VAL G 184 1.42 44.43 5.55
CA VAL G 184 1.25 42.95 5.64
C VAL G 184 1.84 42.36 4.37
N PRO G 185 2.16 41.05 4.34
CA PRO G 185 2.51 40.39 3.09
C PRO G 185 1.37 40.52 2.08
N ASP G 186 1.70 40.97 0.85
CA ASP G 186 0.76 41.14 -0.28
C ASP G 186 0.38 39.75 -0.79
N PRO G 187 -0.88 39.28 -0.57
CA PRO G 187 -1.27 37.96 -1.04
C PRO G 187 -1.46 37.86 -2.56
N THR G 188 -1.45 38.98 -3.28
CA THR G 188 -1.60 39.05 -4.77
C THR G 188 -0.27 38.73 -5.43
N ARG G 189 0.85 38.90 -4.72
CA ARG G 189 2.21 38.59 -5.22
C ARG G 189 2.83 37.49 -4.34
N ASN G 190 4.14 37.55 -4.09
CA ASN G 190 4.89 36.62 -3.20
C ASN G 190 4.82 35.18 -3.72
N GLU G 191 4.80 34.99 -5.04
CA GLU G 191 4.83 33.65 -5.69
C GLU G 191 6.12 32.93 -5.29
N ASN G 192 7.23 33.67 -5.10
CA ASN G 192 8.60 33.14 -4.89
C ASN G 192 9.00 33.25 -3.42
N THR G 193 8.04 33.42 -2.51
CA THR G 193 8.24 33.50 -1.05
C THR G 193 7.23 32.59 -0.35
N ARG G 194 7.64 31.95 0.75
CA ARG G 194 6.72 31.27 1.71
C ARG G 194 6.70 32.12 2.99
N TYR G 195 5.54 32.60 3.41
CA TYR G 195 5.38 33.44 4.62
C TYR G 195 4.36 32.77 5.55
N PHE G 196 4.57 32.96 6.85
CA PHE G 196 3.76 32.43 7.97
C PHE G 196 3.72 33.49 9.07
N GLY G 197 2.53 33.83 9.54
CA GLY G 197 2.32 34.89 10.54
C GLY G 197 1.08 34.63 11.36
N THR G 198 1.12 34.97 12.65
CA THR G 198 -0.02 34.85 13.59
C THR G 198 -0.09 36.13 14.44
N LEU G 199 -1.21 36.84 14.36
CA LEU G 199 -1.54 37.93 15.31
C LEU G 199 -2.48 37.36 16.37
N THR G 200 -2.04 37.37 17.63
CA THR G 200 -2.86 37.04 18.82
C THR G 200 -3.08 38.34 19.60
N GLY G 201 -4.07 39.13 19.18
CA GLY G 201 -4.46 40.42 19.79
C GLY G 201 -5.15 40.22 21.12
N GLY G 202 -5.48 41.33 21.81
CA GLY G 202 -6.04 41.31 23.18
C GLY G 202 -5.06 41.93 24.16
N GLU G 203 -5.53 42.33 25.35
CA GLU G 203 -4.76 43.21 26.28
C GLU G 203 -4.02 42.37 27.32
N ASN G 204 -4.57 41.21 27.70
CA ASN G 204 -4.03 40.34 28.79
C ASN G 204 -3.68 38.96 28.23
N VAL G 205 -3.43 38.87 26.93
CA VAL G 205 -3.23 37.57 26.21
C VAL G 205 -1.92 36.95 26.69
N PRO G 206 -1.93 35.65 27.08
CA PRO G 206 -0.70 34.96 27.45
C PRO G 206 0.14 34.63 26.21
N PRO G 207 1.44 35.00 26.20
CA PRO G 207 2.39 34.44 25.24
C PRO G 207 2.43 32.91 25.37
N VAL G 208 2.41 32.20 24.23
CA VAL G 208 2.63 30.73 24.15
C VAL G 208 3.73 30.49 23.12
N LEU G 209 4.96 30.30 23.58
CA LEU G 209 6.18 30.13 22.75
C LEU G 209 6.70 28.72 22.95
N HIS G 210 6.73 27.91 21.89
CA HIS G 210 7.34 26.55 21.89
C HIS G 210 8.74 26.67 21.27
N ILE G 211 9.71 25.93 21.81
CA ILE G 211 11.10 25.81 21.27
C ILE G 211 11.41 24.32 21.10
N THR G 212 12.00 23.94 19.96
CA THR G 212 12.48 22.57 19.68
C THR G 212 13.39 22.63 18.46
N ASN G 213 14.39 21.74 18.41
CA ASN G 213 15.29 21.58 17.25
C ASN G 213 14.85 20.35 16.46
N THR G 214 13.64 19.85 16.66
CA THR G 214 13.11 18.62 16.00
C THR G 214 12.03 18.96 14.96
N ALA G 215 11.68 20.24 14.79
CA ALA G 215 10.57 20.69 13.91
C ALA G 215 11.14 21.33 12.64
N THR G 216 10.67 20.87 11.47
CA THR G 216 11.10 21.33 10.13
C THR G 216 9.88 21.70 9.29
N THR G 217 9.90 22.86 8.66
CA THR G 217 8.87 23.33 7.69
C THR G 217 9.41 23.07 6.27
N VAL G 218 8.63 22.40 5.42
CA VAL G 218 9.01 22.15 4.01
C VAL G 218 8.50 23.33 3.19
N LEU G 219 9.34 23.94 2.35
CA LEU G 219 9.06 25.21 1.64
C LEU G 219 8.59 24.93 0.21
N LEU G 220 8.55 23.68 -0.23
CA LEU G 220 8.13 23.29 -1.60
C LEU G 220 6.65 23.61 -1.78
N ASP G 221 6.25 24.05 -2.97
CA ASP G 221 4.82 24.31 -3.33
C ASP G 221 4.16 23.00 -3.76
N GLU G 222 2.93 23.08 -4.26
CA GLU G 222 2.11 21.90 -4.66
C GLU G 222 2.75 21.19 -5.87
N PHE G 223 3.65 21.86 -6.60
CA PHE G 223 4.40 21.31 -7.76
C PHE G 223 5.78 20.77 -7.34
N GLY G 224 6.13 20.84 -6.04
CA GLY G 224 7.41 20.33 -5.52
C GLY G 224 8.56 21.29 -5.76
N VAL G 225 8.27 22.58 -6.01
CA VAL G 225 9.28 23.64 -6.27
C VAL G 225 9.30 24.59 -5.07
N GLY G 226 10.48 24.86 -4.53
CA GLY G 226 10.67 25.83 -3.43
C GLY G 226 11.06 27.20 -3.99
N PRO G 227 11.20 28.22 -3.12
CA PRO G 227 11.65 29.54 -3.55
C PRO G 227 12.98 29.47 -4.31
N LEU G 228 13.06 30.11 -5.47
CA LEU G 228 14.28 30.14 -6.33
C LEU G 228 15.01 31.47 -6.12
N CYS G 229 16.22 31.43 -5.58
CA CYS G 229 17.01 32.62 -5.16
C CYS G 229 17.61 33.29 -6.39
N LYS G 230 16.95 34.36 -6.86
CA LYS G 230 17.41 35.27 -7.93
C LYS G 230 18.68 35.99 -7.48
N GLY G 231 19.67 36.07 -8.36
CA GLY G 231 20.96 36.73 -8.07
C GLY G 231 21.69 36.04 -6.94
N ASP G 232 21.40 34.78 -6.69
CA ASP G 232 22.07 33.95 -5.64
C ASP G 232 21.90 34.62 -4.27
N ASN G 233 20.69 35.13 -3.98
CA ASN G 233 20.36 35.82 -2.71
C ASN G 233 19.13 35.18 -2.06
N LEU G 234 19.25 34.77 -0.80
CA LEU G 234 18.12 34.26 0.02
C LEU G 234 17.62 35.41 0.90
N TYR G 235 16.30 35.62 0.95
CA TYR G 235 15.66 36.73 1.70
C TYR G 235 14.90 36.16 2.89
N LEU G 236 15.47 36.32 4.09
CA LEU G 236 14.81 36.01 5.38
C LEU G 236 14.18 37.29 5.93
N SER G 237 12.97 37.20 6.46
CA SER G 237 12.18 38.33 7.02
C SER G 237 11.41 37.82 8.24
N ALA G 238 11.30 38.64 9.29
CA ALA G 238 10.72 38.23 10.59
C ALA G 238 10.15 39.42 11.36
N VAL G 239 9.09 39.15 12.13
CA VAL G 239 8.57 40.02 13.23
C VAL G 239 8.25 39.13 14.42
N ASP G 240 8.72 39.49 15.62
CA ASP G 240 8.41 38.74 16.87
C ASP G 240 8.17 39.73 18.02
N VAL G 241 7.05 40.44 17.93
CA VAL G 241 6.48 41.25 19.04
C VAL G 241 5.84 40.25 20.01
N CYS G 242 6.49 39.99 21.14
CA CYS G 242 6.09 38.92 22.10
C CYS G 242 4.93 39.39 22.98
N GLY G 243 4.71 40.69 23.04
CA GLY G 243 3.68 41.34 23.87
C GLY G 243 4.21 42.64 24.41
N MET G 244 3.67 43.08 25.56
CA MET G 244 4.00 44.39 26.14
C MET G 244 4.53 44.24 27.57
N PHE G 245 5.53 45.04 27.90
CA PHE G 245 6.11 45.15 29.26
C PHE G 245 5.49 46.37 29.95
N THR G 246 4.79 46.16 31.07
CA THR G 246 4.26 47.23 31.94
C THR G 246 5.29 47.53 33.03
N ASN G 247 5.80 48.77 33.09
CA ASN G 247 6.79 49.17 34.12
C ASN G 247 6.02 49.87 35.26
N ARG G 248 6.72 50.19 36.35
CA ARG G 248 6.16 50.64 37.66
C ARG G 248 5.07 51.71 37.45
N SER G 249 5.36 52.70 36.61
CA SER G 249 4.49 53.89 36.35
C SER G 249 3.19 53.50 35.65
N GLY G 250 3.11 52.28 35.11
CA GLY G 250 1.93 51.78 34.37
C GLY G 250 2.14 51.83 32.86
N SER G 251 3.10 52.61 32.36
CA SER G 251 3.33 52.77 30.91
C SER G 251 3.78 51.43 30.31
N GLN G 252 3.43 51.20 29.03
CA GLN G 252 3.59 49.90 28.34
C GLN G 252 4.46 50.08 27.09
N GLN G 253 5.46 49.22 26.95
CA GLN G 253 6.39 49.15 25.79
C GLN G 253 6.25 47.77 25.16
N TRP G 254 6.31 47.69 23.82
CA TRP G 254 6.47 46.40 23.10
C TRP G 254 7.79 45.77 23.55
N ARG G 255 7.82 44.44 23.68
CA ARG G 255 9.06 43.63 23.85
C ARG G 255 9.13 42.61 22.72
N GLY G 256 10.28 42.51 22.06
CA GLY G 256 10.51 41.58 20.95
C GLY G 256 11.72 40.71 21.22
N LEU G 257 11.87 39.64 20.45
CA LEU G 257 13.01 38.70 20.54
C LEU G 257 13.55 38.39 19.15
N SER G 258 14.82 37.98 19.08
CA SER G 258 15.48 37.54 17.84
C SER G 258 14.86 36.23 17.34
N ARG G 259 15.05 35.92 16.06
CA ARG G 259 14.54 34.67 15.44
C ARG G 259 15.67 33.97 14.70
N TYR G 260 15.94 32.72 15.07
CA TYR G 260 16.87 31.80 14.38
C TYR G 260 16.22 31.31 13.09
N PHE G 261 17.03 31.24 12.03
CA PHE G 261 16.69 30.63 10.73
C PHE G 261 17.77 29.62 10.38
N LYS G 262 17.38 28.48 9.83
CA LYS G 262 18.29 27.50 9.20
C LYS G 262 17.59 26.97 7.94
N VAL G 263 18.13 27.29 6.77
CA VAL G 263 17.50 26.97 5.46
C VAL G 263 18.43 26.02 4.72
N GLN G 264 17.91 24.87 4.31
CA GLN G 264 18.56 23.90 3.39
C GLN G 264 18.20 24.30 1.97
N LEU G 265 19.20 24.55 1.13
CA LEU G 265 19.01 24.89 -0.31
C LEU G 265 19.69 23.83 -1.17
N ARG G 266 19.19 23.64 -2.39
CA ARG G 266 19.74 22.70 -3.38
C ARG G 266 19.80 23.39 -4.74
N LYS G 267 20.74 22.99 -5.59
CA LYS G 267 20.91 23.54 -6.95
C LYS G 267 19.81 22.98 -7.87
N ARG G 268 19.16 23.86 -8.63
CA ARG G 268 18.08 23.49 -9.58
C ARG G 268 18.36 24.17 -10.92
N ARG G 269 18.27 23.42 -12.02
CA ARG G 269 18.39 23.97 -13.38
C ARG G 269 17.05 24.57 -13.83
N VAL G 270 17.10 25.72 -14.47
CA VAL G 270 15.92 26.45 -15.01
C VAL G 270 16.27 26.89 -16.45
N LYS G 271 15.29 27.39 -17.21
CA LYS G 271 15.48 27.79 -18.62
C LYS G 271 14.96 29.23 -18.81
N ASN G 272 15.29 29.87 -19.95
CA ASN G 272 14.84 31.24 -20.36
C ASN G 272 14.76 32.18 -19.13
N VAL H 7 32.05 11.04 13.24
CA VAL H 7 31.37 9.73 13.52
C VAL H 7 30.42 9.42 12.34
N GLU H 8 30.92 8.71 11.32
CA GLU H 8 30.11 8.05 10.26
C GLU H 8 29.28 6.96 10.94
N VAL H 9 27.95 7.07 10.94
CA VAL H 9 27.00 6.15 11.64
C VAL H 9 26.72 4.95 10.75
N LEU H 10 26.88 3.73 11.28
CA LEU H 10 26.70 2.46 10.54
C LEU H 10 25.56 1.66 11.21
N GLU H 11 25.61 0.33 11.14
CA GLU H 11 24.47 -0.57 11.44
C GLU H 11 24.20 -0.59 12.94
N VAL H 12 22.95 -0.87 13.30
CA VAL H 12 22.49 -1.05 14.71
C VAL H 12 22.79 -2.49 15.11
N LYS H 13 23.26 -2.72 16.34
CA LYS H 13 23.46 -4.07 16.92
C LYS H 13 22.13 -4.64 17.37
N THR H 14 21.86 -5.91 17.06
CA THR H 14 20.67 -6.67 17.52
C THR H 14 21.16 -7.77 18.46
N GLY H 15 20.23 -8.45 19.13
CA GLY H 15 20.52 -9.50 20.12
C GLY H 15 19.96 -9.14 21.47
N VAL H 16 19.98 -10.07 22.42
CA VAL H 16 19.42 -9.88 23.80
C VAL H 16 20.09 -8.65 24.43
N ASP H 17 21.42 -8.55 24.32
CA ASP H 17 22.27 -7.60 25.10
C ASP H 17 22.53 -6.29 24.34
N SER H 18 21.77 -6.03 23.26
CA SER H 18 22.03 -4.92 22.29
C SER H 18 21.29 -3.66 22.73
N ILE H 19 20.52 -3.74 23.82
CA ILE H 19 19.49 -2.73 24.20
C ILE H 19 19.56 -2.53 25.72
N THR H 20 19.43 -1.30 26.18
CA THR H 20 19.40 -0.97 27.63
C THR H 20 18.38 0.14 27.88
N GLU H 21 18.13 0.42 29.15
CA GLU H 21 17.06 1.32 29.61
C GLU H 21 17.62 2.20 30.73
N VAL H 22 17.29 3.49 30.72
CA VAL H 22 17.68 4.46 31.78
C VAL H 22 16.40 5.12 32.30
N GLU H 23 16.20 5.04 33.61
CA GLU H 23 14.98 5.48 34.32
C GLU H 23 15.45 6.34 35.50
N CYS H 24 15.04 7.59 35.57
CA CYS H 24 15.36 8.48 36.73
C CYS H 24 14.40 9.68 36.76
N PHE H 25 14.46 10.43 37.87
CA PHE H 25 13.70 11.70 38.06
CA PHE H 25 13.70 11.70 38.06
C PHE H 25 14.71 12.83 38.30
N LEU H 26 14.39 14.03 37.82
CA LEU H 26 15.20 15.25 38.10
C LEU H 26 14.39 16.17 39.02
N THR H 27 14.89 16.45 40.21
CA THR H 27 14.25 17.39 41.16
C THR H 27 14.40 18.79 40.61
N PRO H 28 13.44 19.70 40.86
CA PRO H 28 13.52 21.08 40.37
C PRO H 28 14.44 21.93 41.26
N GLU H 29 15.17 22.86 40.64
CA GLU H 29 15.98 23.89 41.33
C GLU H 29 15.25 25.22 41.22
N MET H 30 14.26 25.46 42.08
CA MET H 30 13.44 26.70 42.04
C MET H 30 14.12 27.81 42.84
N GLY H 31 15.08 27.49 43.72
CA GLY H 31 15.86 28.47 44.50
C GLY H 31 16.04 28.05 45.95
N ASP H 32 14.98 27.52 46.57
CA ASP H 32 15.00 26.83 47.90
C ASP H 32 15.45 27.82 48.97
N PRO H 33 14.63 28.84 49.30
CA PRO H 33 15.04 29.91 50.22
C PRO H 33 15.28 29.44 51.67
N ASP H 34 14.49 28.49 52.16
CA ASP H 34 14.77 27.72 53.39
C ASP H 34 14.22 26.30 53.22
N GLU H 35 14.55 25.39 54.14
CA GLU H 35 14.22 23.94 53.99
C GLU H 35 12.69 23.80 53.91
N HIS H 36 11.95 24.57 54.69
CA HIS H 36 10.46 24.53 54.67
C HIS H 36 9.91 24.76 53.25
N LEU H 37 10.67 25.43 52.37
CA LEU H 37 10.21 25.85 51.01
C LEU H 37 11.04 25.18 49.91
N ARG H 38 11.36 23.90 50.05
CA ARG H 38 12.07 23.09 49.01
C ARG H 38 11.15 22.98 47.79
N GLY H 39 11.64 23.35 46.60
CA GLY H 39 10.85 23.32 45.36
C GLY H 39 10.03 24.59 45.14
N PHE H 40 10.21 25.59 46.01
CA PHE H 40 9.74 26.98 45.83
C PHE H 40 10.96 27.91 45.65
N SER H 41 10.76 29.04 44.99
CA SER H 41 11.73 30.15 44.96
C SER H 41 11.50 31.02 46.18
N LYS H 42 12.38 31.97 46.41
CA LYS H 42 12.14 33.08 47.37
C LYS H 42 11.04 33.97 46.81
N SER H 43 10.33 34.69 47.70
CA SER H 43 9.39 35.79 47.34
CA SER H 43 9.39 35.79 47.34
C SER H 43 10.07 36.72 46.34
N ILE H 44 9.37 37.13 45.28
CA ILE H 44 9.97 37.94 44.20
C ILE H 44 9.92 39.42 44.56
N SER H 45 11.09 40.04 44.77
CA SER H 45 11.30 41.50 44.88
C SER H 45 11.33 42.11 43.49
N ILE H 46 10.69 43.27 43.30
CA ILE H 46 10.80 44.11 42.07
C ILE H 46 11.82 45.21 42.34
N SER H 47 12.81 45.39 41.46
CA SER H 47 13.85 46.45 41.58
C SER H 47 13.24 47.82 41.28
N ASP H 48 13.90 48.88 41.75
CA ASP H 48 13.45 50.28 41.57
C ASP H 48 13.67 50.69 40.11
N THR H 49 14.85 50.39 39.55
CA THR H 49 15.24 50.72 38.15
C THR H 49 15.90 49.49 37.51
N PHE H 50 16.10 49.54 36.18
CA PHE H 50 16.84 48.51 35.41
C PHE H 50 18.29 48.48 35.89
N GLU H 51 18.85 49.67 36.20
CA GLU H 51 20.28 49.90 36.57
C GLU H 51 20.59 49.25 37.92
N SER H 52 19.61 49.15 38.82
CA SER H 52 19.77 48.64 40.20
C SER H 52 18.95 47.34 40.41
N ASP H 53 19.14 46.36 39.53
CA ASP H 53 18.46 45.04 39.59
C ASP H 53 19.49 43.98 39.94
N SER H 54 19.47 43.50 41.18
CA SER H 54 20.50 42.59 41.76
CA SER H 54 20.50 42.59 41.76
C SER H 54 19.80 41.48 42.53
N PRO H 55 19.22 40.47 41.83
CA PRO H 55 18.39 39.48 42.51
C PRO H 55 19.16 38.53 43.43
N ASN H 56 18.48 38.10 44.49
CA ASN H 56 18.96 37.10 45.47
C ASN H 56 19.05 35.75 44.76
N ARG H 57 20.05 34.94 45.07
CA ARG H 57 20.32 33.67 44.35
C ARG H 57 19.14 32.71 44.49
N ASP H 58 18.50 32.70 45.67
CA ASP H 58 17.37 31.77 45.99
C ASP H 58 16.08 32.29 45.36
N MET H 59 16.14 33.33 44.51
CA MET H 59 14.98 33.91 43.79
C MET H 59 14.98 33.47 42.32
N LEU H 60 16.05 32.82 41.87
CA LEU H 60 16.28 32.47 40.45
C LEU H 60 16.16 30.96 40.26
N PRO H 61 15.07 30.47 39.66
CA PRO H 61 15.02 29.08 39.18
C PRO H 61 16.16 28.81 38.20
N CYS H 62 16.67 27.57 38.21
CA CYS H 62 17.83 27.10 37.41
C CYS H 62 17.47 25.84 36.61
N TYR H 63 18.14 25.65 35.46
CA TYR H 63 18.11 24.38 34.69
C TYR H 63 18.60 23.24 35.58
N SER H 64 17.85 22.13 35.58
CA SER H 64 18.24 20.84 36.20
C SER H 64 18.95 19.99 35.15
N VAL H 65 19.97 19.24 35.56
CA VAL H 65 20.76 18.38 34.65
C VAL H 65 21.22 17.13 35.39
N ALA H 66 21.20 16.00 34.70
CA ALA H 66 21.66 14.69 35.18
C ALA H 66 22.57 14.10 34.11
N ARG H 67 23.75 13.64 34.51
CA ARG H 67 24.71 12.91 33.65
C ARG H 67 24.74 11.45 34.10
N ILE H 68 24.12 10.57 33.33
CA ILE H 68 23.92 9.14 33.73
C ILE H 68 24.93 8.27 32.98
N PRO H 69 25.85 7.59 33.70
CA PRO H 69 26.74 6.62 33.07
C PRO H 69 25.94 5.42 32.56
N LEU H 70 26.25 4.96 31.35
CA LEU H 70 25.64 3.77 30.70
C LEU H 70 26.65 2.63 30.74
N PRO H 71 26.21 1.37 30.59
CA PRO H 71 27.13 0.23 30.50
C PRO H 71 28.33 0.52 29.60
N ASN H 72 29.53 0.18 30.06
CA ASN H 72 30.81 0.36 29.31
C ASN H 72 30.77 -0.54 28.07
N LEU H 73 31.23 -0.03 26.92
CA LEU H 73 31.01 -0.67 25.60
C LEU H 73 32.32 -1.15 24.95
N ASN H 74 33.32 -0.27 24.88
CA ASN H 74 34.50 -0.42 23.97
C ASN H 74 35.79 -0.08 24.74
N ILE H 82 33.85 -0.02 17.19
CA ILE H 82 33.62 1.19 18.06
C ILE H 82 32.10 1.42 18.24
N LEU H 83 31.54 0.96 19.36
CA LEU H 83 30.07 1.03 19.63
C LEU H 83 29.78 2.27 20.49
N MET H 84 28.62 2.88 20.28
CA MET H 84 28.07 3.99 21.11
C MET H 84 26.62 3.67 21.44
N TRP H 85 26.15 4.06 22.63
CA TRP H 85 24.73 3.99 23.02
C TRP H 85 23.96 5.07 22.24
N GLU H 86 22.91 4.68 21.54
CA GLU H 86 22.02 5.58 20.76
C GLU H 86 20.66 5.67 21.47
N ALA H 87 20.26 6.86 21.90
CA ALA H 87 18.95 7.13 22.53
C ALA H 87 17.85 7.12 21.47
N VAL H 88 16.88 6.22 21.59
CA VAL H 88 15.83 5.97 20.54
C VAL H 88 14.48 6.57 20.98
N THR H 89 13.96 6.19 22.15
CA THR H 89 12.62 6.63 22.63
C THR H 89 12.73 7.18 24.06
N LEU H 90 11.92 8.21 24.34
CA LEU H 90 11.78 8.88 25.65
C LEU H 90 10.32 8.73 26.11
N LYS H 91 10.12 8.40 27.38
CA LYS H 91 8.86 8.64 28.12
C LYS H 91 9.18 9.62 29.25
N THR H 92 8.39 10.68 29.38
CA THR H 92 8.58 11.70 30.45
C THR H 92 7.23 12.20 30.92
N GLU H 93 7.10 12.51 32.21
CA GLU H 93 5.95 13.27 32.77
C GLU H 93 6.38 14.00 34.05
N VAL H 94 5.63 15.05 34.40
CA VAL H 94 5.82 15.86 35.63
C VAL H 94 5.28 15.07 36.82
N ILE H 95 6.06 14.94 37.89
CA ILE H 95 5.70 14.12 39.08
C ILE H 95 5.12 15.05 40.16
N GLY H 96 3.84 14.83 40.50
CA GLY H 96 3.15 15.49 41.63
C GLY H 96 2.25 16.61 41.15
N VAL H 97 1.59 16.44 40.00
CA VAL H 97 0.69 17.47 39.40
C VAL H 97 -0.49 17.72 40.33
N THR H 98 -0.96 16.71 41.06
CA THR H 98 -2.12 16.82 41.97
C THR H 98 -1.77 17.65 43.21
N SER H 99 -0.48 17.85 43.52
CA SER H 99 -0.01 18.68 44.66
C SER H 99 -0.52 20.12 44.49
N LEU H 100 -0.82 20.54 43.26
CA LEU H 100 -1.27 21.92 42.93
C LEU H 100 -2.76 22.08 43.26
N MET H 101 -3.39 21.07 43.87
CA MET H 101 -4.76 21.17 44.41
C MET H 101 -4.72 21.40 45.93
N ASN H 102 -3.53 21.56 46.54
CA ASN H 102 -3.41 22.02 47.95
C ASN H 102 -3.65 23.53 47.93
N VAL H 103 -4.90 23.91 48.20
CA VAL H 103 -5.43 25.29 48.08
C VAL H 103 -5.93 25.72 49.47
N HIS H 104 -5.38 25.09 50.52
CA HIS H 104 -5.78 25.23 51.94
C HIS H 104 -4.58 25.53 52.84
N SER H 105 -3.40 25.75 52.24
CA SER H 105 -2.11 25.79 52.98
C SER H 105 -1.41 27.13 52.74
N ASN H 106 -1.73 28.13 53.58
CA ASN H 106 -0.98 29.41 53.70
C ASN H 106 -1.16 30.28 52.45
N GLY H 107 -2.25 30.09 51.70
CA GLY H 107 -2.54 30.85 50.47
C GLY H 107 -3.28 32.15 50.76
N GLN H 108 -3.50 32.96 49.72
CA GLN H 108 -4.31 34.21 49.77
C GLN H 108 -5.71 33.89 49.23
N ALA H 109 -6.75 34.18 50.00
CA ALA H 109 -8.15 33.90 49.62
C ALA H 109 -8.45 34.59 48.27
N THR H 110 -9.12 33.89 47.35
CA THR H 110 -9.63 34.42 46.06
C THR H 110 -10.51 35.65 46.35
N HIS H 111 -11.41 35.51 47.33
CA HIS H 111 -12.34 36.57 47.82
C HIS H 111 -12.71 36.26 49.28
N ASP H 112 -13.56 37.06 49.91
CA ASP H 112 -14.04 36.84 51.30
C ASP H 112 -14.53 35.39 51.46
N ASN H 113 -13.99 34.66 52.44
CA ASN H 113 -14.39 33.28 52.84
C ASN H 113 -14.01 32.28 51.75
N GLY H 114 -13.36 32.71 50.67
CA GLY H 114 -13.05 31.86 49.52
C GLY H 114 -11.93 30.91 49.83
N ALA H 115 -11.72 29.92 48.97
CA ALA H 115 -10.59 28.97 49.03
C ALA H 115 -9.32 29.72 48.65
N GLY H 116 -8.15 29.12 48.92
CA GLY H 116 -6.85 29.70 48.56
C GLY H 116 -6.73 29.96 47.08
N LYS H 117 -5.84 30.84 46.68
CA LYS H 117 -5.50 31.10 45.26
C LYS H 117 -4.58 29.97 44.84
N PRO H 118 -4.90 29.25 43.74
CA PRO H 118 -4.10 28.10 43.32
C PRO H 118 -2.85 28.59 42.58
N VAL H 119 -1.82 27.72 42.47
CA VAL H 119 -0.59 28.05 41.68
C VAL H 119 -1.04 28.37 40.25
N GLN H 120 -0.60 29.51 39.73
CA GLN H 120 -0.96 30.00 38.38
C GLN H 120 0.06 31.06 37.91
N GLY H 121 -0.09 31.53 36.68
CA GLY H 121 0.82 32.53 36.10
C GLY H 121 1.92 31.88 35.28
N THR H 122 2.90 32.68 34.86
CA THR H 122 4.01 32.26 33.97
C THR H 122 4.55 30.87 34.28
N SER H 123 4.60 30.05 33.25
CA SER H 123 5.16 28.68 33.41
C SER H 123 6.16 28.42 32.28
N PHE H 124 7.18 27.62 32.55
CA PHE H 124 8.15 27.09 31.55
C PHE H 124 8.39 25.60 31.85
N HIS H 125 7.90 24.73 30.96
CA HIS H 125 8.14 23.27 30.97
C HIS H 125 9.08 22.93 29.81
N PHE H 126 10.19 22.26 30.12
CA PHE H 126 11.31 21.98 29.19
C PHE H 126 12.00 20.69 29.61
N PHE H 127 12.29 19.82 28.64
CA PHE H 127 13.10 18.58 28.83
C PHE H 127 13.95 18.35 27.58
N SER H 128 15.11 17.73 27.75
CA SER H 128 16.11 17.43 26.69
C SER H 128 16.75 16.06 26.96
N VAL H 129 17.01 15.31 25.90
CA VAL H 129 17.82 14.06 25.92
C VAL H 129 18.95 14.24 24.91
N GLY H 130 20.18 13.88 25.27
CA GLY H 130 21.37 14.13 24.43
C GLY H 130 22.56 13.29 24.83
N GLY H 131 23.53 13.13 23.93
CA GLY H 131 24.77 12.35 24.13
C GLY H 131 25.91 13.23 24.57
N GLU H 132 25.61 14.50 24.88
CA GLU H 132 26.55 15.50 25.43
C GLU H 132 25.74 16.57 26.13
N ALA H 133 26.39 17.34 27.00
CA ALA H 133 25.78 18.46 27.76
C ALA H 133 24.98 19.34 26.80
N LEU H 134 23.78 19.76 27.22
CA LEU H 134 22.94 20.72 26.48
C LEU H 134 23.74 22.00 26.26
N GLU H 135 23.75 22.51 25.04
CA GLU H 135 24.49 23.74 24.66
C GLU H 135 23.54 24.94 24.80
N LEU H 136 23.96 25.98 25.52
CA LEU H 136 23.12 27.14 25.90
C LEU H 136 23.55 28.37 25.12
N GLN H 137 22.60 29.24 24.78
CA GLN H 137 22.80 30.63 24.28
C GLN H 137 22.23 31.61 25.32
N GLY H 138 22.94 32.70 25.59
CA GLY H 138 22.52 33.71 26.56
C GLY H 138 21.64 34.76 25.92
N VAL H 139 20.48 35.04 26.53
CA VAL H 139 19.64 36.23 26.22
C VAL H 139 19.16 36.81 27.55
N LEU H 140 19.37 38.10 27.77
CA LEU H 140 19.02 38.82 29.01
C LEU H 140 17.81 39.74 28.76
N PHE H 141 16.83 39.73 29.66
CA PHE H 141 15.68 40.67 29.62
C PHE H 141 16.22 42.10 29.82
N ASN H 142 17.03 42.26 30.87
CA ASN H 142 17.74 43.52 31.22
C ASN H 142 19.23 43.20 31.34
N TYR H 143 20.07 43.80 30.49
CA TYR H 143 21.51 43.46 30.38
C TYR H 143 22.23 43.92 31.66
N ARG H 144 21.69 44.90 32.36
CA ARG H 144 22.32 45.49 33.58
C ARG H 144 21.88 44.71 34.83
N THR H 145 21.06 43.67 34.68
CA THR H 145 20.72 42.74 35.79
C THR H 145 22.03 42.14 36.31
N LYS H 146 22.27 42.20 37.62
CA LYS H 146 23.49 41.64 38.27
C LYS H 146 23.17 40.26 38.85
N TYR H 147 23.58 39.20 38.15
CA TYR H 147 23.34 37.80 38.56
C TYR H 147 24.33 37.47 39.68
N PRO H 148 23.89 36.69 40.70
CA PRO H 148 24.65 36.56 41.95
C PRO H 148 25.76 35.50 41.87
N ASP H 149 26.82 35.70 42.67
CA ASP H 149 27.91 34.71 42.89
C ASP H 149 27.28 33.35 43.23
N GLY H 150 27.72 32.30 42.53
CA GLY H 150 27.20 30.93 42.72
C GLY H 150 26.45 30.45 41.51
N THR H 151 25.85 31.38 40.75
CA THR H 151 25.23 31.11 39.43
C THR H 151 26.29 31.33 38.34
N ILE H 152 26.10 30.68 37.19
CA ILE H 152 26.86 30.88 35.93
C ILE H 152 25.92 31.58 34.93
N PHE H 153 26.30 32.76 34.43
CA PHE H 153 25.40 33.67 33.68
C PHE H 153 26.20 34.28 32.53
N PRO H 154 25.53 34.93 31.55
CA PRO H 154 26.22 35.71 30.52
C PRO H 154 27.21 36.74 31.07
N LYS H 155 28.51 36.51 30.80
CA LYS H 155 29.63 37.39 31.21
C LYS H 155 29.77 38.53 30.20
N ASN H 156 30.26 39.70 30.64
CA ASN H 156 30.54 40.88 29.77
C ASN H 156 29.27 41.24 29.00
N ALA H 157 28.13 41.32 29.67
CA ALA H 157 26.85 41.69 29.06
C ALA H 157 26.95 43.10 28.47
N THR H 158 26.73 43.23 27.16
CA THR H 158 26.63 44.50 26.42
C THR H 158 25.15 44.81 26.16
N VAL H 159 24.86 45.97 25.58
CA VAL H 159 23.50 46.40 25.18
C VAL H 159 22.88 45.33 24.27
N GLN H 160 23.66 44.76 23.34
CA GLN H 160 23.17 43.77 22.34
C GLN H 160 22.85 42.44 23.01
N SER H 161 23.14 42.27 24.30
CA SER H 161 22.83 41.02 25.06
C SER H 161 21.32 40.85 25.26
N GLN H 162 20.55 41.94 25.15
CA GLN H 162 19.08 41.95 25.34
C GLN H 162 18.33 41.37 24.12
N VAL H 163 18.99 41.22 22.97
CA VAL H 163 18.36 40.64 21.75
C VAL H 163 19.15 39.41 21.27
N MET H 164 20.48 39.53 21.12
CA MET H 164 21.36 38.41 20.70
C MET H 164 22.84 38.80 20.73
N ASN H 165 23.62 38.17 21.62
CA ASN H 165 25.09 38.35 21.72
C ASN H 165 25.73 36.96 21.66
N THR H 166 26.47 36.67 20.59
CA THR H 166 27.00 35.31 20.28
C THR H 166 28.16 34.94 21.23
N GLU H 167 28.66 35.91 21.99
CA GLU H 167 29.73 35.68 23.01
C GLU H 167 29.16 34.79 24.12
N HIS H 168 27.86 34.88 24.41
CA HIS H 168 27.17 34.20 25.54
C HIS H 168 26.83 32.77 25.15
N LYS H 169 27.84 31.91 25.04
CA LYS H 169 27.70 30.45 24.79
C LYS H 169 28.12 29.74 26.08
N ALA H 170 27.46 28.64 26.41
CA ALA H 170 27.77 27.83 27.62
C ALA H 170 27.27 26.39 27.45
N TYR H 171 27.76 25.50 28.30
CA TYR H 171 27.31 24.09 28.43
C TYR H 171 26.58 23.94 29.78
N LEU H 172 25.37 23.39 29.76
CA LEU H 172 24.61 23.03 30.98
C LEU H 172 25.30 21.83 31.62
N ASP H 173 26.36 22.09 32.38
CA ASP H 173 27.29 21.05 32.92
C ASP H 173 27.29 21.11 34.45
N LYS H 174 26.28 21.71 35.08
CA LYS H 174 26.20 21.87 36.55
C LYS H 174 24.78 22.19 37.01
N ASN H 175 24.42 21.70 38.20
CA ASN H 175 23.08 21.92 38.82
CA ASN H 175 23.08 21.91 38.83
C ASN H 175 23.12 23.17 39.70
N LYS H 176 21.95 23.79 39.91
CA LYS H 176 21.75 24.97 40.79
C LYS H 176 22.67 26.11 40.34
N ALA H 177 22.98 26.20 39.04
CA ALA H 177 24.03 27.12 38.52
C ALA H 177 23.48 28.00 37.38
N TYR H 178 22.86 27.41 36.36
CA TYR H 178 22.42 28.12 35.13
C TYR H 178 21.01 28.62 35.34
N PRO H 179 20.80 29.93 35.61
CA PRO H 179 19.46 30.47 35.83
C PRO H 179 18.62 30.37 34.54
N VAL H 180 17.33 30.07 34.69
CA VAL H 180 16.40 29.80 33.55
C VAL H 180 16.33 31.06 32.69
N GLU H 181 16.27 32.24 33.30
CA GLU H 181 15.92 33.50 32.60
C GLU H 181 17.10 34.05 31.79
N CYS H 182 18.31 33.48 31.93
CA CYS H 182 19.52 33.93 31.19
C CYS H 182 19.75 33.07 29.95
N TRP H 183 19.37 31.81 30.03
CA TRP H 183 19.85 30.75 29.10
C TRP H 183 18.67 30.11 28.38
N VAL H 184 18.86 29.85 27.09
CA VAL H 184 17.96 29.00 26.25
C VAL H 184 18.83 28.01 25.51
N PRO H 185 18.27 26.89 25.03
CA PRO H 185 19.02 25.98 24.16
C PRO H 185 19.51 26.76 22.93
N ASP H 186 20.81 26.64 22.64
CA ASP H 186 21.47 27.26 21.46
C ASP H 186 21.02 26.51 20.21
N PRO H 187 20.20 27.13 19.34
CA PRO H 187 19.72 26.45 18.14
C PRO H 187 20.80 26.31 17.05
N THR H 188 21.96 26.97 17.21
CA THR H 188 23.10 26.90 16.24
C THR H 188 23.89 25.61 16.48
N ARG H 189 23.79 25.02 17.67
CA ARG H 189 24.49 23.75 18.04
C ARG H 189 23.42 22.69 18.38
N ASN H 190 23.69 21.81 19.35
CA ASN H 190 22.75 20.78 19.88
C ASN H 190 22.37 19.80 18.76
N GLU H 191 23.31 19.47 17.87
CA GLU H 191 23.13 18.45 16.80
C GLU H 191 22.86 17.09 17.46
N ASN H 192 23.47 16.83 18.62
CA ASN H 192 23.49 15.52 19.30
C ASN H 192 22.51 15.51 20.49
N THR H 193 21.57 16.46 20.53
CA THR H 193 20.54 16.59 21.60
C THR H 193 19.17 16.82 20.92
N ARG H 194 18.11 16.26 21.50
CA ARG H 194 16.71 16.59 21.18
C ARG H 194 16.14 17.37 22.37
N TYR H 195 15.68 18.61 22.16
CA TYR H 195 15.11 19.46 23.23
C TYR H 195 13.70 19.90 22.84
N PHE H 196 12.86 20.04 23.86
CA PHE H 196 11.43 20.43 23.77
C PHE H 196 11.13 21.33 24.97
N GLY H 197 10.57 22.50 24.69
CA GLY H 197 10.25 23.52 25.71
C GLY H 197 9.02 24.32 25.31
N THR H 198 8.23 24.74 26.31
CA THR H 198 7.07 25.63 26.12
C THR H 198 7.03 26.66 27.24
N LEU H 199 7.12 27.94 26.88
CA LEU H 199 6.83 29.05 27.81
C LEU H 199 5.39 29.50 27.59
N THR H 200 4.56 29.37 28.62
CA THR H 200 3.18 29.93 28.67
C THR H 200 3.18 31.08 29.69
N GLY H 201 3.57 32.28 29.23
CA GLY H 201 3.63 33.51 30.04
C GLY H 201 2.26 34.07 30.32
N GLY H 202 2.19 35.15 31.10
CA GLY H 202 0.93 35.77 31.58
C GLY H 202 0.80 35.62 33.08
N GLU H 203 -0.06 36.42 33.73
CA GLU H 203 -0.06 36.58 35.21
C GLU H 203 -1.09 35.63 35.85
N ASN H 204 -2.19 35.30 35.15
CA ASN H 204 -3.31 34.49 35.69
C ASN H 204 -3.47 33.19 34.87
N VAL H 205 -2.41 32.78 34.16
CA VAL H 205 -2.48 31.66 33.17
C VAL H 205 -2.74 30.37 33.94
N PRO H 206 -3.74 29.56 33.51
CA PRO H 206 -3.97 28.24 34.11
C PRO H 206 -2.89 27.24 33.72
N PRO H 207 -2.27 26.53 34.68
CA PRO H 207 -1.50 25.33 34.39
C PRO H 207 -2.38 24.29 33.69
N VAL H 208 -1.87 23.67 32.62
CA VAL H 208 -2.52 22.49 31.96
C VAL H 208 -1.47 21.38 31.88
N LEU H 209 -1.54 20.41 32.80
CA LEU H 209 -0.55 19.31 32.95
C LEU H 209 -1.28 18.00 32.65
N HIS H 210 -0.81 17.29 31.62
CA HIS H 210 -1.30 15.93 31.24
C HIS H 210 -0.34 14.89 31.83
N ILE H 211 -0.87 13.79 32.36
CA ILE H 211 -0.05 12.63 32.82
C ILE H 211 -0.59 11.37 32.14
N THR H 212 0.30 10.52 31.63
CA THR H 212 -0.04 9.20 31.06
C THR H 212 1.24 8.38 30.88
N ASN H 213 1.14 7.07 31.01
CA ASN H 213 2.28 6.15 30.79
C ASN H 213 2.12 5.48 29.42
N THR H 214 1.30 6.06 28.53
CA THR H 214 1.00 5.52 27.18
C THR H 214 1.67 6.35 26.07
N ALA H 215 2.31 7.47 26.40
CA ALA H 215 2.86 8.45 25.43
C ALA H 215 4.38 8.27 25.33
N THR H 216 4.90 8.15 24.11
CA THR H 216 6.34 7.93 23.80
C THR H 216 6.80 8.94 22.75
N THR H 217 7.89 9.65 22.99
CA THR H 217 8.57 10.55 22.02
C THR H 217 9.72 9.78 21.36
N VAL H 218 9.77 9.75 20.02
CA VAL H 218 10.89 9.11 19.25
C VAL H 218 11.98 10.15 19.04
N LEU H 219 13.23 9.84 19.38
CA LEU H 219 14.37 10.79 19.43
C LEU H 219 15.18 10.76 18.12
N LEU H 220 14.83 9.85 17.20
CA LEU H 220 15.55 9.67 15.91
C LEU H 220 15.35 10.91 15.05
N ASP H 221 16.39 11.35 14.34
CA ASP H 221 16.36 12.51 13.41
C ASP H 221 15.79 12.01 12.06
N GLU H 222 15.83 12.88 11.04
CA GLU H 222 15.26 12.60 9.69
C GLU H 222 16.03 11.46 9.00
N PHE H 223 17.25 11.17 9.43
CA PHE H 223 18.12 10.09 8.91
C PHE H 223 17.98 8.79 9.74
N GLY H 224 17.13 8.80 10.77
CA GLY H 224 16.87 7.62 11.61
C GLY H 224 17.97 7.40 12.63
N VAL H 225 18.71 8.46 12.98
CA VAL H 225 19.80 8.42 14.00
C VAL H 225 19.38 9.22 15.23
N GLY H 226 19.47 8.62 16.41
CA GLY H 226 19.20 9.30 17.68
C GLY H 226 20.47 9.90 18.27
N PRO H 227 20.37 10.58 19.42
CA PRO H 227 21.55 11.06 20.14
C PRO H 227 22.54 9.93 20.46
N LEU H 228 23.82 10.13 20.13
CA LEU H 228 24.92 9.15 20.37
C LEU H 228 25.70 9.58 21.61
N CYS H 229 25.66 8.76 22.65
CA CYS H 229 26.21 9.06 23.99
C CYS H 229 27.73 8.90 23.98
N LYS H 230 28.43 10.03 23.84
CA LYS H 230 29.91 10.15 23.93
C LYS H 230 30.36 9.81 25.36
N GLY H 231 31.42 9.01 25.49
CA GLY H 231 31.96 8.55 26.78
C GLY H 231 30.95 7.72 27.55
N ASP H 232 30.00 7.10 26.85
CA ASP H 232 28.97 6.22 27.46
C ASP H 232 28.20 7.00 28.54
N ASN H 233 27.83 8.25 28.24
CA ASN H 233 27.09 9.16 29.16
C ASN H 233 25.85 9.72 28.45
N LEU H 234 24.68 9.54 29.09
CA LEU H 234 23.38 10.13 28.66
C LEU H 234 23.14 11.41 29.47
N TYR H 235 22.77 12.50 28.80
CA TYR H 235 22.55 13.82 29.43
C TYR H 235 21.06 14.16 29.41
N LEU H 236 20.41 14.03 30.55
CA LEU H 236 19.01 14.48 30.78
C LEU H 236 19.02 15.88 31.39
N SER H 237 18.16 16.78 30.90
CA SER H 237 18.06 18.20 31.36
C SER H 237 16.59 18.59 31.36
N ALA H 238 16.16 19.39 32.34
CA ALA H 238 14.73 19.72 32.56
C ALA H 238 14.58 21.05 33.27
N VAL H 239 13.47 21.74 32.98
CA VAL H 239 12.91 22.87 33.77
C VAL H 239 11.39 22.67 33.84
N ASP H 240 10.81 22.75 35.04
CA ASP H 240 9.33 22.66 35.22
C ASP H 240 8.88 23.67 36.27
N VAL H 241 8.93 24.95 35.90
CA VAL H 241 8.31 26.07 36.65
C VAL H 241 6.81 26.01 36.32
N CYS H 242 5.99 25.52 37.25
CA CYS H 242 4.55 25.23 37.04
C CYS H 242 3.74 26.53 37.11
N GLY H 243 4.31 27.56 37.71
CA GLY H 243 3.67 28.86 37.90
C GLY H 243 4.09 29.46 39.23
N MET H 244 3.25 30.30 39.82
CA MET H 244 3.58 31.03 41.06
C MET H 244 2.54 30.76 42.14
N PHE H 245 3.03 30.63 43.37
CA PHE H 245 2.22 30.51 44.60
C PHE H 245 2.11 31.88 45.28
N THR H 246 0.90 32.40 45.41
CA THR H 246 0.59 33.63 46.18
C THR H 246 0.25 33.23 47.61
N ASN H 247 1.01 33.70 48.59
CA ASN H 247 0.74 33.43 50.04
C ASN H 247 -0.04 34.63 50.61
N ARG H 248 -0.50 34.51 51.86
CA ARG H 248 -1.48 35.41 52.53
C ARG H 248 -1.13 36.88 52.32
N SER H 249 0.15 37.23 52.48
CA SER H 249 0.70 38.60 52.42
C SER H 249 0.62 39.17 51.01
N GLY H 250 0.42 38.32 49.99
CA GLY H 250 0.37 38.72 48.57
C GLY H 250 1.65 38.36 47.83
N SER H 251 2.75 38.09 48.56
CA SER H 251 4.07 37.66 48.04
CA SER H 251 4.07 37.66 48.04
C SER H 251 3.90 36.48 47.08
N GLN H 252 4.67 36.46 45.99
CA GLN H 252 4.59 35.38 44.97
C GLN H 252 5.95 34.69 44.85
N GLN H 253 5.95 33.36 44.93
CA GLN H 253 7.13 32.48 44.75
C GLN H 253 6.87 31.55 43.58
N TRP H 254 7.89 31.26 42.78
CA TRP H 254 7.83 30.17 41.77
C TRP H 254 7.58 28.85 42.51
N ARG H 255 6.80 27.95 41.92
CA ARG H 255 6.67 26.54 42.37
C ARG H 255 7.05 25.64 41.20
N GLY H 256 7.91 24.66 41.46
CA GLY H 256 8.34 23.67 40.46
C GLY H 256 8.06 22.24 40.91
N LEU H 257 8.12 21.30 39.96
CA LEU H 257 7.95 19.86 40.22
C LEU H 257 9.07 19.08 39.53
N SER H 258 9.35 17.87 40.06
CA SER H 258 10.31 16.90 39.48
C SER H 258 9.79 16.38 38.14
N ARG H 259 10.69 15.85 37.30
CA ARG H 259 10.33 15.27 35.98
C ARG H 259 10.91 13.85 35.90
N TYR H 260 10.05 12.88 35.61
CA TYR H 260 10.42 11.48 35.29
C TYR H 260 10.95 11.43 33.85
N PHE H 261 12.02 10.65 33.66
CA PHE H 261 12.61 10.30 32.35
C PHE H 261 12.71 8.78 32.27
N LYS H 262 12.40 8.22 31.11
CA LYS H 262 12.70 6.81 30.77
C LYS H 262 13.16 6.78 29.32
N VAL H 263 14.43 6.42 29.10
CA VAL H 263 15.07 6.45 27.77
C VAL H 263 15.45 5.03 27.40
N GLN H 264 15.01 4.56 26.23
CA GLN H 264 15.44 3.29 25.61
C GLN H 264 16.66 3.62 24.74
N LEU H 265 17.78 2.96 24.97
CA LEU H 265 19.02 3.11 24.15
C LEU H 265 19.37 1.78 23.49
N ARG H 266 20.04 1.84 22.34
CA ARG H 266 20.51 0.64 21.59
C ARG H 266 21.96 0.87 21.17
N LYS H 267 22.75 -0.21 21.03
CA LYS H 267 24.16 -0.15 20.60
C LYS H 267 24.20 0.12 19.10
N ARG H 268 25.04 1.08 18.70
CA ARG H 268 25.24 1.48 17.28
C ARG H 268 26.74 1.50 16.99
N ARG H 269 27.17 0.91 15.88
CA ARG H 269 28.58 0.98 15.42
C ARG H 269 28.78 2.29 14.64
N VAL H 270 29.91 2.95 14.89
CA VAL H 270 30.35 4.21 14.22
C VAL H 270 31.81 4.06 13.83
N LYS H 271 32.36 4.98 13.03
CA LYS H 271 33.74 4.89 12.48
C LYS H 271 34.53 6.18 12.78
N GLU I 8 5.84 -14.58 30.28
CA GLU I 8 5.98 -14.65 28.79
C GLU I 8 4.57 -14.73 28.17
N VAL I 9 4.17 -13.70 27.42
CA VAL I 9 2.82 -13.57 26.78
C VAL I 9 2.82 -14.36 25.46
N LEU I 10 1.81 -15.21 25.25
CA LEU I 10 1.66 -16.06 24.04
C LEU I 10 0.36 -15.69 23.32
N GLU I 11 -0.27 -16.65 22.63
CA GLU I 11 -1.36 -16.41 21.64
C GLU I 11 -2.64 -16.01 22.38
N VAL I 12 -3.49 -15.26 21.70
CA VAL I 12 -4.86 -14.87 22.18
C VAL I 12 -5.82 -16.00 21.85
N LYS I 13 -6.74 -16.32 22.76
CA LYS I 13 -7.81 -17.33 22.54
C LYS I 13 -8.91 -16.70 21.67
N THR I 14 -9.40 -17.44 20.67
CA THR I 14 -10.56 -17.05 19.83
C THR I 14 -11.71 -18.01 20.14
N GLY I 15 -12.91 -17.70 19.63
CA GLY I 15 -14.14 -18.47 19.86
C GLY I 15 -15.22 -17.60 20.49
N VAL I 16 -16.44 -18.13 20.59
CA VAL I 16 -17.62 -17.44 21.20
C VAL I 16 -17.24 -16.97 22.62
N ASP I 17 -16.65 -17.88 23.41
CA ASP I 17 -16.47 -17.73 24.88
C ASP I 17 -15.09 -17.14 25.23
N SER I 18 -14.38 -16.56 24.26
CA SER I 18 -12.98 -16.11 24.41
C SER I 18 -12.92 -14.63 24.85
N ILE I 19 -14.06 -13.99 25.00
CA ILE I 19 -14.20 -12.51 25.11
C ILE I 19 -15.26 -12.21 26.18
N THR I 20 -15.05 -11.19 27.00
CA THR I 20 -16.02 -10.74 28.03
C THR I 20 -16.00 -9.21 28.11
N GLU I 21 -16.93 -8.65 28.88
CA GLU I 21 -17.20 -7.20 28.95
C GLU I 21 -17.47 -6.84 30.42
N VAL I 22 -16.89 -5.74 30.88
CA VAL I 22 -17.09 -5.19 32.25
C VAL I 22 -17.60 -3.76 32.10
N GLU I 23 -18.72 -3.47 32.73
CA GLU I 23 -19.45 -2.19 32.63
C GLU I 23 -19.78 -1.74 34.07
N CYS I 24 -19.31 -0.58 34.51
CA CYS I 24 -19.65 -0.04 35.84
C CYS I 24 -19.39 1.49 35.90
N PHE I 25 -19.90 2.11 36.98
CA PHE I 25 -19.68 3.54 37.32
CA PHE I 25 -19.68 3.54 37.32
C PHE I 25 -18.90 3.61 38.64
N LEU I 26 -18.01 4.59 38.78
CA LEU I 26 -17.31 4.90 40.04
C LEU I 26 -17.83 6.24 40.54
N THR I 27 -18.46 6.27 41.73
CA THR I 27 -18.95 7.51 42.37
C THR I 27 -17.72 8.29 42.83
N PRO I 28 -17.78 9.64 42.86
CA PRO I 28 -16.67 10.45 43.32
C PRO I 28 -16.61 10.50 44.85
N GLU I 29 -15.40 10.53 45.40
CA GLU I 29 -15.13 10.76 46.85
C GLU I 29 -14.60 12.19 47.02
N MET I 30 -15.49 13.18 47.04
CA MET I 30 -15.10 14.60 47.15
C MET I 30 -14.93 15.00 48.62
N GLY I 31 -15.48 14.24 49.57
CA GLY I 31 -15.31 14.48 51.01
C GLY I 31 -16.60 14.28 51.78
N ASP I 32 -17.72 14.73 51.21
CA ASP I 32 -19.10 14.45 51.68
C ASP I 32 -19.26 14.96 53.11
N PRO I 33 -19.28 16.29 53.33
CA PRO I 33 -19.34 16.86 54.68
C PRO I 33 -20.63 16.57 55.44
N ASP I 34 -21.78 16.58 54.77
CA ASP I 34 -23.05 16.02 55.29
C ASP I 34 -23.83 15.41 54.11
N GLU I 35 -24.92 14.68 54.39
CA GLU I 35 -25.65 13.89 53.37
C GLU I 35 -26.19 14.85 52.30
N HIS I 36 -26.65 16.04 52.69
CA HIS I 36 -27.17 17.08 51.76
C HIS I 36 -26.13 17.44 50.69
N LEU I 37 -24.83 17.21 50.95
CA LEU I 37 -23.70 17.64 50.07
C LEU I 37 -22.89 16.43 49.60
N ARG I 38 -23.57 15.33 49.21
CA ARG I 38 -22.93 14.12 48.62
C ARG I 38 -22.33 14.51 47.26
N GLY I 39 -21.04 14.25 47.05
CA GLY I 39 -20.34 14.61 45.81
C GLY I 39 -19.78 16.03 45.85
N PHE I 40 -19.91 16.72 46.98
CA PHE I 40 -19.19 17.99 47.30
C PHE I 40 -18.15 17.72 48.38
N SER I 41 -17.11 18.56 48.44
CA SER I 41 -16.18 18.65 49.59
C SER I 41 -16.76 19.60 50.63
N LYS I 42 -16.17 19.64 51.82
CA LYS I 42 -16.45 20.69 52.82
C LYS I 42 -15.93 22.02 52.25
N SER I 43 -16.49 23.14 52.71
CA SER I 43 -15.95 24.50 52.45
CA SER I 43 -15.95 24.50 52.45
C SER I 43 -14.45 24.50 52.75
N ILE I 44 -13.65 25.14 51.92
CA ILE I 44 -12.17 25.11 52.06
C ILE I 44 -11.72 26.21 53.02
N SER I 45 -11.15 25.82 54.17
CA SER I 45 -10.40 26.69 55.12
C SER I 45 -8.98 26.87 54.59
N ILE I 46 -8.45 28.10 54.68
CA ILE I 46 -7.02 28.42 54.44
C ILE I 46 -6.32 28.49 55.79
N SER I 47 -5.20 27.79 55.95
CA SER I 47 -4.39 27.80 57.20
C SER I 47 -3.65 29.14 57.36
N ASP I 48 -3.26 29.45 58.61
CA ASP I 48 -2.55 30.71 58.95
C ASP I 48 -1.11 30.62 58.43
N THR I 49 -0.44 29.48 58.65
CA THR I 49 0.97 29.24 58.22
C THR I 49 1.08 27.84 57.62
N PHE I 50 2.21 27.54 56.97
CA PHE I 50 2.53 26.20 56.43
C PHE I 50 2.64 25.21 57.59
N GLU I 51 3.18 25.64 58.73
CA GLU I 51 3.48 24.74 59.88
C GLU I 51 2.19 24.35 60.62
N SER I 52 1.11 25.15 60.51
CA SER I 52 -0.19 24.88 61.20
C SER I 52 -1.29 24.61 60.16
N ASP I 53 -1.05 23.66 59.25
CA ASP I 53 -2.00 23.27 58.17
C ASP I 53 -2.48 21.85 58.46
N SER I 54 -3.70 21.72 58.95
CA SER I 54 -4.28 20.45 59.46
CA SER I 54 -4.28 20.45 59.46
C SER I 54 -5.70 20.29 58.92
N PRO I 55 -5.88 19.91 57.64
CA PRO I 55 -7.19 19.92 57.01
C PRO I 55 -8.15 18.85 57.53
N ASN I 56 -9.44 19.21 57.52
CA ASN I 56 -10.59 18.34 57.90
C ASN I 56 -10.68 17.23 56.85
N ARG I 57 -11.00 15.99 57.26
CA ARG I 57 -11.01 14.83 56.34
C ARG I 57 -12.02 15.07 55.22
N ASP I 58 -13.16 15.67 55.53
CA ASP I 58 -14.28 15.87 54.55
C ASP I 58 -13.94 17.05 53.63
N MET I 59 -12.71 17.58 53.68
CA MET I 59 -12.24 18.70 52.84
C MET I 59 -11.31 18.18 51.73
N LEU I 60 -10.92 16.90 51.78
CA LEU I 60 -9.90 16.31 50.90
C LEU I 60 -10.56 15.33 49.93
N PRO I 61 -10.72 15.69 48.63
CA PRO I 61 -11.09 14.71 47.62
C PRO I 61 -10.09 13.55 47.61
N CYS I 62 -10.55 12.34 47.30
CA CYS I 62 -9.77 11.08 47.29
C CYS I 62 -9.90 10.37 45.93
N TYR I 63 -8.89 9.59 45.56
CA TYR I 63 -8.93 8.63 44.43
C TYR I 63 -10.06 7.63 44.69
N SER I 64 -10.88 7.38 43.65
CA SER I 64 -11.91 6.32 43.60
C SER I 64 -11.30 5.06 42.98
N VAL I 65 -11.68 3.88 43.46
CA VAL I 65 -11.11 2.60 42.96
C VAL I 65 -12.19 1.53 43.05
N ALA I 66 -12.23 0.65 42.06
CA ALA I 66 -13.14 -0.51 41.95
C ALA I 66 -12.31 -1.73 41.55
N ARG I 67 -12.46 -2.82 42.30
CA ARG I 67 -11.82 -4.12 42.01
C ARG I 67 -12.89 -5.09 41.56
N ILE I 68 -12.98 -5.35 40.26
CA ILE I 68 -14.09 -6.12 39.66
C ILE I 68 -13.59 -7.53 39.39
N PRO I 69 -14.17 -8.55 40.05
CA PRO I 69 -13.89 -9.95 39.71
C PRO I 69 -14.38 -10.28 38.29
N LEU I 70 -13.57 -11.01 37.51
CA LEU I 70 -13.87 -11.49 36.14
C LEU I 70 -14.16 -12.98 36.19
N PRO I 71 -14.84 -13.56 35.18
CA PRO I 71 -15.05 -15.00 35.10
C PRO I 71 -13.79 -15.81 35.45
N ASN I 72 -13.94 -16.83 36.30
CA ASN I 72 -12.82 -17.70 36.75
C ASN I 72 -12.32 -18.50 35.54
N LEU I 73 -10.99 -18.60 35.38
CA LEU I 73 -10.35 -19.12 34.13
C LEU I 73 -9.69 -20.48 34.36
N ASN I 74 -9.15 -20.69 35.59
CA ASN I 74 -8.24 -21.79 36.00
C ASN I 74 -7.19 -22.03 34.90
N ILE I 82 -2.44 -21.89 31.16
CA ILE I 82 -2.58 -20.79 32.15
C ILE I 82 -3.12 -19.52 31.45
N LEU I 83 -4.42 -19.26 31.55
CA LEU I 83 -5.10 -18.12 30.85
C LEU I 83 -5.22 -16.93 31.81
N MET I 84 -5.12 -15.72 31.28
CA MET I 84 -5.42 -14.47 32.01
C MET I 84 -6.32 -13.59 31.15
N TRP I 85 -7.21 -12.82 31.77
CA TRP I 85 -8.04 -11.80 31.07
C TRP I 85 -7.12 -10.62 30.71
N GLU I 86 -7.14 -10.22 29.44
CA GLU I 86 -6.35 -9.09 28.88
C GLU I 86 -7.33 -7.96 28.52
N ALA I 87 -7.20 -6.80 29.15
CA ALA I 87 -8.00 -5.59 28.87
C ALA I 87 -7.55 -4.99 27.53
N VAL I 88 -8.44 -4.87 26.55
CA VAL I 88 -8.10 -4.47 25.16
C VAL I 88 -8.57 -3.04 24.91
N THR I 89 -9.87 -2.75 25.10
CA THR I 89 -10.45 -1.42 24.77
C THR I 89 -11.26 -0.91 25.96
N LEU I 90 -11.19 0.42 26.17
CA LEU I 90 -11.94 1.17 27.21
C LEU I 90 -12.84 2.19 26.53
N LYS I 91 -14.09 2.28 26.98
CA LYS I 91 -15.00 3.44 26.76
C LYS I 91 -15.30 4.04 28.13
N THR I 92 -15.11 5.35 28.28
CA THR I 92 -15.36 6.07 29.55
C THR I 92 -15.97 7.43 29.23
N GLU I 93 -16.86 7.92 30.10
CA GLU I 93 -17.27 9.35 30.12
C GLU I 93 -17.76 9.73 31.53
N VAL I 94 -17.73 11.03 31.82
CA VAL I 94 -18.23 11.66 33.08
C VAL I 94 -19.76 11.66 33.03
N ILE I 95 -20.41 11.18 34.09
CA ILE I 95 -21.89 11.05 34.18
C ILE I 95 -22.45 12.26 34.93
N GLY I 96 -23.25 13.07 34.24
CA GLY I 96 -24.04 14.17 34.85
C GLY I 96 -23.41 15.53 34.58
N VAL I 97 -22.80 15.72 33.40
CA VAL I 97 -22.09 16.97 33.01
C VAL I 97 -23.11 18.11 32.98
N THR I 98 -24.36 17.84 32.61
CA THR I 98 -25.42 18.89 32.49
C THR I 98 -25.86 19.38 33.88
N SER I 99 -25.55 18.64 34.95
CA SER I 99 -25.87 19.06 36.34
C SER I 99 -25.17 20.38 36.66
N LEU I 100 -24.05 20.69 35.98
CA LEU I 100 -23.25 21.93 36.21
C LEU I 100 -23.94 23.15 35.60
N MET I 101 -25.14 22.99 35.04
CA MET I 101 -25.99 24.11 34.56
C MET I 101 -27.05 24.47 35.60
N ASN I 102 -27.05 23.84 36.77
CA ASN I 102 -27.88 24.26 37.92
C ASN I 102 -27.17 25.47 38.55
N VAL I 103 -27.59 26.64 38.12
CA VAL I 103 -26.96 27.95 38.44
C VAL I 103 -28.02 28.80 39.16
N HIS I 104 -28.97 28.12 39.82
CA HIS I 104 -30.15 28.72 40.50
C HIS I 104 -30.32 28.20 41.93
N SER I 105 -29.34 27.44 42.44
CA SER I 105 -29.45 26.65 43.69
C SER I 105 -28.34 27.05 44.67
N ASN I 106 -28.59 28.08 45.48
CA ASN I 106 -27.77 28.44 46.67
C ASN I 106 -26.39 28.98 46.25
N GLY I 107 -26.26 29.52 45.04
CA GLY I 107 -24.99 30.07 44.52
C GLY I 107 -24.81 31.53 44.92
N GLN I 108 -23.64 32.09 44.56
CA GLN I 108 -23.31 33.53 44.70
C GLN I 108 -23.55 34.20 43.36
N ALA I 109 -24.33 35.27 43.32
CA ALA I 109 -24.64 36.02 42.08
C ALA I 109 -23.33 36.50 41.45
N THR I 110 -23.20 36.37 40.13
CA THR I 110 -22.09 36.91 39.30
C THR I 110 -21.99 38.42 39.58
N HIS I 111 -23.12 39.12 39.52
CA HIS I 111 -23.28 40.58 39.79
C HIS I 111 -24.72 40.84 40.28
N ASP I 112 -25.06 42.10 40.54
CA ASP I 112 -26.43 42.48 40.97
C ASP I 112 -27.46 41.85 40.03
N ASN I 113 -28.43 41.11 40.59
CA ASN I 113 -29.59 40.51 39.87
C ASN I 113 -29.14 39.38 38.95
N GLY I 114 -27.84 39.07 38.92
CA GLY I 114 -27.27 38.09 37.98
C GLY I 114 -27.65 36.68 38.36
N ALA I 115 -27.43 35.74 37.47
CA ALA I 115 -27.57 34.29 37.73
C ALA I 115 -26.45 33.85 38.67
N GLY I 116 -26.57 32.66 39.24
CA GLY I 116 -25.55 32.07 40.12
C GLY I 116 -24.20 31.94 39.42
N LYS I 117 -23.12 31.88 40.19
CA LYS I 117 -21.75 31.58 39.69
C LYS I 117 -21.71 30.09 39.40
N PRO I 118 -21.34 29.67 38.18
CA PRO I 118 -21.31 28.24 37.84
C PRO I 118 -20.06 27.59 38.44
N VAL I 119 -20.06 26.26 38.56
CA VAL I 119 -18.86 25.49 39.01
C VAL I 119 -17.73 25.84 38.04
N GLN I 120 -16.57 26.22 38.57
CA GLN I 120 -15.38 26.60 37.76
C GLN I 120 -14.13 26.52 38.64
N GLY I 121 -12.97 26.78 38.07
CA GLY I 121 -11.67 26.73 38.78
C GLY I 121 -10.98 25.40 38.60
N THR I 122 -9.90 25.21 39.37
CA THR I 122 -9.03 24.01 39.26
C THR I 122 -9.81 22.73 39.11
N SER I 123 -9.43 21.94 38.11
CA SER I 123 -10.08 20.62 37.89
C SER I 123 -9.01 19.55 37.70
N PHE I 124 -9.29 18.30 38.07
CA PHE I 124 -8.44 17.12 37.79
C PHE I 124 -9.33 15.95 37.35
N HIS I 125 -9.25 15.58 36.08
CA HIS I 125 -9.93 14.41 35.47
C HIS I 125 -8.89 13.33 35.18
N PHE I 126 -9.11 12.14 35.74
CA PHE I 126 -8.16 11.01 35.73
C PHE I 126 -8.92 9.68 35.76
N PHE I 127 -8.50 8.74 34.91
CA PHE I 127 -9.01 7.35 34.89
C PHE I 127 -7.85 6.39 34.54
N SER I 128 -7.92 5.17 35.05
CA SER I 128 -6.90 4.11 34.88
C SER I 128 -7.60 2.74 34.74
N VAL I 129 -7.08 1.89 33.87
CA VAL I 129 -7.47 0.45 33.75
C VAL I 129 -6.18 -0.37 33.92
N GLY I 130 -6.23 -1.43 34.73
CA GLY I 130 -5.04 -2.23 35.06
C GLY I 130 -5.40 -3.61 35.57
N GLY I 131 -4.44 -4.53 35.55
CA GLY I 131 -4.58 -5.91 36.04
C GLY I 131 -4.09 -6.07 37.47
N GLU I 132 -3.78 -4.94 38.14
CA GLU I 132 -3.39 -4.86 39.56
C GLU I 132 -3.67 -3.44 40.04
N ALA I 133 -3.74 -3.25 41.35
CA ALA I 133 -3.98 -1.94 41.98
C ALA I 133 -3.04 -0.90 41.35
N LEU I 134 -3.55 0.30 41.10
CA LEU I 134 -2.74 1.48 40.63
C LEU I 134 -1.63 1.75 41.64
N GLU I 135 -0.40 1.91 41.16
CA GLU I 135 0.78 2.20 42.02
C GLU I 135 0.96 3.72 42.13
N LEU I 136 1.09 4.23 43.35
CA LEU I 136 1.09 5.68 43.66
C LEU I 136 2.48 6.10 44.13
N GLN I 137 2.88 7.32 43.77
CA GLN I 137 4.06 8.05 44.30
C GLN I 137 3.56 9.28 45.06
N GLY I 138 4.16 9.57 46.21
CA GLY I 138 3.77 10.71 47.07
C GLY I 138 4.53 11.97 46.70
N VAL I 139 3.81 13.06 46.46
CA VAL I 139 4.38 14.44 46.35
C VAL I 139 3.47 15.38 47.13
N LEU I 140 4.03 16.15 48.06
CA LEU I 140 3.30 17.07 48.97
C LEU I 140 3.57 18.52 48.56
N PHE I 141 2.53 19.35 48.48
CA PHE I 141 2.66 20.80 48.23
C PHE I 141 3.42 21.42 49.40
N ASN I 142 2.96 21.11 50.63
CA ASN I 142 3.57 21.53 51.91
C ASN I 142 3.82 20.26 52.70
N TYR I 143 5.08 19.97 53.06
CA TYR I 143 5.47 18.69 53.71
C TYR I 143 4.96 18.66 55.15
N ARG I 144 4.71 19.83 55.75
CA ARG I 144 4.26 19.96 57.17
C ARG I 144 2.73 19.92 57.24
N THR I 145 2.03 19.76 56.11
CA THR I 145 0.56 19.52 56.08
C THR I 145 0.29 18.27 56.91
N LYS I 146 -0.64 18.33 57.87
CA LYS I 146 -1.02 17.17 58.72
C LYS I 146 -2.30 16.53 58.17
N TYR I 147 -2.16 15.41 57.45
CA TYR I 147 -3.28 14.68 56.84
C TYR I 147 -4.00 13.91 57.95
N PRO I 148 -5.35 13.83 57.90
CA PRO I 148 -6.14 13.37 59.03
C PRO I 148 -6.27 11.84 59.14
N ASP I 149 -6.42 11.35 60.37
CA ASP I 149 -6.74 9.93 60.68
C ASP I 149 -7.91 9.51 59.80
N GLY I 150 -7.76 8.38 59.09
CA GLY I 150 -8.81 7.82 58.21
C GLY I 150 -8.35 7.82 56.77
N THR I 151 -7.48 8.78 56.42
CA THR I 151 -6.78 8.85 55.12
C THR I 151 -5.43 8.12 55.22
N ILE I 152 -4.94 7.64 54.08
CA ILE I 152 -3.59 7.05 53.90
C ILE I 152 -2.77 8.04 53.07
N PHE I 153 -1.65 8.50 53.61
CA PHE I 153 -0.87 9.65 53.09
C PHE I 153 0.62 9.36 53.22
N PRO I 154 1.50 10.11 52.53
CA PRO I 154 2.95 10.01 52.72
C PRO I 154 3.35 10.08 54.20
N LYS I 155 3.90 8.99 54.72
CA LYS I 155 4.39 8.85 56.12
C LYS I 155 5.83 9.37 56.19
N ASN I 156 6.26 9.90 57.33
CA ASN I 156 7.65 10.38 57.57
C ASN I 156 8.03 11.40 56.51
N ALA I 157 7.15 12.37 56.25
CA ALA I 157 7.38 13.46 55.27
C ALA I 157 8.62 14.25 55.69
N THR I 158 9.63 14.30 54.83
CA THR I 158 10.84 15.14 55.00
C THR I 158 10.70 16.37 54.10
N VAL I 159 11.67 17.28 54.18
CA VAL I 159 11.76 18.49 53.31
C VAL I 159 11.69 18.08 51.83
N GLN I 160 12.39 16.99 51.46
CA GLN I 160 12.51 16.52 50.06
C GLN I 160 11.18 15.93 49.58
N SER I 161 10.18 15.77 50.45
CA SER I 161 8.83 15.25 50.08
C SER I 161 8.09 16.26 49.19
N GLN I 162 8.49 17.54 49.21
CA GLN I 162 7.84 18.64 48.43
C GLN I 162 8.24 18.61 46.94
N VAL I 163 9.29 17.86 46.59
CA VAL I 163 9.74 17.73 45.17
C VAL I 163 9.74 16.25 44.75
N MET I 164 10.37 15.37 45.54
CA MET I 164 10.41 13.90 45.25
C MET I 164 11.11 13.12 46.37
N ASN I 165 10.36 12.27 47.06
CA ASN I 165 10.86 11.34 48.13
C ASN I 165 10.39 9.92 47.80
N THR I 166 11.33 9.04 47.43
CA THR I 166 11.05 7.69 46.87
C THR I 166 10.50 6.76 47.96
N GLU I 167 10.58 7.17 49.23
CA GLU I 167 10.01 6.39 50.37
C GLU I 167 8.49 6.35 50.25
N HIS I 168 7.87 7.38 49.63
CA HIS I 168 6.39 7.56 49.57
C HIS I 168 5.80 6.76 48.41
N LYS I 169 5.83 5.43 48.52
CA LYS I 169 5.23 4.49 47.54
C LYS I 169 3.99 3.87 48.20
N ALA I 170 2.93 3.65 47.45
CA ALA I 170 1.68 3.05 47.94
C ALA I 170 0.92 2.41 46.79
N TYR I 171 -0.07 1.57 47.14
CA TYR I 171 -1.06 0.96 46.22
C TYR I 171 -2.43 1.58 46.51
N LEU I 172 -3.13 2.05 45.46
CA LEU I 172 -4.53 2.53 45.53
C LEU I 172 -5.43 1.31 45.72
N ASP I 173 -5.53 0.84 46.96
CA ASP I 173 -6.16 -0.45 47.33
C ASP I 173 -7.36 -0.20 48.26
N LYS I 174 -7.87 1.04 48.31
CA LYS I 174 -8.97 1.40 49.24
C LYS I 174 -9.68 2.70 48.79
N ASN I 175 -10.98 2.77 49.05
CA ASN I 175 -11.88 3.91 48.74
CA ASN I 175 -11.85 3.94 48.74
C ASN I 175 -11.84 4.92 49.92
N LYS I 176 -12.06 6.21 49.63
CA LYS I 176 -12.20 7.31 50.63
C LYS I 176 -10.94 7.39 51.51
N ALA I 177 -9.77 7.03 50.98
CA ALA I 177 -8.52 6.84 51.77
C ALA I 177 -7.36 7.67 51.20
N TYR I 178 -7.08 7.56 49.89
CA TYR I 178 -5.87 8.18 49.27
C TYR I 178 -6.22 9.57 48.76
N PRO I 179 -5.83 10.66 49.48
CA PRO I 179 -6.19 12.02 49.06
C PRO I 179 -5.54 12.34 47.72
N VAL I 180 -6.25 13.07 46.86
CA VAL I 180 -5.81 13.38 45.47
C VAL I 180 -4.52 14.19 45.54
N GLU I 181 -4.40 15.12 46.49
CA GLU I 181 -3.31 16.14 46.50
C GLU I 181 -1.99 15.56 47.04
N CYS I 182 -1.98 14.34 47.59
CA CYS I 182 -0.76 13.67 48.12
C CYS I 182 -0.15 12.73 47.08
N TRP I 183 -1.00 12.12 46.25
CA TRP I 183 -0.65 10.93 45.44
C TRP I 183 -0.80 11.24 43.95
N VAL I 184 0.14 10.76 43.15
CA VAL I 184 0.04 10.68 41.67
C VAL I 184 0.40 9.25 41.25
N PRO I 185 -0.01 8.80 40.06
CA PRO I 185 0.47 7.53 39.53
C PRO I 185 2.01 7.53 39.50
N ASP I 186 2.63 6.48 40.04
CA ASP I 186 4.10 6.27 40.05
C ASP I 186 4.52 5.92 38.63
N PRO I 187 5.25 6.80 37.92
CA PRO I 187 5.70 6.49 36.58
C PRO I 187 6.85 5.46 36.50
N THR I 188 7.47 5.13 37.64
CA THR I 188 8.56 4.11 37.74
C THR I 188 7.99 2.70 37.72
N ARG I 189 6.72 2.54 38.09
CA ARG I 189 5.98 1.25 38.13
CA ARG I 189 5.98 1.24 38.13
C ARG I 189 4.83 1.32 37.12
N ASN I 190 3.69 0.66 37.39
CA ASN I 190 2.44 0.69 36.58
C ASN I 190 2.68 0.12 35.18
N GLU I 191 3.52 -0.91 35.06
CA GLU I 191 3.76 -1.63 33.78
C GLU I 191 2.46 -2.29 33.32
N ASN I 192 1.63 -2.74 34.26
CA ASN I 192 0.40 -3.55 34.01
C ASN I 192 -0.86 -2.69 34.15
N THR I 193 -0.72 -1.36 34.07
CA THR I 193 -1.84 -0.37 34.11
C THR I 193 -1.66 0.67 33.00
N ARG I 194 -2.76 1.12 32.40
CA ARG I 194 -2.79 2.30 31.51
C ARG I 194 -3.52 3.40 32.28
N TYR I 195 -2.88 4.55 32.49
CA TYR I 195 -3.48 5.71 33.22
C TYR I 195 -3.43 6.95 32.32
N PHE I 196 -4.44 7.80 32.48
CA PHE I 196 -4.64 9.07 31.75
C PHE I 196 -5.19 10.09 32.74
N GLY I 197 -4.57 11.26 32.83
CA GLY I 197 -4.95 12.32 33.78
C GLY I 197 -4.62 13.70 33.23
N THR I 198 -5.47 14.68 33.54
CA THR I 198 -5.27 16.10 33.13
C THR I 198 -5.64 17.00 34.30
N LEU I 199 -4.67 17.77 34.80
CA LEU I 199 -4.94 18.87 35.76
C LEU I 199 -5.03 20.17 34.97
N THR I 200 -6.18 20.82 35.02
CA THR I 200 -6.39 22.19 34.47
C THR I 200 -6.60 23.12 35.67
N GLY I 201 -5.49 23.60 36.24
CA GLY I 201 -5.45 24.51 37.40
C GLY I 201 -5.85 25.93 37.02
N GLY I 202 -5.90 26.83 37.99
CA GLY I 202 -6.39 28.22 37.83
C GLY I 202 -7.69 28.43 38.60
N GLU I 203 -8.07 29.68 38.86
CA GLU I 203 -9.16 30.03 39.82
C GLU I 203 -10.50 30.18 39.06
N ASN I 204 -10.49 30.64 37.80
CA ASN I 204 -11.71 30.96 37.01
C ASN I 204 -11.76 30.09 35.75
N VAL I 205 -11.09 28.93 35.78
CA VAL I 205 -10.92 28.07 34.59
C VAL I 205 -12.28 27.47 34.22
N PRO I 206 -12.69 27.57 32.93
CA PRO I 206 -13.94 26.93 32.48
C PRO I 206 -13.77 25.41 32.39
N PRO I 207 -14.67 24.62 33.00
CA PRO I 207 -14.81 23.20 32.68
C PRO I 207 -15.13 22.99 31.19
N VAL I 208 -14.43 22.06 30.54
CA VAL I 208 -14.73 21.62 29.15
C VAL I 208 -14.88 20.10 29.18
N LEU I 209 -16.12 19.62 29.20
CA LEU I 209 -16.49 18.20 29.33
C LEU I 209 -17.19 17.74 28.04
N HIS I 210 -16.59 16.80 27.30
CA HIS I 210 -17.18 16.19 26.08
CA HIS I 210 -17.18 16.18 26.07
C HIS I 210 -17.81 14.85 26.48
N ILE I 211 -18.99 14.53 25.94
CA ILE I 211 -19.66 13.22 26.13
C ILE I 211 -19.94 12.63 24.75
N THR I 212 -19.70 11.34 24.56
CA THR I 212 -20.03 10.58 23.33
C THR I 212 -19.88 9.08 23.62
N ASN I 213 -20.70 8.26 22.97
CA ASN I 213 -20.61 6.78 23.05
C ASN I 213 -19.92 6.26 21.79
N THR I 214 -19.20 7.11 21.06
CA THR I 214 -18.52 6.77 19.77
C THR I 214 -16.99 6.71 19.94
N ALA I 215 -16.47 7.05 21.11
CA ALA I 215 -15.01 7.19 21.36
C ALA I 215 -14.51 5.98 22.16
N THR I 216 -13.44 5.34 21.66
CA THR I 216 -12.83 4.12 22.25
C THR I 216 -11.33 4.35 22.42
N THR I 217 -10.78 4.07 23.60
CA THR I 217 -9.32 4.08 23.87
C THR I 217 -8.80 2.65 23.82
N VAL I 218 -7.75 2.39 23.04
CA VAL I 218 -7.10 1.05 22.94
C VAL I 218 -6.02 0.96 24.04
N LEU I 219 -6.02 -0.12 24.82
CA LEU I 219 -5.20 -0.28 26.06
C LEU I 219 -3.94 -1.10 25.77
N LEU I 220 -3.78 -1.58 24.53
CA LEU I 220 -2.60 -2.39 24.12
C LEU I 220 -1.37 -1.50 24.13
N ASP I 221 -0.22 -2.05 24.55
CA ASP I 221 1.11 -1.37 24.56
C ASP I 221 1.72 -1.50 23.16
N GLU I 222 2.98 -1.08 23.01
CA GLU I 222 3.71 -1.05 21.71
C GLU I 222 3.94 -2.48 21.20
N PHE I 223 3.82 -3.50 22.07
CA PHE I 223 3.98 -4.94 21.72
C PHE I 223 2.62 -5.61 21.44
N GLY I 224 1.52 -4.86 21.52
CA GLY I 224 0.16 -5.36 21.26
C GLY I 224 -0.43 -6.13 22.44
N VAL I 225 0.11 -5.90 23.64
CA VAL I 225 -0.33 -6.58 24.90
C VAL I 225 -1.02 -5.54 25.79
N GLY I 226 -2.24 -5.83 26.25
CA GLY I 226 -2.99 -4.98 27.19
C GLY I 226 -2.70 -5.39 28.63
N PRO I 227 -3.27 -4.67 29.62
CA PRO I 227 -3.17 -5.08 31.02
C PRO I 227 -3.67 -6.52 31.24
N LEU I 228 -2.86 -7.35 31.93
CA LEU I 228 -3.21 -8.76 32.26
C LEU I 228 -3.73 -8.83 33.70
N CYS I 229 -4.98 -9.23 33.87
CA CYS I 229 -5.70 -9.25 35.17
C CYS I 229 -5.23 -10.44 36.03
N LYS I 230 -4.31 -10.17 36.95
CA LYS I 230 -3.82 -11.12 37.98
C LYS I 230 -4.98 -11.47 38.93
N GLY I 231 -5.13 -12.75 39.25
CA GLY I 231 -6.20 -13.27 40.13
C GLY I 231 -7.58 -13.00 39.55
N ASP I 232 -7.67 -12.84 38.22
CA ASP I 232 -8.95 -12.64 37.49
C ASP I 232 -9.65 -11.41 38.07
N ASN I 233 -8.91 -10.32 38.30
CA ASN I 233 -9.42 -9.04 38.87
C ASN I 233 -9.00 -7.86 37.99
N LEU I 234 -9.97 -7.07 37.54
CA LEU I 234 -9.75 -5.81 36.78
C LEU I 234 -9.83 -4.64 37.77
N TYR I 235 -8.87 -3.73 37.71
CA TYR I 235 -8.76 -2.56 38.63
C TYR I 235 -9.06 -1.28 37.85
N LEU I 236 -10.24 -0.72 38.08
CA LEU I 236 -10.65 0.62 37.58
C LEU I 236 -10.38 1.66 38.67
N SER I 237 -9.84 2.82 38.29
CA SER I 237 -9.51 3.92 39.22
C SER I 237 -9.81 5.25 38.53
N ALA I 238 -10.33 6.24 39.27
CA ALA I 238 -10.81 7.51 38.70
C ALA I 238 -10.76 8.66 39.72
N VAL I 239 -10.52 9.87 39.22
CA VAL I 239 -10.75 11.17 39.93
C VAL I 239 -11.44 12.10 38.93
N ASP I 240 -12.53 12.75 39.32
CA ASP I 240 -13.21 13.78 38.47
C ASP I 240 -13.68 14.94 39.35
N VAL I 241 -12.71 15.72 39.82
CA VAL I 241 -12.93 17.04 40.46
C VAL I 241 -13.21 18.02 39.32
N CYS I 242 -14.48 18.41 39.11
CA CYS I 242 -14.94 19.21 37.94
C CYS I 242 -14.60 20.68 38.14
N GLY I 243 -14.33 21.08 39.37
CA GLY I 243 -14.05 22.48 39.74
C GLY I 243 -14.65 22.77 41.10
N MET I 244 -14.95 24.04 41.37
CA MET I 244 -15.41 24.46 42.71
C MET I 244 -16.75 25.18 42.61
N PHE I 245 -17.62 24.92 43.57
CA PHE I 245 -18.92 25.58 43.73
C PHE I 245 -18.78 26.71 44.76
N THR I 246 -19.07 27.94 44.35
CA THR I 246 -19.12 29.13 45.25
C THR I 246 -20.58 29.28 45.69
N ASN I 247 -20.85 29.21 47.00
CA ASN I 247 -22.22 29.43 47.56
C ASN I 247 -22.31 30.88 48.07
N ARG I 248 -23.51 31.31 48.46
CA ARG I 248 -23.91 32.72 48.72
C ARG I 248 -22.84 33.44 49.55
N SER I 249 -22.37 32.80 50.62
CA SER I 249 -21.43 33.34 51.63
C SER I 249 -20.05 33.59 51.02
N GLY I 250 -19.75 33.03 49.85
CA GLY I 250 -18.45 33.16 49.18
C GLY I 250 -17.58 31.94 49.36
N SER I 251 -17.90 31.05 50.32
CA SER I 251 -17.12 29.82 50.58
CA SER I 251 -17.12 29.82 50.58
C SER I 251 -17.18 28.89 49.37
N GLN I 252 -16.10 28.15 49.12
CA GLN I 252 -15.92 27.31 47.91
C GLN I 252 -15.72 25.85 48.33
N GLN I 253 -16.45 24.94 47.67
CA GLN I 253 -16.39 23.47 47.83
C GLN I 253 -16.03 22.86 46.49
N TRP I 254 -15.20 21.82 46.48
CA TRP I 254 -14.99 20.95 45.30
C TRP I 254 -16.34 20.33 44.94
N ARG I 255 -16.61 20.19 43.63
CA ARG I 255 -17.73 19.38 43.08
C ARG I 255 -17.14 18.32 42.15
N GLY I 256 -17.57 17.08 42.32
CA GLY I 256 -17.13 15.93 41.49
C GLY I 256 -18.30 15.19 40.89
N LEU I 257 -18.03 14.36 39.88
CA LEU I 257 -19.04 13.54 39.18
C LEU I 257 -18.54 12.10 39.04
N SER I 258 -19.49 11.16 38.93
CA SER I 258 -19.20 9.73 38.69
C SER I 258 -18.55 9.57 37.30
N ARG I 259 -17.91 8.44 37.06
CA ARG I 259 -17.28 8.10 35.76
C ARG I 259 -17.73 6.69 35.34
N TYR I 260 -18.31 6.59 34.14
CA TYR I 260 -18.65 5.33 33.47
C TYR I 260 -17.38 4.68 32.92
N PHE I 261 -17.27 3.37 33.08
CA PHE I 261 -16.23 2.51 32.47
C PHE I 261 -16.93 1.40 31.69
N LYS I 262 -16.41 1.06 30.52
CA LYS I 262 -16.75 -0.17 29.78
C LYS I 262 -15.46 -0.73 29.19
N VAL I 263 -15.06 -1.91 29.65
CA VAL I 263 -13.76 -2.54 29.27
C VAL I 263 -14.06 -3.84 28.55
N GLN I 264 -13.53 -3.98 27.33
CA GLN I 264 -13.51 -5.24 26.54
CA GLN I 264 -13.51 -5.24 26.54
C GLN I 264 -12.27 -6.04 26.95
N LEU I 265 -12.45 -7.27 27.44
CA LEU I 265 -11.32 -8.17 27.80
C LEU I 265 -11.37 -9.42 26.91
N ARG I 266 -10.20 -10.03 26.68
CA ARG I 266 -10.07 -11.30 25.91
C ARG I 266 -9.13 -12.23 26.67
N LYS I 267 -9.33 -13.54 26.53
CA LYS I 267 -8.47 -14.58 27.18
C LYS I 267 -7.12 -14.59 26.46
N ARG I 268 -6.03 -14.60 27.22
CA ARG I 268 -4.64 -14.69 26.70
C ARG I 268 -3.88 -15.78 27.45
N ARG I 269 -3.16 -16.65 26.74
CA ARG I 269 -2.30 -17.68 27.36
C ARG I 269 -0.96 -17.03 27.71
N VAL I 270 -0.43 -17.37 28.88
CA VAL I 270 0.90 -16.92 29.39
C VAL I 270 1.64 -18.14 29.95
N LYS I 271 2.92 -17.99 30.29
CA LYS I 271 3.76 -19.12 30.75
C LYS I 271 4.42 -18.76 32.10
N ASN I 272 4.80 -19.80 32.86
CA ASN I 272 5.40 -19.75 34.23
C ASN I 272 5.00 -18.44 34.94
N VAL J 7 -31.35 -9.59 16.58
CA VAL J 7 -30.80 -8.59 15.62
C VAL J 7 -29.43 -9.08 15.10
N GLU J 8 -29.43 -10.00 14.11
CA GLU J 8 -28.24 -10.33 13.27
C GLU J 8 -28.26 -9.47 11.99
N VAL J 9 -27.29 -8.55 11.84
CA VAL J 9 -27.20 -7.59 10.71
C VAL J 9 -26.52 -8.28 9.52
N LEU J 10 -27.14 -8.20 8.33
CA LEU J 10 -26.64 -8.86 7.08
C LEU J 10 -26.33 -7.78 6.03
N GLU J 11 -26.48 -8.10 4.74
CA GLU J 11 -25.96 -7.27 3.62
C GLU J 11 -26.78 -5.97 3.47
N VAL J 12 -26.14 -4.94 2.94
CA VAL J 12 -26.77 -3.63 2.60
C VAL J 12 -27.43 -3.77 1.23
N LYS J 13 -28.61 -3.19 1.04
CA LYS J 13 -29.30 -3.15 -0.29
C LYS J 13 -28.68 -2.05 -1.14
N THR J 14 -28.42 -2.34 -2.41
CA THR J 14 -27.94 -1.36 -3.43
C THR J 14 -29.06 -1.14 -4.46
N GLY J 15 -28.89 -0.17 -5.34
CA GLY J 15 -29.90 0.20 -6.36
C GLY J 15 -30.34 1.63 -6.18
N VAL J 16 -31.10 2.16 -7.14
CA VAL J 16 -31.60 3.56 -7.15
C VAL J 16 -32.39 3.81 -5.85
N ASP J 17 -33.27 2.87 -5.47
CA ASP J 17 -34.32 3.06 -4.42
C ASP J 17 -33.84 2.56 -3.05
N SER J 18 -32.54 2.30 -2.89
CA SER J 18 -31.95 1.61 -1.71
C SER J 18 -31.53 2.64 -0.64
N ILE J 19 -31.69 3.93 -0.93
CA ILE J 19 -31.08 5.05 -0.17
C ILE J 19 -32.11 6.18 -0.05
N THR J 20 -32.20 6.82 1.11
CA THR J 20 -33.12 7.95 1.36
C THR J 20 -32.41 9.01 2.22
N GLU J 21 -33.06 10.16 2.37
CA GLU J 21 -32.47 11.35 3.02
C GLU J 21 -33.53 11.96 3.94
N VAL J 22 -33.13 12.39 5.13
CA VAL J 22 -34.01 13.09 6.11
C VAL J 22 -33.35 14.43 6.45
N GLU J 23 -34.09 15.51 6.27
CA GLU J 23 -33.63 16.92 6.42
C GLU J 23 -34.66 17.63 7.30
N CYS J 24 -34.26 18.15 8.45
CA CYS J 24 -35.15 18.96 9.31
C CYS J 24 -34.34 19.83 10.27
N PHE J 25 -35.02 20.75 10.96
CA PHE J 25 -34.44 21.58 12.05
C PHE J 25 -35.24 21.32 13.33
N LEU J 26 -34.57 21.35 14.49
CA LEU J 26 -35.20 21.25 15.83
C LEU J 26 -35.09 22.62 16.48
N THR J 27 -36.23 23.23 16.83
CA THR J 27 -36.26 24.52 17.56
C THR J 27 -35.83 24.24 19.00
N PRO J 28 -35.19 25.23 19.67
CA PRO J 28 -34.78 25.04 21.07
C PRO J 28 -35.96 25.24 22.01
N GLU J 29 -35.98 24.48 23.12
CA GLU J 29 -36.91 24.65 24.25
C GLU J 29 -36.16 25.28 25.42
N MET J 30 -35.97 26.59 25.42
CA MET J 30 -35.20 27.30 26.47
C MET J 30 -36.09 27.65 27.66
N GLY J 31 -37.42 27.64 27.50
CA GLY J 31 -38.39 27.89 28.57
C GLY J 31 -39.55 28.76 28.10
N ASP J 32 -39.25 29.82 27.33
CA ASP J 32 -40.22 30.66 26.59
C ASP J 32 -41.16 31.34 27.59
N PRO J 33 -40.66 32.29 28.41
CA PRO J 33 -41.46 32.87 29.50
C PRO J 33 -42.66 33.71 29.00
N ASP J 34 -42.51 34.43 27.89
CA ASP J 34 -43.64 35.03 27.13
C ASP J 34 -43.28 35.02 25.65
N GLU J 35 -44.24 35.33 24.77
CA GLU J 35 -44.07 35.20 23.31
C GLU J 35 -42.91 36.10 22.85
N HIS J 36 -42.78 37.29 23.42
CA HIS J 36 -41.69 38.24 23.08
C HIS J 36 -40.31 37.60 23.28
N LEU J 37 -40.20 36.53 24.10
CA LEU J 37 -38.91 35.89 24.50
C LEU J 37 -38.87 34.42 24.09
N ARG J 38 -39.35 34.10 22.88
CA ARG J 38 -39.26 32.73 22.29
C ARG J 38 -37.79 32.40 22.07
N GLY J 39 -37.31 31.28 22.60
CA GLY J 39 -35.90 30.86 22.46
C GLY J 39 -35.02 31.46 23.55
N PHE J 40 -35.63 32.16 24.51
CA PHE J 40 -34.99 32.56 25.79
C PHE J 40 -35.64 31.80 26.94
N SER J 41 -34.92 31.62 28.05
CA SER J 41 -35.48 31.16 29.34
C SER J 41 -36.03 32.38 30.08
N LYS J 42 -36.74 32.15 31.18
CA LYS J 42 -37.07 33.20 32.16
C LYS J 42 -35.79 33.66 32.85
N SER J 43 -35.75 34.89 33.34
CA SER J 43 -34.64 35.42 34.19
CA SER J 43 -34.65 35.42 34.19
C SER J 43 -34.41 34.42 35.33
N ILE J 44 -33.15 34.17 35.67
CA ILE J 44 -32.80 33.10 36.64
C ILE J 44 -32.85 33.66 38.07
N SER J 45 -33.77 33.13 38.89
CA SER J 45 -33.83 33.33 40.35
C SER J 45 -32.84 32.38 41.04
N ILE J 46 -32.11 32.87 42.05
CA ILE J 46 -31.25 32.04 42.95
C ILE J 46 -32.06 31.77 44.22
N SER J 47 -32.15 30.51 44.65
CA SER J 47 -32.88 30.11 45.88
C SER J 47 -32.07 30.51 47.13
N ASP J 48 -32.75 30.63 48.26
CA ASP J 48 -32.15 31.04 49.57
C ASP J 48 -31.28 29.89 50.09
N THR J 49 -31.80 28.65 50.04
CA THR J 49 -31.12 27.42 50.53
C THR J 49 -31.31 26.30 49.49
N PHE J 50 -30.58 25.20 49.64
CA PHE J 50 -30.74 23.96 48.84
C PHE J 50 -32.13 23.35 49.11
N GLU J 51 -32.60 23.45 50.36
CA GLU J 51 -33.89 22.88 50.87
CA GLU J 51 -33.88 22.84 50.83
C GLU J 51 -35.08 23.51 50.14
N SER J 52 -34.98 24.81 49.83
CA SER J 52 -36.08 25.65 49.28
C SER J 52 -35.75 26.09 47.85
N ASP J 53 -35.43 25.15 46.96
CA ASP J 53 -35.12 25.39 45.53
C ASP J 53 -36.23 24.79 44.67
N SER J 54 -37.11 25.65 44.14
CA SER J 54 -38.36 25.25 43.45
CA SER J 54 -38.36 25.25 43.45
C SER J 54 -38.50 26.08 42.17
N PRO J 55 -37.72 25.79 41.11
CA PRO J 55 -37.66 26.66 39.94
C PRO J 55 -38.95 26.68 39.12
N ASN J 56 -39.22 27.84 38.52
CA ASN J 56 -40.34 28.08 37.57
C ASN J 56 -40.09 27.23 36.32
N ARG J 57 -41.13 26.68 35.70
CA ARG J 57 -40.99 25.76 34.55
C ARG J 57 -40.33 26.48 33.37
N ASP J 58 -40.66 27.76 33.15
CA ASP J 58 -40.15 28.57 32.00
C ASP J 58 -38.70 29.02 32.27
N MET J 59 -38.07 28.53 33.35
CA MET J 59 -36.65 28.86 33.72
C MET J 59 -35.73 27.69 33.36
N LEU J 60 -36.30 26.55 32.97
CA LEU J 60 -35.55 25.28 32.75
C LEU J 60 -35.52 24.96 31.26
N PRO J 61 -34.36 25.14 30.58
CA PRO J 61 -34.17 24.59 29.25
C PRO J 61 -34.39 23.07 29.28
N CYS J 62 -34.92 22.52 28.18
CA CYS J 62 -35.26 21.09 28.00
C CYS J 62 -34.61 20.51 26.74
N TYR J 63 -34.37 19.20 26.73
CA TYR J 63 -33.96 18.41 25.52
C TYR J 63 -35.06 18.54 24.46
N SER J 64 -34.65 18.85 23.23
CA SER J 64 -35.50 18.85 22.00
C SER J 64 -35.43 17.45 21.38
N VAL J 65 -36.53 16.98 20.81
CA VAL J 65 -36.58 15.63 20.18
C VAL J 65 -37.55 15.69 18.99
N ALA J 66 -37.23 14.96 17.93
CA ALA J 66 -38.04 14.81 16.71
C ALA J 66 -38.05 13.33 16.33
N ARG J 67 -39.24 12.79 16.11
CA ARG J 67 -39.46 11.39 15.67
C ARG J 67 -39.98 11.41 14.23
N ILE J 68 -39.09 11.12 13.28
CA ILE J 68 -39.37 11.30 11.83
C ILE J 68 -39.69 9.95 11.22
N PRO J 69 -40.93 9.74 10.73
CA PRO J 69 -41.27 8.53 10.00
C PRO J 69 -40.49 8.47 8.68
N LEU J 70 -39.96 7.29 8.34
CA LEU J 70 -39.22 7.00 7.09
C LEU J 70 -40.13 6.21 6.17
N PRO J 71 -39.84 6.15 4.84
CA PRO J 71 -40.59 5.29 3.93
C PRO J 71 -40.84 3.88 4.49
N ASN J 72 -42.08 3.39 4.38
CA ASN J 72 -42.49 2.04 4.86
C ASN J 72 -41.73 0.99 4.06
N LEU J 73 -41.24 -0.07 4.70
CA LEU J 73 -40.26 -1.03 4.10
C LEU J 73 -40.83 -2.44 3.93
N ASN J 74 -41.31 -3.05 5.01
CA ASN J 74 -41.43 -4.52 5.14
C ASN J 74 -42.81 -4.91 5.70
N ILE J 82 -36.63 -9.00 5.75
CA ILE J 82 -36.90 -7.99 6.84
C ILE J 82 -35.88 -6.83 6.75
N LEU J 83 -36.26 -5.71 6.13
CA LEU J 83 -35.36 -4.54 5.89
C LEU J 83 -35.57 -3.50 6.99
N MET J 84 -34.51 -2.79 7.36
CA MET J 84 -34.57 -1.63 8.29
C MET J 84 -33.75 -0.50 7.69
N TRP J 85 -34.16 0.74 7.92
CA TRP J 85 -33.38 1.94 7.53
C TRP J 85 -32.17 2.05 8.46
N GLU J 86 -30.97 2.17 7.90
CA GLU J 86 -29.70 2.32 8.66
C GLU J 86 -29.17 3.73 8.43
N ALA J 87 -29.02 4.52 9.50
CA ALA J 87 -28.47 5.89 9.45
C ALA J 87 -26.95 5.79 9.25
N VAL J 88 -26.41 6.39 8.19
CA VAL J 88 -24.98 6.23 7.78
C VAL J 88 -24.20 7.51 8.08
N THR J 89 -24.64 8.66 7.55
CA THR J 89 -23.94 9.96 7.70
C THR J 89 -24.89 11.04 8.18
N LEU J 90 -24.38 11.94 9.03
CA LEU J 90 -25.08 13.13 9.57
C LEU J 90 -24.33 14.39 9.14
N LYS J 91 -25.07 15.41 8.69
CA LYS J 91 -24.60 16.82 8.62
C LYS J 91 -25.48 17.62 9.56
N THR J 92 -24.87 18.41 10.44
CA THR J 92 -25.61 19.25 11.42
C THR J 92 -24.88 20.59 11.58
N GLU J 93 -25.62 21.67 11.80
CA GLU J 93 -25.06 22.95 12.30
C GLU J 93 -26.15 23.76 13.03
N VAL J 94 -25.71 24.68 13.88
CA VAL J 94 -26.56 25.62 14.67
C VAL J 94 -27.04 26.72 13.72
N ILE J 95 -28.35 26.98 13.69
CA ILE J 95 -28.98 27.96 12.75
C ILE J 95 -29.17 29.30 13.46
N GLY J 96 -28.48 30.34 12.98
CA GLY J 96 -28.65 31.73 13.45
C GLY J 96 -27.53 32.14 14.40
N VAL J 97 -26.30 31.70 14.15
CA VAL J 97 -25.12 32.01 15.01
C VAL J 97 -24.86 33.51 14.98
N THR J 98 -25.12 34.18 13.85
CA THR J 98 -24.87 35.64 13.67
C THR J 98 -25.87 36.46 14.50
N SER J 99 -26.99 35.88 14.94
CA SER J 99 -28.01 36.59 15.78
C SER J 99 -27.37 37.05 17.09
N LEU J 100 -26.29 36.39 17.54
CA LEU J 100 -25.57 36.69 18.80
C LEU J 100 -24.67 37.93 18.65
N MET J 101 -24.71 38.61 17.50
CA MET J 101 -24.05 39.92 17.28
C MET J 101 -25.05 41.07 17.44
N ASN J 102 -26.32 40.77 17.79
CA ASN J 102 -27.30 41.82 18.18
C ASN J 102 -26.95 42.22 19.61
N VAL J 103 -26.17 43.28 19.71
CA VAL J 103 -25.55 43.77 20.97
C VAL J 103 -26.08 45.19 21.23
N HIS J 104 -27.25 45.51 20.65
CA HIS J 104 -27.87 46.86 20.64
C HIS J 104 -29.32 46.80 21.13
N SER J 105 -29.77 45.64 21.60
CA SER J 105 -31.20 45.33 21.87
C SER J 105 -31.41 44.94 23.33
N ASN J 106 -31.62 45.93 24.20
CA ASN J 106 -32.11 45.76 25.59
C ASN J 106 -31.03 45.11 26.49
N GLY J 107 -29.75 45.22 26.12
CA GLY J 107 -28.62 44.64 26.88
C GLY J 107 -28.14 45.56 27.98
N GLN J 108 -27.18 45.09 28.78
CA GLN J 108 -26.47 45.86 29.83
C GLN J 108 -25.12 46.31 29.25
N ALA J 109 -24.82 47.60 29.31
CA ALA J 109 -23.58 48.17 28.76
C ALA J 109 -22.39 47.50 29.44
N THR J 110 -21.36 47.13 28.66
CA THR J 110 -20.05 46.60 29.14
C THR J 110 -19.45 47.60 30.14
N HIS J 111 -19.47 48.88 29.77
CA HIS J 111 -18.99 50.03 30.61
C HIS J 111 -19.72 51.29 30.15
N ASP J 112 -19.43 52.45 30.75
CA ASP J 112 -20.03 53.75 30.35
C ASP J 112 -19.97 53.91 28.83
N ASN J 113 -21.10 54.17 28.18
CA ASN J 113 -21.23 54.48 26.73
C ASN J 113 -20.89 53.26 25.88
N GLY J 114 -20.60 52.13 26.51
CA GLY J 114 -20.16 50.92 25.80
C GLY J 114 -21.31 50.25 25.07
N ALA J 115 -21.00 49.33 24.17
CA ALA J 115 -21.97 48.47 23.47
C ALA J 115 -22.56 47.49 24.49
N GLY J 116 -23.66 46.83 24.12
CA GLY J 116 -24.32 45.82 24.98
C GLY J 116 -23.37 44.69 25.32
N LYS J 117 -23.66 43.97 26.40
CA LYS J 117 -22.93 42.74 26.79
C LYS J 117 -23.44 41.63 25.89
N PRO J 118 -22.57 40.91 25.18
CA PRO J 118 -23.00 39.87 24.24
C PRO J 118 -23.39 38.61 25.01
N VAL J 119 -24.15 37.71 24.39
CA VAL J 119 -24.49 36.38 24.98
C VAL J 119 -23.18 35.67 25.28
N GLN J 120 -23.00 35.20 26.51
CA GLN J 120 -21.77 34.50 26.96
C GLN J 120 -22.10 33.67 28.21
N GLY J 121 -21.11 32.95 28.73
CA GLY J 121 -21.27 32.10 29.93
C GLY J 121 -21.58 30.67 29.55
N THR J 122 -21.94 29.85 30.56
CA THR J 122 -22.17 28.39 30.40
C THR J 122 -22.94 28.03 29.15
N SER J 123 -22.40 27.08 28.40
CA SER J 123 -23.09 26.61 27.18
C SER J 123 -23.11 25.08 27.18
N PHE J 124 -24.13 24.47 26.57
CA PHE J 124 -24.22 23.02 26.31
C PHE J 124 -24.77 22.80 24.91
N HIS J 125 -23.91 22.32 24.00
CA HIS J 125 -24.27 21.92 22.61
C HIS J 125 -24.22 20.40 22.53
N PHE J 126 -25.33 19.80 22.09
CA PHE J 126 -25.57 18.34 22.08
C PHE J 126 -26.51 17.98 20.93
N PHE J 127 -26.18 16.92 20.19
CA PHE J 127 -27.04 16.32 19.16
C PHE J 127 -26.87 14.79 19.16
N SER J 128 -27.92 14.07 18.78
CA SER J 128 -27.97 12.58 18.76
C SER J 128 -28.78 12.11 17.55
N VAL J 129 -28.33 11.04 16.89
CA VAL J 129 -29.10 10.33 15.83
C VAL J 129 -29.22 8.87 16.29
N GLY J 130 -30.42 8.28 16.18
CA GLY J 130 -30.70 6.94 16.70
C GLY J 130 -31.94 6.30 16.08
N GLY J 131 -32.05 4.97 16.18
CA GLY J 131 -33.19 4.19 15.66
C GLY J 131 -34.24 3.93 16.73
N GLU J 132 -34.08 4.58 17.87
CA GLU J 132 -35.03 4.53 19.01
C GLU J 132 -34.79 5.78 19.86
N ALA J 133 -35.75 6.12 20.72
CA ALA J 133 -35.67 7.28 21.63
C ALA J 133 -34.34 7.26 22.40
N LEU J 134 -33.68 8.42 22.51
CA LEU J 134 -32.46 8.57 23.33
C LEU J 134 -32.76 8.11 24.76
N GLU J 135 -31.89 7.28 25.34
CA GLU J 135 -32.04 6.75 26.71
C GLU J 135 -31.30 7.68 27.67
N LEU J 136 -31.96 8.10 28.74
CA LEU J 136 -31.46 9.14 29.69
C LEU J 136 -31.13 8.50 31.04
N GLN J 137 -30.10 9.01 31.71
CA GLN J 137 -29.76 8.74 33.13
C GLN J 137 -29.92 10.06 33.90
N GLY J 138 -30.46 9.98 35.11
CA GLY J 138 -30.69 11.16 35.97
C GLY J 138 -29.50 11.43 36.87
N VAL J 139 -29.01 12.68 36.86
CA VAL J 139 -28.04 13.20 37.87
C VAL J 139 -28.49 14.60 38.25
N LEU J 140 -28.65 14.86 39.55
CA LEU J 140 -29.17 16.13 40.12
C LEU J 140 -28.02 16.89 40.79
N PHE J 141 -27.89 18.18 40.52
CA PHE J 141 -26.91 19.06 41.24
C PHE J 141 -27.27 19.10 42.72
N ASN J 142 -28.55 19.39 43.00
CA ASN J 142 -29.14 19.41 44.36
C ASN J 142 -30.35 18.47 44.35
N TYR J 143 -30.33 17.39 45.14
CA TYR J 143 -31.37 16.33 45.09
C TYR J 143 -32.71 16.87 45.60
N ARG J 144 -32.67 17.92 46.42
CA ARG J 144 -33.87 18.53 47.06
C ARG J 144 -34.46 19.61 46.16
N THR J 145 -33.88 19.85 44.98
CA THR J 145 -34.49 20.74 43.95
C THR J 145 -35.87 20.19 43.61
N LYS J 146 -36.91 21.02 43.65
CA LYS J 146 -38.31 20.62 43.30
C LYS J 146 -38.64 21.01 41.86
N TYR J 147 -38.58 20.05 40.95
CA TYR J 147 -38.86 20.26 39.51
C TYR J 147 -40.36 20.41 39.33
N PRO J 148 -40.82 21.30 38.43
CA PRO J 148 -42.22 21.69 38.37
C PRO J 148 -43.10 20.72 37.57
N ASP J 149 -44.39 20.65 37.95
CA ASP J 149 -45.45 19.95 37.18
C ASP J 149 -45.37 20.39 35.72
N GLY J 150 -45.34 19.42 34.81
CA GLY J 150 -45.25 19.66 33.36
C GLY J 150 -43.95 19.15 32.81
N THR J 151 -42.90 19.12 33.64
CA THR J 151 -41.60 18.49 33.30
C THR J 151 -41.59 17.04 33.79
N ILE J 152 -40.78 16.20 33.16
CA ILE J 152 -40.48 14.81 33.58
C ILE J 152 -39.05 14.83 34.12
N PHE J 153 -38.84 14.41 35.37
CA PHE J 153 -37.58 14.57 36.15
C PHE J 153 -37.34 13.32 37.00
N PRO J 154 -36.11 13.11 37.52
CA PRO J 154 -35.84 12.04 38.47
C PRO J 154 -36.81 12.00 39.65
N LYS J 155 -37.61 10.93 39.71
CA LYS J 155 -38.63 10.66 40.76
C LYS J 155 -37.92 10.01 41.96
N ASN J 156 -38.43 10.21 43.18
CA ASN J 156 -37.91 9.58 44.42
C ASN J 156 -36.41 9.89 44.57
N ALA J 157 -36.03 11.14 44.38
CA ALA J 157 -34.62 11.60 44.49
C ALA J 157 -34.11 11.33 45.91
N THR J 158 -33.06 10.51 46.05
CA THR J 158 -32.36 10.25 47.32
C THR J 158 -31.07 11.08 47.34
N VAL J 159 -30.35 11.02 48.46
CA VAL J 159 -29.02 11.68 48.63
C VAL J 159 -28.06 11.22 47.51
N GLN J 160 -28.09 9.94 47.14
CA GLN J 160 -27.18 9.34 46.14
C GLN J 160 -27.53 9.82 44.74
N SER J 161 -28.65 10.53 44.56
CA SER J 161 -29.06 11.09 43.24
C SER J 161 -28.11 12.19 42.78
N GLN J 162 -27.33 12.80 43.70
CA GLN J 162 -26.38 13.90 43.41
C GLN J 162 -25.11 13.38 42.75
N VAL J 163 -24.83 12.08 42.80
CA VAL J 163 -23.62 11.47 42.16
C VAL J 163 -24.03 10.40 41.15
N MET J 164 -24.90 9.45 41.54
CA MET J 164 -25.39 8.38 40.63
C MET J 164 -26.45 7.50 41.32
N ASN J 165 -27.67 7.53 40.81
CA ASN J 165 -28.81 6.68 41.27
C ASN J 165 -29.41 5.98 40.04
N THR J 166 -29.25 4.66 39.95
CA THR J 166 -29.60 3.86 38.75
C THR J 166 -31.11 3.75 38.58
N GLU J 167 -31.90 4.17 39.58
CA GLU J 167 -33.39 4.18 39.52
C GLU J 167 -33.82 5.24 38.50
N HIS J 168 -33.03 6.29 38.29
CA HIS J 168 -33.38 7.46 37.42
C HIS J 168 -33.05 7.15 35.96
N LYS J 169 -33.82 6.25 35.35
CA LYS J 169 -33.72 5.91 33.91
C LYS J 169 -34.97 6.46 33.22
N ALA J 170 -34.84 6.94 31.99
CA ALA J 170 -35.96 7.50 31.21
C ALA J 170 -35.64 7.46 29.73
N TYR J 171 -36.67 7.63 28.90
CA TYR J 171 -36.59 7.78 27.43
C TYR J 171 -36.96 9.22 27.07
N LEU J 172 -36.13 9.89 26.27
CA LEU J 172 -36.43 11.23 25.71
C LEU J 172 -37.51 11.07 24.63
N ASP J 173 -38.76 10.99 25.05
CA ASP J 173 -39.91 10.60 24.20
C ASP J 173 -40.93 11.74 24.16
N LYS J 174 -40.52 12.97 24.53
CA LYS J 174 -41.44 14.13 24.59
C LYS J 174 -40.65 15.46 24.58
N ASN J 175 -41.26 16.49 23.97
CA ASN J 175 -40.68 17.86 23.90
CA ASN J 175 -40.68 17.86 23.90
C ASN J 175 -41.16 18.70 25.08
N LYS J 176 -40.38 19.72 25.44
CA LYS J 176 -40.68 20.69 26.51
C LYS J 176 -40.90 19.97 27.84
N ALA J 177 -40.24 18.83 28.07
CA ALA J 177 -40.53 17.91 29.20
C ALA J 177 -39.28 17.55 29.99
N TYR J 178 -38.21 17.09 29.34
CA TYR J 178 -37.00 16.59 30.03
C TYR J 178 -36.00 17.72 30.24
N PRO J 179 -35.90 18.30 31.46
CA PRO J 179 -35.02 19.43 31.70
C PRO J 179 -33.56 19.01 31.47
N VAL J 180 -32.73 19.91 30.93
CA VAL J 180 -31.32 19.62 30.53
C VAL J 180 -30.53 19.25 31.78
N GLU J 181 -30.75 19.95 32.90
CA GLU J 181 -29.88 19.87 34.10
C GLU J 181 -30.14 18.60 34.92
N CYS J 182 -31.21 17.83 34.63
CA CYS J 182 -31.58 16.58 35.35
C CYS J 182 -31.03 15.34 34.62
N TRP J 183 -30.96 15.40 33.30
CA TRP J 183 -30.80 14.23 32.41
C TRP J 183 -29.52 14.33 31.58
N VAL J 184 -28.80 13.23 31.44
CA VAL J 184 -27.69 13.07 30.46
C VAL J 184 -27.95 11.78 29.70
N PRO J 185 -27.34 11.60 28.50
CA PRO J 185 -27.42 10.31 27.81
C PRO J 185 -26.87 9.23 28.75
N ASP J 186 -27.63 8.14 28.89
CA ASP J 186 -27.26 6.94 29.69
C ASP J 186 -26.19 6.15 28.95
N PRO J 187 -24.92 6.15 29.45
CA PRO J 187 -23.85 5.45 28.74
C PRO J 187 -23.95 3.93 28.88
N THR J 188 -24.83 3.41 29.74
CA THR J 188 -25.02 1.94 29.95
C THR J 188 -25.92 1.37 28.85
N ARG J 189 -26.70 2.24 28.18
CA ARG J 189 -27.60 1.86 27.06
C ARG J 189 -27.17 2.63 25.80
N ASN J 190 -28.12 3.00 24.94
CA ASN J 190 -27.89 3.81 23.71
C ASN J 190 -26.99 3.05 22.74
N GLU J 191 -27.12 1.72 22.67
CA GLU J 191 -26.39 0.87 21.68
C GLU J 191 -26.81 1.28 20.26
N ASN J 192 -28.06 1.73 20.08
CA ASN J 192 -28.68 1.99 18.75
C ASN J 192 -28.77 3.51 18.51
N THR J 193 -27.99 4.31 19.25
CA THR J 193 -27.91 5.79 19.09
C THR J 193 -26.45 6.22 19.05
N ARG J 194 -26.13 7.23 18.25
CA ARG J 194 -24.85 7.98 18.32
C ARG J 194 -25.16 9.36 18.90
N TYR J 195 -24.52 9.71 20.03
CA TYR J 195 -24.70 11.03 20.70
C TYR J 195 -23.35 11.73 20.87
N PHE J 196 -23.39 13.05 20.76
CA PHE J 196 -22.24 13.97 20.87
C PHE J 196 -22.72 15.20 21.66
N GLY J 197 -21.97 15.57 22.71
CA GLY J 197 -22.29 16.70 23.58
C GLY J 197 -21.04 17.34 24.14
N THR J 198 -21.07 18.66 24.32
CA THR J 198 -19.98 19.44 24.96
C THR J 198 -20.58 20.47 25.91
N LEU J 199 -20.25 20.37 27.19
CA LEU J 199 -20.55 21.45 28.19
C LEU J 199 -19.29 22.30 28.34
N THR J 200 -19.39 23.59 27.99
CA THR J 200 -18.34 24.61 28.24
C THR J 200 -18.88 25.55 29.31
N GLY J 201 -18.73 25.16 30.59
CA GLY J 201 -19.18 25.93 31.77
C GLY J 201 -18.29 27.13 32.03
N GLY J 202 -18.63 27.94 33.04
CA GLY J 202 -17.96 29.23 33.36
C GLY J 202 -18.90 30.40 33.12
N GLU J 203 -18.60 31.57 33.69
CA GLU J 203 -19.56 32.71 33.77
C GLU J 203 -19.35 33.67 32.59
N ASN J 204 -18.11 33.80 32.09
CA ASN J 204 -17.74 34.79 31.05
C ASN J 204 -17.22 34.07 29.80
N VAL J 205 -17.57 32.80 29.63
CA VAL J 205 -17.01 31.92 28.57
C VAL J 205 -17.48 32.44 27.22
N PRO J 206 -16.56 32.60 26.25
CA PRO J 206 -16.94 32.98 24.89
C PRO J 206 -17.57 31.80 24.15
N PRO J 207 -18.76 31.99 23.54
CA PRO J 207 -19.27 31.06 22.52
C PRO J 207 -18.28 30.94 21.36
N VAL J 208 -18.02 29.72 20.90
CA VAL J 208 -17.24 29.41 19.67
C VAL J 208 -18.09 28.48 18.80
N LEU J 209 -18.75 29.05 17.79
CA LEU J 209 -19.71 28.35 16.90
C LEU J 209 -19.13 28.35 15.48
N HIS J 210 -18.82 27.18 14.94
CA HIS J 210 -18.39 26.98 13.53
C HIS J 210 -19.61 26.62 12.68
N ILE J 211 -19.71 27.15 11.46
CA ILE J 211 -20.75 26.77 10.47
C ILE J 211 -20.02 26.39 9.17
N THR J 212 -20.45 25.31 8.53
CA THR J 212 -19.97 24.86 7.20
C THR J 212 -20.90 23.77 6.67
N ASN J 213 -21.06 23.69 5.35
CA ASN J 213 -21.84 22.62 4.70
C ASN J 213 -20.86 21.60 4.10
N THR J 214 -19.61 21.57 4.56
CA THR J 214 -18.54 20.67 4.04
C THR J 214 -18.18 19.58 5.05
N ALA J 215 -18.77 19.58 6.24
CA ALA J 215 -18.41 18.67 7.35
C ALA J 215 -19.47 17.59 7.49
N THR J 216 -19.05 16.32 7.51
CA THR J 216 -19.92 15.12 7.61
C THR J 216 -19.44 14.22 8.76
N THR J 217 -20.34 13.82 9.65
CA THR J 217 -20.09 12.81 10.73
C THR J 217 -20.58 11.44 10.26
N VAL J 218 -19.72 10.42 10.32
CA VAL J 218 -20.12 9.02 9.96
C VAL J 218 -20.68 8.34 11.22
N LEU J 219 -21.85 7.70 11.11
CA LEU J 219 -22.61 7.16 12.26
C LEU J 219 -22.38 5.66 12.43
N LEU J 220 -21.57 5.05 11.55
CA LEU J 220 -21.27 3.59 11.61
C LEU J 220 -20.41 3.33 12.86
N ASP J 221 -20.64 2.19 13.52
CA ASP J 221 -19.84 1.72 14.69
C ASP J 221 -18.58 1.03 14.17
N GLU J 222 -17.83 0.38 15.06
CA GLU J 222 -16.54 -0.29 14.76
C GLU J 222 -16.79 -1.51 13.86
N PHE J 223 -18.02 -2.02 13.79
CA PHE J 223 -18.43 -3.15 12.92
C PHE J 223 -19.01 -2.67 11.58
N GLY J 224 -19.06 -1.36 11.34
CA GLY J 224 -19.56 -0.77 10.09
C GLY J 224 -21.09 -0.73 10.03
N VAL J 225 -21.73 -0.79 11.20
CA VAL J 225 -23.22 -0.78 11.34
C VAL J 225 -23.62 0.55 11.99
N GLY J 226 -24.55 1.26 11.36
CA GLY J 226 -25.12 2.51 11.89
C GLY J 226 -26.40 2.23 12.68
N PRO J 227 -27.02 3.26 13.29
CA PRO J 227 -28.31 3.09 13.97
C PRO J 227 -29.36 2.46 13.05
N LEU J 228 -30.07 1.44 13.53
CA LEU J 228 -31.15 0.75 12.78
C LEU J 228 -32.51 1.23 13.28
N CYS J 229 -33.27 1.89 12.42
CA CYS J 229 -34.55 2.56 12.74
C CYS J 229 -35.67 1.52 12.88
N LYS J 230 -35.95 1.16 14.13
CA LYS J 230 -37.10 0.31 14.54
C LYS J 230 -38.41 1.02 14.22
N GLY J 231 -39.38 0.29 13.66
CA GLY J 231 -40.69 0.83 13.26
C GLY J 231 -40.56 1.91 12.20
N ASP J 232 -39.45 1.92 11.43
CA ASP J 232 -39.19 2.87 10.33
C ASP J 232 -39.26 4.31 10.87
N ASN J 233 -38.67 4.54 12.05
CA ASN J 233 -38.64 5.87 12.72
C ASN J 233 -37.20 6.25 13.05
N LEU J 234 -36.77 7.43 12.61
CA LEU J 234 -35.46 8.05 12.96
C LEU J 234 -35.68 9.04 14.11
N TYR J 235 -34.84 8.98 15.15
CA TYR J 235 -34.95 9.81 16.36
C TYR J 235 -33.79 10.82 16.40
N LEU J 236 -34.09 12.08 16.08
CA LEU J 236 -33.16 13.23 16.22
C LEU J 236 -33.42 13.91 17.57
N SER J 237 -32.36 14.28 18.28
CA SER J 237 -32.41 14.91 19.63
C SER J 237 -31.28 15.94 19.74
N ALA J 238 -31.55 17.08 20.36
CA ALA J 238 -30.61 18.23 20.39
C ALA J 238 -30.85 19.12 21.62
N VAL J 239 -29.76 19.72 22.10
CA VAL J 239 -29.73 20.87 23.04
C VAL J 239 -28.70 21.86 22.50
N ASP J 240 -29.04 23.15 22.43
CA ASP J 240 -28.07 24.22 22.04
C ASP J 240 -28.32 25.46 22.88
N VAL J 241 -27.99 25.37 24.16
CA VAL J 241 -27.90 26.52 25.11
C VAL J 241 -26.60 27.24 24.76
N CYS J 242 -26.67 28.38 24.07
CA CYS J 242 -25.50 29.12 23.50
C CYS J 242 -24.80 29.89 24.60
N GLY J 243 -25.49 30.15 25.71
CA GLY J 243 -24.99 30.95 26.82
C GLY J 243 -26.11 31.77 27.43
N MET J 244 -25.79 32.90 28.05
CA MET J 244 -26.78 33.73 28.77
C MET J 244 -26.81 35.16 28.24
N PHE J 245 -28.00 35.72 28.16
CA PHE J 245 -28.24 37.14 27.79
C PHE J 245 -28.44 37.93 29.09
N THR J 246 -27.58 38.92 29.33
CA THR J 246 -27.72 39.90 30.43
C THR J 246 -28.49 41.11 29.88
N ASN J 247 -29.65 41.44 30.46
CA ASN J 247 -30.44 42.64 30.07
C ASN J 247 -30.13 43.77 31.06
N ARG J 248 -30.63 44.98 30.77
CA ARG J 248 -30.25 46.27 31.43
C ARG J 248 -30.21 46.12 32.95
N SER J 249 -31.22 45.48 33.53
CA SER J 249 -31.42 45.32 34.99
C SER J 249 -30.35 44.41 35.61
N GLY J 250 -29.60 43.67 34.80
CA GLY J 250 -28.55 42.74 35.26
C GLY J 250 -29.02 41.29 35.22
N SER J 251 -30.34 41.06 35.14
CA SER J 251 -30.96 39.70 35.11
CA SER J 251 -30.96 39.70 35.11
C SER J 251 -30.44 38.93 33.90
N GLN J 252 -30.26 37.61 34.05
CA GLN J 252 -29.65 36.74 33.01
C GLN J 252 -30.65 35.65 32.61
N GLN J 253 -30.84 35.47 31.30
CA GLN J 253 -31.70 34.43 30.68
C GLN J 253 -30.83 33.57 29.76
N TRP J 254 -31.08 32.26 29.74
CA TRP J 254 -30.50 31.34 28.73
C TRP J 254 -30.96 31.82 27.35
N ARG J 255 -30.08 31.74 26.35
CA ARG J 255 -30.43 31.91 24.92
C ARG J 255 -30.01 30.64 24.17
N GLY J 256 -30.91 30.11 23.36
CA GLY J 256 -30.69 28.90 22.55
C GLY J 256 -30.99 29.15 21.08
N LEU J 257 -30.52 28.25 20.22
CA LEU J 257 -30.72 28.32 18.75
C LEU J 257 -31.17 26.95 18.22
N SER J 258 -31.87 26.96 17.09
CA SER J 258 -32.32 25.74 16.38
C SER J 258 -31.08 24.99 15.86
N ARG J 259 -31.24 23.71 15.55
CA ARG J 259 -30.17 22.85 14.98
C ARG J 259 -30.68 22.14 13.73
N TYR J 260 -29.98 22.34 12.61
CA TYR J 260 -30.20 21.63 11.33
C TYR J 260 -29.66 20.21 11.47
N PHE J 261 -30.41 19.24 10.93
CA PHE J 261 -30.01 17.81 10.77
C PHE J 261 -30.21 17.44 9.31
N LYS J 262 -29.27 16.68 8.75
CA LYS J 262 -29.42 15.98 7.45
C LYS J 262 -28.80 14.60 7.59
N VAL J 263 -29.63 13.56 7.51
CA VAL J 263 -29.19 12.16 7.74
C VAL J 263 -29.40 11.39 6.45
N GLN J 264 -28.33 10.74 5.96
CA GLN J 264 -28.35 9.77 4.85
C GLN J 264 -28.62 8.38 5.42
N LEU J 265 -29.69 7.71 4.98
CA LEU J 265 -30.05 6.34 5.43
C LEU J 265 -30.02 5.39 4.24
N ARG J 266 -29.75 4.12 4.48
CA ARG J 266 -29.72 3.04 3.45
C ARG J 266 -30.46 1.81 3.99
N LYS J 267 -31.07 1.03 3.10
CA LYS J 267 -31.82 -0.19 3.48
C LYS J 267 -30.81 -1.27 3.87
N ARG J 268 -31.06 -1.97 4.97
CA ARG J 268 -30.20 -3.08 5.47
C ARG J 268 -31.09 -4.26 5.83
N ARG J 269 -30.72 -5.48 5.40
CA ARG J 269 -31.44 -6.72 5.77
C ARG J 269 -30.94 -7.18 7.13
N VAL J 270 -31.85 -7.63 7.98
CA VAL J 270 -31.58 -8.18 9.34
C VAL J 270 -32.41 -9.44 9.53
N LYS J 271 -32.16 -10.22 10.57
CA LYS J 271 -32.82 -11.54 10.79
C LYS J 271 -33.50 -11.58 12.17
N ASN J 272 -34.40 -12.58 12.34
CA ASN J 272 -35.52 -12.72 13.33
C ASN J 272 -35.31 -11.81 14.54
N VAL K 7 -28.34 18.49 -13.29
CA VAL K 7 -27.14 18.36 -14.17
C VAL K 7 -26.53 16.99 -13.95
N GLU K 8 -25.91 16.43 -14.99
CA GLU K 8 -25.18 15.16 -14.85
C GLU K 8 -23.73 15.51 -15.08
N VAL K 9 -22.89 15.40 -14.05
CA VAL K 9 -21.50 15.85 -14.24
C VAL K 9 -20.72 14.75 -14.96
N LEU K 10 -20.03 15.12 -16.03
CA LEU K 10 -19.22 14.17 -16.83
C LEU K 10 -17.74 14.56 -16.68
N GLU K 11 -16.93 14.29 -17.71
CA GLU K 11 -15.43 14.31 -17.63
C GLU K 11 -14.94 15.75 -17.54
N VAL K 12 -13.77 15.93 -16.91
CA VAL K 12 -13.03 17.22 -16.82
C VAL K 12 -12.24 17.41 -18.11
N LYS K 13 -12.19 18.65 -18.63
CA LYS K 13 -11.36 19.01 -19.80
C LYS K 13 -9.91 19.18 -19.36
N THR K 14 -8.96 18.64 -20.13
CA THR K 14 -7.50 18.81 -19.94
C THR K 14 -6.96 19.62 -21.12
N GLY K 15 -5.69 20.04 -21.03
CA GLY K 15 -5.04 20.89 -22.06
C GLY K 15 -4.63 22.24 -21.46
N VAL K 16 -3.82 23.00 -22.20
CA VAL K 16 -3.26 24.30 -21.75
C VAL K 16 -4.43 25.22 -21.34
N ASP K 17 -5.50 25.25 -22.13
CA ASP K 17 -6.59 26.26 -22.04
C ASP K 17 -7.78 25.74 -21.23
N SER K 18 -7.59 24.66 -20.46
CA SER K 18 -8.67 23.94 -19.74
C SER K 18 -8.84 24.47 -18.32
N ILE K 19 -8.01 25.44 -17.91
CA ILE K 19 -7.85 25.86 -16.49
C ILE K 19 -7.75 27.39 -16.48
N THR K 20 -8.34 28.05 -15.48
CA THR K 20 -8.26 29.52 -15.29
C THR K 20 -8.18 29.83 -13.80
N GLU K 21 -7.92 31.10 -13.48
CA GLU K 21 -7.63 31.57 -12.10
C GLU K 21 -8.37 32.88 -11.88
N VAL K 22 -8.97 33.05 -10.69
CA VAL K 22 -9.69 34.29 -10.29
C VAL K 22 -9.07 34.76 -8.97
N GLU K 23 -8.63 36.01 -8.96
CA GLU K 23 -7.88 36.63 -7.84
C GLU K 23 -8.55 37.97 -7.56
N CYS K 24 -9.06 38.19 -6.35
CA CYS K 24 -9.63 39.50 -5.96
C CYS K 24 -9.71 39.63 -4.43
N PHE K 25 -9.99 40.85 -3.96
CA PHE K 25 -10.21 41.16 -2.53
C PHE K 25 -11.63 41.71 -2.37
N LEU K 26 -12.29 41.41 -1.25
CA LEU K 26 -13.62 41.96 -0.87
C LEU K 26 -13.44 42.90 0.31
N THR K 27 -13.75 44.18 0.13
CA THR K 27 -13.70 45.19 1.22
C THR K 27 -14.84 44.89 2.19
N PRO K 28 -14.66 45.17 3.49
CA PRO K 28 -15.70 44.93 4.48
C PRO K 28 -16.73 46.05 4.45
N GLU K 29 -18.00 45.68 4.69
CA GLU K 29 -19.13 46.61 4.89
C GLU K 29 -19.49 46.65 6.39
N MET K 30 -18.75 47.41 7.18
CA MET K 30 -18.96 47.48 8.66
C MET K 30 -20.02 48.52 9.01
N GLY K 31 -20.34 49.44 8.08
CA GLY K 31 -21.38 50.45 8.26
C GLY K 31 -20.96 51.82 7.74
N ASP K 32 -19.71 52.21 8.02
CA ASP K 32 -19.03 53.41 7.46
C ASP K 32 -19.81 54.66 7.85
N PRO K 33 -19.80 55.06 9.14
CA PRO K 33 -20.61 56.18 9.61
C PRO K 33 -20.18 57.55 9.08
N ASP K 34 -18.88 57.78 8.88
CA ASP K 34 -18.36 58.90 8.05
C ASP K 34 -17.05 58.44 7.37
N GLU K 35 -16.52 59.25 6.44
CA GLU K 35 -15.38 58.83 5.58
C GLU K 35 -14.17 58.55 6.48
N HIS K 36 -13.97 59.33 7.53
CA HIS K 36 -12.86 59.13 8.49
C HIS K 36 -12.88 57.71 9.10
N LEU K 37 -14.03 57.03 9.10
CA LEU K 37 -14.24 55.72 9.78
C LEU K 37 -14.64 54.63 8.77
N ARG K 38 -14.04 54.62 7.58
CA ARG K 38 -14.23 53.54 6.57
C ARG K 38 -13.72 52.22 7.17
N GLY K 39 -14.56 51.18 7.18
CA GLY K 39 -14.18 49.86 7.73
C GLY K 39 -14.44 49.75 9.21
N PHE K 40 -15.05 50.79 9.80
CA PHE K 40 -15.66 50.77 11.16
C PHE K 40 -17.19 50.85 11.04
N SER K 41 -17.90 50.40 12.06
CA SER K 41 -19.35 50.68 12.25
C SER K 41 -19.50 51.99 13.01
N LYS K 42 -20.72 52.51 13.09
CA LYS K 42 -21.07 53.60 14.03
C LYS K 42 -20.92 53.06 15.45
N SER K 43 -20.69 53.94 16.43
CA SER K 43 -20.76 53.61 17.88
C SER K 43 -22.07 52.87 18.13
N ILE K 44 -22.07 51.86 18.98
CA ILE K 44 -23.27 51.01 19.22
C ILE K 44 -24.12 51.61 20.34
N SER K 45 -25.34 52.04 19.99
CA SER K 45 -26.43 52.42 20.93
C SER K 45 -27.12 51.16 21.42
N ILE K 46 -27.43 51.09 22.73
CA ILE K 46 -28.29 50.03 23.34
C ILE K 46 -29.70 50.61 23.47
N SER K 47 -30.71 49.88 22.99
CA SER K 47 -32.14 50.31 23.07
C SER K 47 -32.65 50.16 24.51
N ASP K 48 -33.72 50.88 24.84
CA ASP K 48 -34.34 50.88 26.19
C ASP K 48 -35.07 49.54 26.41
N THR K 49 -35.84 49.08 25.42
CA THR K 49 -36.60 47.81 25.47
C THR K 49 -36.45 47.07 24.15
N PHE K 50 -36.87 45.80 24.11
CA PHE K 50 -36.91 44.94 22.89
C PHE K 50 -37.87 45.57 21.88
N GLU K 51 -38.99 46.15 22.35
CA GLU K 51 -40.09 46.65 21.48
C GLU K 51 -39.66 47.98 20.81
N SER K 52 -38.69 48.72 21.37
CA SER K 52 -38.20 50.02 20.83
C SER K 52 -36.73 49.91 20.40
N ASP K 53 -36.40 48.92 19.56
CA ASP K 53 -35.02 48.66 19.05
C ASP K 53 -35.02 48.95 17.55
N SER K 54 -34.46 50.09 17.15
CA SER K 54 -34.51 50.62 15.76
CA SER K 54 -34.51 50.62 15.76
C SER K 54 -33.13 51.11 15.34
N PRO K 55 -32.18 50.21 15.03
CA PRO K 55 -30.79 50.60 14.81
C PRO K 55 -30.58 51.45 13.55
N ASN K 56 -29.60 52.35 13.65
CA ASN K 56 -29.08 53.18 12.54
C ASN K 56 -28.43 52.25 11.51
N ARG K 57 -28.59 52.55 10.23
CA ARG K 57 -28.08 51.67 9.13
C ARG K 57 -26.56 51.54 9.23
N ASP K 58 -25.85 52.61 9.58
CA ASP K 58 -24.37 52.63 9.63
C ASP K 58 -23.86 51.94 10.91
N MET K 59 -24.74 51.27 11.67
CA MET K 59 -24.40 50.52 12.91
C MET K 59 -24.43 49.01 12.64
N LEU K 60 -24.88 48.60 11.45
CA LEU K 60 -25.10 47.17 11.09
C LEU K 60 -24.09 46.74 10.05
N PRO K 61 -23.05 45.94 10.44
CA PRO K 61 -22.21 45.26 9.47
C PRO K 61 -23.08 44.38 8.57
N CYS K 62 -22.66 44.24 7.30
CA CYS K 62 -23.37 43.52 6.21
C CYS K 62 -22.45 42.48 5.56
N TYR K 63 -23.04 41.42 5.01
CA TYR K 63 -22.35 40.43 4.14
C TYR K 63 -21.80 41.15 2.91
N SER K 64 -20.52 40.89 2.58
CA SER K 64 -19.85 41.36 1.34
C SER K 64 -20.03 40.29 0.28
N VAL K 65 -20.20 40.67 -0.98
CA VAL K 65 -20.40 39.71 -2.10
C VAL K 65 -19.77 40.29 -3.36
N ALA K 66 -19.17 39.41 -4.17
CA ALA K 66 -18.56 39.74 -5.48
C ALA K 66 -19.01 38.70 -6.50
N ARG K 67 -19.53 39.16 -7.63
CA ARG K 67 -19.95 38.31 -8.76
C ARG K 67 -18.95 38.53 -9.88
N ILE K 68 -18.08 37.55 -10.10
CA ILE K 68 -16.93 37.69 -11.04
C ILE K 68 -17.26 36.93 -12.32
N PRO K 69 -17.37 37.63 -13.47
CA PRO K 69 -17.50 36.95 -14.75
C PRO K 69 -16.23 36.15 -15.07
N LEU K 70 -16.40 34.93 -15.59
CA LEU K 70 -15.31 34.03 -16.04
C LEU K 70 -15.31 33.98 -17.56
N PRO K 71 -14.20 33.58 -18.21
CA PRO K 71 -14.16 33.44 -19.66
C PRO K 71 -15.41 32.75 -20.22
N ASN K 72 -15.98 33.29 -21.30
CA ASN K 72 -17.19 32.74 -21.96
C ASN K 72 -16.84 31.37 -22.55
N LEU K 73 -17.72 30.39 -22.41
CA LEU K 73 -17.42 28.96 -22.72
C LEU K 73 -18.20 28.47 -23.93
N ASN K 74 -19.44 28.96 -24.13
CA ASN K 74 -20.37 28.51 -25.20
C ASN K 74 -21.03 29.71 -25.87
N ILE K 82 -21.57 21.13 -23.73
CA ILE K 82 -22.00 22.16 -22.72
C ILE K 82 -20.98 22.18 -21.57
N LEU K 83 -20.06 23.15 -21.56
CA LEU K 83 -18.98 23.26 -20.54
C LEU K 83 -19.39 24.26 -19.46
N MET K 84 -18.96 24.02 -18.22
CA MET K 84 -19.12 24.97 -17.08
C MET K 84 -17.79 25.08 -16.35
N TRP K 85 -17.48 26.25 -15.81
CA TRP K 85 -16.30 26.43 -14.93
C TRP K 85 -16.60 25.76 -13.60
N GLU K 86 -15.69 24.90 -13.14
CA GLU K 86 -15.78 24.18 -11.85
C GLU K 86 -14.70 24.74 -10.92
N ALA K 87 -15.10 25.31 -9.78
CA ALA K 87 -14.17 25.82 -8.73
C ALA K 87 -13.56 24.61 -8.00
N VAL K 88 -12.24 24.50 -7.99
CA VAL K 88 -11.52 23.31 -7.44
C VAL K 88 -10.83 23.66 -6.11
N THR K 89 -9.98 24.70 -6.09
CA THR K 89 -9.19 25.08 -4.89
C THR K 89 -9.34 26.57 -4.61
N LEU K 90 -9.38 26.92 -3.32
CA LEU K 90 -9.45 28.30 -2.79
C LEU K 90 -8.20 28.56 -1.94
N LYS K 91 -7.57 29.72 -2.11
CA LYS K 91 -6.64 30.33 -1.12
C LYS K 91 -7.28 31.64 -0.66
N THR K 92 -7.38 31.84 0.65
CA THR K 92 -7.96 33.08 1.23
C THR K 92 -7.16 33.49 2.48
N GLU K 93 -7.04 34.79 2.73
CA GLU K 93 -6.59 35.32 4.05
C GLU K 93 -7.14 36.74 4.25
N VAL K 94 -7.17 37.16 5.51
CA VAL K 94 -7.58 38.54 5.96
C VAL K 94 -6.43 39.50 5.66
N ILE K 95 -6.71 40.61 5.00
CA ILE K 95 -5.68 41.62 4.58
C ILE K 95 -5.63 42.77 5.59
N GLY K 96 -4.49 42.90 6.27
CA GLY K 96 -4.20 44.03 7.18
C GLY K 96 -4.36 43.63 8.63
N VAL K 97 -3.99 42.39 9.00
CA VAL K 97 -4.11 41.87 10.39
C VAL K 97 -3.22 42.68 11.33
N THR K 98 -2.09 43.19 10.85
CA THR K 98 -1.12 43.96 11.67
C THR K 98 -1.68 45.35 11.99
N SER K 99 -2.70 45.83 11.28
CA SER K 99 -3.33 47.15 11.54
C SER K 99 -3.91 47.17 12.96
N LEU K 100 -4.24 46.01 13.51
CA LEU K 100 -4.86 45.87 14.86
C LEU K 100 -3.81 46.09 15.96
N MET K 101 -2.57 46.41 15.59
CA MET K 101 -1.50 46.77 16.56
C MET K 101 -1.39 48.30 16.67
N ASN K 102 -2.24 49.06 15.95
CA ASN K 102 -2.34 50.53 16.14
C ASN K 102 -3.15 50.76 17.41
N VAL K 103 -2.43 50.90 18.52
CA VAL K 103 -2.97 50.95 19.90
C VAL K 103 -2.59 52.32 20.50
N HIS K 104 -2.38 53.30 19.62
CA HIS K 104 -1.91 54.68 19.94
C HIS K 104 -2.81 55.75 19.31
N SER K 105 -3.94 55.36 18.72
CA SER K 105 -4.77 56.22 17.85
C SER K 105 -6.20 56.30 18.40
N ASN K 106 -6.45 57.24 19.30
CA ASN K 106 -7.80 57.65 19.75
C ASN K 106 -8.48 56.54 20.57
N GLY K 107 -7.70 55.64 21.19
CA GLY K 107 -8.22 54.54 22.02
C GLY K 107 -8.48 54.95 23.46
N GLN K 108 -9.05 54.04 24.26
CA GLN K 108 -9.23 54.19 25.72
C GLN K 108 -8.08 53.44 26.41
N ALA K 109 -7.37 54.10 27.31
CA ALA K 109 -6.23 53.51 28.06
C ALA K 109 -6.73 52.29 28.84
N THR K 110 -5.97 51.19 28.79
CA THR K 110 -6.18 49.95 29.59
C THR K 110 -6.26 50.33 31.06
N HIS K 111 -5.33 51.17 31.52
CA HIS K 111 -5.23 51.72 32.90
C HIS K 111 -4.46 53.04 32.86
N ASP K 112 -4.23 53.70 34.00
CA ASP K 112 -3.46 54.96 34.10
C ASP K 112 -2.14 54.82 33.31
N ASN K 113 -1.88 55.73 32.37
CA ASN K 113 -0.61 55.85 31.60
C ASN K 113 -0.46 54.67 30.64
N GLY K 114 -1.42 53.76 30.60
CA GLY K 114 -1.33 52.52 29.81
C GLY K 114 -1.47 52.80 28.32
N ALA K 115 -1.14 51.82 27.49
CA ALA K 115 -1.35 51.88 26.03
C ALA K 115 -2.85 51.76 25.76
N GLY K 116 -3.27 52.06 24.53
CA GLY K 116 -4.68 51.97 24.11
C GLY K 116 -5.22 50.57 24.28
N LYS K 117 -6.55 50.43 24.39
CA LYS K 117 -7.23 49.12 24.41
C LYS K 117 -7.23 48.63 22.97
N PRO K 118 -6.75 47.40 22.69
CA PRO K 118 -6.69 46.89 21.32
C PRO K 118 -8.07 46.41 20.87
N VAL K 119 -8.30 46.27 19.57
CA VAL K 119 -9.56 45.69 19.01
C VAL K 119 -9.72 44.29 19.60
N GLN K 120 -10.88 44.00 20.20
CA GLN K 120 -11.19 42.70 20.85
C GLN K 120 -12.71 42.53 20.97
N GLY K 121 -13.15 41.40 21.49
CA GLY K 121 -14.58 41.09 21.66
C GLY K 121 -15.12 40.28 20.51
N THR K 122 -16.45 40.10 20.49
CA THR K 122 -17.16 39.28 19.48
C THR K 122 -16.60 39.46 18.08
N SER K 123 -16.33 38.34 17.43
CA SER K 123 -15.84 38.36 16.03
C SER K 123 -16.64 37.34 15.21
N PHE K 124 -16.80 37.59 13.91
CA PHE K 124 -17.37 36.63 12.93
C PHE K 124 -16.53 36.69 11.66
N HIS K 125 -15.77 35.63 11.38
CA HIS K 125 -15.00 35.43 10.13
C HIS K 125 -15.71 34.35 9.30
N PHE K 126 -16.03 34.68 8.05
CA PHE K 126 -16.83 33.86 7.12
C PHE K 126 -16.41 34.13 5.68
N PHE K 127 -16.29 33.08 4.88
CA PHE K 127 -16.06 33.16 3.42
C PHE K 127 -16.77 32.00 2.74
N SER K 128 -17.21 32.21 1.49
CA SER K 128 -17.95 31.23 0.67
C SER K 128 -17.49 31.35 -0.80
N VAL K 129 -17.38 30.22 -1.49
CA VAL K 129 -17.17 30.14 -2.96
C VAL K 129 -18.33 29.30 -3.52
N GLY K 130 -18.94 29.74 -4.63
CA GLY K 130 -20.13 29.09 -5.20
C GLY K 130 -20.36 29.49 -6.66
N GLY K 131 -21.16 28.68 -7.36
CA GLY K 131 -21.53 28.89 -8.78
C GLY K 131 -22.85 29.63 -8.92
N GLU K 132 -23.39 30.10 -7.79
CA GLU K 132 -24.62 30.92 -7.69
C GLU K 132 -24.54 31.73 -6.40
N ALA K 133 -25.37 32.76 -6.29
CA ALA K 133 -25.51 33.61 -5.09
C ALA K 133 -25.68 32.71 -3.86
N LEU K 134 -24.99 33.04 -2.77
CA LEU K 134 -25.13 32.36 -1.45
C LEU K 134 -26.58 32.47 -1.02
N GLU K 135 -27.18 31.34 -0.59
CA GLU K 135 -28.59 31.27 -0.15
C GLU K 135 -28.63 31.48 1.37
N LEU K 136 -29.46 32.41 1.83
CA LEU K 136 -29.52 32.87 3.24
C LEU K 136 -30.80 32.37 3.91
N GLN K 137 -30.73 32.08 5.21
CA GLN K 137 -31.89 31.84 6.10
C GLN K 137 -31.89 32.95 7.16
N GLY K 138 -33.06 33.45 7.51
CA GLY K 138 -33.22 34.53 8.49
C GLY K 138 -33.40 33.98 9.90
N VAL K 139 -32.61 34.48 10.85
CA VAL K 139 -32.81 34.26 12.30
C VAL K 139 -32.55 35.59 13.00
N LEU K 140 -33.50 36.05 13.81
CA LEU K 140 -33.45 37.36 14.52
C LEU K 140 -33.21 37.12 16.01
N PHE K 141 -32.30 37.89 16.62
CA PHE K 141 -32.09 37.87 18.09
C PHE K 141 -33.35 38.36 18.78
N ASN K 142 -33.86 39.51 18.32
CA ASN K 142 -35.14 40.12 18.77
C ASN K 142 -36.01 40.36 17.55
N TYR K 143 -37.18 39.73 17.48
CA TYR K 143 -38.05 39.73 16.26
C TYR K 143 -38.64 41.13 16.05
N ARG K 144 -38.74 41.94 17.11
CA ARG K 144 -39.34 43.30 17.06
C ARG K 144 -38.26 44.34 16.72
N THR K 145 -37.01 43.93 16.50
CA THR K 145 -35.94 44.82 15.97
C THR K 145 -36.42 45.39 14.64
N LYS K 146 -36.36 46.72 14.48
CA LYS K 146 -36.77 47.40 13.23
C LYS K 146 -35.54 47.73 12.38
N TYR K 147 -35.28 46.90 11.37
CA TYR K 147 -34.12 47.06 10.46
C TYR K 147 -34.40 48.19 9.49
N PRO K 148 -33.39 49.01 9.16
CA PRO K 148 -33.61 50.29 8.50
C PRO K 148 -33.77 50.19 6.98
N ASP K 149 -34.52 51.12 6.39
CA ASP K 149 -34.62 51.31 4.92
C ASP K 149 -33.21 51.33 4.33
N GLY K 150 -32.98 50.56 3.28
CA GLY K 150 -31.68 50.47 2.59
C GLY K 150 -31.06 49.11 2.79
N THR K 151 -31.37 48.44 3.91
CA THR K 151 -31.00 47.02 4.17
C THR K 151 -32.13 46.09 3.71
N ILE K 152 -31.79 44.84 3.41
CA ILE K 152 -32.74 43.74 3.09
C ILE K 152 -32.68 42.77 4.27
N PHE K 153 -33.82 42.51 4.92
CA PHE K 153 -33.93 41.84 6.23
C PHE K 153 -35.15 40.93 6.23
N PRO K 154 -35.26 39.96 7.17
CA PRO K 154 -36.47 39.15 7.32
C PRO K 154 -37.75 39.99 7.41
N LYS K 155 -38.62 39.84 6.42
CA LYS K 155 -39.93 40.54 6.29
C LYS K 155 -40.96 39.75 7.08
N ASN K 156 -41.99 40.42 7.61
CA ASN K 156 -43.13 39.78 8.32
C ASN K 156 -42.59 38.91 9.47
N ALA K 157 -41.67 39.46 10.27
CA ALA K 157 -41.07 38.77 11.43
C ALA K 157 -42.17 38.43 12.43
N THR K 158 -42.33 37.13 12.72
CA THR K 158 -43.24 36.62 13.78
C THR K 158 -42.41 36.26 15.01
N VAL K 159 -43.08 35.85 16.08
CA VAL K 159 -42.45 35.37 17.32
C VAL K 159 -41.47 34.23 16.98
N GLN K 160 -41.84 33.31 16.09
CA GLN K 160 -41.05 32.11 15.72
C GLN K 160 -39.78 32.51 14.94
N SER K 161 -39.67 33.78 14.54
CA SER K 161 -38.49 34.28 13.78
C SER K 161 -37.24 34.26 14.66
N GLN K 162 -37.40 34.23 16.00
CA GLN K 162 -36.28 34.26 16.98
C GLN K 162 -35.60 32.89 17.09
N VAL K 163 -36.22 31.81 16.58
CA VAL K 163 -35.62 30.44 16.63
C VAL K 163 -35.51 29.87 15.22
N MET K 164 -36.60 29.90 14.43
CA MET K 164 -36.58 29.42 13.02
C MET K 164 -37.92 29.67 12.32
N ASN K 165 -37.91 30.53 11.30
CA ASN K 165 -39.08 30.85 10.44
C ASN K 165 -38.69 30.65 8.97
N THR K 166 -39.23 29.62 8.32
CA THR K 166 -38.79 29.16 6.97
C THR K 166 -39.23 30.17 5.90
N GLU K 167 -40.07 31.14 6.25
CA GLU K 167 -40.51 32.22 5.32
C GLU K 167 -39.32 33.11 5.00
N HIS K 168 -38.35 33.24 5.91
CA HIS K 168 -37.18 34.16 5.80
C HIS K 168 -36.07 33.50 4.97
N LYS K 169 -36.28 33.38 3.66
CA LYS K 169 -35.29 32.89 2.67
C LYS K 169 -34.90 34.07 1.77
N ALA K 170 -33.63 34.14 1.39
CA ALA K 170 -33.09 35.23 0.54
C ALA K 170 -31.82 34.76 -0.18
N TYR K 171 -31.42 35.51 -1.20
CA TYR K 171 -30.16 35.35 -1.94
C TYR K 171 -29.25 36.55 -1.62
N LEU K 172 -28.01 36.30 -1.23
CA LEU K 172 -26.98 37.36 -1.05
C LEU K 172 -26.59 37.84 -2.44
N ASP K 173 -27.38 38.77 -2.98
CA ASP K 173 -27.28 39.24 -4.39
C ASP K 173 -27.00 40.76 -4.40
N LYS K 174 -26.52 41.34 -3.30
CA LYS K 174 -26.28 42.80 -3.22
C LYS K 174 -25.36 43.16 -2.05
N ASN K 175 -24.55 44.21 -2.24
CA ASN K 175 -23.59 44.71 -1.22
C ASN K 175 -24.26 45.77 -0.34
N LYS K 176 -23.75 45.93 0.89
CA LYS K 176 -24.20 46.94 1.87
C LYS K 176 -25.70 46.78 2.15
N ALA K 177 -26.24 45.57 2.05
CA ALA K 177 -27.72 45.32 2.06
C ALA K 177 -28.10 44.28 3.12
N TYR K 178 -27.43 43.12 3.15
CA TYR K 178 -27.84 41.99 4.02
C TYR K 178 -27.10 42.08 5.35
N PRO K 179 -27.74 42.54 6.43
CA PRO K 179 -27.07 42.70 7.72
C PRO K 179 -26.60 41.34 8.25
N VAL K 180 -25.43 41.30 8.89
CA VAL K 180 -24.81 40.03 9.36
C VAL K 180 -25.73 39.35 10.39
N GLU K 181 -26.35 40.13 11.28
CA GLU K 181 -27.05 39.61 12.48
C GLU K 181 -28.45 39.08 12.15
N CYS K 182 -28.95 39.24 10.92
CA CYS K 182 -30.27 38.74 10.45
C CYS K 182 -30.14 37.42 9.70
N TRP K 183 -29.02 37.24 9.00
CA TRP K 183 -28.86 36.23 7.94
C TRP K 183 -27.71 35.27 8.28
N VAL K 184 -27.94 33.98 8.04
CA VAL K 184 -26.89 32.92 8.04
C VAL K 184 -27.04 32.15 6.73
N PRO K 185 -25.99 31.43 6.29
CA PRO K 185 -26.12 30.50 5.17
C PRO K 185 -27.22 29.46 5.47
N ASP K 186 -28.15 29.31 4.53
CA ASP K 186 -29.28 28.35 4.60
C ASP K 186 -28.71 26.95 4.40
N PRO K 187 -28.68 26.10 5.46
CA PRO K 187 -28.13 24.75 5.32
C PRO K 187 -29.05 23.78 4.56
N THR K 188 -30.29 24.18 4.26
CA THR K 188 -31.27 23.37 3.48
C THR K 188 -30.99 23.50 1.98
N ARG K 189 -30.30 24.57 1.57
CA ARG K 189 -29.90 24.84 0.16
CA ARG K 189 -29.90 24.79 0.14
C ARG K 189 -28.37 24.85 0.08
N ASN K 190 -27.80 25.67 -0.80
CA ASN K 190 -26.34 25.89 -0.97
C ASN K 190 -25.65 24.60 -1.41
N GLU K 191 -26.30 23.77 -2.23
CA GLU K 191 -25.71 22.55 -2.83
C GLU K 191 -24.51 22.95 -3.69
N ASN K 192 -24.57 24.11 -4.34
CA ASN K 192 -23.59 24.57 -5.37
C ASN K 192 -22.67 25.64 -4.76
N THR K 193 -22.58 25.70 -3.43
CA THR K 193 -21.67 26.62 -2.70
C THR K 193 -20.94 25.85 -1.60
N ARG K 194 -19.69 26.19 -1.33
CA ARG K 194 -18.94 25.76 -0.13
C ARG K 194 -18.79 26.99 0.77
N TYR K 195 -19.29 26.94 2.00
CA TYR K 195 -19.21 28.06 2.97
C TYR K 195 -18.51 27.59 4.26
N PHE K 196 -17.77 28.51 4.86
CA PHE K 196 -17.00 28.32 6.11
C PHE K 196 -17.15 29.60 6.95
N GLY K 197 -17.54 29.45 8.21
CA GLY K 197 -17.79 30.57 9.13
C GLY K 197 -17.50 30.20 10.57
N THR K 198 -16.96 31.12 11.35
CA THR K 198 -16.71 30.95 12.80
C THR K 198 -17.16 32.22 13.53
N LEU K 199 -18.10 32.08 14.47
CA LEU K 199 -18.41 33.15 15.44
C LEU K 199 -17.69 32.84 16.76
N THR K 200 -16.78 33.72 17.16
CA THR K 200 -16.12 33.69 18.47
C THR K 200 -16.65 34.88 19.29
N GLY K 201 -17.80 34.68 19.94
CA GLY K 201 -18.51 35.68 20.77
C GLY K 201 -17.81 35.89 22.10
N GLY K 202 -18.32 36.82 22.92
CA GLY K 202 -17.70 37.26 24.18
C GLY K 202 -17.23 38.71 24.10
N GLU K 203 -16.97 39.34 25.24
CA GLU K 203 -16.77 40.81 25.30
C GLU K 203 -15.27 41.15 25.25
N ASN K 204 -14.39 40.26 25.75
CA ASN K 204 -12.93 40.55 25.88
C ASN K 204 -12.13 39.53 25.07
N VAL K 205 -12.77 38.88 24.09
CA VAL K 205 -12.20 37.73 23.34
C VAL K 205 -11.01 38.22 22.52
N PRO K 206 -9.84 37.54 22.59
CA PRO K 206 -8.70 37.89 21.75
C PRO K 206 -8.93 37.46 20.31
N PRO K 207 -8.76 38.37 19.32
CA PRO K 207 -8.60 37.99 17.91
C PRO K 207 -7.40 37.04 17.76
N VAL K 208 -7.59 35.95 16.99
CA VAL K 208 -6.49 35.03 16.58
C VAL K 208 -6.56 34.89 15.06
N LEU K 209 -5.69 35.64 14.36
CA LEU K 209 -5.65 35.74 12.88
C LEU K 209 -4.33 35.16 12.37
N HIS K 210 -4.38 34.06 11.61
CA HIS K 210 -3.22 33.43 10.95
C HIS K 210 -3.15 33.95 9.52
N ILE K 211 -1.95 34.22 9.01
CA ILE K 211 -1.73 34.57 7.58
C ILE K 211 -0.66 33.61 7.03
N THR K 212 -0.86 33.09 5.82
CA THR K 212 0.13 32.27 5.09
C THR K 212 -0.32 32.17 3.62
N ASN K 213 0.63 32.04 2.71
CA ASN K 213 0.34 31.77 1.27
C ASN K 213 0.62 30.29 0.96
N THR K 214 0.66 29.43 1.97
CA THR K 214 0.98 27.97 1.84
C THR K 214 -0.27 27.10 2.04
N ALA K 215 -1.40 27.69 2.45
CA ALA K 215 -2.64 26.97 2.85
C ALA K 215 -3.70 27.05 1.74
N THR K 216 -4.21 25.89 1.34
CA THR K 216 -5.17 25.72 0.22
C THR K 216 -6.35 24.89 0.71
N THR K 217 -7.58 25.36 0.47
CA THR K 217 -8.85 24.64 0.76
C THR K 217 -9.34 23.99 -0.54
N VAL K 218 -9.63 22.69 -0.52
CA VAL K 218 -10.17 21.97 -1.72
C VAL K 218 -11.70 22.09 -1.66
N LEU K 219 -12.33 22.48 -2.77
CA LEU K 219 -13.78 22.83 -2.82
C LEU K 219 -14.60 21.65 -3.34
N LEU K 220 -13.95 20.55 -3.73
CA LEU K 220 -14.63 19.34 -4.27
C LEU K 220 -15.48 18.71 -3.16
N ASP K 221 -16.65 18.18 -3.52
CA ASP K 221 -17.56 17.45 -2.60
C ASP K 221 -17.09 15.98 -2.53
N GLU K 222 -17.87 15.12 -1.85
CA GLU K 222 -17.54 13.70 -1.61
C GLU K 222 -17.47 12.93 -2.94
N PHE K 223 -18.12 13.45 -4.00
CA PHE K 223 -18.16 12.85 -5.36
C PHE K 223 -17.03 13.41 -6.24
N GLY K 224 -16.22 14.33 -5.73
CA GLY K 224 -15.10 14.94 -6.47
C GLY K 224 -15.54 16.06 -7.40
N VAL K 225 -16.71 16.63 -7.15
CA VAL K 225 -17.32 17.74 -7.96
C VAL K 225 -17.27 19.02 -7.10
N GLY K 226 -16.72 20.10 -7.66
CA GLY K 226 -16.71 21.43 -7.04
C GLY K 226 -17.91 22.26 -7.49
N PRO K 227 -18.06 23.50 -6.97
CA PRO K 227 -19.11 24.41 -7.42
C PRO K 227 -19.05 24.66 -8.94
N LEU K 228 -20.19 24.53 -9.62
CA LEU K 228 -20.32 24.72 -11.09
C LEU K 228 -20.90 26.11 -11.34
N CYS K 229 -20.13 26.99 -11.97
CA CYS K 229 -20.48 28.42 -12.19
C CYS K 229 -21.49 28.55 -13.33
N LYS K 230 -22.76 28.67 -12.95
CA LYS K 230 -23.91 28.95 -13.85
C LYS K 230 -23.74 30.33 -14.47
N GLY K 231 -23.99 30.45 -15.78
CA GLY K 231 -23.85 31.71 -16.53
C GLY K 231 -22.41 32.21 -16.52
N ASP K 232 -21.44 31.32 -16.29
CA ASP K 232 -19.99 31.65 -16.29
C ASP K 232 -19.72 32.74 -15.24
N ASN K 233 -20.32 32.62 -14.05
CA ASN K 233 -20.17 33.59 -12.94
C ASN K 233 -19.76 32.87 -11.65
N LEU K 234 -18.65 33.30 -11.04
CA LEU K 234 -18.18 32.80 -9.72
C LEU K 234 -18.67 33.77 -8.65
N TYR K 235 -19.23 33.26 -7.56
CA TYR K 235 -19.80 34.06 -6.46
C TYR K 235 -18.93 33.91 -5.21
N LEU K 236 -18.15 34.95 -4.90
CA LEU K 236 -17.37 35.09 -3.64
C LEU K 236 -18.17 35.91 -2.64
N SER K 237 -18.19 35.49 -1.39
CA SER K 237 -18.95 36.15 -0.29
C SER K 237 -18.13 36.04 1.01
N ALA K 238 -18.12 37.10 1.82
CA ALA K 238 -17.25 37.21 2.99
C ALA K 238 -17.84 38.13 4.06
N VAL K 239 -17.54 37.82 5.33
CA VAL K 239 -17.70 38.71 6.51
C VAL K 239 -16.45 38.55 7.36
N ASP K 240 -15.84 39.66 7.78
CA ASP K 240 -14.66 39.63 8.69
C ASP K 240 -14.76 40.78 9.70
N VAL K 241 -15.71 40.64 10.63
CA VAL K 241 -15.83 41.48 11.84
C VAL K 241 -14.77 40.97 12.81
N CYS K 242 -13.65 41.71 12.95
CA CYS K 242 -12.45 41.28 13.71
C CYS K 242 -12.66 41.44 15.22
N GLY K 243 -13.62 42.28 15.59
CA GLY K 243 -13.94 42.62 16.99
C GLY K 243 -14.39 44.06 17.08
N MET K 244 -14.20 44.69 18.24
CA MET K 244 -14.69 46.05 18.50
C MET K 244 -13.55 46.95 18.95
N PHE K 245 -13.58 48.19 18.46
CA PHE K 245 -12.65 49.28 18.84
C PHE K 245 -13.32 50.15 19.91
N THR K 246 -12.73 50.23 21.10
CA THR K 246 -13.16 51.14 22.19
C THR K 246 -12.38 52.45 22.04
N ASN K 247 -13.07 53.58 21.85
CA ASN K 247 -12.41 54.91 21.77
C ASN K 247 -12.51 55.60 23.14
N ARG K 248 -11.83 56.74 23.30
CA ARG K 248 -11.55 57.43 24.60
C ARG K 248 -12.81 57.49 25.46
N SER K 249 -13.94 57.85 24.85
CA SER K 249 -15.24 58.09 25.52
C SER K 249 -15.84 56.78 26.07
N GLY K 250 -15.32 55.63 25.62
CA GLY K 250 -15.83 54.30 26.02
C GLY K 250 -16.71 53.67 24.95
N SER K 251 -17.19 54.47 23.98
CA SER K 251 -17.99 54.05 22.80
C SER K 251 -17.29 52.90 22.07
N GLN K 252 -18.05 51.91 21.57
CA GLN K 252 -17.50 50.72 20.87
C GLN K 252 -18.07 50.62 19.46
N GLN K 253 -17.19 50.47 18.47
CA GLN K 253 -17.51 50.32 17.03
C GLN K 253 -16.94 48.98 16.56
N TRP K 254 -17.66 48.28 15.71
CA TRP K 254 -17.12 47.10 14.97
C TRP K 254 -15.94 47.58 14.13
N ARG K 255 -14.89 46.77 14.02
CA ARG K 255 -13.79 46.96 13.04
C ARG K 255 -13.71 45.71 12.18
N GLY K 256 -13.64 45.88 10.86
CA GLY K 256 -13.54 44.80 9.89
C GLY K 256 -12.34 44.97 8.98
N LEU K 257 -11.96 43.90 8.27
CA LEU K 257 -10.85 43.91 7.30
C LEU K 257 -11.30 43.26 6.00
N SER K 258 -10.63 43.61 4.89
CA SER K 258 -10.82 42.99 3.56
C SER K 258 -10.37 41.53 3.59
N ARG K 259 -10.81 40.73 2.62
CA ARG K 259 -10.46 39.30 2.48
C ARG K 259 -10.01 39.01 1.05
N TYR K 260 -8.79 38.49 0.91
CA TYR K 260 -8.22 38.00 -0.37
C TYR K 260 -8.86 36.66 -0.72
N PHE K 261 -9.19 36.49 -1.99
CA PHE K 261 -9.64 35.21 -2.60
C PHE K 261 -8.76 34.89 -3.80
N LYS K 262 -8.37 33.63 -3.94
CA LYS K 262 -7.75 33.11 -5.18
C LYS K 262 -8.37 31.74 -5.45
N VAL K 263 -9.11 31.62 -6.54
CA VAL K 263 -9.86 30.37 -6.89
C VAL K 263 -9.28 29.83 -8.19
N GLN K 264 -8.89 28.55 -8.18
CA GLN K 264 -8.51 27.78 -9.38
C GLN K 264 -9.78 27.11 -9.91
N LEU K 265 -10.12 27.37 -11.17
CA LEU K 265 -11.28 26.74 -11.83
C LEU K 265 -10.80 25.90 -13.02
N ARG K 266 -11.57 24.88 -13.40
CA ARG K 266 -11.29 24.00 -14.57
C ARG K 266 -12.60 23.79 -15.33
N LYS K 267 -12.50 23.58 -16.64
CA LYS K 267 -13.68 23.33 -17.52
C LYS K 267 -14.19 21.91 -17.28
N ARG K 268 -15.49 21.77 -17.11
CA ARG K 268 -16.19 20.47 -16.90
C ARG K 268 -17.37 20.36 -17.86
N ARG K 269 -17.52 19.21 -18.52
CA ARG K 269 -18.69 18.94 -19.39
C ARG K 269 -19.84 18.43 -18.52
N VAL K 270 -21.05 18.90 -18.80
CA VAL K 270 -22.31 18.51 -18.11
C VAL K 270 -23.37 18.28 -19.19
N LYS K 271 -24.52 17.70 -18.82
CA LYS K 271 -25.58 17.31 -19.78
C LYS K 271 -26.94 17.90 -19.35
N ASN K 272 -27.87 17.97 -20.32
CA ASN K 272 -29.30 18.45 -20.21
C ASN K 272 -29.45 19.47 -19.06
N GLY L 1 -46.17 -38.13 -41.15
CA GLY L 1 -46.43 -39.04 -42.31
C GLY L 1 -45.40 -40.17 -42.42
N SER L 2 -45.76 -41.26 -43.13
CA SER L 2 -44.89 -42.44 -43.36
C SER L 2 -43.89 -42.12 -44.49
N TYR L 3 -42.58 -42.22 -44.20
CA TYR L 3 -41.50 -42.09 -45.20
C TYR L 3 -41.50 -43.35 -46.08
N VAL L 4 -41.22 -43.17 -47.38
CA VAL L 4 -41.29 -44.25 -48.41
C VAL L 4 -39.88 -44.57 -48.92
N LEU L 5 -39.50 -45.85 -48.89
CA LEU L 5 -38.27 -46.38 -49.55
C LEU L 5 -38.69 -47.36 -50.65
N THR L 6 -38.41 -47.04 -51.91
CA THR L 6 -38.72 -47.91 -53.09
C THR L 6 -37.43 -48.61 -53.52
N GLN L 7 -37.54 -49.92 -53.79
CA GLN L 7 -36.44 -50.81 -54.25
C GLN L 7 -36.91 -51.57 -55.49
N PRO L 8 -36.04 -51.81 -56.49
CA PRO L 8 -36.36 -52.72 -57.59
C PRO L 8 -36.71 -54.10 -57.02
N PRO L 9 -37.83 -54.74 -57.46
CA PRO L 9 -38.23 -56.03 -56.90
C PRO L 9 -37.16 -57.11 -57.03
N SER L 10 -36.42 -57.14 -58.14
CA SER L 10 -35.37 -58.15 -58.42
C SER L 10 -34.24 -57.57 -59.28
N VAL L 11 -33.07 -58.20 -59.22
CA VAL L 11 -31.84 -57.89 -60.01
C VAL L 11 -31.14 -59.22 -60.33
N SER L 12 -30.67 -59.40 -61.56
CA SER L 12 -29.93 -60.59 -62.04
C SER L 12 -28.51 -60.18 -62.42
N VAL L 13 -27.51 -60.99 -62.08
CA VAL L 13 -26.08 -60.79 -62.48
C VAL L 13 -25.41 -62.15 -62.64
N ALA L 14 -24.42 -62.23 -63.54
CA ALA L 14 -23.56 -63.41 -63.73
C ALA L 14 -22.47 -63.42 -62.66
N PRO L 15 -21.95 -64.61 -62.26
CA PRO L 15 -20.84 -64.68 -61.30
C PRO L 15 -19.63 -63.88 -61.82
N GLY L 16 -19.00 -63.07 -60.97
CA GLY L 16 -17.86 -62.23 -61.34
C GLY L 16 -18.28 -60.78 -61.59
N LYS L 17 -19.36 -60.59 -62.38
CA LYS L 17 -19.94 -59.25 -62.67
C LYS L 17 -20.42 -58.60 -61.36
N THR L 18 -20.65 -57.28 -61.35
CA THR L 18 -21.09 -56.50 -60.14
C THR L 18 -22.61 -56.33 -60.16
N ALA L 19 -23.24 -56.35 -58.98
CA ALA L 19 -24.70 -56.18 -58.76
C ALA L 19 -24.96 -54.83 -58.07
N ARG L 20 -25.96 -54.09 -58.53
CA ARG L 20 -26.34 -52.76 -57.98
C ARG L 20 -27.81 -52.80 -57.55
N ILE L 21 -28.05 -52.73 -56.24
CA ILE L 21 -29.40 -52.60 -55.62
C ILE L 21 -29.57 -51.13 -55.23
N THR L 22 -30.54 -50.44 -55.85
CA THR L 22 -30.88 -49.01 -55.59
C THR L 22 -31.97 -48.95 -54.52
N CYS L 23 -31.89 -47.93 -53.65
CA CYS L 23 -32.89 -47.61 -52.60
C CYS L 23 -33.35 -46.16 -52.81
N GLY L 24 -34.46 -45.97 -53.52
CA GLY L 24 -35.03 -44.65 -53.84
C GLY L 24 -35.75 -44.07 -52.65
N GLY L 25 -35.50 -42.80 -52.32
CA GLY L 25 -36.13 -42.10 -51.20
C GLY L 25 -36.12 -40.59 -51.41
N ASN L 26 -37.21 -39.92 -51.01
CA ASN L 26 -37.37 -38.45 -51.11
C ASN L 26 -36.27 -37.79 -50.26
N ASN L 27 -35.20 -37.34 -50.92
CA ASN L 27 -34.03 -36.67 -50.27
C ASN L 27 -33.39 -37.64 -49.26
N ILE L 28 -33.24 -38.92 -49.65
CA ILE L 28 -32.68 -40.01 -48.79
C ILE L 28 -31.22 -39.69 -48.44
N GLY L 29 -30.56 -38.86 -49.24
CA GLY L 29 -29.14 -38.47 -49.09
C GLY L 29 -28.84 -37.76 -47.79
N SER L 30 -29.86 -37.16 -47.15
CA SER L 30 -29.75 -36.45 -45.86
C SER L 30 -30.26 -37.34 -44.71
N ARG L 31 -30.33 -38.65 -44.94
CA ARG L 31 -30.69 -39.67 -43.93
C ARG L 31 -29.62 -40.78 -43.95
N SER L 32 -29.34 -41.39 -42.80
CA SER L 32 -28.42 -42.54 -42.67
C SER L 32 -29.16 -43.80 -43.10
N VAL L 33 -28.64 -44.48 -44.13
CA VAL L 33 -29.24 -45.71 -44.74
C VAL L 33 -28.41 -46.91 -44.30
N HIS L 34 -29.07 -47.95 -43.79
CA HIS L 34 -28.47 -49.25 -43.38
C HIS L 34 -29.00 -50.34 -44.31
N TRP L 35 -28.21 -51.36 -44.59
CA TRP L 35 -28.55 -52.46 -45.52
C TRP L 35 -28.50 -53.81 -44.79
N TYR L 36 -29.50 -54.66 -45.03
CA TYR L 36 -29.60 -56.03 -44.47
C TYR L 36 -29.64 -57.06 -45.61
N GLN L 37 -28.83 -58.11 -45.48
CA GLN L 37 -28.91 -59.35 -46.29
C GLN L 37 -29.82 -60.36 -45.56
N HIS L 38 -30.69 -61.05 -46.29
CA HIS L 38 -31.62 -62.08 -45.76
C HIS L 38 -31.68 -63.27 -46.71
N LYS L 39 -31.14 -64.42 -46.29
CA LYS L 39 -31.28 -65.71 -46.99
C LYS L 39 -32.47 -66.47 -46.39
N PRO L 40 -33.30 -67.15 -47.21
CA PRO L 40 -34.45 -67.87 -46.68
C PRO L 40 -34.08 -68.82 -45.52
N GLY L 41 -34.81 -68.74 -44.41
CA GLY L 41 -34.68 -69.64 -43.26
C GLY L 41 -33.74 -69.10 -42.19
N GLN L 42 -32.82 -68.21 -42.55
CA GLN L 42 -31.74 -67.73 -41.65
C GLN L 42 -32.06 -66.34 -41.07
N ALA L 43 -31.29 -65.95 -40.06
CA ALA L 43 -31.33 -64.61 -39.41
C ALA L 43 -30.76 -63.59 -40.38
N PRO L 44 -31.45 -62.44 -40.62
CA PRO L 44 -30.89 -61.35 -41.39
C PRO L 44 -29.57 -60.87 -40.76
N VAL L 45 -28.58 -60.55 -41.59
CA VAL L 45 -27.29 -59.92 -41.15
C VAL L 45 -27.25 -58.49 -41.70
N MET L 46 -26.74 -57.55 -40.91
CA MET L 46 -26.44 -56.17 -41.34
C MET L 46 -25.13 -56.20 -42.13
N ILE L 47 -25.13 -55.69 -43.37
CA ILE L 47 -23.94 -55.72 -44.27
C ILE L 47 -23.35 -54.31 -44.40
N ILE L 48 -24.19 -53.27 -44.38
CA ILE L 48 -23.76 -51.84 -44.39
C ILE L 48 -24.54 -51.10 -43.30
N SER L 49 -23.84 -50.29 -42.49
CA SER L 49 -24.46 -49.33 -41.55
C SER L 49 -23.96 -47.92 -41.88
N TYR L 50 -24.82 -46.91 -41.68
CA TYR L 50 -24.51 -45.47 -41.87
C TYR L 50 -23.90 -45.25 -43.26
N ASP L 51 -24.64 -45.68 -44.29
CA ASP L 51 -24.45 -45.39 -45.74
C ASP L 51 -23.42 -46.32 -46.40
N MET L 52 -22.25 -46.53 -45.76
CA MET L 52 -21.08 -47.16 -46.43
C MET L 52 -20.15 -47.88 -45.45
N ASN L 53 -20.54 -48.13 -44.20
CA ASN L 53 -19.63 -48.73 -43.20
C ASN L 53 -19.90 -50.23 -43.07
N ARG L 54 -18.85 -51.05 -43.19
CA ARG L 54 -18.92 -52.54 -43.19
C ARG L 54 -18.58 -53.07 -41.80
N PRO L 55 -19.48 -53.88 -41.17
CA PRO L 55 -19.17 -54.56 -39.91
C PRO L 55 -18.03 -55.58 -40.07
N SER L 56 -17.36 -55.95 -38.97
CA SER L 56 -16.39 -57.07 -38.93
C SER L 56 -17.07 -58.30 -39.55
N GLY L 57 -16.47 -58.88 -40.59
CA GLY L 57 -16.99 -60.09 -41.27
C GLY L 57 -17.32 -59.82 -42.73
N ILE L 58 -18.01 -58.72 -43.03
CA ILE L 58 -18.49 -58.41 -44.40
C ILE L 58 -17.30 -58.02 -45.25
N PRO L 59 -17.11 -58.63 -46.44
CA PRO L 59 -15.91 -58.40 -47.26
C PRO L 59 -15.95 -57.07 -48.03
N GLU L 60 -14.76 -56.64 -48.50
CA GLU L 60 -14.52 -55.34 -49.19
C GLU L 60 -15.36 -55.27 -50.48
N ARG L 61 -15.66 -56.41 -51.10
CA ARG L 61 -16.55 -56.53 -52.30
C ARG L 61 -17.83 -55.72 -52.09
N VAL L 62 -18.46 -55.88 -50.92
CA VAL L 62 -19.73 -55.19 -50.53
C VAL L 62 -19.38 -53.74 -50.22
N SER L 63 -20.20 -52.81 -50.73
CA SER L 63 -19.91 -51.36 -50.83
C SER L 63 -21.23 -50.58 -50.80
N GLY L 64 -21.25 -49.44 -50.11
CA GLY L 64 -22.46 -48.61 -49.97
C GLY L 64 -22.22 -47.17 -50.38
N SER L 65 -23.22 -46.52 -50.95
CA SER L 65 -23.25 -45.06 -51.17
C SER L 65 -24.66 -44.55 -50.91
N ASN L 66 -24.82 -43.22 -50.90
CA ASN L 66 -26.07 -42.49 -50.60
C ASN L 66 -25.80 -41.01 -50.88
N TYR L 67 -26.40 -40.45 -51.93
CA TYR L 67 -26.19 -39.03 -52.32
C TYR L 67 -27.52 -38.32 -52.56
N GLY L 68 -28.22 -38.66 -53.66
CA GLY L 68 -29.30 -37.80 -54.17
C GLY L 68 -30.64 -38.16 -53.56
N ASN L 69 -31.57 -38.63 -54.40
CA ASN L 69 -32.85 -39.26 -54.01
C ASN L 69 -32.69 -40.78 -54.17
N THR L 70 -31.45 -41.28 -54.04
CA THR L 70 -31.09 -42.69 -54.32
C THR L 70 -29.81 -43.05 -53.54
N ALA L 71 -29.90 -44.15 -52.78
CA ALA L 71 -28.77 -44.85 -52.11
C ALA L 71 -28.54 -46.18 -52.82
N THR L 72 -27.29 -46.67 -52.86
CA THR L 72 -26.87 -47.80 -53.73
C THR L 72 -25.98 -48.79 -52.96
N LEU L 73 -26.47 -50.02 -52.81
CA LEU L 73 -25.65 -51.19 -52.41
C LEU L 73 -24.98 -51.78 -53.66
N THR L 74 -23.70 -52.14 -53.56
CA THR L 74 -22.85 -52.65 -54.67
C THR L 74 -22.05 -53.87 -54.19
N ILE L 75 -22.49 -55.07 -54.58
CA ILE L 75 -21.70 -56.33 -54.48
C ILE L 75 -20.96 -56.51 -55.81
N SER L 76 -19.63 -56.61 -55.78
CA SER L 76 -18.74 -56.37 -56.96
C SER L 76 -18.33 -57.67 -57.65
N ARG L 77 -17.81 -58.65 -56.91
CA ARG L 77 -17.28 -59.91 -57.50
C ARG L 77 -18.18 -61.04 -57.03
N VAL L 78 -19.39 -61.08 -57.61
CA VAL L 78 -20.59 -61.81 -57.12
C VAL L 78 -20.31 -63.31 -57.14
N GLU L 79 -20.76 -64.01 -56.08
CA GLU L 79 -20.62 -65.47 -55.87
C GLU L 79 -22.01 -66.06 -55.68
N ALA L 80 -22.16 -67.38 -55.87
CA ALA L 80 -23.40 -68.13 -55.61
C ALA L 80 -23.96 -67.74 -54.23
N GLY L 81 -23.06 -67.61 -53.24
CA GLY L 81 -23.39 -67.27 -51.84
C GLY L 81 -24.13 -65.95 -51.70
N ASP L 82 -23.92 -65.00 -52.62
CA ASP L 82 -24.49 -63.63 -52.56
C ASP L 82 -25.99 -63.63 -52.92
N GLU L 83 -26.51 -64.74 -53.47
CA GLU L 83 -27.95 -64.90 -53.81
C GLU L 83 -28.78 -64.80 -52.53
N ALA L 84 -29.58 -63.74 -52.40
CA ALA L 84 -30.37 -63.40 -51.18
C ALA L 84 -31.26 -62.18 -51.42
N ASP L 85 -32.09 -61.85 -50.44
CA ASP L 85 -32.92 -60.62 -50.42
C ASP L 85 -32.13 -59.52 -49.71
N TYR L 86 -32.10 -58.32 -50.29
CA TYR L 86 -31.38 -57.14 -49.75
C TYR L 86 -32.40 -56.03 -49.47
N TYR L 87 -32.43 -55.54 -48.23
CA TYR L 87 -33.32 -54.46 -47.76
C TYR L 87 -32.48 -53.26 -47.29
N CYS L 88 -32.83 -52.06 -47.76
CA CYS L 88 -32.36 -50.77 -47.18
C CYS L 88 -33.34 -50.37 -46.08
N GLN L 89 -32.87 -49.57 -45.11
CA GLN L 89 -33.64 -49.16 -43.91
C GLN L 89 -33.15 -47.78 -43.46
N VAL L 90 -34.08 -46.92 -43.04
CA VAL L 90 -33.78 -45.60 -42.43
C VAL L 90 -34.51 -45.50 -41.09
N TRP L 91 -34.10 -44.53 -40.29
CA TRP L 91 -34.64 -44.23 -38.94
C TRP L 91 -35.13 -42.78 -38.91
N ASP L 92 -36.36 -42.57 -38.46
CA ASP L 92 -36.93 -41.22 -38.24
C ASP L 92 -37.40 -41.14 -36.78
N SER L 93 -36.44 -40.99 -35.87
CA SER L 93 -36.68 -40.57 -34.47
C SER L 93 -37.79 -39.53 -34.51
N ARG L 94 -38.75 -39.60 -33.59
CA ARG L 94 -39.85 -38.60 -33.48
C ARG L 94 -40.62 -38.52 -34.81
N SER L 95 -41.28 -39.62 -35.19
CA SER L 95 -42.31 -39.71 -36.25
C SER L 95 -43.19 -40.94 -35.96
N ASP L 96 -44.39 -41.00 -36.55
CA ASP L 96 -45.37 -42.07 -36.28
C ASP L 96 -44.83 -43.41 -36.76
N HIS L 97 -43.98 -43.38 -37.78
CA HIS L 97 -43.33 -44.60 -38.34
C HIS L 97 -41.82 -44.46 -38.24
N PRO L 98 -41.20 -44.81 -37.09
CA PRO L 98 -39.81 -44.46 -36.84
C PRO L 98 -38.80 -45.30 -37.64
N TYR L 99 -39.02 -46.61 -37.71
CA TYR L 99 -38.16 -47.57 -38.46
C TYR L 99 -38.85 -47.93 -39.77
N VAL L 100 -38.26 -47.54 -40.90
CA VAL L 100 -38.83 -47.75 -42.26
C VAL L 100 -37.88 -48.66 -43.04
N PHE L 101 -38.44 -49.71 -43.65
CA PHE L 101 -37.72 -50.68 -44.51
C PHE L 101 -38.10 -50.46 -45.98
N GLY L 102 -37.17 -50.75 -46.89
CA GLY L 102 -37.45 -50.85 -48.34
C GLY L 102 -38.37 -52.04 -48.61
N THR L 103 -38.95 -52.08 -49.82
CA THR L 103 -39.86 -53.16 -50.28
C THR L 103 -39.06 -54.47 -50.42
N GLY L 104 -37.74 -54.36 -50.65
CA GLY L 104 -36.80 -55.51 -50.79
C GLY L 104 -36.42 -55.77 -52.24
N THR L 105 -35.16 -56.15 -52.47
CA THR L 105 -34.61 -56.56 -53.78
C THR L 105 -34.06 -57.99 -53.67
N ARG L 106 -34.62 -58.93 -54.42
CA ARG L 106 -34.07 -60.31 -54.55
C ARG L 106 -32.99 -60.30 -55.63
N VAL L 107 -31.76 -60.67 -55.25
CA VAL L 107 -30.61 -60.87 -56.20
C VAL L 107 -30.52 -62.36 -56.54
N THR L 108 -30.46 -62.70 -57.83
CA THR L 108 -30.25 -64.09 -58.35
C THR L 108 -28.98 -64.12 -59.19
N VAL L 109 -28.24 -65.24 -59.14
CA VAL L 109 -26.93 -65.43 -59.83
C VAL L 109 -27.05 -66.58 -60.84
N GLY L 128 -19.91 -65.01 -32.58
CA GLY L 128 -20.68 -65.85 -31.66
C GLY L 128 -20.46 -65.49 -30.20
N GLU L 129 -20.37 -64.20 -29.88
CA GLU L 129 -20.37 -63.66 -28.48
C GLU L 129 -21.83 -63.40 -28.09
N VAL L 130 -22.55 -62.67 -28.96
CA VAL L 130 -24.00 -62.34 -28.82
C VAL L 130 -24.83 -63.47 -29.45
N GLN L 131 -25.84 -63.95 -28.72
CA GLN L 131 -26.87 -64.92 -29.21
C GLN L 131 -28.27 -64.35 -28.93
N LEU L 132 -29.20 -64.54 -29.87
CA LEU L 132 -30.65 -64.26 -29.69
C LEU L 132 -31.43 -65.53 -30.07
N VAL L 133 -31.97 -66.23 -29.06
CA VAL L 133 -32.78 -67.47 -29.21
C VAL L 133 -34.26 -67.14 -29.01
N GLU L 134 -35.12 -67.48 -29.96
CA GLU L 134 -36.55 -67.09 -29.99
C GLU L 134 -37.43 -68.28 -29.64
N SER L 135 -38.57 -68.02 -28.99
CA SER L 135 -39.58 -69.04 -28.57
C SER L 135 -41.00 -68.46 -28.75
N GLY L 136 -42.02 -69.31 -28.69
CA GLY L 136 -43.42 -68.87 -28.52
C GLY L 136 -44.27 -69.06 -29.77
N GLY L 137 -43.65 -69.07 -30.96
CA GLY L 137 -44.36 -69.20 -32.25
C GLY L 137 -45.19 -70.48 -32.35
N GLY L 138 -46.05 -70.58 -33.37
CA GLY L 138 -46.86 -71.78 -33.67
C GLY L 138 -48.22 -71.44 -34.26
N LEU L 139 -49.14 -72.40 -34.24
CA LEU L 139 -50.53 -72.26 -34.74
C LEU L 139 -51.40 -71.60 -33.66
N VAL L 140 -52.28 -70.67 -34.05
CA VAL L 140 -53.29 -70.04 -33.15
C VAL L 140 -54.44 -69.51 -34.01
N LYS L 141 -55.67 -69.55 -33.47
CA LYS L 141 -56.93 -69.22 -34.19
C LYS L 141 -57.16 -67.72 -34.20
N PRO L 142 -57.87 -67.17 -35.22
CA PRO L 142 -58.23 -65.75 -35.23
C PRO L 142 -58.92 -65.31 -33.92
N GLY L 143 -58.48 -64.18 -33.35
CA GLY L 143 -59.01 -63.62 -32.09
C GLY L 143 -58.29 -64.15 -30.86
N GLY L 144 -57.31 -65.04 -31.05
CA GLY L 144 -56.56 -65.71 -29.96
C GLY L 144 -55.36 -64.91 -29.50
N SER L 145 -54.55 -65.46 -28.59
CA SER L 145 -53.34 -64.82 -27.98
C SER L 145 -52.10 -65.70 -28.18
N LEU L 146 -50.92 -65.11 -28.06
CA LEU L 146 -49.61 -65.80 -28.21
C LEU L 146 -48.51 -64.89 -27.64
N ARG L 147 -47.54 -65.48 -26.93
CA ARG L 147 -46.44 -64.75 -26.25
C ARG L 147 -45.11 -65.19 -26.88
N LEU L 148 -44.53 -64.33 -27.71
CA LEU L 148 -43.16 -64.51 -28.26
C LEU L 148 -42.18 -64.08 -27.17
N SER L 149 -41.08 -64.81 -27.02
CA SER L 149 -39.94 -64.45 -26.14
C SER L 149 -38.62 -64.61 -26.93
N CYS L 150 -37.64 -63.77 -26.60
CA CYS L 150 -36.30 -63.72 -27.22
C CYS L 150 -35.25 -63.64 -26.11
N ALA L 151 -34.53 -64.73 -25.85
CA ALA L 151 -33.53 -64.86 -24.76
C ALA L 151 -32.15 -64.46 -25.28
N ALA L 152 -31.69 -63.27 -24.90
CA ALA L 152 -30.34 -62.77 -25.22
C ALA L 152 -29.34 -63.38 -24.24
N SER L 153 -28.10 -63.58 -24.69
CA SER L 153 -26.94 -64.00 -23.86
C SER L 153 -25.66 -63.39 -24.44
N GLY L 154 -24.71 -63.06 -23.55
CA GLY L 154 -23.41 -62.47 -23.92
C GLY L 154 -23.42 -60.94 -23.91
N ILE L 155 -24.55 -60.33 -23.50
CA ILE L 155 -24.70 -58.84 -23.43
C ILE L 155 -25.41 -58.46 -22.12
N THR L 156 -25.07 -57.30 -21.58
CA THR L 156 -25.77 -56.64 -20.45
C THR L 156 -27.03 -55.97 -21.02
N PHE L 157 -28.17 -56.62 -20.88
CA PHE L 157 -29.38 -56.41 -21.73
C PHE L 157 -29.87 -54.96 -21.64
N GLN L 158 -29.74 -54.31 -20.47
CA GLN L 158 -30.38 -52.99 -20.19
C GLN L 158 -29.75 -51.88 -21.04
N TYR L 159 -28.62 -52.13 -21.71
CA TYR L 159 -27.89 -51.11 -22.51
C TYR L 159 -28.22 -51.25 -24.01
N TYR L 160 -29.25 -52.00 -24.38
CA TYR L 160 -29.61 -52.29 -25.79
C TYR L 160 -31.12 -52.09 -26.02
N ALA L 161 -31.48 -51.13 -26.86
CA ALA L 161 -32.85 -51.03 -27.42
C ALA L 161 -33.10 -52.30 -28.24
N MET L 162 -34.30 -52.88 -28.12
CA MET L 162 -34.68 -54.17 -28.76
C MET L 162 -35.95 -53.98 -29.58
N ASN L 163 -36.13 -54.81 -30.61
CA ASN L 163 -37.20 -54.62 -31.63
C ASN L 163 -37.75 -55.99 -32.04
N TRP L 164 -39.01 -55.99 -32.48
CA TRP L 164 -39.66 -57.09 -33.22
C TRP L 164 -39.89 -56.65 -34.67
N VAL L 165 -39.36 -57.42 -35.63
CA VAL L 165 -39.59 -57.25 -37.08
C VAL L 165 -40.20 -58.56 -37.59
N ARG L 166 -41.14 -58.49 -38.55
CA ARG L 166 -41.83 -59.69 -39.10
C ARG L 166 -41.75 -59.69 -40.63
N GLN L 167 -41.90 -60.87 -41.22
CA GLN L 167 -41.95 -61.10 -42.69
C GLN L 167 -43.13 -62.03 -43.00
N ALA L 168 -44.23 -61.47 -43.51
CA ALA L 168 -45.44 -62.21 -43.94
C ALA L 168 -45.08 -63.04 -45.18
N PRO L 169 -45.65 -64.26 -45.35
CA PRO L 169 -45.38 -65.05 -46.56
C PRO L 169 -45.59 -64.19 -47.81
N GLY L 170 -44.54 -64.02 -48.63
CA GLY L 170 -44.58 -63.25 -49.89
C GLY L 170 -44.02 -61.85 -49.73
N LYS L 171 -44.50 -61.11 -48.71
CA LYS L 171 -44.11 -59.69 -48.45
C LYS L 171 -42.67 -59.60 -47.91
N GLY L 172 -42.13 -58.39 -47.79
CA GLY L 172 -40.77 -58.10 -47.30
C GLY L 172 -40.73 -57.92 -45.80
N LEU L 173 -39.66 -57.31 -45.26
CA LEU L 173 -39.50 -57.05 -43.81
C LEU L 173 -40.38 -55.86 -43.43
N GLU L 174 -41.12 -55.98 -42.32
CA GLU L 174 -41.97 -54.91 -41.74
C GLU L 174 -41.59 -54.80 -40.26
N TRP L 175 -41.17 -53.61 -39.81
CA TRP L 175 -40.92 -53.31 -38.38
C TRP L 175 -42.25 -53.38 -37.64
N VAL L 176 -42.28 -53.98 -36.44
CA VAL L 176 -43.52 -54.24 -35.65
C VAL L 176 -43.53 -53.35 -34.41
N SER L 177 -42.49 -53.43 -33.60
CA SER L 177 -42.41 -52.77 -32.25
C SER L 177 -40.96 -52.58 -31.81
N SER L 178 -40.71 -51.52 -31.05
CA SER L 178 -39.40 -51.13 -30.45
C SER L 178 -39.60 -50.82 -28.98
N ILE L 179 -38.59 -51.14 -28.16
CA ILE L 179 -38.57 -50.81 -26.70
C ILE L 179 -37.15 -50.34 -26.34
N GLY L 180 -37.05 -49.40 -25.41
CA GLY L 180 -35.77 -48.89 -24.89
C GLY L 180 -35.09 -49.92 -23.99
N GLY L 181 -33.85 -49.64 -23.58
CA GLY L 181 -33.05 -50.53 -22.72
C GLY L 181 -33.63 -50.65 -21.33
N ARG L 182 -34.20 -49.56 -20.80
CA ARG L 182 -34.78 -49.50 -19.43
C ARG L 182 -36.29 -49.84 -19.49
N GLY L 183 -36.85 -50.03 -20.69
CA GLY L 183 -38.29 -50.28 -20.91
C GLY L 183 -39.11 -49.01 -20.96
N ASP L 184 -38.44 -47.84 -20.91
CA ASP L 184 -39.05 -46.48 -20.85
C ASP L 184 -39.85 -46.22 -22.11
N THR L 185 -39.22 -46.34 -23.28
CA THR L 185 -39.77 -45.98 -24.61
C THR L 185 -40.41 -47.22 -25.24
N THR L 186 -41.64 -47.12 -25.74
CA THR L 186 -42.37 -48.19 -26.47
C THR L 186 -43.03 -47.57 -27.71
N TYR L 187 -42.80 -48.18 -28.88
CA TYR L 187 -43.39 -47.75 -30.18
C TYR L 187 -43.89 -48.97 -30.94
N TYR L 188 -45.00 -48.83 -31.65
CA TYR L 188 -45.68 -49.93 -32.40
C TYR L 188 -46.01 -49.41 -33.81
N THR L 189 -46.12 -50.29 -34.81
CA THR L 189 -46.72 -49.99 -36.14
C THR L 189 -48.21 -49.71 -35.93
N ASP L 190 -48.81 -48.89 -36.80
CA ASP L 190 -50.23 -48.45 -36.67
C ASP L 190 -51.15 -49.69 -36.69
N SER L 191 -50.72 -50.78 -37.33
CA SER L 191 -51.56 -51.99 -37.59
C SER L 191 -51.59 -52.94 -36.38
N VAL L 192 -50.99 -52.58 -35.24
CA VAL L 192 -50.94 -53.46 -34.03
C VAL L 192 -51.11 -52.65 -32.73
N LYS L 193 -51.50 -51.37 -32.83
CA LYS L 193 -51.45 -50.40 -31.70
C LYS L 193 -52.04 -51.01 -30.43
N GLY L 194 -53.35 -51.31 -30.42
CA GLY L 194 -54.10 -51.67 -29.21
C GLY L 194 -53.99 -53.15 -28.86
N ARG L 195 -53.33 -53.95 -29.70
CA ARG L 195 -53.38 -55.43 -29.66
C ARG L 195 -52.05 -56.01 -29.12
N PHE L 196 -50.93 -55.56 -29.67
CA PHE L 196 -49.56 -56.03 -29.33
C PHE L 196 -48.98 -55.18 -28.18
N THR L 197 -48.29 -55.83 -27.25
CA THR L 197 -47.56 -55.19 -26.12
C THR L 197 -46.13 -55.74 -26.07
N ILE L 198 -45.14 -54.85 -26.11
CA ILE L 198 -43.68 -55.18 -26.00
C ILE L 198 -43.24 -54.91 -24.55
N SER L 199 -42.33 -55.72 -24.02
CA SER L 199 -41.84 -55.64 -22.62
C SER L 199 -40.49 -56.35 -22.49
N ARG L 200 -39.81 -56.15 -21.35
CA ARG L 200 -38.46 -56.69 -21.08
C ARG L 200 -38.36 -57.21 -19.65
N ASP L 201 -37.48 -58.19 -19.43
CA ASP L 201 -36.98 -58.58 -18.09
C ASP L 201 -35.44 -58.55 -18.15
N ASN L 202 -34.84 -57.41 -17.83
CA ASN L 202 -33.37 -57.18 -18.01
C ASN L 202 -32.59 -58.21 -17.17
N SER L 203 -33.09 -58.57 -15.97
CA SER L 203 -32.45 -59.56 -15.07
C SER L 203 -32.45 -60.94 -15.74
N LYS L 204 -33.61 -61.42 -16.21
CA LYS L 204 -33.74 -62.70 -16.96
C LYS L 204 -33.14 -62.54 -18.36
N SER L 205 -32.92 -61.30 -18.81
CA SER L 205 -32.15 -60.95 -20.03
C SER L 205 -32.93 -61.31 -21.31
N THR L 206 -34.27 -61.25 -21.27
CA THR L 206 -35.16 -61.66 -22.38
C THR L 206 -36.08 -60.50 -22.78
N LEU L 207 -36.48 -60.49 -24.06
CA LEU L 207 -37.49 -59.58 -24.66
C LEU L 207 -38.78 -60.36 -24.90
N TYR L 208 -39.94 -59.74 -24.68
CA TYR L 208 -41.28 -60.35 -24.84
C TYR L 208 -42.11 -59.53 -25.84
N LEU L 209 -42.94 -60.23 -26.62
CA LEU L 209 -44.05 -59.62 -27.41
C LEU L 209 -45.34 -60.38 -27.07
N GLN L 210 -46.24 -59.72 -26.31
CA GLN L 210 -47.59 -60.22 -25.98
C GLN L 210 -48.51 -59.84 -27.13
N MET L 211 -48.77 -60.79 -28.04
CA MET L 211 -49.68 -60.64 -29.19
C MET L 211 -51.03 -61.28 -28.83
N ASN L 212 -52.05 -60.47 -28.54
CA ASN L 212 -53.44 -60.98 -28.34
C ASN L 212 -54.35 -60.23 -29.31
N SER L 213 -55.60 -60.70 -29.45
CA SER L 213 -56.61 -60.22 -30.43
C SER L 213 -56.02 -60.33 -31.86
N LEU L 214 -55.45 -61.49 -32.18
CA LEU L 214 -54.66 -61.76 -33.42
C LEU L 214 -55.60 -61.81 -34.63
N ARG L 215 -55.21 -61.14 -35.72
CA ARG L 215 -55.92 -61.16 -37.02
C ARG L 215 -55.12 -62.04 -38.01
N ALA L 216 -55.71 -62.33 -39.16
CA ALA L 216 -55.18 -63.27 -40.19
C ALA L 216 -53.90 -62.71 -40.82
N GLU L 217 -53.84 -61.39 -41.01
CA GLU L 217 -52.71 -60.69 -41.69
C GLU L 217 -51.50 -60.54 -40.74
N ASP L 218 -51.51 -61.23 -39.59
CA ASP L 218 -50.38 -61.24 -38.62
C ASP L 218 -49.47 -62.45 -38.89
N THR L 219 -49.90 -63.41 -39.73
CA THR L 219 -49.11 -64.63 -40.04
C THR L 219 -47.82 -64.18 -40.72
N ALA L 220 -46.68 -64.46 -40.08
CA ALA L 220 -45.33 -64.04 -40.52
C ALA L 220 -44.27 -64.74 -39.66
N VAL L 221 -43.03 -64.74 -40.13
CA VAL L 221 -41.82 -65.10 -39.31
C VAL L 221 -41.47 -63.86 -38.49
N TYR L 222 -41.55 -63.95 -37.16
CA TYR L 222 -41.27 -62.82 -36.22
C TYR L 222 -39.81 -62.89 -35.78
N TYR L 223 -39.03 -61.87 -36.19
CA TYR L 223 -37.59 -61.74 -35.91
C TYR L 223 -37.38 -60.78 -34.74
N CYS L 224 -36.47 -61.17 -33.84
CA CYS L 224 -35.96 -60.40 -32.69
C CYS L 224 -34.73 -59.63 -33.15
N ALA L 225 -34.74 -58.30 -33.06
CA ALA L 225 -33.71 -57.41 -33.64
C ALA L 225 -33.10 -56.49 -32.57
N LYS L 226 -31.78 -56.61 -32.35
CA LYS L 226 -31.00 -55.83 -31.36
C LYS L 226 -30.40 -54.59 -32.03
N GLU L 227 -30.35 -53.47 -31.29
CA GLU L 227 -29.66 -52.22 -31.72
C GLU L 227 -28.30 -52.14 -31.04
N PRO L 228 -27.34 -51.37 -31.58
CA PRO L 228 -26.00 -51.24 -30.98
C PRO L 228 -26.05 -50.72 -29.54
N PHE L 229 -24.98 -50.98 -28.79
CA PHE L 229 -24.80 -50.57 -27.38
C PHE L 229 -25.01 -49.06 -27.25
N ASP L 230 -25.73 -48.66 -26.19
CA ASP L 230 -25.96 -47.25 -25.79
C ASP L 230 -25.93 -47.18 -24.27
N SER L 231 -25.18 -46.26 -23.69
CA SER L 231 -25.01 -46.10 -22.22
C SER L 231 -26.37 -45.94 -21.52
N SER L 232 -27.37 -45.37 -22.22
CA SER L 232 -28.74 -45.13 -21.69
C SER L 232 -29.73 -46.18 -22.19
N GLY L 233 -29.31 -47.01 -23.13
CA GLY L 233 -30.18 -47.95 -23.85
C GLY L 233 -31.15 -47.22 -24.76
N ASP L 234 -30.72 -46.10 -25.33
CA ASP L 234 -31.54 -45.29 -26.28
C ASP L 234 -31.64 -46.02 -27.62
N HIS L 235 -32.64 -45.65 -28.43
CA HIS L 235 -32.84 -46.09 -29.82
C HIS L 235 -31.77 -45.43 -30.71
N ARG L 236 -31.22 -46.16 -31.68
CA ARG L 236 -30.13 -45.67 -32.57
C ARG L 236 -30.53 -45.80 -34.05
N GLY L 237 -31.51 -46.65 -34.36
CA GLY L 237 -32.13 -46.74 -35.68
C GLY L 237 -31.44 -47.74 -36.59
N VAL L 238 -30.74 -48.71 -36.01
CA VAL L 238 -30.03 -49.76 -36.80
C VAL L 238 -30.11 -51.08 -36.02
N PHE L 239 -30.34 -52.17 -36.73
CA PHE L 239 -30.46 -53.56 -36.19
C PHE L 239 -29.17 -54.32 -36.49
N ASP L 240 -28.20 -54.28 -35.57
CA ASP L 240 -26.82 -54.76 -35.86
C ASP L 240 -26.74 -56.28 -35.68
N TYR L 241 -27.76 -56.91 -35.10
CA TYR L 241 -27.80 -58.38 -34.89
C TYR L 241 -29.25 -58.84 -34.72
N TRP L 242 -29.58 -59.99 -35.31
CA TRP L 242 -30.97 -60.56 -35.43
C TRP L 242 -31.01 -61.99 -34.88
N GLY L 243 -32.18 -62.40 -34.36
CA GLY L 243 -32.49 -63.78 -34.00
C GLY L 243 -32.91 -64.57 -35.23
N GLN L 244 -32.93 -65.91 -35.15
CA GLN L 244 -33.16 -66.81 -36.31
C GLN L 244 -34.64 -66.77 -36.75
N GLY L 245 -35.52 -66.24 -35.89
CA GLY L 245 -36.95 -66.05 -36.19
C GLY L 245 -37.78 -67.21 -35.68
N THR L 246 -39.08 -67.01 -35.53
CA THR L 246 -40.06 -68.04 -35.11
C THR L 246 -41.37 -67.83 -35.87
N LEU L 247 -42.01 -68.93 -36.31
CA LEU L 247 -43.23 -68.94 -37.16
C LEU L 247 -44.46 -68.63 -36.31
N VAL L 248 -45.30 -67.71 -36.77
CA VAL L 248 -46.67 -67.44 -36.21
C VAL L 248 -47.66 -67.58 -37.37
N THR L 249 -48.56 -68.56 -37.27
CA THR L 249 -49.65 -68.86 -38.23
C THR L 249 -51.00 -68.67 -37.52
N VAL L 250 -52.08 -68.41 -38.29
CA VAL L 250 -53.43 -68.07 -37.77
C VAL L 250 -54.48 -69.05 -38.35
N GLY M 1 18.25 73.75 -4.06
CA GLY M 1 18.66 74.54 -2.86
C GLY M 1 18.34 73.80 -1.57
N SER M 2 18.35 74.52 -0.43
CA SER M 2 17.90 74.04 0.91
C SER M 2 16.37 74.16 0.99
N TYR M 3 15.75 73.36 1.85
CA TYR M 3 14.37 73.56 2.34
C TYR M 3 14.36 74.77 3.28
N VAL M 4 13.25 75.52 3.28
CA VAL M 4 13.09 76.81 4.04
C VAL M 4 12.07 76.60 5.16
N LEU M 5 12.44 76.97 6.39
CA LEU M 5 11.53 77.09 7.56
C LEU M 5 11.52 78.56 8.02
N THR M 6 10.38 79.23 7.90
CA THR M 6 10.21 80.65 8.34
C THR M 6 9.48 80.67 9.69
N GLN M 7 9.98 81.50 10.62
CA GLN M 7 9.44 81.68 12.00
C GLN M 7 9.26 83.17 12.24
N PRO M 8 8.20 83.61 12.95
CA PRO M 8 8.10 84.99 13.43
C PRO M 8 9.33 85.33 14.29
N PRO M 9 9.99 86.49 14.08
CA PRO M 9 11.20 86.81 14.83
C PRO M 9 10.95 86.85 16.34
N SER M 10 9.81 87.35 16.78
CA SER M 10 9.47 87.47 18.23
C SER M 10 7.98 87.32 18.47
N VAL M 11 7.63 86.97 19.71
CA VAL M 11 6.23 86.83 20.22
C VAL M 11 6.24 87.33 21.67
N SER M 12 5.22 88.09 22.08
CA SER M 12 5.03 88.57 23.48
C SER M 12 3.74 87.98 24.05
N VAL M 13 3.76 87.57 25.33
CA VAL M 13 2.55 87.09 26.07
C VAL M 13 2.69 87.45 27.54
N ALA M 14 1.56 87.72 28.20
CA ALA M 14 1.45 87.94 29.66
C ALA M 14 1.50 86.60 30.39
N PRO M 15 2.00 86.55 31.64
CA PRO M 15 1.99 85.32 32.43
C PRO M 15 0.56 84.77 32.56
N GLY M 16 0.38 83.46 32.35
CA GLY M 16 -0.93 82.79 32.41
C GLY M 16 -1.51 82.57 31.03
N LYS M 17 -1.48 83.60 30.18
CA LYS M 17 -1.95 83.54 28.76
C LYS M 17 -1.10 82.50 28.00
N THR M 18 -1.57 82.05 26.82
CA THR M 18 -0.90 81.01 25.98
C THR M 18 -0.09 81.70 24.87
N ALA M 19 1.07 81.13 24.53
CA ALA M 19 2.00 81.62 23.48
C ALA M 19 1.99 80.64 22.30
N ARG M 20 1.93 81.16 21.07
CA ARG M 20 1.90 80.34 19.82
C ARG M 20 3.07 80.76 18.92
N ILE M 21 4.04 79.85 18.75
CA ILE M 21 5.19 79.99 17.82
C ILE M 21 4.87 79.15 16.58
N THR M 22 4.73 79.80 15.42
CA THR M 22 4.43 79.16 14.11
C THR M 22 5.75 78.86 13.40
N CYS M 23 5.81 77.73 12.69
CA CYS M 23 6.95 77.29 11.83
C CYS M 23 6.40 77.05 10.42
N GLY M 24 6.49 78.06 9.55
CA GLY M 24 5.99 77.98 8.16
C GLY M 24 6.95 77.19 7.28
N GLY M 25 6.42 76.26 6.47
CA GLY M 25 7.23 75.43 5.57
C GLY M 25 6.39 74.89 4.42
N ASN M 26 6.97 74.87 3.22
CA ASN M 26 6.32 74.40 1.97
C ASN M 26 5.92 72.93 2.19
N ASN M 27 4.63 72.71 2.49
CA ASN M 27 4.04 71.37 2.74
C ASN M 27 4.77 70.71 3.92
N ILE M 28 5.02 71.48 4.98
CA ILE M 28 5.76 71.02 6.21
C ILE M 28 4.97 69.88 6.89
N GLY M 29 3.67 69.83 6.64
CA GLY M 29 2.76 68.84 7.25
C GLY M 29 3.12 67.40 6.94
N SER M 30 3.85 67.15 5.85
CA SER M 30 4.30 65.81 5.40
C SER M 30 5.76 65.58 5.81
N ARG M 31 6.26 66.36 6.76
CA ARG M 31 7.62 66.23 7.35
C ARG M 31 7.50 66.22 8.88
N SER M 32 8.35 65.46 9.55
CA SER M 32 8.42 65.40 11.03
C SER M 32 9.18 66.64 11.54
N VAL M 33 8.50 67.46 12.34
CA VAL M 33 9.03 68.74 12.91
C VAL M 33 9.40 68.48 14.37
N HIS M 34 10.61 68.89 14.77
CA HIS M 34 11.11 68.86 16.17
C HIS M 34 11.37 70.29 16.63
N TRP M 35 11.15 70.55 17.93
CA TRP M 35 11.26 71.90 18.54
C TRP M 35 12.32 71.89 19.65
N TYR M 36 13.15 72.94 19.68
CA TYR M 36 14.22 73.16 20.68
C TYR M 36 13.97 74.49 21.39
N GLN M 37 14.06 74.46 22.73
CA GLN M 37 14.14 75.66 23.60
C GLN M 37 15.63 76.00 23.78
N HIS M 38 16.00 77.28 23.79
CA HIS M 38 17.39 77.77 24.00
C HIS M 38 17.37 79.05 24.83
N LYS M 39 17.84 78.97 26.09
CA LYS M 39 18.06 80.13 26.99
C LYS M 39 19.50 80.57 26.86
N PRO M 40 19.79 81.90 26.84
CA PRO M 40 21.17 82.37 26.66
C PRO M 40 22.13 81.70 27.65
N GLY M 41 23.26 81.20 27.16
CA GLY M 41 24.36 80.66 27.98
C GLY M 41 24.27 79.16 28.17
N GLN M 42 23.06 78.59 28.07
CA GLN M 42 22.79 77.17 28.42
C GLN M 42 22.72 76.29 27.17
N ALA M 43 22.72 74.98 27.38
CA ALA M 43 22.55 73.94 26.34
C ALA M 43 21.10 73.91 25.88
N PRO M 44 20.83 73.94 24.55
CA PRO M 44 19.48 73.79 24.04
C PRO M 44 18.87 72.46 24.48
N VAL M 45 17.60 72.46 24.87
CA VAL M 45 16.85 71.22 25.21
C VAL M 45 15.78 71.00 24.13
N MET M 46 15.56 69.74 23.75
CA MET M 46 14.45 69.32 22.86
C MET M 46 13.17 69.28 23.70
N ILE M 47 12.12 69.99 23.28
CA ILE M 47 10.83 70.09 24.02
C ILE M 47 9.74 69.28 23.29
N ILE M 48 9.78 69.26 21.97
CA ILE M 48 8.85 68.43 21.12
C ILE M 48 9.68 67.68 20.06
N SER M 49 9.42 66.38 19.92
CA SER M 49 9.96 65.54 18.82
C SER M 49 8.79 64.96 18.04
N TYR M 50 8.95 64.78 16.73
CA TYR M 50 7.99 64.13 15.81
C TYR M 50 6.63 64.80 15.98
N ASP M 51 6.59 66.13 15.81
CA ASP M 51 5.40 66.99 15.66
C ASP M 51 4.79 67.37 17.02
N MET M 52 4.59 66.41 17.93
CA MET M 52 3.75 66.62 19.15
C MET M 52 4.17 65.71 20.32
N ASN M 53 5.32 65.07 20.30
CA ASN M 53 5.74 64.13 21.38
C ASN M 53 6.66 64.86 22.35
N ARG M 54 6.36 64.78 23.65
CA ARG M 54 7.09 65.43 24.77
C ARG M 54 8.06 64.44 25.43
N PRO M 55 9.38 64.76 25.50
CA PRO M 55 10.32 63.95 26.27
C PRO M 55 10.02 63.96 27.78
N SER M 56 10.52 62.95 28.52
CA SER M 56 10.50 62.94 30.00
C SER M 56 11.06 64.27 30.50
N GLY M 57 10.28 65.00 31.31
CA GLY M 57 10.70 66.30 31.90
C GLY M 57 9.82 67.45 31.44
N ILE M 58 9.53 67.55 30.15
CA ILE M 58 8.77 68.69 29.55
C ILE M 58 7.31 68.56 29.97
N PRO M 59 6.70 69.64 30.52
CA PRO M 59 5.35 69.57 31.08
C PRO M 59 4.24 69.57 30.02
N GLU M 60 3.03 69.16 30.43
CA GLU M 60 1.84 69.00 29.56
C GLU M 60 1.46 70.35 28.92
N ARG M 61 1.77 71.47 29.60
CA ARG M 61 1.58 72.86 29.10
C ARG M 61 2.10 73.00 27.67
N VAL M 62 3.32 72.49 27.42
CA VAL M 62 4.00 72.54 26.10
C VAL M 62 3.31 71.52 25.20
N SER M 63 3.05 71.92 23.95
CA SER M 63 2.13 71.20 23.02
C SER M 63 2.57 71.49 21.58
N GLY M 64 2.49 70.49 20.71
CA GLY M 64 2.92 70.61 19.30
C GLY M 64 1.83 70.16 18.34
N SER M 65 1.74 70.82 17.18
CA SER M 65 0.95 70.37 16.02
C SER M 65 1.73 70.67 14.74
N ASN M 66 1.20 70.17 13.61
CA ASN M 66 1.80 70.22 12.26
C ASN M 66 0.77 69.67 11.28
N TYR M 67 0.17 70.51 10.44
CA TYR M 67 -0.85 70.09 9.47
C TYR M 67 -0.57 70.63 8.07
N GLY M 68 -0.70 71.94 7.87
CA GLY M 68 -0.79 72.48 6.51
C GLY M 68 0.57 72.82 5.95
N ASN M 69 0.79 74.12 5.69
CA ASN M 69 2.09 74.74 5.38
C ASN M 69 2.59 75.42 6.65
N THR M 70 2.18 74.93 7.82
CA THR M 70 2.44 75.57 9.13
C THR M 70 2.36 74.51 10.24
N ALA M 71 3.42 74.44 11.06
CA ALA M 71 3.52 73.68 12.33
C ALA M 71 3.53 74.69 13.48
N THR M 72 2.99 74.32 14.65
CA THR M 72 2.70 75.25 15.77
C THR M 72 3.14 74.65 17.12
N LEU M 73 4.11 75.31 17.77
CA LEU M 73 4.43 75.13 19.20
C LEU M 73 3.48 75.99 20.03
N THR M 74 2.96 75.45 21.13
CA THR M 74 1.96 76.10 22.02
C THR M 74 2.37 75.87 23.48
N ILE M 75 2.93 76.91 24.13
CA ILE M 75 3.10 76.98 25.62
C ILE M 75 1.87 77.68 26.17
N SER M 76 1.15 77.05 27.11
CA SER M 76 -0.26 77.38 27.44
C SER M 76 -0.34 78.26 28.71
N ARG M 77 0.22 77.77 29.83
CA ARG M 77 0.24 78.55 31.08
C ARG M 77 1.66 79.07 31.19
N VAL M 78 1.88 80.26 30.68
CA VAL M 78 3.26 80.80 30.48
C VAL M 78 3.79 81.35 31.82
N GLU M 79 5.06 81.06 32.10
CA GLU M 79 5.79 81.45 33.33
C GLU M 79 7.03 82.23 32.91
N ALA M 80 7.61 83.02 33.82
CA ALA M 80 8.87 83.77 33.62
C ALA M 80 9.91 82.83 33.00
N GLY M 81 9.98 81.59 33.50
CA GLY M 81 10.93 80.55 33.07
C GLY M 81 10.84 80.25 31.57
N ASP M 82 9.66 80.41 30.97
CA ASP M 82 9.40 80.05 29.53
C ASP M 82 10.05 81.08 28.59
N GLU M 83 10.52 82.21 29.10
CA GLU M 83 11.24 83.24 28.29
C GLU M 83 12.50 82.60 27.72
N ALA M 84 12.59 82.47 26.40
CA ALA M 84 13.70 81.80 25.68
C ALA M 84 13.49 81.91 24.16
N ASP M 85 14.48 81.44 23.39
CA ASP M 85 14.44 81.30 21.91
C ASP M 85 13.94 79.91 21.56
N TYR M 86 12.96 79.81 20.66
CA TYR M 86 12.33 78.54 20.23
C TYR M 86 12.59 78.35 18.73
N TYR M 87 13.21 77.22 18.37
CA TYR M 87 13.55 76.83 16.98
C TYR M 87 12.80 75.56 16.59
N CYS M 88 12.15 75.57 15.42
CA CYS M 88 11.66 74.33 14.74
C CYS M 88 12.76 73.80 13.83
N GLN M 89 12.75 72.49 13.56
CA GLN M 89 13.81 71.77 12.79
C GLN M 89 13.18 70.59 12.06
N VAL M 90 13.60 70.36 10.81
CA VAL M 90 13.19 69.17 10.01
C VAL M 90 14.45 68.47 9.52
N TRP M 91 14.29 67.25 9.05
CA TRP M 91 15.36 66.36 8.52
C TRP M 91 14.99 65.93 7.10
N ASP M 92 15.91 66.14 6.16
CA ASP M 92 15.77 65.69 4.75
C ASP M 92 16.96 64.78 4.42
N SER M 93 16.92 63.55 4.94
CA SER M 93 17.79 62.44 4.49
C SER M 93 17.94 62.58 2.97
N ARG M 94 19.15 62.39 2.44
CA ARG M 94 19.41 62.43 0.97
C ARG M 94 18.95 63.78 0.41
N SER M 95 19.63 64.87 0.83
CA SER M 95 19.59 66.23 0.21
C SER M 95 20.87 66.98 0.63
N ASP M 96 21.24 68.03 -0.12
CA ASP M 96 22.52 68.76 0.06
C ASP M 96 22.50 69.52 1.38
N HIS M 97 21.32 69.74 1.97
CA HIS M 97 21.11 70.39 3.30
C HIS M 97 20.21 69.51 4.15
N PRO M 98 20.75 68.47 4.84
CA PRO M 98 19.94 67.43 5.46
C PRO M 98 19.21 67.88 6.74
N TYR M 99 19.89 68.64 7.60
CA TYR M 99 19.33 69.20 8.85
C TYR M 99 19.06 70.69 8.62
N VAL M 100 17.78 71.09 8.71
CA VAL M 100 17.31 72.48 8.46
C VAL M 100 16.65 72.99 9.72
N PHE M 101 17.06 74.18 10.18
CA PHE M 101 16.53 74.89 11.36
C PHE M 101 15.69 76.09 10.90
N GLY M 102 14.69 76.46 11.70
CA GLY M 102 13.96 77.73 11.56
C GLY M 102 14.86 78.91 11.89
N THR M 103 14.44 80.12 11.53
CA THR M 103 15.18 81.38 11.79
C THR M 103 15.21 81.65 13.29
N GLY M 104 14.22 81.13 14.04
CA GLY M 104 14.12 81.27 15.50
C GLY M 104 13.05 82.27 15.91
N THR M 105 12.35 82.01 17.00
CA THR M 105 11.35 82.91 17.63
C THR M 105 11.74 83.17 19.08
N ARG M 106 11.99 84.44 19.43
CA ARG M 106 12.25 84.86 20.84
C ARG M 106 10.91 85.14 21.51
N VAL M 107 10.59 84.41 22.58
CA VAL M 107 9.38 84.63 23.42
C VAL M 107 9.80 85.48 24.62
N THR M 108 9.08 86.58 24.89
CA THR M 108 9.27 87.47 26.06
C THR M 108 7.97 87.48 26.87
N VAL M 109 8.10 87.51 28.20
CA VAL M 109 6.96 87.46 29.15
C VAL M 109 6.95 88.78 29.88
N LEU M 110 5.81 89.43 29.85
CA LEU M 110 5.69 90.85 30.22
C LEU M 110 5.69 90.91 31.75
N GLY M 111 6.68 91.59 32.32
CA GLY M 111 6.82 91.86 33.76
C GLY M 111 8.20 91.41 34.25
N SER M 112 8.23 90.65 35.34
CA SER M 112 9.46 90.15 36.04
C SER M 112 10.13 89.05 35.21
N THR M 113 11.45 88.89 35.40
CA THR M 113 12.31 87.83 34.79
C THR M 113 12.94 86.98 35.90
N GLY M 128 20.43 63.34 34.08
CA GLY M 128 21.90 63.38 34.28
C GLY M 128 22.54 61.99 34.20
N GLU M 129 22.10 61.15 33.24
CA GLU M 129 22.75 59.87 32.86
C GLU M 129 23.78 60.18 31.74
N VAL M 130 23.31 60.87 30.70
CA VAL M 130 24.11 61.34 29.53
C VAL M 130 24.74 62.70 29.88
N GLN M 131 26.04 62.86 29.62
CA GLN M 131 26.77 64.16 29.71
C GLN M 131 27.54 64.39 28.40
N LEU M 132 27.55 65.64 27.92
CA LEU M 132 28.39 66.10 26.77
C LEU M 132 29.19 67.33 27.21
N VAL M 133 30.48 67.14 27.46
CA VAL M 133 31.43 68.20 27.91
C VAL M 133 32.29 68.62 26.72
N GLU M 134 32.36 69.92 26.41
CA GLU M 134 33.01 70.47 25.20
C GLU M 134 34.33 71.17 25.57
N SER M 135 35.31 71.13 24.66
CA SER M 135 36.66 71.75 24.81
C SER M 135 37.10 72.33 23.45
N GLY M 136 38.15 73.15 23.46
CA GLY M 136 38.89 73.54 22.26
C GLY M 136 38.66 74.97 21.84
N GLY M 137 37.53 75.58 22.19
CA GLY M 137 37.16 76.95 21.80
C GLY M 137 38.17 77.98 22.27
N GLY M 138 38.06 79.22 21.76
CA GLY M 138 38.90 80.37 22.18
C GLY M 138 39.17 81.34 21.04
N LEU M 139 40.17 82.20 21.20
CA LEU M 139 40.60 83.20 20.19
C LEU M 139 41.50 82.52 19.16
N VAL M 140 41.33 82.84 17.87
CA VAL M 140 42.24 82.41 16.77
C VAL M 140 42.13 83.38 15.59
N LYS M 141 43.23 83.60 14.87
CA LYS M 141 43.37 84.63 13.79
C LYS M 141 42.78 84.10 12.49
N PRO M 142 42.28 84.98 11.58
CA PRO M 142 41.84 84.56 10.25
C PRO M 142 42.89 83.72 9.51
N GLY M 143 42.49 82.59 8.93
CA GLY M 143 43.36 81.64 8.19
C GLY M 143 43.96 80.56 9.09
N GLY M 144 43.68 80.61 10.39
CA GLY M 144 44.26 79.72 11.41
C GLY M 144 43.46 78.44 11.58
N SER M 145 43.84 77.60 12.55
CA SER M 145 43.22 76.27 12.83
C SER M 145 42.77 76.20 14.29
N LEU M 146 41.88 75.26 14.59
CA LEU M 146 41.34 75.01 15.95
C LEU M 146 40.63 73.65 15.96
N ARG M 147 40.80 72.88 17.04
CA ARG M 147 40.24 71.50 17.17
C ARG M 147 39.24 71.48 18.33
N LEU M 148 37.95 71.50 18.03
CA LEU M 148 36.87 71.32 19.03
C LEU M 148 36.80 69.83 19.37
N SER M 149 36.56 69.49 20.64
CA SER M 149 36.28 68.12 21.11
C SER M 149 35.07 68.12 22.04
N CYS M 150 34.33 67.02 22.04
CA CYS M 150 33.11 66.81 22.84
C CYS M 150 33.17 65.43 23.46
N ALA M 151 33.42 65.34 24.76
CA ALA M 151 33.60 64.08 25.53
C ALA M 151 32.25 63.63 26.08
N ALA M 152 31.68 62.59 25.47
CA ALA M 152 30.44 61.95 25.94
C ALA M 152 30.77 61.00 27.08
N SER M 153 29.84 60.81 28.01
CA SER M 153 29.89 59.77 29.07
C SER M 153 28.46 59.32 29.39
N GLY M 154 28.30 58.04 29.75
CA GLY M 154 27.01 57.41 30.12
C GLY M 154 26.34 56.74 28.94
N ILE M 155 26.99 56.73 27.76
CA ILE M 155 26.45 56.11 26.52
C ILE M 155 27.56 55.31 25.82
N THR M 156 27.17 54.22 25.16
CA THR M 156 28.01 53.43 24.23
C THR M 156 28.07 54.18 22.90
N PHE M 157 29.15 54.92 22.67
CA PHE M 157 29.19 56.07 21.74
C PHE M 157 28.86 55.62 20.31
N GLN M 158 29.26 54.41 19.92
CA GLN M 158 29.21 53.93 18.50
C GLN M 158 27.77 53.78 18.01
N TYR M 159 26.77 53.85 18.89
CA TYR M 159 25.33 53.65 18.54
C TYR M 159 24.60 54.99 18.38
N TYR M 160 25.34 56.11 18.33
CA TYR M 160 24.76 57.47 18.28
C TYR M 160 25.41 58.28 17.16
N ALA M 161 24.62 58.70 16.18
CA ALA M 161 25.01 59.77 15.22
C ALA M 161 25.22 61.07 16.00
N MET M 162 26.28 61.81 15.68
CA MET M 162 26.67 63.04 16.43
C MET M 162 26.77 64.20 15.43
N ASN M 163 26.59 65.42 15.94
CA ASN M 163 26.51 66.66 15.11
C ASN M 163 27.21 67.82 15.81
N TRP M 164 27.68 68.78 15.00
CA TRP M 164 28.10 70.14 15.42
C TRP M 164 27.08 71.15 14.90
N VAL M 165 26.48 71.92 15.81
CA VAL M 165 25.58 73.07 15.49
C VAL M 165 26.21 74.32 16.09
N ARG M 166 26.11 75.47 15.40
CA ARG M 166 26.72 76.75 15.86
C ARG M 166 25.68 77.86 15.87
N GLN M 167 25.93 78.91 16.68
CA GLN M 167 25.09 80.13 16.79
C GLN M 167 26.02 81.36 16.76
N ALA M 168 26.08 82.05 15.62
CA ALA M 168 26.85 83.29 15.42
C ALA M 168 26.21 84.41 16.24
N PRO M 169 27.00 85.34 16.82
CA PRO M 169 26.44 86.46 17.57
C PRO M 169 25.34 87.14 16.74
N GLY M 170 24.11 87.16 17.24
CA GLY M 170 22.94 87.78 16.59
C GLY M 170 22.07 86.76 15.87
N LYS M 171 22.67 85.93 15.01
CA LYS M 171 21.95 84.94 14.16
C LYS M 171 21.38 83.80 15.04
N GLY M 172 20.60 82.90 14.43
CA GLY M 172 19.99 81.72 15.09
C GLY M 172 20.88 80.49 15.01
N LEU M 173 20.32 79.30 15.26
CA LEU M 173 21.05 78.01 15.19
C LEU M 173 21.27 77.63 13.73
N GLU M 174 22.49 77.25 13.38
CA GLU M 174 22.88 76.74 12.04
C GLU M 174 23.56 75.38 12.24
N TRP M 175 23.05 74.33 11.59
CA TRP M 175 23.70 73.00 11.56
C TRP M 175 25.01 73.13 10.78
N VAL M 176 26.08 72.49 11.26
CA VAL M 176 27.46 72.63 10.70
C VAL M 176 27.87 71.32 10.03
N SER M 177 27.80 70.22 10.77
CA SER M 177 28.34 68.89 10.35
C SER M 177 27.67 67.75 11.13
N SER M 178 27.54 66.59 10.47
CA SER M 178 26.96 65.34 11.04
C SER M 178 27.89 64.16 10.72
N ILE M 179 27.99 63.20 11.64
CA ILE M 179 28.77 61.95 11.45
C ILE M 179 27.96 60.77 11.98
N GLY M 180 28.09 59.60 11.35
CA GLY M 180 27.44 58.35 11.78
C GLY M 180 28.09 57.80 13.03
N GLY M 181 27.49 56.76 13.62
CA GLY M 181 28.00 56.10 14.83
C GLY M 181 29.32 55.40 14.60
N ARG M 182 29.49 54.82 13.40
CA ARG M 182 30.69 54.03 13.01
C ARG M 182 31.71 54.96 12.31
N GLY M 183 31.36 56.23 12.09
CA GLY M 183 32.18 57.21 11.37
C GLY M 183 32.03 57.09 9.86
N ASP M 184 31.11 56.24 9.39
CA ASP M 184 30.88 55.90 7.96
C ASP M 184 30.40 57.12 7.18
N THR M 185 29.33 57.75 7.66
CA THR M 185 28.62 58.88 6.99
C THR M 185 29.16 60.19 7.53
N THR M 186 29.52 61.14 6.66
CA THR M 186 29.97 62.52 7.02
C THR M 186 29.26 63.51 6.10
N TYR M 187 28.65 64.54 6.66
CA TYR M 187 27.94 65.62 5.92
C TYR M 187 28.34 66.97 6.52
N TYR M 188 28.45 68.00 5.69
CA TYR M 188 28.86 69.39 6.08
C TYR M 188 27.93 70.40 5.41
N THR M 189 27.74 71.58 6.02
CA THR M 189 27.07 72.74 5.36
C THR M 189 27.96 73.19 4.21
N ASP M 190 27.38 73.80 3.17
CA ASP M 190 28.09 74.21 1.94
C ASP M 190 29.19 75.23 2.30
N SER M 191 29.04 75.96 3.40
CA SER M 191 29.93 77.09 3.80
C SER M 191 31.18 76.60 4.55
N VAL M 192 31.39 75.29 4.69
CA VAL M 192 32.57 74.73 5.43
C VAL M 192 33.12 73.48 4.72
N LYS M 193 32.72 73.18 3.49
CA LYS M 193 33.02 71.89 2.81
C LYS M 193 34.49 71.50 2.99
N GLY M 194 35.40 72.27 2.38
CA GLY M 194 36.81 71.88 2.19
C GLY M 194 37.66 72.21 3.41
N ARG M 195 37.11 72.90 4.40
CA ARG M 195 37.91 73.38 5.55
C ARG M 195 37.67 72.57 6.82
N PHE M 196 36.42 72.35 7.18
CA PHE M 196 36.02 71.62 8.43
C PHE M 196 36.03 70.11 8.17
N THR M 197 36.53 69.32 9.13
CA THR M 197 36.53 67.83 9.12
C THR M 197 35.98 67.32 10.45
N ILE M 198 34.94 66.48 10.40
CA ILE M 198 34.31 65.83 11.58
C ILE M 198 34.86 64.41 11.69
N SER M 199 35.05 63.91 12.91
CA SER M 199 35.66 62.58 13.20
C SER M 199 35.27 62.11 14.61
N ARG M 200 35.54 60.85 14.92
CA ARG M 200 35.15 60.20 16.21
C ARG M 200 36.27 59.30 16.71
N ASP M 201 36.34 59.11 18.03
CA ASP M 201 37.10 58.02 18.69
C ASP M 201 36.14 57.31 19.65
N ASN M 202 35.46 56.28 19.15
CA ASN M 202 34.37 55.59 19.89
C ASN M 202 34.94 55.02 21.20
N SER M 203 36.17 54.51 21.19
CA SER M 203 36.85 53.95 22.39
C SER M 203 37.06 55.05 23.45
N LYS M 204 37.65 56.18 23.06
CA LYS M 204 37.84 57.37 23.95
C LYS M 204 36.48 58.06 24.17
N SER M 205 35.47 57.74 23.35
CA SER M 205 34.05 58.15 23.54
C SER M 205 33.87 59.65 23.30
N THR M 206 34.65 60.25 22.39
CA THR M 206 34.67 61.71 22.10
C THR M 206 34.43 61.98 20.61
N LEU M 207 33.80 63.13 20.32
CA LEU M 207 33.57 63.68 18.96
C LEU M 207 34.54 64.83 18.74
N TYR M 208 35.07 64.96 17.52
CA TYR M 208 36.05 66.01 17.14
C TYR M 208 35.49 66.83 15.96
N LEU M 209 35.80 68.12 15.92
CA LEU M 209 35.69 69.00 14.73
C LEU M 209 37.03 69.70 14.50
N GLN M 210 37.74 69.29 13.46
CA GLN M 210 39.00 69.93 12.99
C GLN M 210 38.61 71.09 12.09
N MET M 211 38.59 72.31 12.64
CA MET M 211 38.31 73.57 11.89
C MET M 211 39.65 74.23 11.55
N ASN M 212 40.07 74.16 10.28
CA ASN M 212 41.26 74.93 9.80
C ASN M 212 40.81 75.80 8.62
N SER M 213 41.71 76.70 8.18
CA SER M 213 41.44 77.74 7.15
C SER M 213 40.20 78.56 7.58
N LEU M 214 40.21 79.05 8.82
CA LEU M 214 39.05 79.70 9.50
C LEU M 214 38.84 81.11 8.92
N ARG M 215 37.58 81.44 8.62
CA ARG M 215 37.15 82.78 8.13
C ARG M 215 36.47 83.51 9.30
N ALA M 216 36.17 84.80 9.11
CA ALA M 216 35.63 85.73 10.14
C ALA M 216 34.19 85.32 10.51
N GLU M 217 33.42 84.85 9.54
CA GLU M 217 31.98 84.52 9.69
C GLU M 217 31.80 83.16 10.37
N ASP M 218 32.87 82.59 10.93
CA ASP M 218 32.85 81.29 11.68
C ASP M 218 32.72 81.56 13.18
N THR M 219 32.85 82.82 13.62
CA THR M 219 32.75 83.18 15.07
C THR M 219 31.33 82.88 15.52
N ALA M 220 31.21 81.95 16.48
CA ALA M 220 29.92 81.43 16.98
C ALA M 220 30.17 80.57 18.22
N VAL M 221 29.13 80.30 19.00
CA VAL M 221 29.12 79.25 20.06
C VAL M 221 28.87 77.92 19.35
N TYR M 222 29.83 76.99 19.42
CA TYR M 222 29.76 75.67 18.75
C TYR M 222 29.19 74.67 19.76
N TYR M 223 28.00 74.14 19.46
CA TYR M 223 27.25 73.15 20.27
C TYR M 223 27.45 71.75 19.68
N CYS M 224 27.68 70.80 20.58
CA CYS M 224 27.77 69.34 20.33
C CYS M 224 26.35 68.76 20.48
N ALA M 225 25.82 68.09 19.45
CA ALA M 225 24.41 67.63 19.41
C ALA M 225 24.32 66.13 19.11
N LYS M 226 23.75 65.37 20.06
CA LYS M 226 23.56 63.91 19.99
C LYS M 226 22.19 63.57 19.39
N GLU M 227 22.13 62.52 18.57
CA GLU M 227 20.86 61.95 18.03
C GLU M 227 20.46 60.74 18.87
N PRO M 228 19.18 60.31 18.84
CA PRO M 228 18.72 59.15 19.61
C PRO M 228 19.45 57.85 19.22
N PHE M 229 19.42 56.88 20.13
CA PHE M 229 20.05 55.55 19.96
C PHE M 229 19.58 54.91 18.67
N ASP M 230 20.51 54.28 17.94
CA ASP M 230 20.24 53.49 16.71
C ASP M 230 21.21 52.30 16.69
N SER M 231 20.69 51.09 16.50
CA SER M 231 21.49 49.83 16.54
C SER M 231 22.68 49.93 15.58
N SER M 232 22.58 50.71 14.49
CA SER M 232 23.61 50.86 13.44
C SER M 232 24.35 52.19 13.60
N GLY M 233 23.87 53.04 14.50
CA GLY M 233 24.36 54.42 14.64
C GLY M 233 23.99 55.27 13.44
N ASP M 234 22.84 55.01 12.80
CA ASP M 234 22.31 55.77 11.65
C ASP M 234 21.84 57.15 12.11
N HIS M 235 21.74 58.09 11.16
CA HIS M 235 21.14 59.44 11.33
C HIS M 235 19.64 59.27 11.50
N ARG M 236 19.02 60.06 12.38
CA ARG M 236 17.56 59.97 12.65
C ARG M 236 16.88 61.33 12.43
N GLY M 237 17.64 62.42 12.51
CA GLY M 237 17.18 63.78 12.14
C GLY M 237 16.64 64.56 13.32
N VAL M 238 17.04 64.18 14.53
CA VAL M 238 16.61 64.88 15.78
C VAL M 238 17.79 64.91 16.76
N PHE M 239 17.95 66.04 17.45
CA PHE M 239 19.02 66.29 18.45
C PHE M 239 18.44 66.21 19.86
N ASP M 240 18.40 65.01 20.44
CA ASP M 240 17.64 64.76 21.69
C ASP M 240 18.41 65.25 22.91
N TYR M 241 19.69 65.58 22.77
CA TYR M 241 20.53 66.10 23.88
C TYR M 241 21.72 66.89 23.34
N TRP M 242 22.07 68.00 24.00
CA TRP M 242 23.06 69.00 23.55
C TRP M 242 24.11 69.25 24.64
N GLY M 243 25.34 69.60 24.22
CA GLY M 243 26.42 70.08 25.10
C GLY M 243 26.24 71.56 25.40
N GLN M 244 26.93 72.07 26.42
CA GLN M 244 26.70 73.45 26.95
C GLN M 244 27.29 74.47 25.98
N GLY M 245 28.13 74.02 25.04
CA GLY M 245 28.70 74.86 23.97
C GLY M 245 30.06 75.39 24.37
N THR M 246 30.92 75.65 23.39
CA THR M 246 32.22 76.36 23.54
C THR M 246 32.28 77.43 22.46
N LEU M 247 32.69 78.65 22.79
CA LEU M 247 32.67 79.77 21.81
C LEU M 247 34.03 79.90 21.13
N VAL M 248 33.99 80.30 19.86
CA VAL M 248 35.14 80.50 18.93
C VAL M 248 35.01 81.90 18.34
N THR M 249 36.01 82.75 18.59
CA THR M 249 36.11 84.18 18.15
C THR M 249 37.29 84.31 17.17
N VAL M 250 37.23 85.32 16.29
CA VAL M 250 38.19 85.53 15.16
C VAL M 250 38.32 87.04 14.88
N GLY N 1 48.11 35.21 45.95
CA GLY N 1 47.64 36.39 46.75
C GLY N 1 46.13 36.40 46.91
N SER N 2 45.64 36.81 48.09
CA SER N 2 44.21 36.88 48.47
C SER N 2 43.57 38.14 47.85
N TYR N 3 42.27 38.08 47.53
CA TYR N 3 41.48 39.27 47.11
C TYR N 3 41.43 40.23 48.31
N VAL N 4 41.46 41.54 48.05
CA VAL N 4 41.57 42.61 49.09
C VAL N 4 40.27 43.41 49.12
N LEU N 5 39.68 43.54 50.32
CA LEU N 5 38.54 44.47 50.60
C LEU N 5 39.02 45.51 51.61
N THR N 6 39.08 46.79 51.22
CA THR N 6 39.48 47.93 52.10
C THR N 6 38.23 48.68 52.55
N GLN N 7 38.17 49.00 53.84
CA GLN N 7 37.05 49.72 54.52
C GLN N 7 37.63 50.88 55.33
N PRO N 8 36.97 52.07 55.37
CA PRO N 8 37.34 53.12 56.30
C PRO N 8 37.33 52.59 57.73
N PRO N 9 38.38 52.84 58.54
CA PRO N 9 38.43 52.26 59.90
C PRO N 9 37.23 52.69 60.76
N SER N 10 36.77 53.93 60.63
CA SER N 10 35.63 54.48 61.42
C SER N 10 34.85 55.54 60.63
N VAL N 11 33.59 55.74 61.04
CA VAL N 11 32.63 56.75 60.49
C VAL N 11 31.81 57.27 61.67
N SER N 12 31.59 58.59 61.72
CA SER N 12 30.75 59.29 62.75
C SER N 12 29.53 59.90 62.07
N VAL N 13 28.35 59.81 62.70
CA VAL N 13 27.11 60.47 62.24
C VAL N 13 26.24 60.84 63.45
N ALA N 14 25.49 61.94 63.34
CA ALA N 14 24.49 62.41 64.34
C ALA N 14 23.22 61.59 64.18
N PRO N 15 22.42 61.38 65.25
CA PRO N 15 21.14 60.68 65.15
C PRO N 15 20.23 61.39 64.13
N GLY N 16 19.58 60.62 63.24
CA GLY N 16 18.71 61.15 62.19
C GLY N 16 19.41 61.22 60.85
N LYS N 17 20.63 61.76 60.81
CA LYS N 17 21.50 61.85 59.59
C LYS N 17 21.80 60.43 59.09
N THR N 18 22.27 60.28 57.84
CA THR N 18 22.54 58.98 57.18
C THR N 18 24.04 58.66 57.25
N ALA N 19 24.38 57.38 57.46
CA ALA N 19 25.76 56.84 57.55
C ALA N 19 26.08 56.02 56.31
N ARG N 20 27.28 56.23 55.72
CA ARG N 20 27.75 55.54 54.51
C ARG N 20 29.07 54.82 54.81
N ILE N 21 29.03 53.48 54.82
CA ILE N 21 30.22 52.61 54.96
C ILE N 21 30.58 52.10 53.56
N THR N 22 31.76 52.47 53.05
CA THR N 22 32.27 52.05 51.73
C THR N 22 33.10 50.77 51.88
N CYS N 23 33.03 49.88 50.88
CA CYS N 23 33.81 48.64 50.77
C CYS N 23 34.54 48.65 49.42
N GLY N 24 35.79 49.11 49.41
CA GLY N 24 36.64 49.21 48.20
C GLY N 24 37.17 47.86 47.80
N GLY N 25 37.07 47.52 46.52
CA GLY N 25 37.57 46.24 45.96
C GLY N 25 37.87 46.36 44.48
N ASN N 26 38.95 45.72 44.04
CA ASN N 26 39.37 45.69 42.62
C ASN N 26 38.25 45.04 41.80
N ASN N 27 37.43 45.86 41.13
CA ASN N 27 36.29 45.43 40.28
C ASN N 27 35.29 44.63 41.14
N ILE N 28 35.00 45.12 42.36
CA ILE N 28 34.09 44.47 43.35
C ILE N 28 32.68 44.39 42.77
N GLY N 29 32.37 45.27 41.80
CA GLY N 29 31.04 45.38 41.19
C GLY N 29 30.59 44.13 40.46
N SER N 30 31.53 43.25 40.09
CA SER N 30 31.26 41.96 39.40
C SER N 30 31.35 40.79 40.39
N ARG N 31 31.25 41.07 41.69
CA ARG N 31 31.21 40.08 42.79
C ARG N 31 30.02 40.40 43.70
N SER N 32 29.39 39.38 44.27
CA SER N 32 28.27 39.51 45.23
C SER N 32 28.84 39.86 46.60
N VAL N 33 28.47 41.03 47.14
CA VAL N 33 28.95 41.58 48.44
C VAL N 33 27.85 41.38 49.48
N HIS N 34 28.21 40.81 50.64
CA HIS N 34 27.33 40.63 51.83
C HIS N 34 27.88 41.46 53.00
N TRP N 35 26.98 41.99 53.84
CA TRP N 35 27.29 42.91 54.95
C TRP N 35 26.86 42.29 56.28
N TYR N 36 27.71 42.38 57.29
CA TYR N 36 27.46 41.87 58.67
C TYR N 36 27.59 43.04 59.66
N GLN N 37 26.60 43.15 60.56
CA GLN N 37 26.64 44.02 61.77
C GLN N 37 27.20 43.18 62.92
N HIS N 38 28.06 43.78 63.77
CA HIS N 38 28.67 43.13 64.95
C HIS N 38 28.73 44.12 66.11
N LYS N 39 27.93 43.90 67.15
CA LYS N 39 27.98 44.64 68.44
C LYS N 39 28.85 43.86 69.41
N PRO N 40 29.71 44.53 70.21
CA PRO N 40 30.59 43.82 71.14
C PRO N 40 29.84 42.83 72.04
N GLY N 41 30.33 41.58 72.12
CA GLY N 41 29.80 40.54 73.01
C GLY N 41 28.76 39.65 72.34
N GLN N 42 28.10 40.13 71.28
CA GLN N 42 26.95 39.44 70.63
C GLN N 42 27.37 38.73 69.34
N ALA N 43 26.49 37.86 68.84
CA ALA N 43 26.62 37.14 67.56
C ALA N 43 26.45 38.13 66.42
N PRO N 44 27.37 38.17 65.43
CA PRO N 44 27.17 38.95 64.22
C PRO N 44 25.87 38.57 63.48
N VAL N 45 25.12 39.56 63.00
CA VAL N 45 23.90 39.35 62.16
C VAL N 45 24.21 39.80 60.74
N MET N 46 23.71 39.07 59.74
CA MET N 46 23.74 39.49 58.33
C MET N 46 22.64 40.52 58.12
N ILE N 47 22.99 41.70 57.58
CA ILE N 47 22.03 42.83 57.35
C ILE N 47 21.74 42.99 55.86
N ILE N 48 22.72 42.73 54.99
CA ILE N 48 22.56 42.73 53.50
C ILE N 48 23.22 41.47 52.94
N SER N 49 22.52 40.77 52.04
CA SER N 49 23.07 39.66 51.23
C SER N 49 22.92 40.02 49.74
N TYR N 50 23.87 39.59 48.92
CA TYR N 50 23.85 39.71 47.44
C TYR N 50 23.59 41.19 47.07
N ASP N 51 24.45 42.07 47.61
CA ASP N 51 24.62 43.51 47.24
C ASP N 51 23.59 44.41 47.94
N MET N 52 22.31 44.03 47.97
CA MET N 52 21.21 44.96 48.36
C MET N 52 19.95 44.24 48.88
N ASN N 53 20.05 42.96 49.26
CA ASN N 53 18.86 42.19 49.72
C ASN N 53 18.85 42.14 51.25
N ARG N 54 17.72 42.51 51.85
CA ARG N 54 17.53 42.58 53.33
C ARG N 54 16.82 41.32 53.83
N PRO N 55 17.42 40.56 54.77
CA PRO N 55 16.72 39.46 55.43
C PRO N 55 15.49 39.93 56.22
N SER N 56 14.55 39.02 56.51
CA SER N 56 13.43 39.24 57.46
C SER N 56 14.01 39.78 58.78
N GLY N 57 13.55 40.95 59.22
CA GLY N 57 13.98 41.59 60.49
C GLY N 57 14.66 42.92 60.28
N ILE N 58 15.56 43.01 59.29
CA ILE N 58 16.37 44.24 59.01
C ILE N 58 15.47 45.29 58.37
N PRO N 59 15.45 46.54 58.91
CA PRO N 59 14.51 47.56 58.44
C PRO N 59 14.91 48.20 57.11
N GLU N 60 13.96 48.89 56.48
CA GLU N 60 14.08 49.54 55.15
C GLU N 60 15.17 50.61 55.18
N ARG N 61 15.40 51.23 56.34
CA ARG N 61 16.50 52.22 56.60
C ARG N 61 17.81 51.69 56.02
N VAL N 62 18.14 50.43 56.33
CA VAL N 62 19.41 49.76 55.90
C VAL N 62 19.27 49.45 54.41
N SER N 63 20.32 49.73 53.64
CA SER N 63 20.31 49.79 52.16
C SER N 63 21.71 49.45 51.64
N GLY N 64 21.79 48.69 50.55
CA GLY N 64 23.05 48.24 49.95
C GLY N 64 23.14 48.58 48.48
N SER N 65 24.34 48.91 47.99
CA SER N 65 24.66 49.02 46.55
C SER N 65 26.05 48.43 46.31
N ASN N 66 26.43 48.33 45.03
CA ASN N 66 27.70 47.73 44.56
C ASN N 66 27.78 47.98 43.05
N TYR N 67 28.66 48.85 42.59
CA TYR N 67 28.77 49.18 41.14
C TYR N 67 30.22 49.11 40.65
N GLY N 68 31.07 50.05 41.08
CA GLY N 68 32.37 50.27 40.44
C GLY N 68 33.46 49.42 41.06
N ASN N 69 34.45 50.09 41.66
CA ASN N 69 35.50 49.49 42.53
C ASN N 69 35.11 49.75 43.98
N THR N 70 33.81 49.94 44.24
CA THR N 70 33.28 50.36 45.56
C THR N 70 31.82 49.89 45.71
N ALA N 71 31.55 49.19 46.81
CA ALA N 71 30.21 48.81 47.32
C ALA N 71 29.91 49.65 48.56
N THR N 72 28.64 49.96 48.81
CA THR N 72 28.20 50.96 49.83
C THR N 72 27.02 50.45 50.66
N LEU N 73 27.25 50.27 51.96
CA LEU N 73 26.18 50.11 52.99
C LEU N 73 25.70 51.50 53.40
N THR N 74 24.38 51.70 53.52
CA THR N 74 23.74 52.99 53.84
C THR N 74 22.66 52.79 54.92
N ILE N 75 22.96 53.15 56.17
CA ILE N 75 21.96 53.29 57.27
C ILE N 75 21.49 54.74 57.25
N SER N 76 20.18 55.00 57.13
CA SER N 76 19.62 56.31 56.70
C SER N 76 19.14 57.16 57.89
N ARG N 77 18.32 56.61 58.78
CA ARG N 77 17.73 57.39 59.91
C ARG N 77 18.31 56.83 61.22
N VAL N 78 19.59 57.15 61.45
CA VAL N 78 20.50 56.45 62.40
C VAL N 78 19.99 56.61 63.82
N GLU N 79 20.07 55.53 64.61
CA GLU N 79 19.64 55.45 66.02
C GLU N 79 20.85 55.02 66.86
N ALA N 80 20.80 55.25 68.19
CA ALA N 80 21.82 54.81 69.16
C ALA N 80 22.12 53.32 68.92
N GLY N 81 21.08 52.52 68.65
CA GLY N 81 21.15 51.07 68.41
C GLY N 81 22.06 50.70 67.23
N ASP N 82 22.21 51.58 66.25
CA ASP N 82 22.98 51.33 65.00
C ASP N 82 24.49 51.38 65.26
N GLU N 83 24.93 51.88 66.43
CA GLU N 83 26.36 51.91 66.85
C GLU N 83 26.89 50.48 66.93
N ALA N 84 27.83 50.12 66.05
CA ALA N 84 28.38 48.75 65.90
C ALA N 84 29.49 48.73 64.84
N ASP N 85 30.16 47.58 64.69
CA ASP N 85 31.16 47.31 63.63
C ASP N 85 30.43 46.71 62.42
N TYR N 86 30.75 47.21 61.22
CA TYR N 86 30.14 46.76 59.94
C TYR N 86 31.26 46.22 59.03
N TYR N 87 31.10 44.97 58.59
CA TYR N 87 32.05 44.25 57.70
C TYR N 87 31.35 43.89 56.39
N CYS N 88 31.97 44.20 55.25
CA CYS N 88 31.61 43.65 53.92
C CYS N 88 32.41 42.35 53.71
N GLN N 89 31.88 41.44 52.90
CA GLN N 89 32.43 40.09 52.66
C GLN N 89 32.11 39.66 51.22
N VAL N 90 33.07 39.01 50.56
CA VAL N 90 32.86 38.39 49.21
C VAL N 90 33.28 36.92 49.28
N TRP N 91 32.89 36.15 48.26
CA TRP N 91 33.17 34.71 48.13
C TRP N 91 33.86 34.48 46.79
N ASP N 92 35.00 33.78 46.81
CA ASP N 92 35.74 33.37 45.59
C ASP N 92 35.90 31.86 45.61
N SER N 93 34.81 31.14 45.32
CA SER N 93 34.84 29.70 44.96
C SER N 93 36.09 29.44 44.12
N ARG N 94 36.80 28.33 44.36
CA ARG N 94 38.08 27.97 43.67
C ARG N 94 39.04 29.16 43.73
N SER N 95 39.59 29.43 44.91
CA SER N 95 40.80 30.26 45.15
C SER N 95 41.37 29.88 46.52
N ASP N 96 42.64 30.20 46.77
CA ASP N 96 43.37 29.77 48.00
C ASP N 96 42.77 30.47 49.23
N HIS N 97 42.05 31.58 49.03
CA HIS N 97 41.34 32.36 50.09
C HIS N 97 39.90 32.56 49.66
N PRO N 98 39.00 31.58 49.92
CA PRO N 98 37.65 31.59 49.35
C PRO N 98 36.71 32.62 49.97
N TYR N 99 36.73 32.75 51.30
CA TYR N 99 35.90 33.72 52.07
C TYR N 99 36.81 34.88 52.49
N VAL N 100 36.54 36.08 51.99
CA VAL N 100 37.34 37.31 52.25
C VAL N 100 36.43 38.33 52.95
N PHE N 101 36.90 38.87 54.07
CA PHE N 101 36.23 39.92 54.87
C PHE N 101 36.94 41.26 54.67
N GLY N 102 36.19 42.36 54.78
CA GLY N 102 36.76 43.72 54.90
C GLY N 102 37.50 43.89 56.22
N THR N 103 38.30 44.95 56.34
CA THR N 103 39.09 45.29 57.57
C THR N 103 38.13 45.69 58.70
N GLY N 104 36.92 46.17 58.35
CA GLY N 104 35.85 46.55 59.30
C GLY N 104 35.75 48.06 59.45
N THR N 105 34.52 48.58 59.59
CA THR N 105 34.20 50.00 59.85
C THR N 105 33.40 50.09 61.16
N ARG N 106 33.92 50.79 62.16
CA ARG N 106 33.20 51.10 63.42
C ARG N 106 32.39 52.37 63.22
N VAL N 107 31.06 52.29 63.35
CA VAL N 107 30.12 53.45 63.30
C VAL N 107 29.85 53.89 64.74
N THR N 108 30.00 55.19 65.03
CA THR N 108 29.68 55.83 66.34
C THR N 108 28.64 56.92 66.12
N VAL N 109 27.72 57.09 67.08
CA VAL N 109 26.57 58.04 67.01
C VAL N 109 26.71 59.07 68.15
N GLY N 128 14.12 32.82 66.06
CA GLY N 128 14.52 31.80 67.07
C GLY N 128 14.05 30.39 66.71
N GLU N 129 14.11 30.02 65.42
CA GLU N 129 13.91 28.63 64.92
C GLU N 129 15.27 27.93 64.94
N VAL N 130 16.27 28.56 64.34
CA VAL N 130 17.70 28.12 64.29
C VAL N 130 18.42 28.62 65.54
N GLN N 131 19.17 27.74 66.21
CA GLN N 131 20.09 28.07 67.34
C GLN N 131 21.48 27.48 67.06
N LEU N 132 22.55 28.22 67.38
CA LEU N 132 23.96 27.74 67.34
C LEU N 132 24.60 28.02 68.70
N VAL N 133 24.76 26.98 69.52
CA VAL N 133 25.35 27.06 70.90
C VAL N 133 26.79 26.53 70.85
N GLU N 134 27.75 27.32 71.32
CA GLU N 134 29.20 27.02 71.19
C GLU N 134 29.77 26.57 72.55
N SER N 135 30.78 25.68 72.51
CA SER N 135 31.50 25.13 73.68
C SER N 135 32.99 24.97 73.36
N GLY N 136 33.82 24.76 74.39
CA GLY N 136 35.21 24.29 74.23
C GLY N 136 36.26 25.36 74.54
N GLY N 137 35.91 26.64 74.39
CA GLY N 137 36.85 27.77 74.60
C GLY N 137 37.44 27.78 76.01
N GLY N 138 38.50 28.59 76.23
CA GLY N 138 39.13 28.79 77.55
C GLY N 138 40.62 29.07 77.44
N LEU N 139 41.32 28.94 78.57
CA LEU N 139 42.80 29.13 78.67
C LEU N 139 43.52 27.86 78.22
N VAL N 140 44.60 28.00 77.44
CA VAL N 140 45.49 26.88 77.02
C VAL N 140 46.87 27.45 76.67
N LYS N 141 47.93 26.68 76.96
CA LYS N 141 49.35 27.11 76.85
C LYS N 141 49.82 26.98 75.40
N PRO N 142 50.81 27.78 74.96
CA PRO N 142 51.41 27.62 73.63
C PRO N 142 51.88 26.18 73.36
N GLY N 143 51.54 25.64 72.19
CA GLY N 143 51.88 24.27 71.76
C GLY N 143 50.84 23.23 72.20
N GLY N 144 49.77 23.67 72.89
CA GLY N 144 48.71 22.81 73.43
C GLY N 144 47.58 22.57 72.43
N SER N 145 46.52 21.87 72.86
CA SER N 145 45.34 21.49 72.03
C SER N 145 44.04 21.99 72.67
N LEU N 146 42.98 22.09 71.87
CA LEU N 146 41.63 22.52 72.31
C LEU N 146 40.61 22.14 71.23
N ARG N 147 39.43 21.68 71.65
CA ARG N 147 38.35 21.20 70.74
C ARG N 147 37.13 22.10 70.91
N LEU N 148 36.91 23.00 69.96
CA LEU N 148 35.66 23.81 69.87
C LEU N 148 34.55 22.93 69.31
N SER N 149 33.33 23.06 69.84
CA SER N 149 32.12 22.42 69.28
C SER N 149 31.00 23.46 69.17
N CYS N 150 30.12 23.29 68.19
CA CYS N 150 28.96 24.16 67.90
C CYS N 150 27.73 23.29 67.65
N ALA N 151 26.80 23.25 68.61
CA ALA N 151 25.59 22.40 68.59
C ALA N 151 24.43 23.15 67.93
N ALA N 152 24.11 22.79 66.69
CA ALA N 152 22.97 23.35 65.93
C ALA N 152 21.70 22.63 66.37
N SER N 153 20.57 23.33 66.35
CA SER N 153 19.21 22.79 66.58
C SER N 153 18.20 23.57 65.73
N GLY N 154 17.15 22.88 65.24
CA GLY N 154 16.08 23.46 64.42
C GLY N 154 16.37 23.35 62.94
N ILE N 155 17.46 22.68 62.54
CA ILE N 155 17.85 22.50 61.12
C ILE N 155 18.30 21.05 60.90
N THR N 156 18.06 20.51 59.70
CA THR N 156 18.61 19.22 59.20
C THR N 156 20.04 19.47 58.76
N PHE N 157 21.02 19.15 59.60
CA PHE N 157 22.39 19.73 59.59
C PHE N 157 23.09 19.45 58.26
N GLN N 158 22.83 18.29 57.63
CA GLN N 158 23.61 17.79 56.46
C GLN N 158 23.40 18.68 55.22
N TYR N 159 22.41 19.58 55.24
CA TYR N 159 22.04 20.46 54.09
C TYR N 159 22.64 21.86 54.25
N TYR N 160 23.57 22.06 55.19
CA TYR N 160 24.18 23.38 55.50
C TYR N 160 25.71 23.27 55.56
N ALA N 161 26.41 23.97 54.68
CA ALA N 161 27.85 24.24 54.80
C ALA N 161 28.06 25.07 56.07
N MET N 162 29.08 24.74 56.85
CA MET N 162 29.37 25.38 58.16
C MET N 162 30.79 25.93 58.17
N ASN N 163 31.04 26.95 58.99
CA ASN N 163 32.31 27.70 59.00
C ASN N 163 32.71 28.07 60.43
N TRP N 164 34.02 28.24 60.64
CA TRP N 164 34.62 28.90 61.84
C TRP N 164 35.20 30.24 61.40
N VAL N 165 34.78 31.33 62.05
CA VAL N 165 35.33 32.70 61.87
C VAL N 165 35.80 33.16 63.25
N ARG N 166 36.92 33.90 63.33
CA ARG N 166 37.50 34.37 64.61
C ARG N 166 37.73 35.88 64.56
N GLN N 167 37.81 36.51 65.75
CA GLN N 167 38.12 37.94 65.94
C GLN N 167 39.16 38.07 67.06
N ALA N 168 40.44 38.31 66.69
CA ALA N 168 41.56 38.54 67.63
C ALA N 168 41.34 39.88 68.34
N PRO N 169 41.71 40.01 69.64
CA PRO N 169 41.58 41.29 70.33
C PRO N 169 42.20 42.43 69.51
N GLY N 170 41.39 43.42 69.14
CA GLY N 170 41.81 44.59 68.34
C GLY N 170 41.45 44.44 66.86
N LYS N 171 41.84 43.32 66.24
CA LYS N 171 41.68 43.04 64.78
C LYS N 171 40.18 42.83 64.46
N GLY N 172 39.86 42.71 63.17
CA GLY N 172 38.48 42.49 62.65
C GLY N 172 38.16 41.01 62.49
N LEU N 173 37.11 40.69 61.74
CA LEU N 173 36.69 39.28 61.48
C LEU N 173 37.66 38.64 60.47
N GLU N 174 38.14 37.44 60.78
CA GLU N 174 39.00 36.61 59.88
C GLU N 174 38.34 35.24 59.73
N TRP N 175 38.05 34.83 58.50
CA TRP N 175 37.56 33.46 58.21
C TRP N 175 38.68 32.47 58.56
N VAL N 176 38.34 31.33 59.17
CA VAL N 176 39.33 30.32 59.66
C VAL N 176 39.23 29.04 58.83
N SER N 177 38.03 28.46 58.72
CA SER N 177 37.80 27.13 58.10
C SER N 177 36.33 26.98 57.67
N SER N 178 36.12 26.22 56.60
CA SER N 178 34.79 25.89 56.01
C SER N 178 34.71 24.38 55.77
N ILE N 179 33.51 23.81 55.92
CA ILE N 179 33.23 22.38 55.64
C ILE N 179 31.88 22.27 54.92
N GLY N 180 31.76 21.31 54.00
CA GLY N 180 30.50 21.02 53.27
C GLY N 180 29.48 20.36 54.18
N GLY N 181 28.25 20.19 53.70
CA GLY N 181 27.13 19.57 54.45
C GLY N 181 27.39 18.09 54.72
N ARG N 182 28.01 17.41 53.77
CA ARG N 182 28.30 15.95 53.85
C ARG N 182 29.70 15.71 54.44
N GLY N 183 30.46 16.79 54.71
CA GLY N 183 31.84 16.73 55.20
C GLY N 183 32.85 16.52 54.09
N ASP N 184 32.39 16.56 52.83
CA ASP N 184 33.20 16.28 51.60
C ASP N 184 34.30 17.33 51.45
N THR N 185 33.91 18.60 51.44
CA THR N 185 34.79 19.77 51.15
C THR N 185 35.32 20.31 52.48
N THR N 186 36.64 20.54 52.58
CA THR N 186 37.31 21.19 53.74
C THR N 186 38.30 22.23 53.22
N TYR N 187 38.24 23.45 53.74
CA TYR N 187 39.15 24.58 53.39
C TYR N 187 39.57 25.29 54.69
N TYR N 188 40.82 25.76 54.72
CA TYR N 188 41.44 26.43 55.89
C TYR N 188 42.15 27.70 55.41
N THR N 189 42.31 28.71 56.27
CA THR N 189 43.24 29.86 56.06
C THR N 189 44.68 29.32 56.05
N ASP N 190 45.57 29.99 55.32
CA ASP N 190 46.98 29.57 55.15
C ASP N 190 47.67 29.49 56.52
N SER N 191 47.21 30.27 57.51
CA SER N 191 47.84 30.42 58.84
C SER N 191 47.45 29.30 59.81
N VAL N 192 46.68 28.29 59.39
CA VAL N 192 46.24 27.17 60.28
C VAL N 192 46.25 25.83 59.54
N LYS N 193 46.87 25.75 58.35
CA LYS N 193 46.77 24.58 57.42
C LYS N 193 46.96 23.26 58.17
N GLY N 194 48.17 23.01 58.70
CA GLY N 194 48.58 21.68 59.22
C GLY N 194 48.15 21.45 60.67
N ARG N 195 47.57 22.46 61.32
CA ARG N 195 47.34 22.50 62.79
C ARG N 195 45.85 22.29 63.10
N PHE N 196 44.96 23.04 62.44
CA PHE N 196 43.49 23.03 62.66
C PHE N 196 42.84 21.97 61.76
N THR N 197 41.86 21.23 62.29
CA THR N 197 41.02 20.24 61.56
C THR N 197 39.55 20.51 61.85
N ILE N 198 38.74 20.71 60.80
CA ILE N 198 37.27 20.92 60.87
C ILE N 198 36.60 19.57 60.56
N SER N 199 35.46 19.29 61.20
CA SER N 199 34.70 18.02 61.09
C SER N 199 33.26 18.20 61.54
N ARG N 200 32.39 17.22 61.26
CA ARG N 200 30.94 17.26 61.56
C ARG N 200 30.46 15.92 62.09
N ASP N 201 29.39 15.95 62.89
CA ASP N 201 28.55 14.77 63.20
C ASP N 201 27.10 15.16 62.91
N ASN N 202 26.63 14.89 61.69
CA ASN N 202 25.31 15.33 61.19
C ASN N 202 24.20 14.73 62.08
N SER N 203 24.35 13.49 62.53
CA SER N 203 23.39 12.80 63.43
C SER N 203 23.29 13.54 64.77
N LYS N 204 24.42 13.80 65.43
CA LYS N 204 24.50 14.58 66.71
C LYS N 204 24.23 16.07 66.40
N SER N 205 24.33 16.48 65.14
CA SER N 205 23.91 17.81 64.62
C SER N 205 24.86 18.91 65.09
N THR N 206 26.16 18.60 65.26
CA THR N 206 27.20 19.52 65.81
C THR N 206 28.37 19.65 64.82
N LEU N 207 29.02 20.82 64.84
CA LEU N 207 30.28 21.15 64.11
C LEU N 207 31.44 21.17 65.10
N TYR N 208 32.60 20.67 64.70
CA TYR N 208 33.83 20.59 65.53
C TYR N 208 34.98 21.35 64.86
N LEU N 209 35.83 21.99 65.67
CA LEU N 209 37.17 22.48 65.27
C LEU N 209 38.21 21.93 66.24
N GLN N 210 39.01 20.97 65.78
CA GLN N 210 40.16 20.40 66.52
C GLN N 210 41.37 21.31 66.30
N MET N 211 41.62 22.23 67.25
CA MET N 211 42.79 23.16 67.23
C MET N 211 43.89 22.55 68.11
N ASN N 212 44.95 22.01 67.50
CA ASN N 212 46.16 21.58 68.24
C ASN N 212 47.39 22.28 67.65
N SER N 213 48.52 22.20 68.34
CA SER N 213 49.78 22.93 68.03
C SER N 213 49.48 24.43 68.00
N LEU N 214 48.83 24.94 69.04
CA LEU N 214 48.28 26.34 69.14
C LEU N 214 49.43 27.34 69.31
N ARG N 215 49.41 28.45 68.55
CA ARG N 215 50.37 29.57 68.68
C ARG N 215 49.66 30.74 69.36
N ALA N 216 50.41 31.77 69.72
CA ALA N 216 49.96 32.93 70.52
C ALA N 216 48.96 33.78 69.73
N GLU N 217 49.14 33.89 68.41
CA GLU N 217 48.34 34.74 67.49
C GLU N 217 47.01 34.06 67.15
N ASP N 218 46.64 32.97 67.85
CA ASP N 218 45.34 32.27 67.69
C ASP N 218 44.33 32.77 68.72
N THR N 219 44.75 33.56 69.72
CA THR N 219 43.85 34.11 70.77
C THR N 219 42.82 35.01 70.10
N ALA N 220 41.55 34.65 70.19
CA ALA N 220 40.41 35.32 69.52
C ALA N 220 39.11 34.76 70.06
N VAL N 221 38.00 35.45 69.79
CA VAL N 221 36.61 34.92 69.95
C VAL N 221 36.32 34.11 68.69
N TYR N 222 36.08 32.80 68.82
CA TYR N 222 35.81 31.87 67.70
C TYR N 222 34.29 31.76 67.51
N TYR N 223 33.81 32.24 66.35
CA TYR N 223 32.38 32.26 65.96
C TYR N 223 32.10 31.08 65.01
N CYS N 224 30.97 30.43 65.26
CA CYS N 224 30.36 29.36 64.44
C CYS N 224 29.41 30.01 63.42
N ALA N 225 29.63 29.82 62.12
CA ALA N 225 28.92 30.55 61.04
C ALA N 225 28.27 29.57 60.05
N LYS N 226 26.93 29.63 59.96
CA LYS N 226 26.08 28.77 59.08
C LYS N 226 25.83 29.46 57.73
N GLU N 227 25.84 28.70 56.65
CA GLU N 227 25.49 29.19 55.28
C GLU N 227 24.05 28.79 54.99
N PRO N 228 23.37 29.46 54.02
CA PRO N 228 21.99 29.13 53.66
C PRO N 228 21.81 27.69 53.20
N PHE N 229 20.56 27.20 53.27
CA PHE N 229 20.15 25.83 52.87
C PHE N 229 20.62 25.56 51.44
N ASP N 230 21.14 24.34 51.21
CA ASP N 230 21.51 23.82 49.88
C ASP N 230 21.20 22.32 49.83
N SER N 231 20.49 21.86 48.80
CA SER N 231 20.04 20.45 48.66
C SER N 231 21.23 19.49 48.77
N SER N 232 22.44 19.92 48.40
CA SER N 232 23.68 19.11 48.41
C SER N 232 24.56 19.46 49.61
N GLY N 233 24.22 20.53 50.32
CA GLY N 233 25.05 21.11 51.39
C GLY N 233 26.29 21.78 50.83
N ASP N 234 26.21 22.34 49.62
CA ASP N 234 27.32 23.05 48.94
C ASP N 234 27.60 24.38 49.65
N HIS N 235 28.79 24.92 49.42
CA HIS N 235 29.21 26.29 49.84
C HIS N 235 28.45 27.31 48.99
N ARG N 236 28.01 28.41 49.58
CA ARG N 236 27.25 29.48 48.87
C ARG N 236 27.95 30.83 49.03
N GLY N 237 28.77 31.00 50.06
CA GLY N 237 29.65 32.17 50.23
C GLY N 237 29.00 33.27 51.06
N VAL N 238 28.02 32.92 51.90
CA VAL N 238 27.33 33.89 52.78
C VAL N 238 27.03 33.20 54.12
N PHE N 239 27.20 33.93 55.22
CA PHE N 239 26.99 33.46 56.62
C PHE N 239 25.67 34.07 57.12
N ASP N 240 24.55 33.38 56.92
CA ASP N 240 23.20 33.95 57.15
C ASP N 240 22.82 33.89 58.63
N TYR N 241 23.59 33.14 59.45
CA TYR N 241 23.34 33.03 60.91
C TYR N 241 24.63 32.60 61.63
N TRP N 242 24.87 33.20 62.81
CA TRP N 242 26.12 33.07 63.60
C TRP N 242 25.80 32.60 65.04
N GLY N 243 26.74 31.89 65.66
CA GLY N 243 26.73 31.56 67.09
C GLY N 243 27.27 32.73 67.91
N GLN N 244 27.02 32.72 69.23
CA GLN N 244 27.33 33.88 70.11
C GLN N 244 28.84 33.98 70.32
N GLY N 245 29.60 32.94 69.95
CA GLY N 245 31.08 32.93 69.99
C GLY N 245 31.58 32.41 71.32
N THR N 246 32.84 31.94 71.35
CA THR N 246 33.51 31.42 72.56
C THR N 246 34.91 32.05 72.63
N LEU N 247 35.30 32.56 73.81
CA LEU N 247 36.61 33.22 74.06
C LEU N 247 37.69 32.14 74.19
N VAL N 248 38.72 32.20 73.33
CA VAL N 248 39.91 31.32 73.36
C VAL N 248 41.15 32.22 73.49
N THR N 249 41.88 32.09 74.61
CA THR N 249 43.07 32.91 74.98
C THR N 249 44.23 31.98 75.35
N VAL N 250 45.47 32.50 75.36
CA VAL N 250 46.73 31.71 75.53
C VAL N 250 47.67 32.46 76.48
N GLY O 1 -1.93 -1.73 77.04
CA GLY O 1 -1.65 -1.16 75.69
C GLY O 1 -2.82 -0.35 75.15
N SER O 2 -3.47 0.46 75.99
CA SER O 2 -4.44 1.52 75.60
C SER O 2 -3.70 2.85 75.51
N TYR O 3 -4.04 3.71 74.54
CA TYR O 3 -3.41 5.04 74.38
C TYR O 3 -3.90 5.95 75.50
N VAL O 4 -3.01 6.82 76.01
CA VAL O 4 -3.25 7.69 77.20
C VAL O 4 -3.29 9.16 76.74
N LEU O 5 -4.36 9.88 77.10
CA LEU O 5 -4.46 11.36 76.97
C LEU O 5 -4.58 11.96 78.38
N THR O 6 -3.59 12.75 78.79
CA THR O 6 -3.59 13.45 80.10
C THR O 6 -3.98 14.93 79.89
N GLN O 7 -4.85 15.44 80.76
CA GLN O 7 -5.35 16.84 80.77
C GLN O 7 -5.23 17.41 82.17
N PRO O 8 -4.87 18.72 82.32
CA PRO O 8 -4.94 19.38 83.62
C PRO O 8 -6.37 19.28 84.16
N PRO O 9 -6.56 18.87 85.43
CA PRO O 9 -7.92 18.69 85.94
C PRO O 9 -8.77 19.97 85.84
N SER O 10 -8.18 21.15 86.08
CA SER O 10 -8.88 22.45 86.05
C SER O 10 -7.96 23.58 85.60
N VAL O 11 -8.57 24.66 85.11
CA VAL O 11 -7.93 25.94 84.65
C VAL O 11 -8.85 27.09 85.05
N SER O 12 -8.29 28.19 85.57
CA SER O 12 -9.01 29.43 85.93
C SER O 12 -8.55 30.58 85.05
N VAL O 13 -9.48 31.42 84.58
CA VAL O 13 -9.16 32.66 83.81
C VAL O 13 -10.22 33.74 84.10
N ALA O 14 -9.79 35.00 84.07
CA ALA O 14 -10.67 36.19 84.20
C ALA O 14 -11.37 36.44 82.86
N PRO O 15 -12.58 37.03 82.86
CA PRO O 15 -13.26 37.39 81.61
C PRO O 15 -12.38 38.34 80.77
N GLY O 16 -12.26 38.06 79.47
CA GLY O 16 -11.41 38.84 78.54
C GLY O 16 -10.09 38.16 78.27
N LYS O 17 -9.40 37.69 79.33
CA LYS O 17 -8.09 36.96 79.24
C LYS O 17 -8.31 35.66 78.46
N THR O 18 -7.25 35.01 77.99
CA THR O 18 -7.31 33.76 77.16
C THR O 18 -7.07 32.53 78.05
N ALA O 19 -7.76 31.42 77.76
CA ALA O 19 -7.67 30.13 78.50
C ALA O 19 -7.00 29.09 77.61
N ARG O 20 -6.06 28.32 78.16
CA ARG O 20 -5.30 27.27 77.42
C ARG O 20 -5.49 25.91 78.11
N ILE O 21 -6.20 25.01 77.45
CA ILE O 21 -6.39 23.60 77.89
C ILE O 21 -5.42 22.74 77.07
N THR O 22 -4.45 22.10 77.75
CA THR O 22 -3.43 21.21 77.11
C THR O 22 -3.96 19.77 77.14
N CYS O 23 -3.64 19.00 76.10
CA CYS O 23 -3.95 17.55 75.95
C CYS O 23 -2.63 16.82 75.66
N GLY O 24 -2.00 16.29 76.72
CA GLY O 24 -0.72 15.55 76.63
C GLY O 24 -0.93 14.15 76.12
N GLY O 25 -0.10 13.73 75.15
CA GLY O 25 -0.16 12.39 74.55
C GLY O 25 1.18 12.00 73.95
N ASN O 26 1.54 10.72 74.07
CA ASN O 26 2.79 10.16 73.51
C ASN O 26 2.76 10.32 71.99
N ASN O 27 3.47 11.33 71.46
CA ASN O 27 3.55 11.64 70.02
C ASN O 27 2.14 11.91 69.48
N ILE O 28 1.34 12.69 70.23
CA ILE O 28 -0.08 13.02 69.88
C ILE O 28 -0.09 13.82 68.56
N GLY O 29 1.02 14.49 68.23
CA GLY O 29 1.14 15.37 67.06
C GLY O 29 0.92 14.65 65.74
N SER O 30 1.08 13.32 65.72
CA SER O 30 0.89 12.45 64.53
C SER O 30 -0.46 11.73 64.60
N ARG O 31 -1.38 12.26 65.41
CA ARG O 31 -2.79 11.79 65.53
C ARG O 31 -3.74 12.97 65.42
N SER O 32 -4.92 12.79 64.83
CA SER O 32 -5.97 13.82 64.72
C SER O 32 -6.71 13.95 66.04
N VAL O 33 -6.64 15.12 66.67
CA VAL O 33 -7.24 15.43 68.00
C VAL O 33 -8.52 16.24 67.79
N HIS O 34 -9.62 15.80 68.40
CA HIS O 34 -10.93 16.50 68.40
C HIS O 34 -11.25 16.96 69.82
N TRP O 35 -11.95 18.08 69.96
CA TRP O 35 -12.29 18.71 71.26
C TRP O 35 -13.80 18.82 71.44
N TYR O 36 -14.29 18.48 72.63
CA TYR O 36 -15.72 18.57 73.02
C TYR O 36 -15.87 19.49 74.23
N GLN O 37 -16.83 20.41 74.16
CA GLN O 37 -17.35 21.23 75.29
C GLN O 37 -18.53 20.47 75.91
N HIS O 38 -18.63 20.47 77.24
CA HIS O 38 -19.72 19.81 78.00
C HIS O 38 -20.13 20.68 79.21
N LYS O 39 -21.32 21.27 79.14
CA LYS O 39 -21.94 22.01 80.27
C LYS O 39 -22.86 21.05 81.02
N PRO O 40 -22.89 21.09 82.38
CA PRO O 40 -23.71 20.16 83.15
C PRO O 40 -25.17 20.15 82.68
N GLY O 41 -25.71 18.95 82.44
CA GLY O 41 -27.13 18.72 82.10
C GLY O 41 -27.35 18.65 80.59
N GLN O 42 -26.48 19.25 79.79
CA GLN O 42 -26.69 19.43 78.33
C GLN O 42 -25.89 18.40 77.53
N ALA O 43 -26.21 18.31 76.23
CA ALA O 43 -25.51 17.46 75.24
C ALA O 43 -24.15 18.07 74.93
N PRO O 44 -23.06 17.28 75.00
CA PRO O 44 -21.74 17.76 74.56
C PRO O 44 -21.79 18.24 73.10
N VAL O 45 -21.10 19.34 72.81
CA VAL O 45 -20.93 19.86 71.42
C VAL O 45 -19.47 19.69 71.05
N MET O 46 -19.20 19.34 69.80
CA MET O 46 -17.84 19.34 69.19
C MET O 46 -17.48 20.79 68.84
N ILE O 47 -16.33 21.27 69.33
CA ILE O 47 -15.89 22.69 69.12
C ILE O 47 -14.70 22.72 68.15
N ILE O 48 -13.83 21.72 68.18
CA ILE O 48 -12.70 21.54 67.22
C ILE O 48 -12.70 20.10 66.71
N SER O 49 -12.55 19.92 65.41
CA SER O 49 -12.30 18.61 64.77
C SER O 49 -11.00 18.70 63.99
N TYR O 50 -10.26 17.59 63.92
CA TYR O 50 -9.01 17.42 63.12
C TYR O 50 -8.04 18.56 63.47
N ASP O 51 -7.75 18.69 64.77
CA ASP O 51 -6.66 19.53 65.37
C ASP O 51 -7.09 20.98 65.55
N MET O 52 -7.70 21.61 64.53
CA MET O 52 -7.87 23.09 64.48
C MET O 52 -9.07 23.53 63.63
N ASN O 53 -9.98 22.63 63.24
CA ASN O 53 -11.13 22.99 62.36
C ASN O 53 -12.38 23.23 63.21
N ARG O 54 -13.04 24.37 62.99
CA ARG O 54 -14.24 24.83 63.72
C ARG O 54 -15.50 24.50 62.93
N PRO O 55 -16.47 23.75 63.51
CA PRO O 55 -17.77 23.57 62.89
C PRO O 55 -18.56 24.87 62.76
N SER O 56 -19.56 24.91 61.86
CA SER O 56 -20.54 26.02 61.76
C SER O 56 -21.13 26.26 63.16
N GLY O 57 -21.03 27.49 63.67
CA GLY O 57 -21.57 27.89 64.98
C GLY O 57 -20.48 28.33 65.95
N ILE O 58 -19.38 27.59 66.03
CA ILE O 58 -18.28 27.86 67.00
C ILE O 58 -17.52 29.11 66.55
N PRO O 59 -17.33 30.11 67.45
CA PRO O 59 -16.72 31.38 67.07
C PRO O 59 -15.19 31.31 66.89
N GLU O 60 -14.63 32.32 66.21
CA GLU O 60 -13.19 32.44 65.84
C GLU O 60 -12.31 32.48 67.10
N ARG O 61 -12.86 32.98 68.22
CA ARG O 61 -12.21 32.99 69.57
C ARG O 61 -11.61 31.61 69.88
N VAL O 62 -12.40 30.55 69.65
CA VAL O 62 -12.01 29.13 69.90
C VAL O 62 -11.02 28.73 68.81
N SER O 63 -9.94 28.06 69.20
CA SER O 63 -8.73 27.82 68.37
C SER O 63 -8.04 26.54 68.83
N GLY O 64 -7.53 25.75 67.89
CA GLY O 64 -6.88 24.46 68.17
C GLY O 64 -5.50 24.37 67.55
N SER O 65 -4.58 23.69 68.22
CA SER O 65 -3.27 23.28 67.66
C SER O 65 -2.92 21.89 68.18
N ASN O 66 -1.85 21.31 67.63
CA ASN O 66 -1.38 19.93 67.93
C ASN O 66 -0.03 19.78 67.22
N TYR O 67 1.07 19.68 67.96
CA TYR O 67 2.43 19.57 67.38
C TYR O 67 3.25 18.46 68.03
N GLY O 68 3.62 18.62 69.30
CA GLY O 68 4.68 17.78 69.89
C GLY O 68 4.08 16.55 70.55
N ASN O 69 4.28 16.46 71.86
CA ASN O 69 3.61 15.48 72.77
C ASN O 69 2.48 16.22 73.49
N THR O 70 1.94 17.27 72.85
CA THR O 70 0.94 18.18 73.45
C THR O 70 0.11 18.85 72.35
N ALA O 71 -1.22 18.75 72.46
CA ALA O 71 -2.25 19.49 71.69
C ALA O 71 -2.90 20.52 72.60
N THR O 72 -3.34 21.66 72.05
CA THR O 72 -3.76 22.85 72.84
C THR O 72 -5.07 23.44 72.30
N LEU O 73 -6.12 23.40 73.11
CA LEU O 73 -7.36 24.22 72.90
C LEU O 73 -7.11 25.61 73.49
N THR O 74 -7.53 26.66 72.78
CA THR O 74 -7.34 28.08 73.17
C THR O 74 -8.65 28.85 72.98
N ILE O 75 -9.36 29.16 74.07
CA ILE O 75 -10.47 30.15 74.11
C ILE O 75 -9.87 31.51 74.50
N SER O 76 -10.05 32.54 73.67
CA SER O 76 -9.19 33.77 73.69
C SER O 76 -9.87 34.92 74.45
N ARG O 77 -11.09 35.29 74.03
CA ARG O 77 -11.87 36.35 74.72
C ARG O 77 -12.91 35.59 75.52
N VAL O 78 -12.60 35.26 76.76
CA VAL O 78 -13.41 34.32 77.58
C VAL O 78 -14.62 35.06 78.13
N GLU O 79 -15.78 34.39 78.12
CA GLU O 79 -17.09 34.88 78.61
C GLU O 79 -17.62 33.91 79.66
N ALA O 80 -18.55 34.36 80.51
CA ALA O 80 -19.25 33.53 81.53
C ALA O 80 -19.72 32.24 80.87
N GLY O 81 -20.25 32.33 79.64
CA GLY O 81 -20.77 31.20 78.85
C GLY O 81 -19.74 30.11 78.62
N ASP O 82 -18.44 30.45 78.59
CA ASP O 82 -17.33 29.52 78.25
C ASP O 82 -17.02 28.58 79.43
N GLU O 83 -17.58 28.85 80.61
CA GLU O 83 -17.44 27.97 81.81
C GLU O 83 -18.07 26.60 81.49
N ALA O 84 -17.25 25.55 81.44
CA ALA O 84 -17.65 24.18 81.06
C ALA O 84 -16.48 23.21 81.18
N ASP O 85 -16.73 21.91 80.99
CA ASP O 85 -15.72 20.83 80.93
C ASP O 85 -15.29 20.65 79.46
N TYR O 86 -13.98 20.60 79.21
CA TYR O 86 -13.39 20.46 77.85
C TYR O 86 -12.60 19.16 77.80
N TYR O 87 -12.94 18.29 76.83
CA TYR O 87 -12.30 16.96 76.61
C TYR O 87 -11.65 16.95 75.22
N CYS O 88 -10.39 16.51 75.15
CA CYS O 88 -9.73 16.11 73.89
C CYS O 88 -9.98 14.60 73.67
N GLN O 89 -9.95 14.16 72.41
CA GLN O 89 -10.28 12.78 71.98
C GLN O 89 -9.47 12.42 70.73
N VAL O 90 -8.97 11.19 70.67
CA VAL O 90 -8.27 10.65 69.47
C VAL O 90 -8.94 9.34 69.08
N TRP O 91 -8.66 8.88 67.86
CA TRP O 91 -9.18 7.65 67.25
C TRP O 91 -8.01 6.76 66.84
N ASP O 92 -8.03 5.49 67.26
CA ASP O 92 -7.02 4.48 66.87
C ASP O 92 -7.78 3.29 66.26
N SER O 93 -8.25 3.48 65.03
CA SER O 93 -8.72 2.37 64.14
C SER O 93 -7.78 1.17 64.37
N ARG O 94 -8.33 -0.04 64.47
CA ARG O 94 -7.54 -1.28 64.67
C ARG O 94 -6.65 -1.13 65.92
N SER O 95 -7.28 -1.07 67.09
CA SER O 95 -6.68 -1.28 68.44
C SER O 95 -7.80 -1.68 69.42
N ASP O 96 -7.43 -2.27 70.56
CA ASP O 96 -8.40 -2.83 71.54
C ASP O 96 -9.21 -1.70 72.18
N HIS O 97 -8.72 -0.45 72.15
CA HIS O 97 -9.38 0.77 72.66
C HIS O 97 -9.40 1.83 71.56
N PRO O 98 -10.38 1.79 70.63
CA PRO O 98 -10.33 2.60 69.42
C PRO O 98 -10.61 4.09 69.66
N TYR O 99 -11.60 4.42 70.49
CA TYR O 99 -11.97 5.81 70.85
C TYR O 99 -11.46 6.11 72.26
N VAL O 100 -10.51 7.04 72.37
CA VAL O 100 -9.83 7.42 73.63
C VAL O 100 -10.15 8.89 73.94
N PHE O 101 -10.61 9.17 75.16
CA PHE O 101 -10.92 10.51 75.69
C PHE O 101 -9.84 10.95 76.68
N GLY O 102 -9.61 12.25 76.79
CA GLY O 102 -8.82 12.85 77.88
C GLY O 102 -9.57 12.74 79.20
N THR O 103 -8.86 12.95 80.30
CA THR O 103 -9.41 12.88 81.70
C THR O 103 -10.42 14.03 81.90
N GLY O 104 -10.28 15.12 81.14
CA GLY O 104 -11.18 16.29 81.16
C GLY O 104 -10.54 17.47 81.89
N THR O 105 -10.80 18.69 81.42
CA THR O 105 -10.39 19.98 82.05
C THR O 105 -11.63 20.83 82.32
N ARG O 106 -11.91 21.15 83.58
CA ARG O 106 -12.97 22.09 83.96
C ARG O 106 -12.41 23.52 83.92
N VAL O 107 -12.98 24.38 83.08
CA VAL O 107 -12.64 25.84 83.00
C VAL O 107 -13.67 26.60 83.86
N THR O 108 -13.18 27.47 84.76
CA THR O 108 -14.01 28.39 85.60
C THR O 108 -13.59 29.84 85.29
N VAL O 109 -14.56 30.77 85.35
CA VAL O 109 -14.40 32.22 85.02
C VAL O 109 -14.85 33.07 86.21
N LEU O 110 -14.24 34.25 86.43
CA LEU O 110 -14.61 35.16 87.56
C LEU O 110 -16.05 35.67 87.39
N GLY O 111 -17.05 34.89 87.86
CA GLY O 111 -18.49 35.24 87.79
C GLY O 111 -19.39 34.04 88.01
N GLY O 128 -30.48 22.62 64.02
CA GLY O 128 -31.66 21.82 64.37
C GLY O 128 -32.25 21.07 63.17
N GLU O 129 -31.39 20.52 62.29
CA GLU O 129 -31.76 19.58 61.20
C GLU O 129 -31.70 18.15 61.75
N VAL O 130 -30.59 17.80 62.40
CA VAL O 130 -30.34 16.51 63.09
C VAL O 130 -30.84 16.60 64.54
N GLN O 131 -31.60 15.61 64.99
CA GLN O 131 -32.03 15.43 66.40
C GLN O 131 -31.67 14.02 66.86
N LEU O 132 -31.21 13.88 68.12
CA LEU O 132 -30.99 12.58 68.80
C LEU O 132 -31.73 12.59 70.14
N VAL O 133 -32.86 11.89 70.22
CA VAL O 133 -33.74 11.80 71.43
C VAL O 133 -33.50 10.44 72.10
N GLU O 134 -33.20 10.43 73.39
CA GLU O 134 -32.80 9.21 74.13
C GLU O 134 -33.92 8.75 75.06
N SER O 135 -34.01 7.43 75.29
CA SER O 135 -35.01 6.76 76.18
C SER O 135 -34.37 5.58 76.88
N GLY O 136 -35.05 5.05 77.91
CA GLY O 136 -34.71 3.75 78.52
C GLY O 136 -34.11 3.86 79.91
N GLY O 137 -33.42 4.96 80.21
CA GLY O 137 -32.72 5.16 81.50
C GLY O 137 -33.64 5.03 82.71
N GLY O 138 -33.07 4.95 83.91
CA GLY O 138 -33.81 4.92 85.19
C GLY O 138 -33.12 4.09 86.26
N LEU O 139 -33.86 3.68 87.30
CA LEU O 139 -33.38 2.85 88.43
C LEU O 139 -33.44 1.37 88.03
N VAL O 140 -32.40 0.60 88.37
CA VAL O 140 -32.37 -0.88 88.17
C VAL O 140 -31.36 -1.48 89.15
N LYS O 141 -31.65 -2.70 89.64
CA LYS O 141 -30.90 -3.40 90.72
C LYS O 141 -29.65 -4.07 90.15
N PRO O 142 -28.59 -4.26 90.96
CA PRO O 142 -27.42 -5.03 90.52
C PRO O 142 -27.79 -6.42 89.98
N GLY O 143 -27.26 -6.79 88.81
CA GLY O 143 -27.52 -8.07 88.13
C GLY O 143 -28.71 -8.00 87.19
N GLY O 144 -29.37 -6.84 87.08
CA GLY O 144 -30.60 -6.62 86.28
C GLY O 144 -30.27 -6.20 84.86
N SER O 145 -31.30 -5.90 84.06
CA SER O 145 -31.21 -5.54 82.62
C SER O 145 -31.87 -4.18 82.37
N LEU O 146 -31.52 -3.55 81.25
CA LEU O 146 -32.06 -2.23 80.81
C LEU O 146 -31.73 -2.03 79.33
N ARG O 147 -32.66 -1.46 78.56
CA ARG O 147 -32.53 -1.23 77.09
C ARG O 147 -32.59 0.27 76.81
N LEU O 148 -31.44 0.89 76.56
CA LEU O 148 -31.34 2.29 76.10
C LEU O 148 -31.69 2.31 74.61
N SER O 149 -32.41 3.34 74.15
CA SER O 149 -32.69 3.61 72.73
C SER O 149 -32.42 5.09 72.43
N CYS O 150 -32.02 5.38 71.20
CA CYS O 150 -31.71 6.73 70.69
C CYS O 150 -32.35 6.88 69.32
N ALA O 151 -33.43 7.67 69.23
CA ALA O 151 -34.23 7.88 68.00
C ALA O 151 -33.68 9.09 67.23
N ALA O 152 -32.97 8.82 66.13
CA ALA O 152 -32.44 9.86 65.22
C ALA O 152 -33.56 10.30 64.28
N SER O 153 -33.53 11.57 63.88
CA SER O 153 -34.42 12.15 62.84
C SER O 153 -33.67 13.23 62.06
N GLY O 154 -33.95 13.36 60.76
CA GLY O 154 -33.32 14.35 59.85
C GLY O 154 -32.09 13.80 59.15
N ILE O 155 -31.80 12.51 59.31
CA ILE O 155 -30.64 11.83 58.65
C ILE O 155 -31.07 10.45 58.15
N THR O 156 -30.50 10.02 57.03
CA THR O 156 -30.58 8.64 56.49
C THR O 156 -29.61 7.78 57.31
N PHE O 157 -30.15 7.03 58.27
CA PHE O 157 -29.42 6.51 59.45
C PHE O 157 -28.28 5.58 59.03
N GLN O 158 -28.46 4.81 57.94
CA GLN O 158 -27.53 3.72 57.54
C GLN O 158 -26.16 4.26 57.12
N TYR O 159 -26.01 5.58 56.89
CA TYR O 159 -24.76 6.23 56.43
C TYR O 159 -23.98 6.85 57.59
N TYR O 160 -24.33 6.53 58.84
CA TYR O 160 -23.71 7.12 60.06
C TYR O 160 -23.33 6.01 61.05
N ALA O 161 -22.04 5.88 61.35
CA ALA O 161 -21.55 5.10 62.51
C ALA O 161 -22.05 5.78 63.78
N MET O 162 -22.54 4.99 64.74
CA MET O 162 -23.18 5.50 65.99
C MET O 162 -22.45 4.92 67.19
N ASN O 163 -22.50 5.63 68.33
CA ASN O 163 -21.72 5.30 69.54
C ASN O 163 -22.55 5.55 70.81
N TRP O 164 -22.22 4.81 71.87
CA TRP O 164 -22.65 5.10 73.26
C TRP O 164 -21.44 5.57 74.06
N VAL O 165 -21.52 6.75 74.67
CA VAL O 165 -20.51 7.32 75.60
C VAL O 165 -21.21 7.57 76.93
N ARG O 166 -20.54 7.35 78.06
CA ARG O 166 -21.16 7.54 79.41
C ARG O 166 -20.27 8.42 80.29
N GLN O 167 -20.88 9.02 81.32
CA GLN O 167 -20.20 9.89 82.32
C GLN O 167 -20.70 9.48 83.70
N ALA O 168 -19.88 8.72 84.44
CA ALA O 168 -20.15 8.30 85.83
C ALA O 168 -20.09 9.52 86.74
N PRO O 169 -20.93 9.60 87.80
CA PRO O 169 -20.88 10.73 88.73
C PRO O 169 -19.44 10.96 89.22
N GLY O 170 -18.90 12.14 88.94
CA GLY O 170 -17.52 12.55 89.33
C GLY O 170 -16.54 12.41 88.19
N LYS O 171 -16.49 11.23 87.55
CA LYS O 171 -15.53 10.88 86.47
C LYS O 171 -15.85 11.67 85.17
N GLY O 172 -14.97 11.58 84.17
CA GLY O 172 -15.11 12.28 82.86
C GLY O 172 -15.86 11.43 81.84
N LEU O 173 -15.74 11.75 80.55
CA LEU O 173 -16.39 10.98 79.46
C LEU O 173 -15.60 9.69 79.22
N GLU O 174 -16.32 8.57 79.12
CA GLU O 174 -15.77 7.22 78.78
C GLU O 174 -16.56 6.67 77.59
N TRP O 175 -15.88 6.35 76.49
CA TRP O 175 -16.50 5.64 75.33
C TRP O 175 -16.91 4.25 75.80
N VAL O 176 -18.09 3.78 75.39
CA VAL O 176 -18.70 2.49 75.83
C VAL O 176 -18.72 1.49 74.67
N SER O 177 -19.32 1.88 73.53
CA SER O 177 -19.58 0.98 72.38
C SER O 177 -19.77 1.77 71.08
N SER O 178 -19.34 1.18 69.96
CA SER O 178 -19.46 1.74 68.58
C SER O 178 -20.08 0.68 67.66
N ILE O 179 -20.87 1.13 66.68
CA ILE O 179 -21.48 0.26 65.64
C ILE O 179 -21.37 0.98 64.29
N GLY O 180 -21.17 0.23 63.20
CA GLY O 180 -21.13 0.72 61.81
C GLY O 180 -22.53 1.11 61.32
N GLY O 181 -22.61 1.74 60.16
CA GLY O 181 -23.88 2.20 59.57
C GLY O 181 -24.78 1.03 59.18
N ARG O 182 -24.17 -0.06 58.70
CA ARG O 182 -24.90 -1.27 58.21
C ARG O 182 -25.05 -2.28 59.38
N GLY O 183 -24.47 -1.98 60.55
CA GLY O 183 -24.47 -2.87 61.74
C GLY O 183 -23.37 -3.91 61.67
N ASP O 184 -22.48 -3.81 60.67
CA ASP O 184 -21.40 -4.78 60.37
C ASP O 184 -20.40 -4.81 61.52
N THR O 185 -19.86 -3.65 61.87
CA THR O 185 -18.75 -3.48 62.84
C THR O 185 -19.37 -3.21 64.22
N THR O 186 -18.91 -3.92 65.26
CA THR O 186 -19.29 -3.70 66.67
C THR O 186 -18.04 -3.74 67.54
N TYR O 187 -17.84 -2.73 68.39
CA TYR O 187 -16.71 -2.62 69.33
C TYR O 187 -17.23 -2.16 70.70
N TYR O 188 -16.63 -2.67 71.77
CA TYR O 188 -17.01 -2.40 73.19
C TYR O 188 -15.76 -2.09 74.00
N THR O 189 -15.88 -1.32 75.08
CA THR O 189 -14.82 -1.16 76.13
C THR O 189 -14.64 -2.53 76.79
N ASP O 190 -13.44 -2.80 77.30
CA ASP O 190 -13.07 -4.09 77.94
C ASP O 190 -13.98 -4.36 79.15
N SER O 191 -14.54 -3.31 79.79
CA SER O 191 -15.32 -3.39 81.05
C SER O 191 -16.79 -3.72 80.80
N VAL O 192 -17.21 -4.01 79.56
CA VAL O 192 -18.63 -4.33 79.24
C VAL O 192 -18.72 -5.42 78.16
N LYS O 193 -17.62 -6.11 77.86
CA LYS O 193 -17.49 -7.04 76.70
C LYS O 193 -18.72 -7.97 76.60
N GLY O 194 -18.89 -8.88 77.56
CA GLY O 194 -19.86 -9.99 77.50
C GLY O 194 -21.28 -9.58 77.93
N ARG O 195 -21.45 -8.36 78.42
CA ARG O 195 -22.68 -7.91 79.13
C ARG O 195 -23.52 -6.97 78.23
N PHE O 196 -22.89 -5.97 77.62
CA PHE O 196 -23.54 -4.94 76.77
C PHE O 196 -23.57 -5.43 75.32
N THR O 197 -24.67 -5.18 74.60
CA THR O 197 -24.84 -5.45 73.15
C THR O 197 -25.39 -4.18 72.48
N ILE O 198 -24.71 -3.70 71.43
CA ILE O 198 -25.13 -2.54 70.60
C ILE O 198 -25.78 -3.08 69.32
N SER O 199 -26.80 -2.39 68.81
CA SER O 199 -27.60 -2.81 67.62
C SER O 199 -28.32 -1.60 67.02
N ARG O 200 -28.88 -1.77 65.82
CA ARG O 200 -29.55 -0.70 65.03
C ARG O 200 -30.82 -1.22 64.37
N ASP O 201 -31.77 -0.33 64.13
CA ASP O 201 -32.90 -0.54 63.20
C ASP O 201 -32.94 0.66 62.25
N ASN O 202 -32.24 0.57 61.12
CA ASN O 202 -32.03 1.70 60.17
C ASN O 202 -33.39 2.20 59.67
N SER O 203 -34.35 1.30 59.43
CA SER O 203 -35.72 1.63 58.95
C SER O 203 -36.44 2.47 60.02
N LYS O 204 -36.48 2.00 61.26
CA LYS O 204 -37.07 2.75 62.42
C LYS O 204 -36.14 3.90 62.81
N SER O 205 -34.89 3.91 62.33
CA SER O 205 -33.94 5.05 62.40
C SER O 205 -33.43 5.27 63.85
N THR O 206 -33.34 4.20 64.64
CA THR O 206 -32.97 4.25 66.09
C THR O 206 -31.74 3.36 66.38
N LEU O 207 -30.96 3.74 67.39
CA LEU O 207 -29.80 2.99 67.94
C LEU O 207 -30.22 2.40 69.29
N TYR O 208 -29.78 1.17 69.59
CA TYR O 208 -30.11 0.45 70.85
C TYR O 208 -28.82 0.09 71.59
N LEU O 209 -28.87 0.10 72.92
CA LEU O 209 -27.86 -0.53 73.80
C LEU O 209 -28.61 -1.46 74.76
N GLN O 210 -28.46 -2.77 74.58
CA GLN O 210 -28.99 -3.81 75.50
C GLN O 210 -27.96 -4.03 76.61
N MET O 211 -28.18 -3.40 77.77
CA MET O 211 -27.33 -3.52 78.98
C MET O 211 -27.99 -4.54 79.91
N ASN O 212 -27.45 -5.76 80.00
CA ASN O 212 -27.89 -6.75 81.02
C ASN O 212 -26.66 -7.18 81.84
N SER O 213 -26.90 -7.89 82.95
CA SER O 213 -25.87 -8.28 83.95
C SER O 213 -25.16 -7.02 84.45
N LEU O 214 -25.94 -6.01 84.87
CA LEU O 214 -25.47 -4.64 85.24
C LEU O 214 -24.75 -4.69 86.59
N ARG O 215 -23.59 -4.04 86.66
CA ARG O 215 -22.79 -3.86 87.90
C ARG O 215 -22.98 -2.43 88.41
N ALA O 216 -22.50 -2.13 89.62
CA ALA O 216 -22.68 -0.85 90.35
C ALA O 216 -21.92 0.27 89.63
N GLU O 217 -20.74 -0.03 89.07
CA GLU O 217 -19.84 0.97 88.42
C GLU O 217 -20.36 1.34 87.03
N ASP O 218 -21.58 0.93 86.66
CA ASP O 218 -22.23 1.26 85.37
C ASP O 218 -23.09 2.53 85.52
N THR O 219 -23.35 2.98 86.75
CA THR O 219 -24.20 4.18 87.00
C THR O 219 -23.50 5.39 86.37
N ALA O 220 -24.17 6.03 85.40
CA ALA O 220 -23.64 7.14 84.60
C ALA O 220 -24.77 7.72 83.75
N VAL O 221 -24.56 8.93 83.21
CA VAL O 221 -25.40 9.52 82.14
C VAL O 221 -24.91 8.91 80.82
N TYR O 222 -25.76 8.17 80.12
CA TYR O 222 -25.42 7.50 78.84
C TYR O 222 -25.82 8.41 77.68
N TYR O 223 -24.81 8.87 76.94
CA TYR O 223 -24.93 9.78 75.77
C TYR O 223 -24.86 8.97 74.48
N CYS O 224 -25.73 9.32 73.54
CA CYS O 224 -25.84 8.80 72.16
C CYS O 224 -24.99 9.72 71.28
N ALA O 225 -23.99 9.19 70.57
CA ALA O 225 -22.97 9.99 69.83
C ALA O 225 -22.87 9.55 68.37
N LYS O 226 -23.19 10.48 67.45
CA LYS O 226 -23.21 10.28 65.98
C LYS O 226 -21.86 10.68 65.39
N GLU O 227 -21.38 9.94 64.39
CA GLU O 227 -20.15 10.27 63.62
C GLU O 227 -20.58 10.95 62.31
N PRO O 228 -19.68 11.69 61.63
CA PRO O 228 -19.99 12.33 60.34
C PRO O 228 -20.42 11.35 59.24
N PHE O 229 -21.12 11.87 58.23
CA PHE O 229 -21.64 11.08 57.09
C PHE O 229 -20.49 10.30 56.44
N ASP O 230 -20.76 9.05 56.07
CA ASP O 230 -19.84 8.18 55.29
C ASP O 230 -20.70 7.35 54.33
N SER O 231 -20.33 7.30 53.05
CA SER O 231 -21.08 6.58 51.99
C SER O 231 -21.27 5.10 52.37
N SER O 232 -20.37 4.51 53.16
CA SER O 232 -20.39 3.08 53.60
C SER O 232 -20.88 2.97 55.05
N GLY O 233 -21.05 4.09 55.75
CA GLY O 233 -21.33 4.14 57.19
C GLY O 233 -20.16 3.66 58.02
N ASP O 234 -18.93 3.90 57.54
CA ASP O 234 -17.66 3.50 58.23
C ASP O 234 -17.46 4.39 59.46
N HIS O 235 -16.62 3.93 60.38
CA HIS O 235 -16.13 4.68 61.56
C HIS O 235 -15.16 5.75 61.08
N ARG O 236 -15.21 6.95 61.66
CA ARG O 236 -14.35 8.10 61.26
C ARG O 236 -13.55 8.63 62.45
N GLY O 237 -14.01 8.36 63.68
CA GLY O 237 -13.27 8.63 64.92
C GLY O 237 -13.57 10.01 65.49
N VAL O 238 -14.74 10.57 65.17
CA VAL O 238 -15.17 11.90 65.68
C VAL O 238 -16.68 11.85 65.91
N PHE O 239 -17.13 12.47 67.01
CA PHE O 239 -18.55 12.56 67.44
C PHE O 239 -19.06 13.97 67.16
N ASP O 240 -19.59 14.21 65.96
CA ASP O 240 -19.91 15.58 65.47
C ASP O 240 -21.24 16.07 66.05
N TYR O 241 -22.04 15.18 66.66
CA TYR O 241 -23.34 15.54 67.29
C TYR O 241 -23.72 14.49 68.34
N TRP O 242 -24.31 14.95 69.45
CA TRP O 242 -24.60 14.16 70.67
C TRP O 242 -26.07 14.33 71.07
N GLY O 243 -26.63 13.30 71.72
CA GLY O 243 -27.95 13.34 72.36
C GLY O 243 -27.86 13.97 73.75
N GLN O 244 -28.99 14.33 74.34
CA GLN O 244 -29.01 15.11 75.61
C GLN O 244 -28.67 14.18 76.79
N GLY O 245 -28.72 12.87 76.60
CA GLY O 245 -28.30 11.86 77.60
C GLY O 245 -29.46 11.41 78.46
N THR O 246 -29.43 10.16 78.95
CA THR O 246 -30.44 9.55 79.88
C THR O 246 -29.68 8.73 80.93
N LEU O 247 -29.91 8.95 82.24
CA LEU O 247 -29.05 8.36 83.31
C LEU O 247 -29.56 6.97 83.74
N VAL O 248 -28.61 6.16 84.22
CA VAL O 248 -28.78 4.74 84.65
C VAL O 248 -28.16 4.59 86.05
N THR O 249 -28.99 4.57 87.10
CA THR O 249 -28.58 4.42 88.53
C THR O 249 -28.78 2.97 88.98
N VAL O 250 -28.06 2.55 90.03
CA VAL O 250 -28.00 1.15 90.55
C VAL O 250 -27.81 1.19 92.08
N GLY P 1 -62.29 9.51 43.00
CA GLY P 1 -62.84 10.91 43.05
C GLY P 1 -61.93 11.89 42.34
N SER P 2 -61.55 12.98 43.03
CA SER P 2 -60.54 13.98 42.58
C SER P 2 -59.46 14.13 43.65
N TYR P 3 -58.57 15.11 43.48
CA TYR P 3 -57.61 15.57 44.50
C TYR P 3 -58.26 16.68 45.35
N VAL P 4 -57.94 16.71 46.65
CA VAL P 4 -58.56 17.60 47.67
C VAL P 4 -57.50 18.60 48.16
N LEU P 5 -57.82 19.90 48.12
CA LEU P 5 -57.05 20.99 48.76
C LEU P 5 -57.93 21.64 49.83
N THR P 6 -57.54 21.53 51.10
CA THR P 6 -58.26 22.13 52.26
C THR P 6 -57.53 23.41 52.70
N GLN P 7 -58.29 24.48 52.93
CA GLN P 7 -57.80 25.83 53.36
C GLN P 7 -58.61 26.28 54.58
N PRO P 8 -57.98 26.94 55.58
CA PRO P 8 -58.73 27.59 56.65
C PRO P 8 -59.73 28.59 56.06
N PRO P 9 -61.01 28.58 56.47
CA PRO P 9 -62.01 29.47 55.88
C PRO P 9 -61.63 30.96 55.98
N SER P 10 -61.02 31.38 57.10
CA SER P 10 -60.63 32.79 57.36
C SER P 10 -59.38 32.87 58.25
N VAL P 11 -58.69 34.01 58.17
CA VAL P 11 -57.48 34.38 58.96
C VAL P 11 -57.57 35.88 59.25
N SER P 12 -57.28 36.30 60.49
CA SER P 12 -57.24 37.72 60.93
C SER P 12 -55.82 38.10 61.34
N VAL P 13 -55.35 39.29 60.96
CA VAL P 13 -54.02 39.85 61.35
C VAL P 13 -54.13 41.37 61.46
N ALA P 14 -53.35 41.96 62.36
CA ALA P 14 -53.20 43.43 62.54
C ALA P 14 -52.24 43.96 61.47
N PRO P 15 -52.40 45.25 61.05
CA PRO P 15 -51.47 45.84 60.09
C PRO P 15 -50.03 45.78 60.63
N GLY P 16 -49.07 45.38 59.79
CA GLY P 16 -47.65 45.23 60.17
C GLY P 16 -47.29 43.78 60.47
N LYS P 17 -48.11 43.08 61.26
CA LYS P 17 -47.94 41.63 61.59
C LYS P 17 -48.02 40.81 60.29
N THR P 18 -47.56 39.55 60.31
CA THR P 18 -47.51 38.64 59.13
C THR P 18 -48.72 37.71 59.14
N ALA P 19 -49.28 37.41 57.96
CA ALA P 19 -50.44 36.51 57.76
C ALA P 19 -49.96 35.21 57.09
N ARG P 20 -50.46 34.07 57.57
CA ARG P 20 -50.11 32.72 57.03
C ARG P 20 -51.38 31.99 56.60
N ILE P 21 -51.54 31.79 55.29
CA ILE P 21 -52.63 30.98 54.68
C ILE P 21 -52.04 29.61 54.34
N THR P 22 -52.53 28.54 54.97
CA THR P 22 -52.09 27.14 54.75
C THR P 22 -52.98 26.50 53.68
N CYS P 23 -52.40 25.64 52.83
CA CYS P 23 -53.08 24.84 51.79
C CYS P 23 -52.74 23.36 52.03
N GLY P 24 -53.61 22.66 52.75
CA GLY P 24 -53.43 21.23 53.09
C GLY P 24 -53.75 20.34 51.90
N GLY P 25 -52.89 19.37 51.61
CA GLY P 25 -53.06 18.43 50.49
C GLY P 25 -52.28 17.15 50.73
N ASN P 26 -52.88 16.01 50.38
CA ASN P 26 -52.28 14.66 50.52
C ASN P 26 -50.98 14.62 49.69
N ASN P 27 -49.83 14.78 50.35
CA ASN P 27 -48.48 14.80 49.72
C ASN P 27 -48.42 15.94 48.70
N ILE P 28 -48.94 17.12 49.06
CA ILE P 28 -48.99 18.32 48.17
C ILE P 28 -47.56 18.77 47.82
N GLY P 29 -46.58 18.40 48.65
CA GLY P 29 -45.17 18.79 48.51
C GLY P 29 -44.53 18.28 47.23
N SER P 30 -45.11 17.27 46.58
CA SER P 30 -44.64 16.68 45.31
C SER P 30 -45.53 17.16 44.15
N ARG P 31 -46.24 18.27 44.34
CA ARG P 31 -47.07 18.96 43.31
C ARG P 31 -46.75 20.46 43.31
N SER P 32 -46.75 21.09 42.14
CA SER P 32 -46.53 22.55 41.99
C SER P 32 -47.82 23.25 42.39
N VAL P 33 -47.74 24.12 43.40
CA VAL P 33 -48.87 24.90 43.98
C VAL P 33 -48.76 26.34 43.49
N HIS P 34 -49.86 26.90 42.97
CA HIS P 34 -49.99 28.31 42.54
C HIS P 34 -51.03 28.99 43.44
N TRP P 35 -50.86 30.28 43.70
CA TRP P 35 -51.74 31.08 44.61
C TRP P 35 -52.36 32.25 43.85
N TYR P 36 -53.66 32.48 44.07
CA TYR P 36 -54.43 33.60 43.45
C TYR P 36 -55.02 34.47 44.56
N GLN P 37 -54.85 35.79 44.42
CA GLN P 37 -55.55 36.85 45.20
C GLN P 37 -56.82 37.23 44.46
N HIS P 38 -57.93 37.41 45.17
CA HIS P 38 -59.26 37.81 44.61
C HIS P 38 -59.93 38.82 45.54
N LYS P 39 -60.04 40.08 45.09
CA LYS P 39 -60.82 41.15 45.77
C LYS P 39 -62.20 41.20 45.14
N PRO P 40 -63.28 41.38 45.94
CA PRO P 40 -64.64 41.40 45.40
C PRO P 40 -64.78 42.38 44.22
N GLY P 41 -65.37 41.91 43.12
CA GLY P 41 -65.69 42.73 41.93
C GLY P 41 -64.60 42.71 40.87
N GLN P 42 -63.36 42.43 41.25
CA GLN P 42 -62.16 42.55 40.35
C GLN P 42 -61.74 41.18 39.82
N ALA P 43 -60.86 41.20 38.81
CA ALA P 43 -60.21 40.02 38.21
C ALA P 43 -59.21 39.44 39.20
N PRO P 44 -59.24 38.11 39.46
CA PRO P 44 -58.19 37.47 40.26
C PRO P 44 -56.81 37.68 39.64
N VAL P 45 -55.80 37.96 40.47
CA VAL P 45 -54.37 38.06 40.04
C VAL P 45 -53.63 36.87 40.64
N MET P 46 -52.70 36.29 39.87
CA MET P 46 -51.74 35.27 40.35
C MET P 46 -50.63 35.99 41.13
N ILE P 47 -50.39 35.57 42.36
CA ILE P 47 -49.38 36.21 43.27
C ILE P 47 -48.16 35.30 43.43
N ILE P 48 -48.37 33.98 43.45
CA ILE P 48 -47.27 32.96 43.49
C ILE P 48 -47.57 31.90 42.43
N SER P 49 -46.56 31.53 41.64
CA SER P 49 -46.57 30.36 40.71
C SER P 49 -45.43 29.42 41.09
N TYR P 50 -45.64 28.12 40.91
CA TYR P 50 -44.64 27.04 41.11
C TYR P 50 -44.02 27.19 42.51
N ASP P 51 -44.89 27.20 43.53
CA ASP P 51 -44.59 27.07 44.99
C ASP P 51 -44.19 28.41 45.61
N MET P 52 -43.29 29.17 44.97
CA MET P 52 -42.60 30.33 45.63
C MET P 52 -42.13 31.40 44.63
N ASN P 53 -42.59 31.39 43.37
CA ASN P 53 -42.11 32.35 42.34
C ASN P 53 -43.11 33.50 42.21
N ARG P 54 -42.62 34.75 42.31
CA ARG P 54 -43.43 35.99 42.25
C ARG P 54 -43.39 36.60 40.85
N PRO P 55 -44.55 36.79 40.19
CA PRO P 55 -44.60 37.52 38.91
C PRO P 55 -44.14 38.98 39.06
N SER P 56 -43.76 39.63 37.95
CA SER P 56 -43.50 41.09 37.89
C SER P 56 -44.71 41.81 38.48
N GLY P 57 -44.51 42.65 39.51
CA GLY P 57 -45.58 43.44 40.15
C GLY P 57 -45.78 43.08 41.62
N ILE P 58 -45.79 41.79 41.95
CA ILE P 58 -46.06 41.29 43.33
C ILE P 58 -44.84 41.54 44.20
N PRO P 59 -45.00 42.19 45.39
CA PRO P 59 -43.88 42.63 46.20
C PRO P 59 -43.22 41.49 47.01
N GLU P 60 -42.00 41.73 47.48
CA GLU P 60 -41.13 40.76 48.21
C GLU P 60 -41.83 40.30 49.49
N ARG P 61 -42.68 41.14 50.09
CA ARG P 61 -43.53 40.82 51.26
C ARG P 61 -44.20 39.46 51.08
N VAL P 62 -44.82 39.26 49.90
CA VAL P 62 -45.57 38.02 49.54
C VAL P 62 -44.54 36.92 49.27
N SER P 63 -44.78 35.73 49.82
CA SER P 63 -43.79 34.63 49.94
C SER P 63 -44.54 33.29 49.94
N GLY P 64 -43.96 32.28 49.28
CA GLY P 64 -44.57 30.94 49.15
C GLY P 64 -43.62 29.84 49.59
N SER P 65 -44.17 28.78 50.15
CA SER P 65 -43.44 27.50 50.40
C SER P 65 -44.40 26.34 50.16
N ASN P 66 -43.86 25.12 50.18
CA ASN P 66 -44.58 23.85 49.90
C ASN P 66 -43.61 22.71 50.23
N TYR P 67 -43.86 21.95 51.30
CA TYR P 67 -42.96 20.85 51.72
C TYR P 67 -43.74 19.56 52.00
N GLY P 68 -44.53 19.53 53.06
CA GLY P 68 -45.05 18.26 53.60
C GLY P 68 -46.36 17.87 52.98
N ASN P 69 -47.41 17.80 53.81
CA ASN P 69 -48.83 17.70 53.41
C ASN P 69 -49.46 19.09 53.54
N THR P 70 -48.64 20.14 53.39
CA THR P 70 -49.06 21.55 53.63
C THR P 70 -48.14 22.50 52.85
N ALA P 71 -48.74 23.39 52.05
CA ALA P 71 -48.13 24.55 51.36
C ALA P 71 -48.60 25.83 52.05
N THR P 72 -47.77 26.87 52.07
CA THR P 72 -47.99 28.09 52.91
C THR P 72 -47.72 29.37 52.11
N LEU P 73 -48.76 30.18 51.93
CA LEU P 73 -48.65 31.59 51.49
C LEU P 73 -48.37 32.47 52.72
N THR P 74 -47.45 33.42 52.61
CA THR P 74 -47.01 34.31 53.72
C THR P 74 -46.93 35.77 53.23
N ILE P 75 -47.92 36.59 53.58
CA ILE P 75 -47.89 38.08 53.45
C ILE P 75 -47.35 38.64 54.78
N SER P 76 -46.25 39.39 54.75
CA SER P 76 -45.39 39.65 55.94
C SER P 76 -45.68 41.00 56.60
N ARG P 77 -45.58 42.10 55.84
CA ARG P 77 -45.91 43.47 56.35
C ARG P 77 -47.29 43.76 55.78
N VAL P 78 -48.34 43.41 56.50
CA VAL P 78 -49.75 43.42 55.97
C VAL P 78 -50.27 44.86 55.96
N GLU P 79 -50.99 45.21 54.89
CA GLU P 79 -51.61 46.54 54.65
C GLU P 79 -53.10 46.33 54.44
N ALA P 80 -53.91 47.40 54.58
CA ALA P 80 -55.36 47.41 54.32
C ALA P 80 -55.63 46.77 52.94
N GLY P 81 -54.79 47.09 51.95
CA GLY P 81 -54.88 46.59 50.56
C GLY P 81 -54.85 45.07 50.46
N ASP P 82 -54.18 44.38 51.40
CA ASP P 82 -53.97 42.91 51.38
C ASP P 82 -55.26 42.14 51.75
N GLU P 83 -56.27 42.84 52.26
CA GLU P 83 -57.61 42.26 52.60
C GLU P 83 -58.24 41.74 51.30
N ALA P 84 -58.41 40.42 51.20
CA ALA P 84 -58.91 39.71 49.99
C ALA P 84 -59.06 38.21 50.27
N ASP P 85 -59.61 37.48 49.29
CA ASP P 85 -59.71 36.00 49.29
C ASP P 85 -58.46 35.42 48.59
N TYR P 86 -57.83 34.43 49.21
CA TYR P 86 -56.59 33.77 48.72
C TYR P 86 -56.87 32.28 48.47
N TYR P 87 -56.65 31.82 47.25
CA TYR P 87 -56.87 30.42 46.79
C TYR P 87 -55.53 29.82 46.36
N CYS P 88 -55.24 28.60 46.84
CA CYS P 88 -54.17 27.71 46.30
C CYS P 88 -54.79 26.82 45.22
N GLN P 89 -53.97 26.38 44.26
CA GLN P 89 -54.40 25.62 43.06
C GLN P 89 -53.29 24.67 42.63
N VAL P 90 -53.65 23.45 42.24
CA VAL P 90 -52.70 22.46 41.66
C VAL P 90 -53.26 21.99 40.32
N TRP P 91 -52.41 21.32 39.55
CA TRP P 91 -52.71 20.78 38.21
C TRP P 91 -52.40 19.28 38.23
N ASP P 92 -53.34 18.47 37.78
CA ASP P 92 -53.14 17.01 37.60
C ASP P 92 -53.48 16.66 36.14
N SER P 93 -52.57 16.98 35.22
CA SER P 93 -52.55 16.46 33.83
C SER P 93 -52.97 14.99 33.89
N ARG P 94 -53.83 14.54 32.97
CA ARG P 94 -54.29 13.14 32.90
C ARG P 94 -54.92 12.74 34.25
N SER P 95 -56.06 13.33 34.59
CA SER P 95 -57.03 12.91 35.64
C SER P 95 -58.41 13.50 35.32
N ASP P 96 -59.48 12.95 35.91
CA ASP P 96 -60.89 13.33 35.60
C ASP P 96 -61.16 14.77 36.10
N HIS P 97 -60.34 15.29 37.01
CA HIS P 97 -60.41 16.68 37.57
C HIS P 97 -59.01 17.31 37.48
N PRO P 98 -58.64 17.89 36.32
CA PRO P 98 -57.25 18.30 36.07
C PRO P 98 -56.82 19.56 36.85
N TYR P 99 -57.68 20.57 36.91
CA TYR P 99 -57.45 21.85 37.64
C TYR P 99 -58.25 21.82 38.95
N VAL P 100 -57.56 21.81 40.08
CA VAL P 100 -58.17 21.72 41.44
C VAL P 100 -57.82 22.99 42.21
N PHE P 101 -58.83 23.64 42.79
CA PHE P 101 -58.72 24.87 43.62
C PHE P 101 -58.93 24.50 45.10
N GLY P 102 -58.31 25.26 46.00
CA GLY P 102 -58.62 25.22 47.44
C GLY P 102 -60.01 25.79 47.70
N THR P 103 -60.54 25.57 48.90
CA THR P 103 -61.88 26.06 49.33
C THR P 103 -61.85 27.58 49.45
N GLY P 104 -60.67 28.17 49.69
CA GLY P 104 -60.45 29.62 49.79
C GLY P 104 -60.26 30.07 51.23
N THR P 105 -59.38 31.05 51.45
CA THR P 105 -59.13 31.71 52.77
C THR P 105 -59.36 33.21 52.63
N ARG P 106 -60.33 33.76 53.37
CA ARG P 106 -60.57 35.23 53.45
C ARG P 106 -59.65 35.80 54.52
N VAL P 107 -58.76 36.73 54.14
CA VAL P 107 -57.89 37.49 55.08
C VAL P 107 -58.57 38.84 55.38
N THR P 108 -58.71 39.19 56.66
CA THR P 108 -59.24 40.51 57.15
C THR P 108 -58.16 41.20 58.00
N VAL P 109 -58.09 42.53 57.92
CA VAL P 109 -57.10 43.43 58.60
C VAL P 109 -57.89 44.49 59.37
N LEU P 110 -57.28 45.45 60.09
CA LEU P 110 -58.02 46.71 60.45
C LEU P 110 -58.54 47.36 59.16
N GLY P 128 -50.48 46.01 31.37
CA GLY P 128 -51.57 46.33 30.42
C GLY P 128 -51.18 46.11 28.96
N GLU P 129 -50.44 45.04 28.67
CA GLU P 129 -50.14 44.54 27.30
C GLU P 129 -51.27 43.57 26.91
N VAL P 130 -51.53 42.60 27.79
CA VAL P 130 -52.62 41.57 27.67
C VAL P 130 -53.92 42.14 28.26
N GLN P 131 -55.02 42.02 27.52
CA GLN P 131 -56.41 42.36 27.99
C GLN P 131 -57.32 41.15 27.72
N LEU P 132 -58.24 40.86 28.65
CA LEU P 132 -59.33 39.86 28.48
C LEU P 132 -60.66 40.54 28.83
N VAL P 133 -61.46 40.86 27.81
CA VAL P 133 -62.78 41.55 27.93
C VAL P 133 -63.88 40.50 27.73
N GLU P 134 -64.82 40.40 28.67
CA GLU P 134 -65.85 39.33 28.71
C GLU P 134 -67.23 39.91 28.32
N SER P 135 -68.06 39.09 27.67
CA SER P 135 -69.44 39.43 27.22
C SER P 135 -70.36 38.21 27.42
N GLY P 136 -71.67 38.42 27.34
CA GLY P 136 -72.67 37.35 27.19
C GLY P 136 -73.51 37.12 28.45
N GLY P 137 -73.00 37.45 29.63
CA GLY P 137 -73.68 37.23 30.92
C GLY P 137 -75.04 37.91 31.00
N GLY P 138 -75.85 37.55 32.00
CA GLY P 138 -77.16 38.18 32.28
C GLY P 138 -78.17 37.22 32.88
N LEU P 139 -79.44 37.58 32.83
CA LEU P 139 -80.59 36.77 33.33
C LEU P 139 -81.00 35.74 32.27
N VAL P 140 -81.27 34.50 32.68
CA VAL P 140 -81.81 33.43 31.79
C VAL P 140 -82.54 32.39 32.67
N LYS P 141 -83.61 31.80 32.13
CA LYS P 141 -84.54 30.89 32.87
C LYS P 141 -83.98 29.47 32.91
N PRO P 142 -84.33 28.66 33.94
CA PRO P 142 -83.92 27.25 33.97
C PRO P 142 -84.27 26.50 32.69
N GLY P 143 -83.33 25.73 32.15
CA GLY P 143 -83.48 24.96 30.89
C GLY P 143 -83.12 25.77 29.64
N GLY P 144 -82.72 27.03 29.80
CA GLY P 144 -82.40 27.96 28.70
C GLY P 144 -80.94 27.88 28.28
N SER P 145 -80.53 28.75 27.35
CA SER P 145 -79.15 28.79 26.76
C SER P 145 -78.54 30.19 26.93
N LEU P 146 -77.21 30.27 26.83
CA LEU P 146 -76.43 31.53 26.96
C LEU P 146 -75.02 31.28 26.40
N ARG P 147 -74.47 32.27 25.68
CA ARG P 147 -73.14 32.19 25.03
C ARG P 147 -72.22 33.24 25.64
N LEU P 148 -71.30 32.82 26.51
CA LEU P 148 -70.22 33.68 27.05
C LEU P 148 -69.14 33.79 25.97
N SER P 149 -68.55 34.98 25.81
CA SER P 149 -67.38 35.24 24.94
C SER P 149 -66.33 36.06 25.71
N CYS P 150 -65.06 35.83 25.40
CA CYS P 150 -63.88 36.49 26.03
C CYS P 150 -62.92 36.92 24.91
N ALA P 151 -62.87 38.23 24.63
CA ALA P 151 -62.06 38.83 23.53
C ALA P 151 -60.68 39.18 24.07
N ALA P 152 -59.67 38.39 23.72
CA ALA P 152 -58.26 38.64 24.05
C ALA P 152 -57.69 39.66 23.05
N SER P 153 -56.74 40.49 23.50
CA SER P 153 -55.95 41.41 22.65
C SER P 153 -54.53 41.55 23.23
N GLY P 154 -53.53 41.71 22.36
CA GLY P 154 -52.11 41.87 22.74
C GLY P 154 -51.36 40.55 22.75
N ILE P 155 -52.01 39.44 22.37
CA ILE P 155 -51.38 38.09 22.34
C ILE P 155 -51.78 37.38 21.04
N THR P 156 -50.89 36.53 20.53
CA THR P 156 -51.14 35.58 19.42
C THR P 156 -51.89 34.37 19.99
N PHE P 157 -53.22 34.34 19.84
CA PHE P 157 -54.14 33.58 20.71
C PHE P 157 -53.84 32.08 20.66
N GLN P 158 -53.39 31.56 19.51
CA GLN P 158 -53.27 30.10 19.25
C GLN P 158 -52.19 29.47 20.13
N TYR P 159 -51.35 30.27 20.80
CA TYR P 159 -50.20 29.78 21.61
C TYR P 159 -50.58 29.74 23.10
N TYR P 160 -51.85 29.92 23.45
CA TYR P 160 -52.33 30.01 24.86
C TYR P 160 -53.52 29.07 25.06
N ALA P 161 -53.37 28.08 25.95
CA ALA P 161 -54.49 27.31 26.53
C ALA P 161 -55.37 28.26 27.33
N MET P 162 -56.69 28.17 27.18
CA MET P 162 -57.68 29.10 27.79
C MET P 162 -58.67 28.31 28.63
N ASN P 163 -59.25 28.95 29.64
CA ASN P 163 -60.10 28.28 30.66
C ASN P 163 -61.28 29.19 31.05
N TRP P 164 -62.37 28.56 31.46
CA TRP P 164 -63.51 29.19 32.17
C TRP P 164 -63.48 28.73 33.63
N VAL P 165 -63.45 29.68 34.56
CA VAL P 165 -63.57 29.45 36.03
C VAL P 165 -64.78 30.26 36.51
N ARG P 166 -65.55 29.73 37.47
CA ARG P 166 -66.76 30.43 38.00
C ARG P 166 -66.72 30.50 39.52
N GLN P 167 -67.47 31.45 40.09
CA GLN P 167 -67.63 31.66 41.55
C GLN P 167 -69.10 31.88 41.85
N ALA P 168 -69.79 30.85 42.37
CA ALA P 168 -71.20 30.88 42.79
C ALA P 168 -71.34 31.79 44.00
N PRO P 169 -72.44 32.56 44.15
CA PRO P 169 -72.63 33.41 45.33
C PRO P 169 -72.40 32.60 46.62
N GLY P 170 -71.42 33.00 47.42
CA GLY P 170 -71.05 32.35 48.70
C GLY P 170 -69.85 31.44 48.55
N LYS P 171 -69.88 30.51 47.58
CA LYS P 171 -68.84 29.47 47.35
C LYS P 171 -67.55 30.12 46.83
N GLY P 172 -66.47 29.33 46.72
CA GLY P 172 -65.14 29.77 46.24
C GLY P 172 -65.00 29.60 44.73
N LEU P 173 -63.76 29.63 44.22
CA LEU P 173 -63.47 29.45 42.77
C LEU P 173 -63.62 27.96 42.42
N GLU P 174 -64.33 27.68 41.33
CA GLU P 174 -64.49 26.32 40.75
C GLU P 174 -64.09 26.39 39.27
N TRP P 175 -63.12 25.56 38.86
CA TRP P 175 -62.73 25.39 37.43
C TRP P 175 -63.92 24.77 36.69
N VAL P 176 -64.22 25.24 35.48
CA VAL P 176 -65.42 24.83 34.68
C VAL P 176 -64.95 24.03 33.47
N SER P 177 -64.08 24.61 32.64
CA SER P 177 -63.68 24.04 31.33
C SER P 177 -62.32 24.59 30.90
N SER P 178 -61.55 23.77 30.16
CA SER P 178 -60.23 24.11 29.57
C SER P 178 -60.21 23.73 28.10
N ILE P 179 -59.50 24.51 27.28
CA ILE P 179 -59.30 24.22 25.83
C ILE P 179 -57.84 24.52 25.47
N GLY P 180 -57.26 23.73 24.55
CA GLY P 180 -55.89 23.93 24.04
C GLY P 180 -55.80 25.14 23.12
N GLY P 181 -54.59 25.52 22.73
CA GLY P 181 -54.34 26.67 21.84
C GLY P 181 -54.89 26.44 20.44
N ARG P 182 -54.82 25.21 19.94
CA ARG P 182 -55.27 24.83 18.57
C ARG P 182 -56.74 24.35 18.62
N GLY P 183 -57.34 24.27 19.82
CA GLY P 183 -58.70 23.77 20.04
C GLY P 183 -58.76 22.25 20.12
N ASP P 184 -57.60 21.59 20.11
CA ASP P 184 -57.45 20.11 20.08
C ASP P 184 -58.03 19.50 21.34
N THR P 185 -57.55 19.96 22.50
CA THR P 185 -57.86 19.39 23.83
C THR P 185 -59.05 20.16 24.41
N THR P 186 -60.07 19.45 24.92
CA THR P 186 -61.25 20.01 25.64
C THR P 186 -61.50 19.16 26.89
N TYR P 187 -61.64 19.81 28.05
CA TYR P 187 -61.95 19.18 29.36
C TYR P 187 -63.01 20.01 30.07
N TYR P 188 -63.90 19.33 30.80
CA TYR P 188 -65.04 19.93 31.53
C TYR P 188 -65.08 19.33 32.95
N THR P 189 -65.62 20.07 33.94
CA THR P 189 -66.01 19.54 35.27
C THR P 189 -67.14 18.53 35.05
N ASP P 190 -67.27 17.54 35.94
CA ASP P 190 -68.27 16.45 35.83
C ASP P 190 -69.69 17.03 35.84
N SER P 191 -69.90 18.21 36.43
CA SER P 191 -71.24 18.83 36.66
C SER P 191 -71.72 19.62 35.43
N VAL P 192 -71.00 19.60 34.30
CA VAL P 192 -71.39 20.37 33.08
C VAL P 192 -71.10 19.56 31.80
N LYS P 193 -70.79 18.26 31.91
CA LYS P 193 -70.25 17.41 30.81
C LYS P 193 -71.05 17.61 29.52
N GLY P 194 -72.33 17.21 29.51
CA GLY P 194 -73.15 17.11 28.28
C GLY P 194 -73.80 18.44 27.90
N ARG P 195 -73.66 19.48 28.73
CA ARG P 195 -74.44 20.74 28.64
C ARG P 195 -73.57 21.89 28.11
N PHE P 196 -72.37 22.06 28.66
CA PHE P 196 -71.43 23.16 28.32
C PHE P 196 -70.50 22.70 27.20
N THR P 197 -70.22 23.58 26.24
CA THR P 197 -69.26 23.38 25.12
C THR P 197 -68.30 24.58 25.05
N ILE P 198 -66.98 24.32 25.12
CA ILE P 198 -65.90 25.34 25.01
C ILE P 198 -65.36 25.30 23.58
N SER P 199 -64.98 26.45 23.03
CA SER P 199 -64.51 26.61 21.62
C SER P 199 -63.70 27.90 21.48
N ARG P 200 -63.02 28.07 20.34
CA ARG P 200 -62.12 29.22 20.05
C ARG P 200 -62.30 29.69 18.61
N ASP P 201 -62.03 30.97 18.37
CA ASP P 201 -61.76 31.53 17.03
C ASP P 201 -60.43 32.30 17.11
N ASN P 202 -59.32 31.61 16.79
CA ASN P 202 -57.94 32.15 16.96
C ASN P 202 -57.79 33.42 16.10
N SER P 203 -58.38 33.44 14.90
CA SER P 203 -58.33 34.61 13.97
C SER P 203 -59.03 35.81 14.60
N LYS P 204 -60.27 35.65 15.07
CA LYS P 204 -61.04 36.70 15.78
C LYS P 204 -60.47 36.90 17.20
N SER P 205 -59.65 35.95 17.68
CA SER P 205 -58.82 36.06 18.91
C SER P 205 -59.71 36.02 20.16
N THR P 206 -60.82 35.27 20.12
CA THR P 206 -61.83 35.19 21.22
C THR P 206 -62.06 33.73 21.66
N LEU P 207 -62.40 33.54 22.94
CA LEU P 207 -62.79 32.26 23.57
C LEU P 207 -64.30 32.28 23.81
N TYR P 208 -64.98 31.16 23.59
CA TYR P 208 -66.45 30.99 23.73
C TYR P 208 -66.76 29.88 24.74
N LEU P 209 -67.84 30.08 25.51
CA LEU P 209 -68.49 29.01 26.31
C LEU P 209 -69.99 28.99 25.95
N GLN P 210 -70.42 27.97 25.21
CA GLN P 210 -71.83 27.71 24.85
C GLN P 210 -72.47 26.95 26.02
N MET P 211 -73.17 27.66 26.91
CA MET P 211 -73.89 27.08 28.07
C MET P 211 -75.36 26.94 27.68
N ASN P 212 -75.83 25.72 27.41
CA ASN P 212 -77.29 25.45 27.21
C ASN P 212 -77.72 24.35 28.19
N SER P 213 -79.03 24.13 28.31
CA SER P 213 -79.66 23.23 29.32
C SER P 213 -79.20 23.66 30.72
N LEU P 214 -79.32 24.95 31.03
CA LEU P 214 -78.80 25.60 32.27
C LEU P 214 -79.64 25.19 33.48
N ARG P 215 -78.97 24.84 34.58
CA ARG P 215 -79.60 24.52 35.88
C ARG P 215 -79.40 25.71 36.84
N ALA P 216 -80.06 25.69 37.99
CA ALA P 216 -80.10 26.78 38.99
C ALA P 216 -78.72 26.97 39.63
N GLU P 217 -78.00 25.87 39.85
CA GLU P 217 -76.68 25.83 40.55
C GLU P 217 -75.55 26.28 39.61
N ASP P 218 -75.88 26.85 38.45
CA ASP P 218 -74.90 27.43 37.48
C ASP P 218 -74.74 28.93 37.71
N THR P 219 -75.61 29.56 38.52
CA THR P 219 -75.55 31.01 38.80
C THR P 219 -74.23 31.32 39.50
N ALA P 220 -73.39 32.13 38.86
CA ALA P 220 -72.02 32.46 39.31
C ALA P 220 -71.45 33.58 38.43
N VAL P 221 -70.38 34.22 38.90
CA VAL P 221 -69.51 35.12 38.08
C VAL P 221 -68.57 34.19 37.28
N TYR P 222 -68.67 34.21 35.95
CA TYR P 222 -67.83 33.37 35.05
C TYR P 222 -66.60 34.17 34.64
N TYR P 223 -65.43 33.69 35.06
CA TYR P 223 -64.10 34.30 34.77
C TYR P 223 -63.44 33.57 33.61
N CYS P 224 -62.85 34.34 32.71
CA CYS P 224 -62.00 33.90 31.57
C CYS P 224 -60.55 33.86 32.06
N ALA P 225 -59.87 32.71 31.99
CA ALA P 225 -58.54 32.48 32.59
C ALA P 225 -57.55 31.97 31.54
N LYS P 226 -56.47 32.73 31.32
CA LYS P 226 -55.40 32.45 30.34
C LYS P 226 -54.25 31.71 31.03
N GLU P 227 -53.63 30.75 30.34
CA GLU P 227 -52.39 30.04 30.79
C GLU P 227 -51.17 30.66 30.12
N PRO P 228 -49.95 30.47 30.67
CA PRO P 228 -48.74 31.02 30.07
C PRO P 228 -48.49 30.52 28.65
N PHE P 229 -47.68 31.28 27.91
CA PHE P 229 -47.29 30.99 26.51
C PHE P 229 -46.75 29.56 26.41
N ASP P 230 -47.15 28.84 25.36
CA ASP P 230 -46.61 27.51 24.99
C ASP P 230 -46.54 27.42 23.46
N SER P 231 -45.40 27.02 22.92
CA SER P 231 -45.16 26.95 21.45
C SER P 231 -46.25 26.11 20.76
N SER P 232 -46.84 25.13 21.47
CA SER P 232 -47.87 24.19 20.94
C SER P 232 -49.26 24.61 21.43
N GLY P 233 -49.34 25.57 22.35
CA GLY P 233 -50.60 25.94 23.04
C GLY P 233 -51.07 24.84 23.97
N ASP P 234 -50.14 24.09 24.56
CA ASP P 234 -50.44 23.00 25.54
C ASP P 234 -50.93 23.62 26.85
N HIS P 235 -51.59 22.79 27.67
CA HIS P 235 -52.01 23.09 29.05
C HIS P 235 -50.75 23.10 29.92
N ARG P 236 -50.66 24.02 30.88
CA ARG P 236 -49.49 24.16 31.80
C ARG P 236 -49.91 24.05 33.27
N GLY P 237 -51.18 24.34 33.56
CA GLY P 237 -51.79 24.13 34.88
C GLY P 237 -51.71 25.37 35.76
N VAL P 238 -51.58 26.55 35.18
CA VAL P 238 -51.53 27.83 35.93
C VAL P 238 -52.27 28.91 35.13
N PHE P 239 -53.04 29.75 35.82
CA PHE P 239 -53.83 30.86 35.24
C PHE P 239 -53.11 32.19 35.52
N ASP P 240 -52.23 32.62 34.62
CA ASP P 240 -51.28 33.74 34.87
C ASP P 240 -51.97 35.08 34.64
N TYR P 241 -53.18 35.10 34.07
CA TYR P 241 -53.97 36.35 33.83
C TYR P 241 -55.45 36.02 33.64
N TRP P 242 -56.33 36.85 34.21
CA TRP P 242 -57.80 36.62 34.32
C TRP P 242 -58.56 37.81 33.74
N GLY P 243 -59.78 37.56 33.23
CA GLY P 243 -60.74 38.59 32.82
C GLY P 243 -61.54 39.08 34.01
N GLN P 244 -62.21 40.23 33.88
CA GLN P 244 -62.87 40.92 35.03
C GLN P 244 -64.14 40.17 35.43
N GLY P 245 -64.71 39.39 34.50
CA GLY P 245 -65.84 38.48 34.78
C GLY P 245 -67.14 38.99 34.19
N THR P 246 -68.05 38.07 33.87
CA THR P 246 -69.42 38.33 33.37
C THR P 246 -70.41 37.51 34.21
N LEU P 247 -71.48 38.17 34.72
CA LEU P 247 -72.44 37.60 35.69
C LEU P 247 -73.60 36.93 34.93
N VAL P 248 -73.80 35.63 35.14
CA VAL P 248 -75.00 34.87 34.67
C VAL P 248 -75.77 34.40 35.91
N THR P 249 -77.09 34.55 35.89
CA THR P 249 -77.99 34.30 37.06
C THR P 249 -79.32 33.70 36.55
N VAL P 250 -80.01 32.98 37.44
CA VAL P 250 -81.15 32.06 37.12
C VAL P 250 -82.10 32.01 38.33
N GLY Q 1 -50.13 57.24 -7.48
CA GLY Q 1 -48.92 56.49 -7.05
C GLY Q 1 -47.82 57.44 -6.58
N SER Q 2 -47.86 57.84 -5.31
CA SER Q 2 -46.88 58.71 -4.60
C SER Q 2 -47.18 58.69 -3.10
N TYR Q 3 -46.19 58.40 -2.24
CA TYR Q 3 -46.45 58.13 -0.80
C TYR Q 3 -46.81 59.44 -0.10
N VAL Q 4 -47.76 59.37 0.83
CA VAL Q 4 -48.35 60.54 1.53
C VAL Q 4 -47.94 60.50 3.01
N LEU Q 5 -47.37 61.60 3.51
CA LEU Q 5 -47.12 61.86 4.95
C LEU Q 5 -47.96 63.08 5.37
N THR Q 6 -48.93 62.88 6.27
CA THR Q 6 -49.79 63.95 6.83
C THR Q 6 -49.30 64.32 8.24
N GLN Q 7 -49.21 65.63 8.50
CA GLN Q 7 -48.75 66.24 9.78
C GLN Q 7 -49.77 67.27 10.22
N PRO Q 8 -50.07 67.40 11.54
CA PRO Q 8 -50.87 68.51 12.04
C PRO Q 8 -50.21 69.83 11.64
N PRO Q 9 -50.96 70.82 11.09
CA PRO Q 9 -50.36 72.07 10.64
C PRO Q 9 -49.62 72.83 11.74
N SER Q 10 -50.14 72.80 12.98
CA SER Q 10 -49.53 73.48 14.15
C SER Q 10 -49.82 72.75 15.47
N VAL Q 11 -48.97 73.01 16.47
CA VAL Q 11 -49.05 72.48 17.86
C VAL Q 11 -48.58 73.60 18.79
N SER Q 12 -49.28 73.82 19.91
CA SER Q 12 -48.93 74.81 20.97
C SER Q 12 -48.61 74.07 22.27
N VAL Q 13 -47.57 74.51 22.99
CA VAL Q 13 -47.20 73.97 24.34
C VAL Q 13 -46.60 75.10 25.19
N ALA Q 14 -46.80 75.02 26.51
CA ALA Q 14 -46.19 75.93 27.51
C ALA Q 14 -44.76 75.48 27.78
N PRO Q 15 -43.84 76.40 28.16
CA PRO Q 15 -42.48 76.01 28.52
C PRO Q 15 -42.51 74.99 29.66
N GLY Q 16 -41.70 73.93 29.56
CA GLY Q 16 -41.63 72.83 30.54
C GLY Q 16 -42.47 71.63 30.12
N LYS Q 17 -43.71 71.86 29.67
CA LYS Q 17 -44.63 70.79 29.18
C LYS Q 17 -44.00 70.13 27.94
N THR Q 18 -44.48 68.94 27.54
CA THR Q 18 -43.94 68.15 26.40
C THR Q 18 -44.78 68.40 25.15
N ALA Q 19 -44.14 68.43 23.97
CA ALA Q 19 -44.77 68.65 22.64
C ALA Q 19 -44.71 67.35 21.83
N ARG Q 20 -45.82 66.98 21.18
CA ARG Q 20 -45.94 65.76 20.35
C ARG Q 20 -46.35 66.15 18.92
N ILE Q 21 -45.44 65.96 17.97
CA ILE Q 21 -45.68 66.15 16.51
C ILE Q 21 -45.86 64.76 15.89
N THR Q 22 -47.06 64.46 15.39
CA THR Q 22 -47.42 63.16 14.75
C THR Q 22 -47.14 63.26 13.25
N CYS Q 23 -46.70 62.13 12.66
CA CYS Q 23 -46.45 61.96 11.20
C CYS Q 23 -47.25 60.74 10.73
N GLY Q 24 -48.47 60.97 10.22
CA GLY Q 24 -49.38 59.91 9.75
C GLY Q 24 -48.96 59.40 8.37
N GLY Q 25 -48.90 58.09 8.21
CA GLY Q 25 -48.51 57.45 6.94
C GLY Q 25 -49.08 56.05 6.84
N ASN Q 26 -49.52 55.66 5.65
CA ASN Q 26 -50.11 54.32 5.36
C ASN Q 26 -49.05 53.25 5.64
N ASN Q 27 -49.15 52.61 6.82
CA ASN Q 27 -48.19 51.57 7.30
C ASN Q 27 -46.78 52.18 7.37
N ILE Q 28 -46.67 53.39 7.92
CA ILE Q 28 -45.38 54.14 8.05
C ILE Q 28 -44.42 53.37 8.97
N GLY Q 29 -44.97 52.50 9.82
CA GLY Q 29 -44.21 51.72 10.83
C GLY Q 29 -43.19 50.78 10.20
N SER Q 30 -43.36 50.42 8.93
CA SER Q 30 -42.45 49.52 8.16
C SER Q 30 -41.56 50.35 7.22
N ARG Q 31 -41.41 51.64 7.51
CA ARG Q 31 -40.50 52.58 6.81
C ARG Q 31 -39.68 53.34 7.84
N SER Q 32 -38.43 53.66 7.51
CA SER Q 32 -37.51 54.46 8.36
C SER Q 32 -37.89 55.93 8.20
N VAL Q 33 -38.29 56.58 9.31
CA VAL Q 33 -38.74 58.00 9.36
C VAL Q 33 -37.60 58.83 9.95
N HIS Q 34 -37.25 59.94 9.28
CA HIS Q 34 -36.26 60.95 9.75
C HIS Q 34 -36.98 62.26 10.00
N TRP Q 35 -36.50 63.04 10.97
CA TRP Q 35 -37.12 64.32 11.40
C TRP Q 35 -36.12 65.48 11.23
N TYR Q 36 -36.59 66.61 10.70
CA TYR Q 36 -35.82 67.85 10.50
C TYR Q 36 -36.49 69.00 11.25
N GLN Q 37 -35.68 69.77 11.98
CA GLN Q 37 -36.03 71.08 12.59
C GLN Q 37 -35.66 72.16 11.56
N HIS Q 38 -36.49 73.20 11.43
CA HIS Q 38 -36.26 74.36 10.53
C HIS Q 38 -36.72 75.64 11.22
N LYS Q 39 -35.78 76.52 11.58
CA LYS Q 39 -36.06 77.88 12.08
C LYS Q 39 -35.98 78.85 10.90
N PRO Q 40 -36.88 79.87 10.80
CA PRO Q 40 -36.87 80.80 9.67
C PRO Q 40 -35.48 81.44 9.44
N GLY Q 41 -34.98 81.39 8.21
CA GLY Q 41 -33.72 82.04 7.79
C GLY Q 41 -32.52 81.11 7.84
N GLN Q 42 -32.57 80.05 8.66
CA GLN Q 42 -31.40 79.15 8.94
C GLN Q 42 -31.50 77.85 8.15
N ALA Q 43 -30.40 77.09 8.14
CA ALA Q 43 -30.29 75.75 7.52
C ALA Q 43 -31.04 74.74 8.38
N PRO Q 44 -31.92 73.90 7.78
CA PRO Q 44 -32.55 72.82 8.51
C PRO Q 44 -31.51 71.87 9.12
N VAL Q 45 -31.73 71.43 10.36
CA VAL Q 45 -30.88 70.41 11.05
C VAL Q 45 -31.70 69.13 11.20
N MET Q 46 -31.05 67.98 10.99
CA MET Q 46 -31.63 66.64 11.29
C MET Q 46 -31.58 66.42 12.79
N ILE Q 47 -32.72 66.11 13.42
CA ILE Q 47 -32.81 65.92 14.90
C ILE Q 47 -33.01 64.44 15.22
N ILE Q 48 -33.72 63.70 14.37
CA ILE Q 48 -33.89 62.23 14.50
C ILE Q 48 -33.64 61.58 13.14
N SER Q 49 -32.84 60.51 13.11
CA SER Q 49 -32.65 59.62 11.94
C SER Q 49 -33.06 58.20 12.32
N TYR Q 50 -33.64 57.45 11.38
CA TYR Q 50 -34.01 56.03 11.50
C TYR Q 50 -34.89 55.85 12.75
N ASP Q 51 -35.98 56.61 12.79
CA ASP Q 51 -37.13 56.49 13.74
C ASP Q 51 -36.86 57.20 15.07
N MET Q 52 -35.71 56.96 15.70
CA MET Q 52 -35.44 57.31 17.12
C MET Q 52 -33.95 57.56 17.43
N ASN Q 53 -33.08 57.73 16.44
CA ASN Q 53 -31.63 57.91 16.69
C ASN Q 53 -31.28 59.41 16.65
N ARG Q 54 -30.59 59.90 17.67
CA ARG Q 54 -30.20 61.33 17.84
C ARG Q 54 -28.75 61.55 17.39
N PRO Q 55 -28.49 62.46 16.42
CA PRO Q 55 -27.13 62.85 16.08
C PRO Q 55 -26.40 63.52 17.24
N SER Q 56 -25.05 63.53 17.22
CA SER Q 56 -24.20 64.33 18.13
C SER Q 56 -24.72 65.77 18.10
N GLY Q 57 -25.08 66.32 19.27
CA GLY Q 57 -25.55 67.70 19.43
C GLY Q 57 -26.97 67.76 19.96
N ILE Q 58 -27.88 66.94 19.42
CA ILE Q 58 -29.34 66.96 19.76
C ILE Q 58 -29.51 66.36 21.16
N PRO Q 59 -30.22 67.06 22.08
CA PRO Q 59 -30.33 66.63 23.47
C PRO Q 59 -31.33 65.50 23.70
N GLU Q 60 -31.21 64.82 24.85
CA GLU Q 60 -31.99 63.62 25.25
C GLU Q 60 -33.50 63.96 25.30
N ARG Q 61 -33.84 65.22 25.58
CA ARG Q 61 -35.22 65.77 25.56
C ARG Q 61 -35.94 65.32 24.28
N VAL Q 62 -35.27 65.49 23.13
CA VAL Q 62 -35.80 65.14 21.78
C VAL Q 62 -35.78 63.62 21.64
N SER Q 63 -36.88 63.06 21.13
CA SER Q 63 -37.21 61.62 21.21
C SER Q 63 -38.10 61.26 20.01
N GLY Q 64 -37.88 60.09 19.43
CA GLY Q 64 -38.63 59.60 18.26
C GLY Q 64 -39.21 58.21 18.48
N SER Q 65 -40.38 57.96 17.89
CA SER Q 65 -40.97 56.60 17.77
C SER Q 65 -41.65 56.49 16.41
N ASN Q 66 -42.09 55.28 16.07
CA ASN Q 66 -42.69 54.89 14.76
C ASN Q 66 -43.19 53.45 14.91
N TYR Q 67 -44.51 53.24 14.94
CA TYR Q 67 -45.11 51.89 15.12
C TYR Q 67 -46.21 51.63 14.09
N GLY Q 68 -47.35 52.32 14.20
CA GLY Q 68 -48.57 51.89 13.50
C GLY Q 68 -48.66 52.51 12.13
N ASN Q 69 -49.71 53.32 11.93
CA ASN Q 69 -49.88 54.25 10.77
C ASN Q 69 -49.48 55.66 11.22
N THR Q 70 -48.63 55.75 12.23
CA THR Q 70 -48.26 57.03 12.89
C THR Q 70 -46.88 56.91 13.54
N ALA Q 71 -45.99 57.86 13.19
CA ALA Q 71 -44.67 58.11 13.81
C ALA Q 71 -44.77 59.42 14.62
N THR Q 72 -44.01 59.53 15.71
CA THR Q 72 -44.16 60.60 16.74
C THR Q 72 -42.81 61.17 17.15
N LEU Q 73 -42.60 62.46 16.88
CA LEU Q 73 -41.52 63.30 17.48
C LEU Q 73 -42.00 63.86 18.82
N THR Q 74 -41.16 63.79 19.85
CA THR Q 74 -41.49 64.19 21.24
C THR Q 74 -40.36 65.07 21.81
N ILE Q 75 -40.57 66.39 21.86
CA ILE Q 75 -39.73 67.36 22.62
C ILE Q 75 -40.37 67.49 24.02
N SER Q 76 -39.62 67.22 25.08
CA SER Q 76 -40.17 66.91 26.43
C SER Q 76 -40.15 68.13 27.36
N ARG Q 77 -39.01 68.81 27.51
CA ARG Q 77 -38.88 69.94 28.48
C ARG Q 77 -38.65 71.20 27.65
N VAL Q 78 -39.74 71.66 27.02
CA VAL Q 78 -39.77 72.62 25.88
C VAL Q 78 -39.24 73.99 26.34
N GLU Q 79 -38.41 74.61 25.49
CA GLU Q 79 -37.76 75.92 25.71
C GLU Q 79 -38.17 76.85 24.56
N ALA Q 80 -38.03 78.16 24.75
CA ALA Q 80 -38.25 79.19 23.71
C ALA Q 80 -37.53 78.78 22.42
N GLY Q 81 -36.30 78.27 22.55
CA GLY Q 81 -35.44 77.83 21.42
C GLY Q 81 -36.10 76.77 20.55
N ASP Q 82 -37.00 75.95 21.12
CA ASP Q 82 -37.62 74.79 20.43
C ASP Q 82 -38.69 75.25 19.43
N GLU Q 83 -39.09 76.53 19.47
CA GLU Q 83 -40.06 77.13 18.51
C GLU Q 83 -39.47 77.08 17.11
N ALA Q 84 -40.09 76.31 16.21
CA ALA Q 84 -39.61 76.05 14.83
C ALA Q 84 -40.62 75.18 14.07
N ASP Q 85 -40.34 74.95 12.78
CA ASP Q 85 -41.09 74.01 11.91
C ASP Q 85 -40.41 72.64 11.99
N TYR Q 86 -41.20 71.58 12.16
CA TYR Q 86 -40.72 70.18 12.24
C TYR Q 86 -41.34 69.37 11.10
N TYR Q 87 -40.50 68.72 10.29
CA TYR Q 87 -40.88 67.88 9.12
C TYR Q 87 -40.39 66.45 9.36
N CYS Q 88 -41.28 65.48 9.15
CA CYS Q 88 -40.91 64.03 9.01
C CYS Q 88 -40.67 63.74 7.52
N GLN Q 89 -39.85 62.74 7.23
CA GLN Q 89 -39.39 62.40 5.86
C GLN Q 89 -39.17 60.89 5.78
N VAL Q 90 -39.55 60.27 4.66
CA VAL Q 90 -39.25 58.84 4.37
C VAL Q 90 -38.55 58.75 3.01
N TRP Q 91 -37.97 57.59 2.73
CA TRP Q 91 -37.25 57.28 1.48
C TRP Q 91 -37.88 56.04 0.85
N ASP Q 92 -38.23 56.13 -0.44
CA ASP Q 92 -38.73 54.98 -1.24
C ASP Q 92 -37.82 54.81 -2.46
N SER Q 93 -36.63 54.25 -2.25
CA SER Q 93 -35.75 53.72 -3.30
C SER Q 93 -36.65 53.06 -4.34
N ARG Q 94 -36.40 53.27 -5.63
CA ARG Q 94 -37.18 52.63 -6.72
C ARG Q 94 -38.67 52.96 -6.57
N SER Q 95 -39.01 54.25 -6.74
CA SER Q 95 -40.38 54.79 -6.97
C SER Q 95 -40.26 56.16 -7.65
N ASP Q 96 -41.34 56.63 -8.26
CA ASP Q 96 -41.34 57.88 -9.09
C ASP Q 96 -41.13 59.10 -8.18
N HIS Q 97 -41.38 58.97 -6.87
CA HIS Q 97 -41.18 60.03 -5.84
C HIS Q 97 -40.35 59.46 -4.69
N PRO Q 98 -39.00 59.43 -4.80
CA PRO Q 98 -38.17 58.66 -3.88
C PRO Q 98 -38.06 59.29 -2.49
N TYR Q 99 -37.88 60.62 -2.42
CA TYR Q 99 -37.78 61.38 -1.16
C TYR Q 99 -39.11 62.10 -0.92
N VAL Q 100 -39.81 61.76 0.16
CA VAL Q 100 -41.16 62.29 0.51
C VAL Q 100 -41.06 62.99 1.87
N PHE Q 101 -41.55 64.23 1.93
CA PHE Q 101 -41.59 65.07 3.14
C PHE Q 101 -43.03 65.16 3.64
N GLY Q 102 -43.21 65.32 4.95
CA GLY Q 102 -44.49 65.70 5.56
C GLY Q 102 -44.85 67.13 5.20
N THR Q 103 -46.11 67.52 5.42
CA THR Q 103 -46.65 68.88 5.13
C THR Q 103 -45.98 69.90 6.05
N GLY Q 104 -45.50 69.47 7.22
CA GLY Q 104 -44.81 70.30 8.22
C GLY Q 104 -45.71 70.63 9.39
N THR Q 105 -45.14 70.69 10.61
CA THR Q 105 -45.82 71.11 11.87
C THR Q 105 -45.04 72.28 12.48
N ARG Q 106 -45.69 73.43 12.62
CA ARG Q 106 -45.12 74.62 13.32
C ARG Q 106 -45.43 74.49 14.82
N VAL Q 107 -44.38 74.43 15.65
CA VAL Q 107 -44.50 74.42 17.13
C VAL Q 107 -44.30 75.85 17.63
N THR Q 108 -45.22 76.34 18.46
CA THR Q 108 -45.15 77.67 19.14
C THR Q 108 -45.18 77.47 20.65
N VAL Q 109 -44.42 78.30 21.38
CA VAL Q 109 -44.24 78.20 22.85
C VAL Q 109 -44.82 79.46 23.49
N LEU Q 110 -45.66 79.29 24.51
CA LEU Q 110 -46.60 80.32 25.02
C LEU Q 110 -45.82 81.34 25.89
N GLY Q 111 -44.54 81.06 26.19
CA GLY Q 111 -43.61 82.03 26.79
C GLY Q 111 -43.37 83.24 25.88
N SER Q 112 -43.06 82.99 24.61
CA SER Q 112 -42.68 84.01 23.59
C SER Q 112 -43.36 83.70 22.26
N GLY Q 128 -18.70 71.94 12.86
CA GLY Q 128 -18.12 72.83 11.83
C GLY Q 128 -16.93 72.22 11.10
N GLU Q 129 -16.97 70.90 10.82
CA GLU Q 129 -16.00 70.17 9.95
C GLU Q 129 -16.50 70.28 8.51
N VAL Q 130 -17.77 69.91 8.30
CA VAL Q 130 -18.51 70.00 7.00
C VAL Q 130 -19.14 71.40 6.86
N GLN Q 131 -18.95 72.04 5.71
CA GLN Q 131 -19.61 73.33 5.32
C GLN Q 131 -20.28 73.15 3.95
N LEU Q 132 -21.48 73.73 3.78
CA LEU Q 132 -22.17 73.84 2.46
C LEU Q 132 -22.54 75.32 2.20
N VAL Q 133 -21.80 75.98 1.31
CA VAL Q 133 -21.99 77.42 0.96
C VAL Q 133 -22.68 77.52 -0.40
N GLU Q 134 -23.82 78.22 -0.49
CA GLU Q 134 -24.69 78.26 -1.68
C GLU Q 134 -24.54 79.59 -2.42
N SER Q 135 -24.66 79.57 -3.74
CA SER Q 135 -24.58 80.74 -4.66
C SER Q 135 -25.64 80.61 -5.76
N GLY Q 136 -25.87 81.69 -6.51
CA GLY Q 136 -26.59 81.65 -7.79
C GLY Q 136 -27.99 82.26 -7.71
N GLY Q 137 -28.64 82.23 -6.55
CA GLY Q 137 -30.02 82.74 -6.36
C GLY Q 137 -30.17 84.19 -6.78
N GLY Q 138 -31.41 84.67 -6.89
CA GLY Q 138 -31.74 86.08 -7.18
C GLY Q 138 -33.03 86.24 -7.97
N LEU Q 139 -33.22 87.42 -8.58
CA LEU Q 139 -34.38 87.75 -9.46
C LEU Q 139 -34.14 87.23 -10.87
N VAL Q 140 -35.17 86.65 -11.49
CA VAL Q 140 -35.14 86.20 -12.91
C VAL Q 140 -36.58 86.14 -13.44
N LYS Q 141 -36.77 86.46 -14.73
CA LYS Q 141 -38.09 86.61 -15.40
C LYS Q 141 -38.64 85.24 -15.80
N PRO Q 142 -39.98 85.06 -15.87
CA PRO Q 142 -40.56 83.82 -16.37
C PRO Q 142 -40.01 83.41 -17.75
N GLY Q 143 -39.62 82.14 -17.89
CA GLY Q 143 -39.04 81.58 -19.13
C GLY Q 143 -37.52 81.71 -19.17
N GLY Q 144 -36.91 82.29 -18.13
CA GLY Q 144 -35.46 82.57 -18.04
C GLY Q 144 -34.69 81.40 -17.43
N SER Q 145 -33.37 81.56 -17.24
CA SER Q 145 -32.44 80.52 -16.73
C SER Q 145 -31.71 81.04 -15.49
N LEU Q 146 -31.17 80.13 -14.68
CA LEU Q 146 -30.40 80.43 -13.44
C LEU Q 146 -29.63 79.18 -13.02
N ARG Q 147 -28.38 79.36 -12.56
CA ARG Q 147 -27.48 78.24 -12.16
C ARG Q 147 -27.17 78.36 -10.68
N LEU Q 148 -27.79 77.51 -9.86
CA LEU Q 148 -27.47 77.37 -8.42
C LEU Q 148 -26.20 76.52 -8.29
N SER Q 149 -25.31 76.91 -7.38
CA SER Q 149 -24.10 76.13 -7.02
C SER Q 149 -24.00 76.01 -5.49
N CYS Q 150 -23.44 74.90 -5.02
CA CYS Q 150 -23.25 74.58 -3.58
C CYS Q 150 -21.83 74.04 -3.40
N ALA Q 151 -20.94 74.84 -2.80
CA ALA Q 151 -19.51 74.52 -2.60
C ALA Q 151 -19.34 73.82 -1.24
N ALA Q 152 -19.11 72.51 -1.28
CA ALA Q 152 -18.81 71.69 -0.09
C ALA Q 152 -17.33 71.87 0.27
N SER Q 153 -17.00 71.77 1.55
CA SER Q 153 -15.61 71.70 2.06
C SER Q 153 -15.58 70.83 3.32
N GLY Q 154 -14.46 70.14 3.54
CA GLY Q 154 -14.24 69.25 4.70
C GLY Q 154 -14.66 67.81 4.43
N ILE Q 155 -15.08 67.51 3.20
CA ILE Q 155 -15.52 66.13 2.81
C ILE Q 155 -14.95 65.78 1.43
N THR Q 156 -14.64 64.50 1.21
CA THR Q 156 -14.27 63.90 -0.10
C THR Q 156 -15.56 63.68 -0.88
N PHE Q 157 -15.87 64.61 -1.79
CA PHE Q 157 -17.24 64.87 -2.29
C PHE Q 157 -17.83 63.63 -2.97
N GLN Q 158 -17.00 62.81 -3.63
CA GLN Q 158 -17.47 61.70 -4.50
C GLN Q 158 -18.15 60.58 -3.69
N TYR Q 159 -18.04 60.59 -2.36
CA TYR Q 159 -18.59 59.55 -1.46
C TYR Q 159 -19.92 60.00 -0.85
N TYR Q 160 -20.53 61.07 -1.35
CA TYR Q 160 -21.78 61.64 -0.79
C TYR Q 160 -22.79 61.90 -1.91
N ALA Q 161 -23.95 61.23 -1.85
CA ALA Q 161 -25.14 61.59 -2.64
C ALA Q 161 -25.59 62.98 -2.19
N MET Q 162 -25.96 63.84 -3.14
CA MET Q 162 -26.31 65.25 -2.88
C MET Q 162 -27.70 65.54 -3.45
N ASN Q 163 -28.39 66.53 -2.88
CA ASN Q 163 -29.81 66.82 -3.19
C ASN Q 163 -30.05 68.33 -3.20
N TRP Q 164 -31.06 68.76 -3.95
CA TRP Q 164 -31.68 70.10 -3.89
C TRP Q 164 -33.09 69.93 -3.30
N VAL Q 165 -33.38 70.68 -2.24
CA VAL Q 165 -34.72 70.79 -1.60
C VAL Q 165 -35.09 72.26 -1.59
N ARG Q 166 -36.37 72.59 -1.80
CA ARG Q 166 -36.84 74.00 -1.88
C ARG Q 166 -38.03 74.20 -0.93
N GLN Q 167 -38.27 75.46 -0.55
CA GLN Q 167 -39.42 75.89 0.29
C GLN Q 167 -40.03 77.15 -0.32
N ALA Q 168 -41.16 77.01 -1.01
CA ALA Q 168 -41.93 78.12 -1.61
C ALA Q 168 -42.51 78.97 -0.50
N PRO Q 169 -42.62 80.32 -0.67
CA PRO Q 169 -43.24 81.17 0.34
C PRO Q 169 -44.61 80.61 0.76
N GLY Q 170 -44.76 80.27 2.05
CA GLY Q 170 -45.99 79.71 2.63
C GLY Q 170 -45.93 78.20 2.77
N LYS Q 171 -45.60 77.48 1.70
CA LYS Q 171 -45.58 75.99 1.62
C LYS Q 171 -44.42 75.43 2.46
N GLY Q 172 -44.37 74.10 2.63
CA GLY Q 172 -43.34 73.38 3.42
C GLY Q 172 -42.16 72.97 2.55
N LEU Q 173 -41.34 72.03 3.03
CA LEU Q 173 -40.16 71.51 2.29
C LEU Q 173 -40.63 70.57 1.17
N GLU Q 174 -40.10 70.76 -0.03
CA GLU Q 174 -40.36 69.90 -1.21
C GLU Q 174 -39.00 69.46 -1.76
N TRP Q 175 -38.76 68.16 -1.88
CA TRP Q 175 -37.56 67.60 -2.55
C TRP Q 175 -37.64 67.93 -4.03
N VAL Q 176 -36.53 68.33 -4.65
CA VAL Q 176 -36.46 68.84 -6.06
C VAL Q 176 -35.71 67.83 -6.92
N SER Q 177 -34.48 67.47 -6.53
CA SER Q 177 -33.56 66.64 -7.34
C SER Q 177 -32.49 65.97 -6.45
N SER Q 178 -32.03 64.78 -6.85
CA SER Q 178 -30.98 63.97 -6.19
C SER Q 178 -29.95 63.53 -7.23
N ILE Q 179 -28.69 63.40 -6.83
CA ILE Q 179 -27.59 62.89 -7.69
C ILE Q 179 -26.69 61.99 -6.84
N GLY Q 180 -26.14 60.94 -7.44
CA GLY Q 180 -25.19 60.02 -6.78
C GLY Q 180 -23.84 60.68 -6.57
N GLY Q 181 -22.95 60.01 -5.84
CA GLY Q 181 -21.59 60.50 -5.56
C GLY Q 181 -20.74 60.58 -6.81
N ARG Q 182 -20.91 59.62 -7.73
CA ARG Q 182 -20.13 59.52 -9.00
C ARG Q 182 -20.87 60.26 -10.12
N GLY Q 183 -22.07 60.78 -9.86
CA GLY Q 183 -22.92 61.46 -10.87
C GLY Q 183 -23.74 60.48 -11.70
N ASP Q 184 -23.68 59.19 -11.37
CA ASP Q 184 -24.32 58.07 -12.10
C ASP Q 184 -25.85 58.24 -12.10
N THR Q 185 -26.42 58.33 -10.89
CA THR Q 185 -27.88 58.34 -10.63
C THR Q 185 -28.36 59.78 -10.59
N THR Q 186 -29.44 60.12 -11.31
CA THR Q 186 -30.12 61.45 -11.29
C THR Q 186 -31.63 61.23 -11.22
N TYR Q 187 -32.30 61.90 -10.29
CA TYR Q 187 -33.78 61.83 -10.09
C TYR Q 187 -34.29 63.26 -9.90
N TYR Q 188 -35.50 63.54 -10.38
CA TYR Q 188 -36.16 64.86 -10.32
C TYR Q 188 -37.61 64.68 -9.86
N THR Q 189 -38.22 65.68 -9.23
CA THR Q 189 -39.68 65.77 -9.01
C THR Q 189 -40.35 65.87 -10.39
N ASP Q 190 -41.60 65.40 -10.50
CA ASP Q 190 -42.36 65.37 -11.78
C ASP Q 190 -42.54 66.80 -12.31
N SER Q 191 -42.52 67.82 -11.44
CA SER Q 191 -42.82 69.23 -11.77
C SER Q 191 -41.60 69.97 -12.34
N VAL Q 192 -40.47 69.30 -12.56
CA VAL Q 192 -39.22 69.95 -13.07
C VAL Q 192 -38.48 69.05 -14.07
N LYS Q 193 -39.11 67.96 -14.53
CA LYS Q 193 -38.45 66.85 -15.29
C LYS Q 193 -37.56 67.42 -16.40
N GLY Q 194 -38.16 68.09 -17.40
CA GLY Q 194 -37.46 68.47 -18.64
C GLY Q 194 -36.70 69.78 -18.53
N ARG Q 195 -36.82 70.48 -17.40
CA ARG Q 195 -36.40 71.90 -17.26
C ARG Q 195 -35.13 72.00 -16.39
N PHE Q 196 -35.11 71.32 -15.25
CA PHE Q 196 -33.99 71.33 -14.26
C PHE Q 196 -33.00 70.20 -14.59
N THR Q 197 -31.70 70.47 -14.46
CA THR Q 197 -30.59 69.50 -14.60
C THR Q 197 -29.67 69.60 -13.38
N ILE Q 198 -29.42 68.49 -12.70
CA ILE Q 198 -28.48 68.39 -11.55
C ILE Q 198 -27.16 67.79 -12.04
N SER Q 199 -26.03 68.25 -11.50
CA SER Q 199 -24.66 67.83 -11.92
C SER Q 199 -23.66 68.11 -10.81
N ARG Q 200 -22.43 67.56 -10.94
CA ARG Q 200 -21.36 67.65 -9.92
C ARG Q 200 -20.02 67.91 -10.58
N ASP Q 201 -19.12 68.54 -9.84
CA ASP Q 201 -17.66 68.58 -10.14
C ASP Q 201 -16.91 68.15 -8.89
N ASN Q 202 -16.65 66.84 -8.75
CA ASN Q 202 -16.10 66.23 -7.51
C ASN Q 202 -14.74 66.87 -7.22
N SER Q 203 -13.94 67.16 -8.24
CA SER Q 203 -12.60 67.80 -8.10
C SER Q 203 -12.75 69.20 -7.49
N LYS Q 204 -13.61 70.04 -8.07
CA LYS Q 204 -13.91 71.41 -7.56
C LYS Q 204 -14.77 71.29 -6.29
N SER Q 205 -15.37 70.12 -6.05
CA SER Q 205 -16.06 69.75 -4.78
C SER Q 205 -17.39 70.50 -4.62
N THR Q 206 -18.07 70.81 -5.74
CA THR Q 206 -19.33 71.62 -5.77
C THR Q 206 -20.45 70.84 -6.46
N LEU Q 207 -21.69 71.10 -6.05
CA LEU Q 207 -22.96 70.60 -6.65
C LEU Q 207 -23.62 71.74 -7.44
N TYR Q 208 -24.19 71.43 -8.60
CA TYR Q 208 -24.87 72.42 -9.49
C TYR Q 208 -26.33 72.03 -9.69
N LEU Q 209 -27.21 73.03 -9.84
CA LEU Q 209 -28.58 72.89 -10.38
C LEU Q 209 -28.76 73.90 -11.50
N GLN Q 210 -28.80 73.43 -12.73
CA GLN Q 210 -29.10 74.25 -13.93
C GLN Q 210 -30.63 74.31 -14.06
N MET Q 211 -31.22 75.42 -13.61
CA MET Q 211 -32.68 75.70 -13.72
C MET Q 211 -32.90 76.62 -14.92
N ASN Q 212 -33.42 76.10 -16.03
CA ASN Q 212 -33.85 76.94 -17.18
C ASN Q 212 -35.32 76.64 -17.47
N SER Q 213 -35.93 77.46 -18.34
CA SER Q 213 -37.38 77.44 -18.67
C SER Q 213 -38.18 77.57 -17.36
N LEU Q 214 -37.84 78.58 -16.54
CA LEU Q 214 -38.36 78.79 -15.16
C LEU Q 214 -39.81 79.28 -15.20
N ARG Q 215 -40.67 78.67 -14.36
CA ARG Q 215 -42.09 79.07 -14.17
C ARG Q 215 -42.21 79.84 -12.84
N ALA Q 216 -43.38 80.45 -12.62
CA ALA Q 216 -43.68 81.34 -11.47
C ALA Q 216 -43.67 80.53 -10.16
N GLU Q 217 -44.15 79.28 -10.21
CA GLU Q 217 -44.31 78.39 -9.03
C GLU Q 217 -42.96 77.76 -8.62
N ASP Q 218 -41.85 78.26 -9.17
CA ASP Q 218 -40.47 77.83 -8.80
C ASP Q 218 -39.86 78.76 -7.74
N THR Q 219 -40.50 79.90 -7.46
CA THR Q 219 -40.00 80.89 -6.45
C THR Q 219 -40.01 80.20 -5.08
N ALA Q 220 -38.83 80.05 -4.49
CA ALA Q 220 -38.61 79.33 -3.22
C ALA Q 220 -37.17 79.57 -2.75
N VAL Q 221 -36.90 79.27 -1.47
CA VAL Q 221 -35.53 79.15 -0.91
C VAL Q 221 -35.02 77.75 -1.30
N TYR Q 222 -33.97 77.68 -2.09
CA TYR Q 222 -33.37 76.40 -2.58
C TYR Q 222 -32.24 76.00 -1.64
N TYR Q 223 -32.44 74.87 -0.94
CA TYR Q 223 -31.50 74.28 0.05
C TYR Q 223 -30.72 73.13 -0.60
N CYS Q 224 -29.42 73.13 -0.34
CA CYS Q 224 -28.43 72.09 -0.70
C CYS Q 224 -28.40 71.08 0.44
N ALA Q 225 -28.66 69.80 0.17
CA ALA Q 225 -28.86 68.75 1.20
C ALA Q 225 -27.94 67.54 0.95
N LYS Q 226 -27.04 67.28 1.89
CA LYS Q 226 -26.03 66.18 1.83
C LYS Q 226 -26.59 64.92 2.50
N GLU Q 227 -26.29 63.74 1.95
CA GLU Q 227 -26.63 62.43 2.56
C GLU Q 227 -25.39 61.87 3.26
N PRO Q 228 -25.55 60.91 4.20
CA PRO Q 228 -24.40 60.32 4.90
C PRO Q 228 -23.41 59.62 3.98
N PHE Q 229 -22.17 59.48 4.46
CA PHE Q 229 -21.05 58.85 3.73
C PHE Q 229 -21.48 57.47 3.22
N ASP Q 230 -21.08 57.14 2.01
CA ASP Q 230 -21.28 55.81 1.38
C ASP Q 230 -20.06 55.51 0.51
N SER Q 231 -19.45 54.34 0.67
CA SER Q 231 -18.22 53.94 -0.06
C SER Q 231 -18.41 54.06 -1.58
N SER Q 232 -19.65 53.92 -2.07
CA SER Q 232 -20.00 54.00 -3.52
C SER Q 232 -20.63 55.34 -3.86
N GLY Q 233 -20.94 56.17 -2.87
CA GLY Q 233 -21.73 57.41 -3.03
C GLY Q 233 -23.18 57.12 -3.40
N ASP Q 234 -23.74 56.01 -2.90
CA ASP Q 234 -25.14 55.61 -3.13
C ASP Q 234 -26.06 56.53 -2.33
N HIS Q 235 -27.34 56.58 -2.73
CA HIS Q 235 -28.45 57.26 -2.03
C HIS Q 235 -28.76 56.45 -0.77
N ARG Q 236 -29.06 57.12 0.34
CA ARG Q 236 -29.37 56.48 1.65
C ARG Q 236 -30.75 56.91 2.18
N GLY Q 237 -31.26 58.06 1.73
CA GLY Q 237 -32.64 58.50 2.00
C GLY Q 237 -32.73 59.38 3.23
N VAL Q 238 -31.62 60.00 3.62
CA VAL Q 238 -31.58 60.92 4.80
C VAL Q 238 -30.64 62.08 4.47
N PHE Q 239 -31.03 63.29 4.87
CA PHE Q 239 -30.28 64.56 4.67
C PHE Q 239 -29.64 64.95 6.01
N ASP Q 240 -28.40 64.50 6.27
CA ASP Q 240 -27.78 64.62 7.61
C ASP Q 240 -27.16 66.01 7.80
N TYR Q 241 -27.06 66.82 6.74
CA TYR Q 241 -26.51 68.20 6.81
C TYR Q 241 -26.98 69.02 5.61
N TRP Q 242 -27.34 70.29 5.87
CA TRP Q 242 -27.99 71.22 4.90
C TRP Q 242 -27.17 72.50 4.76
N GLY Q 243 -27.27 73.16 3.59
CA GLY Q 243 -26.76 74.53 3.35
C GLY Q 243 -27.75 75.57 3.85
N GLN Q 244 -27.31 76.82 3.97
CA GLN Q 244 -28.11 77.91 4.59
C GLN Q 244 -29.24 78.33 3.64
N GLY Q 245 -29.19 77.92 2.37
CA GLY Q 245 -30.26 78.16 1.38
C GLY Q 245 -30.08 79.49 0.66
N THR Q 246 -30.41 79.55 -0.63
CA THR Q 246 -30.41 80.77 -1.48
C THR Q 246 -31.79 80.88 -2.15
N LEU Q 247 -32.45 82.05 -2.09
CA LEU Q 247 -33.86 82.22 -2.54
C LEU Q 247 -33.90 82.74 -3.98
N VAL Q 248 -34.74 82.10 -4.80
CA VAL Q 248 -34.93 82.35 -6.26
C VAL Q 248 -36.33 82.92 -6.43
N THR Q 249 -36.44 84.17 -6.90
CA THR Q 249 -37.73 84.91 -7.06
C THR Q 249 -38.01 85.08 -8.56
N VAL Q 250 -39.30 85.22 -8.91
CA VAL Q 250 -39.84 85.30 -10.30
C VAL Q 250 -41.08 86.21 -10.33
N GLY R 1 -14.65 -75.09 6.16
CA GLY R 1 -13.32 -75.78 6.02
C GLY R 1 -12.29 -74.91 5.30
N SER R 2 -11.36 -75.54 4.59
CA SER R 2 -10.46 -74.86 3.61
C SER R 2 -11.27 -74.50 2.39
N TYR R 3 -10.70 -73.68 1.51
CA TYR R 3 -11.12 -73.54 0.10
C TYR R 3 -10.77 -74.86 -0.61
N VAL R 4 -11.60 -75.26 -1.57
CA VAL R 4 -11.50 -76.55 -2.31
C VAL R 4 -11.12 -76.29 -3.77
N LEU R 5 -10.07 -76.96 -4.26
CA LEU R 5 -9.68 -77.02 -5.70
C LEU R 5 -9.79 -78.47 -6.15
N THR R 6 -10.71 -78.77 -7.07
CA THR R 6 -10.90 -80.13 -7.64
C THR R 6 -10.27 -80.19 -9.04
N GLN R 7 -9.52 -81.26 -9.30
CA GLN R 7 -8.79 -81.54 -10.57
C GLN R 7 -9.16 -82.94 -11.05
N PRO R 8 -9.30 -83.17 -12.38
CA PRO R 8 -9.43 -84.53 -12.90
C PRO R 8 -8.21 -85.36 -12.51
N PRO R 9 -8.39 -86.60 -11.98
CA PRO R 9 -7.25 -87.38 -11.52
C PRO R 9 -6.19 -87.61 -12.62
N SER R 10 -6.63 -87.83 -13.86
CA SER R 10 -5.73 -88.13 -15.00
C SER R 10 -6.32 -87.61 -16.33
N VAL R 11 -5.42 -87.37 -17.29
CA VAL R 11 -5.72 -86.94 -18.69
C VAL R 11 -4.74 -87.65 -19.62
N SER R 12 -5.21 -88.18 -20.75
CA SER R 12 -4.41 -88.85 -21.81
C SER R 12 -4.48 -88.04 -23.10
N VAL R 13 -3.34 -87.89 -23.80
CA VAL R 13 -3.26 -87.20 -25.12
C VAL R 13 -2.14 -87.85 -25.96
N ALA R 14 -2.32 -87.87 -27.28
CA ALA R 14 -1.33 -88.33 -28.27
C ALA R 14 -0.30 -87.22 -28.50
N PRO R 15 0.97 -87.55 -28.83
CA PRO R 15 1.96 -86.53 -29.15
C PRO R 15 1.46 -85.64 -30.29
N GLY R 16 1.61 -84.32 -30.14
CA GLY R 16 1.15 -83.32 -31.13
C GLY R 16 -0.17 -82.70 -30.72
N LYS R 17 -1.07 -83.52 -30.19
CA LYS R 17 -2.41 -83.03 -29.79
C LYS R 17 -2.28 -82.15 -28.55
N THR R 18 -3.34 -81.44 -28.20
CA THR R 18 -3.29 -80.49 -27.05
C THR R 18 -3.93 -81.16 -25.82
N ALA R 19 -3.39 -80.89 -24.63
CA ALA R 19 -3.85 -81.41 -23.33
C ALA R 19 -4.45 -80.27 -22.50
N ARG R 20 -5.61 -80.51 -21.88
CA ARG R 20 -6.34 -79.51 -21.06
C ARG R 20 -6.54 -80.07 -19.64
N ILE R 21 -5.86 -79.48 -18.67
CA ILE R 21 -6.02 -79.80 -17.22
C ILE R 21 -6.91 -78.71 -16.62
N THR R 22 -8.09 -79.07 -16.13
CA THR R 22 -9.05 -78.13 -15.51
C THR R 22 -8.81 -78.09 -14.00
N CYS R 23 -8.99 -76.91 -13.39
CA CYS R 23 -8.91 -76.68 -11.93
C CYS R 23 -10.22 -76.03 -11.47
N GLY R 24 -11.16 -76.84 -10.99
CA GLY R 24 -12.49 -76.39 -10.53
C GLY R 24 -12.39 -75.74 -9.18
N GLY R 25 -13.03 -74.58 -9.01
CA GLY R 25 -13.07 -73.85 -7.72
C GLY R 25 -14.28 -72.94 -7.64
N ASN R 26 -14.87 -72.85 -6.46
CA ASN R 26 -16.05 -71.99 -6.16
C ASN R 26 -15.64 -70.54 -6.43
N ASN R 27 -16.01 -70.01 -7.59
CA ASN R 27 -15.70 -68.62 -8.02
C ASN R 27 -14.17 -68.42 -8.06
N ILE R 28 -13.45 -69.40 -8.62
CA ILE R 28 -11.96 -69.39 -8.71
C ILE R 28 -11.51 -68.23 -9.59
N GLY R 29 -12.40 -67.75 -10.46
CA GLY R 29 -12.10 -66.68 -11.43
C GLY R 29 -11.69 -65.38 -10.79
N SER R 30 -12.07 -65.16 -9.52
CA SER R 30 -11.75 -63.94 -8.73
C SER R 30 -10.58 -64.22 -7.78
N ARG R 31 -9.80 -65.28 -8.05
CA ARG R 31 -8.57 -65.64 -7.31
C ARG R 31 -7.44 -65.88 -8.32
N SER R 32 -6.21 -65.52 -7.96
CA SER R 32 -5.01 -65.74 -8.80
C SER R 32 -4.59 -67.21 -8.66
N VAL R 33 -4.58 -67.95 -9.77
CA VAL R 33 -4.26 -69.40 -9.85
C VAL R 33 -2.85 -69.57 -10.41
N HIS R 34 -2.02 -70.36 -9.73
CA HIS R 34 -0.64 -70.73 -10.16
C HIS R 34 -0.60 -72.23 -10.45
N TRP R 35 0.24 -72.65 -11.39
CA TRP R 35 0.35 -74.06 -11.86
C TRP R 35 1.77 -74.56 -11.67
N TYR R 36 1.91 -75.77 -11.15
CA TYR R 36 3.22 -76.45 -10.93
C TYR R 36 3.23 -77.77 -11.71
N GLN R 37 4.34 -78.01 -12.44
CA GLN R 37 4.71 -79.30 -13.05
C GLN R 37 5.56 -80.08 -12.04
N HIS R 38 5.34 -81.39 -11.90
CA HIS R 38 6.11 -82.28 -10.99
C HIS R 38 6.35 -83.63 -11.69
N LYS R 39 7.60 -83.91 -12.04
CA LYS R 39 8.05 -85.23 -12.55
C LYS R 39 8.59 -86.03 -11.38
N PRO R 40 8.31 -87.35 -11.30
CA PRO R 40 8.77 -88.17 -10.17
C PRO R 40 10.27 -88.06 -9.91
N GLY R 41 10.66 -87.80 -8.67
CA GLY R 41 12.07 -87.72 -8.22
C GLY R 41 12.64 -86.31 -8.25
N GLN R 42 12.09 -85.41 -9.08
CA GLN R 42 12.64 -84.05 -9.31
C GLN R 42 11.89 -82.99 -8.50
N ALA R 43 12.47 -81.78 -8.47
CA ALA R 43 11.90 -80.56 -7.85
C ALA R 43 10.75 -80.06 -8.73
N PRO R 44 9.56 -79.79 -8.14
CA PRO R 44 8.49 -79.15 -8.89
C PRO R 44 8.95 -77.81 -9.48
N VAL R 45 8.55 -77.51 -10.71
CA VAL R 45 8.79 -76.19 -11.36
C VAL R 45 7.44 -75.49 -11.53
N MET R 46 7.42 -74.18 -11.32
CA MET R 46 6.25 -73.31 -11.61
C MET R 46 6.22 -73.05 -13.11
N ILE R 47 5.10 -73.33 -13.77
CA ILE R 47 4.96 -73.19 -15.25
C ILE R 47 4.07 -72.00 -15.58
N ILE R 48 3.06 -71.72 -14.75
CA ILE R 48 2.17 -70.54 -14.87
C ILE R 48 2.04 -69.87 -13.50
N SER R 49 2.17 -68.56 -13.45
CA SER R 49 1.85 -67.72 -12.26
C SER R 49 0.76 -66.71 -12.64
N TYR R 50 -0.10 -66.35 -11.69
CA TYR R 50 -1.13 -65.30 -11.84
C TYR R 50 -1.92 -65.57 -13.12
N ASP R 51 -2.49 -66.78 -13.20
CA ASP R 51 -3.53 -67.22 -14.17
C ASP R 51 -2.92 -67.66 -15.51
N MET R 52 -2.00 -66.87 -16.08
CA MET R 52 -1.58 -67.02 -17.50
C MET R 52 -0.16 -66.51 -17.77
N ASN R 53 0.67 -66.23 -16.76
CA ASN R 53 2.02 -65.66 -16.98
C ASN R 53 3.07 -66.78 -16.91
N ARG R 54 3.94 -66.83 -17.94
CA ARG R 54 4.98 -67.87 -18.09
C ARG R 54 6.33 -67.34 -17.61
N PRO R 55 6.98 -68.02 -16.63
CA PRO R 55 8.36 -67.67 -16.25
C PRO R 55 9.38 -67.87 -17.38
N SER R 56 10.52 -67.19 -17.33
CA SER R 56 11.67 -67.44 -18.24
C SER R 56 11.92 -68.96 -18.25
N GLY R 57 11.94 -69.58 -19.43
CA GLY R 57 12.22 -71.02 -19.59
C GLY R 57 11.03 -71.77 -20.14
N ILE R 58 9.83 -71.53 -19.62
CA ILE R 58 8.60 -72.28 -20.02
C ILE R 58 8.19 -71.83 -21.42
N PRO R 59 7.98 -72.77 -22.37
CA PRO R 59 7.68 -72.40 -23.76
C PRO R 59 6.25 -71.91 -24.00
N GLU R 60 6.03 -71.27 -25.15
CA GLU R 60 4.76 -70.62 -25.57
C GLU R 60 3.64 -71.67 -25.65
N ARG R 61 3.99 -72.92 -25.94
CA ARG R 61 3.06 -74.09 -25.96
C ARG R 61 2.17 -74.09 -24.70
N VAL R 62 2.80 -73.93 -23.54
CA VAL R 62 2.13 -73.91 -22.21
C VAL R 62 1.38 -72.59 -22.07
N SER R 63 0.14 -72.65 -21.58
CA SER R 63 -0.87 -71.57 -21.67
C SER R 63 -1.83 -71.72 -20.48
N GLY R 64 -2.25 -70.59 -19.90
CA GLY R 64 -3.16 -70.57 -18.74
C GLY R 64 -4.34 -69.66 -18.96
N SER R 65 -5.50 -70.04 -18.42
CA SER R 65 -6.71 -69.17 -18.31
C SER R 65 -7.39 -69.44 -16.97
N ASN R 66 -8.38 -68.61 -16.64
CA ASN R 66 -9.13 -68.61 -15.36
C ASN R 66 -10.28 -67.63 -15.52
N TYR R 67 -11.53 -68.11 -15.58
CA TYR R 67 -12.71 -67.23 -15.77
C TYR R 67 -13.83 -67.56 -14.77
N GLY R 68 -14.47 -68.72 -14.91
CA GLY R 68 -15.75 -68.97 -14.23
C GLY R 68 -15.54 -69.57 -12.86
N ASN R 69 -16.03 -70.80 -12.70
CA ASN R 69 -15.76 -71.71 -11.56
C ASN R 69 -14.72 -72.73 -12.01
N THR R 70 -13.87 -72.36 -12.98
CA THR R 70 -12.91 -73.28 -13.63
C THR R 70 -11.76 -72.47 -14.25
N ALA R 71 -10.52 -72.85 -13.89
CA ALA R 71 -9.25 -72.40 -14.48
C ALA R 71 -8.65 -73.55 -15.28
N THR R 72 -7.91 -73.26 -16.36
CA THR R 72 -7.50 -74.26 -17.38
C THR R 72 -6.04 -74.08 -17.78
N LEU R 73 -5.21 -75.08 -17.48
CA LEU R 73 -3.84 -75.25 -18.05
C LEU R 73 -3.96 -75.94 -19.41
N THR R 74 -3.23 -75.45 -20.42
CA THR R 74 -3.28 -75.95 -21.81
C THR R 74 -1.85 -76.14 -22.33
N ILE R 75 -1.37 -77.38 -22.43
CA ILE R 75 -0.14 -77.77 -23.17
C ILE R 75 -0.58 -78.18 -24.58
N SER R 76 -0.03 -77.55 -25.62
CA SER R 76 -0.64 -77.54 -26.98
C SER R 76 0.01 -78.58 -27.92
N ARG R 77 1.34 -78.49 -28.11
CA ARG R 77 2.09 -79.45 -28.96
C ARG R 77 2.78 -80.36 -27.97
N VAL R 78 2.12 -81.43 -27.58
CA VAL R 78 2.55 -82.29 -26.43
C VAL R 78 3.70 -83.19 -26.89
N GLU R 79 4.70 -83.33 -26.01
CA GLU R 79 5.93 -84.14 -26.22
C GLU R 79 6.01 -85.17 -25.08
N ALA R 80 6.79 -86.23 -25.28
CA ALA R 80 7.10 -87.26 -24.26
C ALA R 80 7.49 -86.57 -22.95
N GLY R 81 8.29 -85.49 -23.04
CA GLY R 81 8.78 -84.71 -21.88
C GLY R 81 7.67 -84.13 -21.02
N ASP R 82 6.49 -83.85 -21.60
CA ASP R 82 5.36 -83.17 -20.91
C ASP R 82 4.66 -84.13 -19.94
N GLU R 83 4.95 -85.43 -20.02
CA GLU R 83 4.39 -86.47 -19.09
C GLU R 83 4.85 -86.15 -17.67
N ALA R 84 3.90 -85.81 -16.79
CA ALA R 84 4.16 -85.36 -15.40
C ALA R 84 2.83 -85.14 -14.66
N ASP R 85 2.91 -84.83 -13.37
CA ASP R 85 1.77 -84.41 -12.52
C ASP R 85 1.68 -82.88 -12.54
N TYR R 86 0.47 -82.34 -12.75
CA TYR R 86 0.19 -80.88 -12.82
C TYR R 86 -0.79 -80.52 -11.69
N TYR R 87 -0.38 -79.57 -10.85
CA TYR R 87 -1.18 -79.04 -9.71
C TYR R 87 -1.47 -77.55 -9.94
N CYS R 88 -2.74 -77.15 -9.75
CA CYS R 88 -3.15 -75.73 -9.58
C CYS R 88 -3.11 -75.39 -8.09
N GLN R 89 -2.91 -74.10 -7.77
CA GLN R 89 -2.71 -73.60 -6.38
C GLN R 89 -3.25 -72.17 -6.29
N VAL R 90 -3.93 -71.86 -5.19
CA VAL R 90 -4.39 -70.48 -4.87
C VAL R 90 -3.86 -70.09 -3.49
N TRP R 91 -3.96 -68.80 -3.18
CA TRP R 91 -3.51 -68.18 -1.91
C TRP R 91 -4.69 -67.42 -1.30
N ASP R 92 -4.99 -67.70 -0.04
CA ASP R 92 -6.02 -66.96 0.74
C ASP R 92 -5.34 -66.39 2.00
N SER R 93 -4.56 -65.33 1.81
CA SER R 93 -4.08 -64.45 2.92
C SER R 93 -5.21 -64.35 3.93
N ARG R 94 -4.92 -64.40 5.22
CA ARG R 94 -5.95 -64.25 6.29
C ARG R 94 -7.08 -65.29 6.07
N SER R 95 -6.73 -66.58 6.23
CA SER R 95 -7.65 -67.72 6.42
C SER R 95 -6.88 -68.86 7.10
N ASP R 96 -7.59 -69.81 7.69
CA ASP R 96 -7.00 -70.91 8.51
C ASP R 96 -6.19 -71.86 7.62
N HIS R 97 -6.44 -71.85 6.30
CA HIS R 97 -5.70 -72.64 5.27
C HIS R 97 -5.25 -71.70 4.14
N PRO R 98 -4.10 -71.03 4.29
CA PRO R 98 -3.73 -69.94 3.40
C PRO R 98 -3.26 -70.39 2.01
N TYR R 99 -2.45 -71.46 1.95
CA TYR R 99 -1.96 -72.06 0.68
C TYR R 99 -2.74 -73.34 0.41
N VAL R 100 -3.52 -73.37 -0.67
CA VAL R 100 -4.41 -74.49 -1.07
C VAL R 100 -3.95 -75.01 -2.42
N PHE R 101 -3.74 -76.32 -2.52
CA PHE R 101 -3.32 -77.06 -3.75
C PHE R 101 -4.52 -77.84 -4.30
N GLY R 102 -4.55 -78.05 -5.60
CA GLY R 102 -5.45 -79.02 -6.25
C GLY R 102 -5.06 -80.45 -5.88
N THR R 103 -5.96 -81.40 -6.15
CA THR R 103 -5.77 -82.85 -5.88
C THR R 103 -4.67 -83.41 -6.80
N GLY R 104 -4.44 -82.76 -7.95
CA GLY R 104 -3.40 -83.11 -8.92
C GLY R 104 -3.98 -83.83 -10.13
N THR R 105 -3.43 -83.56 -11.32
CA THR R 105 -3.77 -84.24 -12.60
C THR R 105 -2.49 -84.87 -13.19
N ARG R 106 -2.46 -86.20 -13.33
CA ARG R 106 -1.37 -86.92 -14.02
C ARG R 106 -1.66 -86.92 -15.53
N VAL R 107 -0.78 -86.34 -16.34
CA VAL R 107 -0.84 -86.37 -17.82
C VAL R 107 0.05 -87.51 -18.31
N THR R 108 -0.48 -88.38 -19.18
CA THR R 108 0.26 -89.48 -19.87
C THR R 108 0.16 -89.28 -21.39
N VAL R 109 1.24 -89.60 -22.10
CA VAL R 109 1.38 -89.42 -23.57
C VAL R 109 1.47 -90.82 -24.19
N LEU R 110 0.47 -91.19 -25.01
CA LEU R 110 0.12 -92.61 -25.30
C LEU R 110 0.60 -93.00 -26.70
N GLY R 111 1.70 -92.38 -27.16
CA GLY R 111 2.41 -92.75 -28.40
C GLY R 111 3.40 -93.87 -28.17
N SER R 112 4.45 -93.58 -27.39
CA SER R 112 5.67 -94.43 -27.22
C SER R 112 6.63 -93.75 -26.25
N THR R 113 6.20 -93.58 -24.99
CA THR R 113 7.01 -93.09 -23.83
C THR R 113 8.30 -93.92 -23.73
N GLY R 128 20.14 -71.38 -12.86
CA GLY R 128 21.06 -71.85 -11.82
C GLY R 128 21.77 -70.72 -11.09
N GLU R 129 21.06 -69.63 -10.77
CA GLU R 129 21.50 -68.54 -9.86
C GLU R 129 21.08 -68.91 -8.43
N VAL R 130 19.80 -69.23 -8.25
CA VAL R 130 19.18 -69.72 -6.99
C VAL R 130 19.34 -71.24 -6.87
N GLN R 131 19.79 -71.72 -5.71
CA GLN R 131 19.85 -73.17 -5.37
C GLN R 131 19.14 -73.35 -4.02
N LEU R 132 18.40 -74.47 -3.86
CA LEU R 132 17.84 -74.91 -2.56
C LEU R 132 18.24 -76.37 -2.32
N VAL R 133 19.21 -76.61 -1.42
CA VAL R 133 19.75 -77.95 -1.06
C VAL R 133 19.13 -78.37 0.27
N GLU R 134 18.54 -79.57 0.32
CA GLU R 134 17.78 -80.07 1.51
C GLU R 134 18.60 -81.14 2.25
N SER R 135 18.42 -81.22 3.58
CA SER R 135 19.06 -82.20 4.48
C SER R 135 18.06 -82.65 5.56
N GLY R 136 18.38 -83.73 6.25
CA GLY R 136 17.69 -84.09 7.51
C GLY R 136 16.79 -85.29 7.39
N GLY R 137 16.29 -85.60 6.19
CA GLY R 137 15.35 -86.73 6.02
C GLY R 137 15.90 -88.07 6.49
N GLY R 138 15.08 -89.12 6.51
CA GLY R 138 15.50 -90.51 6.77
C GLY R 138 14.44 -91.31 7.50
N LEU R 139 14.85 -92.41 8.14
CA LEU R 139 13.99 -93.29 8.98
C LEU R 139 13.90 -92.75 10.40
N VAL R 140 12.70 -92.73 10.98
CA VAL R 140 12.47 -92.37 12.41
C VAL R 140 11.18 -93.02 12.90
N LYS R 141 11.16 -93.42 14.17
CA LYS R 141 10.08 -94.24 14.81
C LYS R 141 8.92 -93.34 15.23
N PRO R 142 7.66 -93.87 15.26
CA PRO R 142 6.51 -93.10 15.75
C PRO R 142 6.78 -92.48 17.13
N GLY R 143 6.46 -91.20 17.31
CA GLY R 143 6.66 -90.44 18.55
C GLY R 143 8.02 -89.79 18.63
N GLY R 144 8.86 -89.97 17.60
CA GLY R 144 10.26 -89.47 17.56
C GLY R 144 10.34 -88.09 16.96
N SER R 145 11.57 -87.56 16.80
CA SER R 145 11.88 -86.19 16.31
C SER R 145 12.77 -86.26 15.07
N LEU R 146 12.81 -85.17 14.30
CA LEU R 146 13.65 -85.01 13.08
C LEU R 146 13.70 -83.55 12.69
N ARG R 147 14.86 -83.08 12.21
CA ARG R 147 15.13 -81.65 11.86
C ARG R 147 15.49 -81.64 10.38
N LEU R 148 14.58 -81.14 9.57
CA LEU R 148 14.84 -80.83 8.14
C LEU R 148 15.52 -79.47 8.09
N SER R 149 16.46 -79.30 7.18
CA SER R 149 17.09 -77.99 6.85
C SER R 149 17.10 -77.83 5.33
N CYS R 150 17.07 -76.59 4.87
CA CYS R 150 17.13 -76.20 3.44
C CYS R 150 18.08 -75.02 3.27
N ALA R 151 19.26 -75.26 2.70
CA ALA R 151 20.35 -74.27 2.56
C ALA R 151 20.19 -73.57 1.21
N ALA R 152 19.72 -72.32 1.25
CA ALA R 152 19.61 -71.42 0.08
C ALA R 152 20.98 -70.80 -0.22
N SER R 153 21.26 -70.56 -1.49
CA SER R 153 22.45 -69.80 -1.97
C SER R 153 22.07 -69.02 -3.24
N GLY R 154 22.69 -67.85 -3.41
CA GLY R 154 22.46 -66.95 -4.55
C GLY R 154 21.39 -65.91 -4.27
N ILE R 155 20.82 -65.87 -3.07
CA ILE R 155 19.74 -64.91 -2.68
C ILE R 155 20.01 -64.36 -1.28
N THR R 156 19.65 -63.10 -1.06
CA THR R 156 19.62 -62.41 0.26
C THR R 156 18.38 -62.90 1.00
N PHE R 157 18.56 -63.85 1.90
CA PHE R 157 17.49 -64.78 2.36
C PHE R 157 16.35 -64.00 3.03
N GLN R 158 16.65 -62.91 3.72
CA GLN R 158 15.67 -62.20 4.57
C GLN R 158 14.54 -61.56 3.75
N TYR R 159 14.67 -61.49 2.42
CA TYR R 159 13.69 -60.83 1.52
C TYR R 159 12.74 -61.85 0.88
N TYR R 160 12.76 -63.10 1.35
CA TYR R 160 11.99 -64.22 0.75
C TYR R 160 11.22 -64.97 1.84
N ALA R 161 9.90 -64.96 1.77
CA ALA R 161 9.03 -65.90 2.52
C ALA R 161 9.34 -67.33 2.06
N MET R 162 9.43 -68.27 2.99
CA MET R 162 9.84 -69.67 2.72
C MET R 162 8.79 -70.63 3.26
N ASN R 163 8.67 -71.81 2.66
CA ASN R 163 7.58 -72.78 2.93
C ASN R 163 8.11 -74.21 2.92
N TRP R 164 7.46 -75.09 3.67
CA TRP R 164 7.60 -76.56 3.58
C TRP R 164 6.33 -77.15 2.96
N VAL R 165 6.46 -77.89 1.87
CA VAL R 165 5.36 -78.64 1.20
C VAL R 165 5.78 -80.11 1.21
N ARG R 166 4.83 -81.04 1.37
CA ARG R 166 5.13 -82.49 1.40
C ARG R 166 4.23 -83.26 0.42
N GLN R 167 4.67 -84.44 0.01
CA GLN R 167 3.91 -85.38 -0.87
C GLN R 167 4.01 -86.79 -0.27
N ALA R 168 2.94 -87.25 0.38
CA ALA R 168 2.81 -88.61 0.97
C ALA R 168 2.75 -89.61 -0.17
N PRO R 169 3.31 -90.83 0.01
CA PRO R 169 3.24 -91.86 -1.04
C PRO R 169 1.78 -92.03 -1.50
N GLY R 170 1.52 -91.81 -2.79
CA GLY R 170 0.19 -91.94 -3.41
C GLY R 170 -0.52 -90.60 -3.54
N LYS R 171 -0.62 -89.84 -2.44
CA LYS R 171 -1.35 -88.54 -2.38
C LYS R 171 -0.60 -87.45 -3.19
N GLY R 172 -1.22 -86.28 -3.33
CA GLY R 172 -0.67 -85.13 -4.07
C GLY R 172 0.15 -84.20 -3.17
N LEU R 173 0.39 -82.97 -3.62
CA LEU R 173 1.14 -81.94 -2.85
C LEU R 173 0.23 -81.39 -1.75
N GLU R 174 0.73 -81.30 -0.53
CA GLU R 174 0.04 -80.69 0.62
C GLU R 174 1.00 -79.65 1.22
N TRP R 175 0.57 -78.39 1.32
CA TRP R 175 1.32 -77.31 2.03
C TRP R 175 1.37 -77.68 3.52
N VAL R 176 2.52 -77.47 4.16
CA VAL R 176 2.79 -77.90 5.57
C VAL R 176 2.90 -76.64 6.45
N SER R 177 3.79 -75.72 6.09
CA SER R 177 4.17 -74.55 6.93
C SER R 177 4.80 -73.44 6.08
N SER R 178 4.58 -72.19 6.52
CA SER R 178 5.09 -70.94 5.88
C SER R 178 5.72 -70.05 6.95
N ILE R 179 6.79 -69.33 6.59
CA ILE R 179 7.44 -68.35 7.49
C ILE R 179 7.77 -67.10 6.66
N GLY R 180 7.71 -65.92 7.27
CA GLY R 180 8.10 -64.66 6.65
C GLY R 180 9.60 -64.54 6.49
N GLY R 181 10.06 -63.49 5.82
CA GLY R 181 11.49 -63.22 5.56
C GLY R 181 12.23 -62.90 6.85
N ARG R 182 11.57 -62.18 7.76
CA ARG R 182 12.19 -61.72 9.03
C ARG R 182 11.87 -62.72 10.15
N GLY R 183 11.14 -63.81 9.82
CA GLY R 183 10.71 -64.83 10.79
C GLY R 183 9.52 -64.38 11.61
N ASP R 184 8.92 -63.23 11.28
CA ASP R 184 7.77 -62.60 11.99
C ASP R 184 6.55 -63.53 11.94
N THR R 185 6.11 -63.86 10.73
CA THR R 185 4.86 -64.58 10.44
C THR R 185 5.18 -66.08 10.41
N THR R 186 4.39 -66.92 11.10
CA THR R 186 4.47 -68.41 11.04
C THR R 186 3.05 -68.95 10.90
N TYR R 187 2.83 -69.88 9.96
CA TYR R 187 1.53 -70.56 9.72
C TYR R 187 1.82 -72.05 9.52
N TYR R 188 0.89 -72.90 9.96
CA TYR R 188 0.97 -74.38 9.87
C TYR R 188 -0.37 -74.94 9.38
N THR R 189 -0.38 -76.11 8.73
CA THR R 189 -1.60 -76.92 8.47
C THR R 189 -2.17 -77.37 9.82
N ASP R 190 -3.47 -77.56 9.90
CA ASP R 190 -4.17 -77.95 11.16
C ASP R 190 -3.59 -79.27 11.68
N SER R 191 -3.08 -80.14 10.81
CA SER R 191 -2.65 -81.52 11.13
C SER R 191 -1.22 -81.55 11.71
N VAL R 192 -0.58 -80.41 11.97
CA VAL R 192 0.81 -80.38 12.52
C VAL R 192 0.98 -79.25 13.55
N LYS R 193 -0.11 -78.62 14.00
CA LYS R 193 -0.08 -77.34 14.78
C LYS R 193 0.92 -77.41 15.92
N GLY R 194 0.68 -78.28 16.90
CA GLY R 194 1.46 -78.29 18.15
C GLY R 194 2.77 -79.03 18.03
N ARG R 195 3.05 -79.67 16.90
CA ARG R 195 4.13 -80.69 16.75
C ARG R 195 5.29 -80.14 15.93
N PHE R 196 5.00 -79.52 14.78
CA PHE R 196 5.99 -78.96 13.84
C PHE R 196 6.26 -77.49 14.18
N THR R 197 7.54 -77.08 14.11
CA THR R 197 8.00 -75.67 14.28
C THR R 197 8.88 -75.29 13.10
N ILE R 198 8.55 -74.17 12.43
CA ILE R 198 9.33 -73.59 11.30
C ILE R 198 10.16 -72.42 11.84
N SER R 199 11.37 -72.22 11.30
CA SER R 199 12.35 -71.20 11.77
C SER R 199 13.39 -70.93 10.67
N ARG R 200 14.17 -69.86 10.84
CA ARG R 200 15.16 -69.37 9.85
C ARG R 200 16.44 -68.93 10.55
N ASP R 201 17.56 -69.00 9.84
CA ASP R 201 18.82 -68.32 10.19
C ASP R 201 19.26 -67.56 8.94
N ASN R 202 18.83 -66.30 8.82
CA ASN R 202 19.05 -65.47 7.61
C ASN R 202 20.56 -65.31 7.34
N SER R 203 21.38 -65.19 8.39
CA SER R 203 22.86 -65.07 8.27
C SER R 203 23.41 -66.36 7.66
N LYS R 204 23.07 -67.54 8.22
CA LYS R 204 23.52 -68.87 7.70
C LYS R 204 22.72 -69.20 6.42
N SER R 205 21.66 -68.45 6.16
CA SER R 205 20.91 -68.44 4.86
C SER R 205 20.12 -69.76 4.67
N THR R 206 19.69 -70.41 5.76
CA THR R 206 19.00 -71.72 5.75
C THR R 206 17.63 -71.62 6.42
N LEU R 207 16.70 -72.49 5.98
CA LEU R 207 15.34 -72.70 6.54
C LEU R 207 15.30 -74.02 7.31
N TYR R 208 14.62 -74.07 8.45
CA TYR R 208 14.53 -75.26 9.33
C TYR R 208 13.07 -75.67 9.52
N LEU R 209 12.82 -76.98 9.60
CA LEU R 209 11.54 -77.54 10.11
C LEU R 209 11.89 -78.53 11.22
N GLN R 210 11.58 -78.17 12.46
CA GLN R 210 11.71 -79.04 13.64
C GLN R 210 10.41 -79.87 13.74
N MET R 211 10.44 -81.10 13.25
CA MET R 211 9.31 -82.06 13.32
C MET R 211 9.55 -83.00 14.49
N ASN R 212 8.81 -82.83 15.60
CA ASN R 212 8.84 -83.79 16.74
C ASN R 212 7.42 -84.28 16.99
N SER R 213 7.27 -85.31 17.84
CA SER R 213 6.00 -86.02 18.12
C SER R 213 5.41 -86.51 16.79
N LEU R 214 6.23 -87.21 15.99
CA LEU R 214 5.92 -87.63 14.59
C LEU R 214 4.89 -88.77 14.60
N ARG R 215 3.88 -88.66 13.75
CA ARG R 215 2.84 -89.70 13.51
C ARG R 215 3.14 -90.41 12.18
N ALA R 216 2.46 -91.52 11.92
CA ALA R 216 2.68 -92.42 10.76
C ALA R 216 2.30 -91.72 9.46
N GLU R 217 1.28 -90.87 9.49
CA GLU R 217 0.73 -90.16 8.29
C GLU R 217 1.57 -88.93 7.95
N ASP R 218 2.79 -88.81 8.51
CA ASP R 218 3.77 -87.74 8.18
C ASP R 218 4.78 -88.23 7.14
N THR R 219 4.80 -89.53 6.82
CA THR R 219 5.76 -90.11 5.85
C THR R 219 5.44 -89.50 4.48
N ALA R 220 6.40 -88.78 3.91
CA ALA R 220 6.26 -88.02 2.66
C ALA R 220 7.63 -87.50 2.22
N VAL R 221 7.75 -87.10 0.96
CA VAL R 221 8.89 -86.29 0.44
C VAL R 221 8.60 -84.83 0.85
N TYR R 222 9.47 -84.24 1.68
CA TYR R 222 9.34 -82.86 2.18
C TYR R 222 10.13 -81.93 1.25
N TYR R 223 9.41 -81.03 0.58
CA TYR R 223 9.95 -80.04 -0.38
C TYR R 223 10.04 -78.68 0.29
N CYS R 224 11.16 -78.01 0.05
CA CYS R 224 11.50 -76.63 0.45
C CYS R 224 11.03 -75.72 -0.69
N ALA R 225 10.16 -74.74 -0.41
CA ALA R 225 9.49 -73.89 -1.44
C ALA R 225 9.70 -72.40 -1.14
N LYS R 226 10.35 -71.71 -2.07
CA LYS R 226 10.66 -70.25 -2.00
C LYS R 226 9.55 -69.45 -2.69
N GLU R 227 9.20 -68.27 -2.13
CA GLU R 227 8.28 -67.29 -2.74
C GLU R 227 9.09 -66.18 -3.41
N PRO R 228 8.51 -65.42 -4.37
CA PRO R 228 9.21 -64.33 -5.04
C PRO R 228 9.71 -63.24 -4.08
N PHE R 229 10.71 -62.47 -4.53
CA PHE R 229 11.34 -61.38 -3.75
C PHE R 229 10.27 -60.41 -3.25
N ASP R 230 10.43 -59.94 -2.01
CA ASP R 230 9.57 -58.90 -1.40
C ASP R 230 10.43 -58.04 -0.48
N SER R 231 10.37 -56.72 -0.63
CA SER R 231 11.22 -55.77 0.13
C SER R 231 11.08 -56.00 1.64
N SER R 232 9.94 -56.52 2.11
CA SER R 232 9.64 -56.78 3.54
C SER R 232 9.77 -58.27 3.87
N GLY R 233 9.94 -59.11 2.85
CA GLY R 233 9.88 -60.58 2.99
C GLY R 233 8.47 -61.04 3.33
N ASP R 234 7.45 -60.36 2.80
CA ASP R 234 6.03 -60.72 3.01
C ASP R 234 5.70 -61.97 2.18
N HIS R 235 4.61 -62.64 2.55
CA HIS R 235 4.00 -63.78 1.82
C HIS R 235 3.33 -63.24 0.55
N ARG R 236 3.46 -63.97 -0.56
CA ARG R 236 2.91 -63.52 -1.87
C ARG R 236 1.94 -64.57 -2.44
N GLY R 237 2.07 -65.83 -2.01
CA GLY R 237 1.11 -66.90 -2.31
C GLY R 237 1.49 -67.69 -3.54
N VAL R 238 2.77 -67.66 -3.93
CA VAL R 238 3.27 -68.44 -5.10
C VAL R 238 4.66 -68.98 -4.74
N PHE R 239 4.95 -70.21 -5.16
CA PHE R 239 6.23 -70.93 -4.95
C PHE R 239 7.03 -70.93 -6.25
N ASP R 240 7.86 -69.92 -6.49
CA ASP R 240 8.49 -69.68 -7.81
C ASP R 240 9.73 -70.57 -7.99
N TYR R 241 10.19 -71.24 -6.93
CA TYR R 241 11.34 -72.17 -6.99
C TYR R 241 11.32 -73.15 -5.82
N TRP R 242 11.69 -74.41 -6.07
CA TRP R 242 11.56 -75.56 -5.14
C TRP R 242 12.91 -76.28 -4.98
N GLY R 243 13.13 -76.88 -3.81
CA GLY R 243 14.25 -77.80 -3.56
C GLY R 243 13.93 -79.20 -4.06
N GLN R 244 14.94 -80.07 -4.21
CA GLN R 244 14.79 -81.40 -4.86
C GLN R 244 13.97 -82.36 -3.98
N GLY R 245 13.75 -82.01 -2.69
CA GLY R 245 12.90 -82.76 -1.74
C GLY R 245 13.69 -83.80 -0.97
N THR R 246 13.16 -84.24 0.18
CA THR R 246 13.79 -85.20 1.12
C THR R 246 12.68 -86.09 1.71
N LEU R 247 12.81 -87.42 1.61
CA LEU R 247 11.80 -88.40 2.05
C LEU R 247 11.97 -88.73 3.55
N VAL R 248 10.88 -88.57 4.32
CA VAL R 248 10.77 -89.02 5.73
C VAL R 248 9.83 -90.22 5.75
N THR R 249 10.25 -91.31 6.40
CA THR R 249 9.47 -92.56 6.61
C THR R 249 9.33 -92.83 8.11
N VAL R 250 8.31 -93.60 8.51
CA VAL R 250 7.94 -93.89 9.93
C VAL R 250 7.42 -95.32 10.07
N GLY S 1 59.39 -7.33 -45.51
CA GLY S 1 59.68 -8.45 -46.47
C GLY S 1 58.42 -9.15 -46.93
N SER S 2 58.51 -9.95 -48.00
CA SER S 2 57.41 -10.77 -48.58
C SER S 2 57.45 -12.18 -47.95
N TYR S 3 56.29 -12.77 -47.66
CA TYR S 3 56.17 -14.18 -47.23
C TYR S 3 56.58 -15.10 -48.39
N VAL S 4 57.24 -16.21 -48.11
CA VAL S 4 57.85 -17.13 -49.12
C VAL S 4 57.10 -18.46 -49.12
N LEU S 5 56.65 -18.90 -50.31
CA LEU S 5 56.11 -20.27 -50.55
C LEU S 5 57.04 -20.98 -51.54
N THR S 6 57.69 -22.05 -51.10
CA THR S 6 58.59 -22.87 -51.96
C THR S 6 57.84 -24.14 -52.38
N GLN S 7 57.94 -24.49 -53.66
CA GLN S 7 57.33 -25.70 -54.29
C GLN S 7 58.40 -26.46 -55.08
N PRO S 8 58.38 -27.82 -55.08
CA PRO S 8 59.22 -28.59 -55.99
C PRO S 8 58.93 -28.17 -57.43
N PRO S 9 59.97 -27.90 -58.26
CA PRO S 9 59.75 -27.42 -59.63
C PRO S 9 58.90 -28.40 -60.46
N SER S 10 59.08 -29.71 -60.29
CA SER S 10 58.35 -30.76 -61.04
C SER S 10 58.19 -32.04 -60.22
N VAL S 11 57.19 -32.85 -60.61
CA VAL S 11 56.83 -34.18 -60.01
C VAL S 11 56.38 -35.08 -61.16
N SER S 12 56.80 -36.34 -61.17
CA SER S 12 56.41 -37.37 -62.17
C SER S 12 55.65 -38.50 -61.46
N VAL S 13 54.58 -39.00 -62.07
CA VAL S 13 53.80 -40.16 -61.57
C VAL S 13 53.22 -40.93 -62.76
N ALA S 14 53.08 -42.25 -62.60
CA ALA S 14 52.43 -43.18 -63.57
C ALA S 14 50.92 -43.07 -63.41
N PRO S 15 50.12 -43.30 -64.49
CA PRO S 15 48.66 -43.31 -64.37
C PRO S 15 48.21 -44.33 -63.33
N GLY S 16 47.28 -43.95 -62.45
CA GLY S 16 46.76 -44.80 -61.36
C GLY S 16 47.42 -44.49 -60.03
N LYS S 17 48.75 -44.36 -60.00
CA LYS S 17 49.55 -43.98 -58.79
C LYS S 17 49.13 -42.58 -58.33
N THR S 18 49.46 -42.20 -57.09
CA THR S 18 49.07 -40.89 -56.47
C THR S 18 50.24 -39.89 -56.61
N ALA S 19 49.93 -38.62 -56.84
CA ALA S 19 50.90 -37.50 -56.97
C ALA S 19 50.78 -36.58 -55.74
N ARG S 20 51.93 -36.17 -55.18
CA ARG S 20 52.01 -35.28 -53.98
C ARG S 20 52.82 -34.03 -54.33
N ILE S 21 52.15 -32.87 -54.38
CA ILE S 21 52.76 -31.52 -54.56
C ILE S 21 52.83 -30.85 -53.18
N THR S 22 54.03 -30.60 -52.68
CA THR S 22 54.28 -29.95 -51.36
C THR S 22 54.40 -28.44 -51.56
N CYS S 23 53.90 -27.67 -50.59
CA CYS S 23 53.98 -26.19 -50.52
C CYS S 23 54.61 -25.78 -49.20
N GLY S 24 55.93 -25.60 -49.20
CA GLY S 24 56.71 -25.24 -48.00
C GLY S 24 56.50 -23.79 -47.65
N GLY S 25 56.29 -23.50 -46.36
CA GLY S 25 56.11 -22.13 -45.85
C GLY S 25 56.42 -22.05 -44.36
N ASN S 26 57.05 -20.96 -43.94
CA ASN S 26 57.41 -20.69 -42.53
C ASN S 26 56.12 -20.63 -41.70
N ASN S 27 55.81 -21.73 -41.02
CA ASN S 27 54.60 -21.87 -40.17
C ASN S 27 53.34 -21.68 -41.04
N ILE S 28 53.33 -22.28 -42.23
CA ILE S 28 52.22 -22.18 -43.22
C ILE S 28 50.94 -22.76 -42.63
N GLY S 29 51.08 -23.65 -41.63
CA GLY S 29 49.97 -24.38 -40.99
C GLY S 29 48.98 -23.48 -40.28
N SER S 30 49.38 -22.24 -39.96
CA SER S 30 48.53 -21.22 -39.30
C SER S 30 48.04 -20.19 -40.31
N ARG S 31 48.09 -20.53 -41.61
CA ARG S 31 47.58 -19.71 -42.74
C ARG S 31 46.71 -20.59 -43.64
N SER S 32 45.65 -20.01 -44.20
CA SER S 32 44.73 -20.71 -45.14
C SER S 32 45.42 -20.78 -46.50
N VAL S 33 45.65 -21.99 -47.01
CA VAL S 33 46.32 -22.28 -48.31
C VAL S 33 45.25 -22.67 -49.34
N HIS S 34 45.30 -22.05 -50.51
CA HIS S 34 44.43 -22.34 -51.69
C HIS S 34 45.30 -22.86 -52.84
N TRP S 35 44.76 -23.76 -53.65
CA TRP S 35 45.48 -24.46 -54.75
C TRP S 35 44.79 -24.17 -56.10
N TYR S 36 45.59 -23.86 -57.11
CA TYR S 36 45.15 -23.59 -58.50
C TYR S 36 45.80 -24.57 -59.48
N GLN S 37 45.00 -25.18 -60.35
CA GLN S 37 45.45 -25.96 -61.53
C GLN S 37 45.54 -24.99 -62.72
N HIS S 38 46.57 -25.13 -63.55
CA HIS S 38 46.78 -24.29 -64.76
C HIS S 38 47.31 -25.18 -65.90
N LYS S 39 46.49 -25.41 -66.93
CA LYS S 39 46.90 -26.07 -68.19
C LYS S 39 47.27 -25.00 -69.21
N PRO S 40 48.35 -25.20 -70.00
CA PRO S 40 48.79 -24.18 -70.97
C PRO S 40 47.66 -23.70 -71.89
N GLY S 41 47.47 -22.38 -72.00
CA GLY S 41 46.50 -21.74 -72.91
C GLY S 41 45.16 -21.43 -72.24
N GLN S 42 44.82 -22.15 -71.16
CA GLN S 42 43.48 -22.09 -70.52
C GLN S 42 43.52 -21.23 -69.24
N ALA S 43 42.32 -20.88 -68.75
CA ALA S 43 42.08 -20.15 -67.49
C ALA S 43 42.41 -21.06 -66.32
N PRO S 44 43.23 -20.60 -65.34
CA PRO S 44 43.44 -21.35 -64.10
C PRO S 44 42.12 -21.61 -63.36
N VAL S 45 41.94 -22.83 -62.84
CA VAL S 45 40.77 -23.22 -61.99
C VAL S 45 41.28 -23.43 -60.56
N MET S 46 40.50 -22.99 -59.58
CA MET S 46 40.75 -23.28 -58.14
C MET S 46 40.28 -24.71 -57.88
N ILE S 47 41.14 -25.55 -57.31
CA ILE S 47 40.84 -27.00 -57.06
C ILE S 47 40.66 -27.24 -55.56
N ILE S 48 41.41 -26.52 -54.72
CA ILE S 48 41.27 -26.55 -53.23
C ILE S 48 41.23 -25.11 -52.71
N SER S 49 40.28 -24.81 -51.82
CA SER S 49 40.22 -23.54 -51.05
C SER S 49 40.27 -23.88 -49.56
N TYR S 50 40.89 -23.00 -48.76
CA TYR S 50 40.96 -23.09 -47.27
C TYR S 50 41.44 -24.48 -46.87
N ASP S 51 42.62 -24.86 -47.40
CA ASP S 51 43.46 -26.02 -47.01
C ASP S 51 43.00 -27.32 -47.69
N MET S 52 41.69 -27.63 -47.66
CA MET S 52 41.17 -28.99 -48.01
C MET S 52 39.74 -28.96 -48.56
N ASN S 53 39.18 -27.81 -48.94
CA ASN S 53 37.78 -27.75 -49.41
C ASN S 53 37.74 -27.76 -50.94
N ARG S 54 36.92 -28.65 -51.51
CA ARG S 54 36.78 -28.84 -52.98
C ARG S 54 35.56 -28.09 -53.50
N PRO S 55 35.71 -27.18 -54.49
CA PRO S 55 34.57 -26.58 -55.17
C PRO S 55 33.70 -27.60 -55.93
N SER S 56 32.44 -27.26 -56.21
CA SER S 56 31.56 -28.03 -57.13
C SER S 56 32.32 -28.26 -58.44
N GLY S 57 32.50 -29.53 -58.83
CA GLY S 57 33.17 -29.91 -60.09
C GLY S 57 34.42 -30.74 -59.85
N ILE S 58 35.26 -30.35 -58.89
CA ILE S 58 36.57 -31.03 -58.61
C ILE S 58 36.29 -32.36 -57.92
N PRO S 59 36.87 -33.48 -58.42
CA PRO S 59 36.54 -34.82 -57.92
C PRO S 59 37.22 -35.17 -56.59
N GLU S 60 36.69 -36.19 -55.91
CA GLU S 60 37.11 -36.65 -54.56
C GLU S 60 38.60 -37.07 -54.59
N ARG S 61 39.09 -37.54 -55.74
CA ARG S 61 40.51 -37.87 -55.98
C ARG S 61 41.41 -36.75 -55.44
N VAL S 62 41.10 -35.50 -55.80
CA VAL S 62 41.89 -34.30 -55.40
C VAL S 62 41.62 -34.04 -53.91
N SER S 63 42.68 -33.74 -53.16
CA SER S 63 42.70 -33.75 -51.68
C SER S 63 43.75 -32.75 -51.19
N GLY S 64 43.46 -32.05 -50.10
CA GLY S 64 44.35 -31.02 -49.53
C GLY S 64 44.61 -31.25 -48.05
N SER S 65 45.80 -30.91 -47.59
CA SER S 65 46.16 -30.81 -46.15
C SER S 65 47.11 -29.63 -45.97
N ASN S 66 47.38 -29.31 -44.70
CA ASN S 66 48.21 -28.16 -44.25
C ASN S 66 48.36 -28.29 -42.74
N TYR S 67 49.57 -28.62 -42.24
CA TYR S 67 49.83 -28.79 -40.79
C TYR S 67 51.06 -28.03 -40.34
N GLY S 68 52.25 -28.43 -40.78
CA GLY S 68 53.50 -28.00 -40.14
C GLY S 68 54.05 -26.74 -40.80
N ASN S 69 55.23 -26.86 -41.40
CA ASN S 69 55.86 -25.86 -42.28
C ASN S 69 55.65 -26.32 -43.74
N THR S 70 54.60 -27.11 -43.97
CA THR S 70 54.34 -27.79 -45.27
C THR S 70 52.84 -28.09 -45.41
N ALA S 71 52.28 -27.65 -46.53
CA ALA S 71 50.91 -27.98 -47.03
C ALA S 71 51.06 -28.90 -48.24
N THR S 72 50.09 -29.81 -48.46
CA THR S 72 50.22 -30.93 -49.45
C THR S 72 48.93 -31.08 -50.28
N LEU S 73 49.04 -30.86 -51.58
CA LEU S 73 48.02 -31.26 -52.59
C LEU S 73 48.27 -32.72 -52.95
N THR S 74 47.20 -33.53 -53.05
CA THR S 74 47.25 -34.98 -53.33
C THR S 74 46.20 -35.34 -54.39
N ILE S 75 46.64 -35.57 -55.64
CA ILE S 75 45.83 -36.21 -56.72
C ILE S 75 46.13 -37.71 -56.67
N SER S 76 45.07 -38.52 -56.53
CA SER S 76 45.21 -39.97 -56.27
C SER S 76 45.08 -40.86 -57.52
N ARG S 77 43.91 -40.99 -58.13
CA ARG S 77 43.87 -41.87 -59.32
C ARG S 77 44.32 -41.04 -60.52
N VAL S 78 45.63 -40.81 -60.64
CA VAL S 78 46.14 -39.91 -61.70
C VAL S 78 45.69 -40.35 -63.10
N GLU S 79 45.24 -39.39 -63.91
CA GLU S 79 44.83 -39.68 -65.31
C GLU S 79 45.67 -38.76 -66.20
N ALA S 80 45.52 -38.87 -67.51
CA ALA S 80 46.35 -38.07 -68.45
C ALA S 80 45.98 -36.60 -68.32
N GLY S 81 44.71 -36.32 -68.03
CA GLY S 81 44.24 -34.93 -67.88
C GLY S 81 44.57 -34.36 -66.52
N ASP S 82 45.48 -35.01 -65.80
CA ASP S 82 45.93 -34.45 -64.50
C ASP S 82 47.27 -33.77 -64.77
N GLU S 83 47.66 -33.74 -66.04
CA GLU S 83 48.96 -33.11 -66.42
C GLU S 83 48.76 -31.61 -66.48
N ALA S 84 49.34 -30.89 -65.51
CA ALA S 84 49.25 -29.42 -65.50
C ALA S 84 50.16 -28.80 -64.45
N ASP S 85 50.23 -27.47 -64.42
CA ASP S 85 50.98 -26.72 -63.38
C ASP S 85 50.05 -26.52 -62.18
N TYR S 86 50.57 -26.75 -60.96
CA TYR S 86 49.83 -26.61 -59.69
C TYR S 86 50.54 -25.58 -58.81
N TYR S 87 49.82 -24.54 -58.40
CA TYR S 87 50.31 -23.43 -57.54
C TYR S 87 49.52 -23.42 -56.22
N CYS S 88 50.22 -23.34 -55.10
CA CYS S 88 49.64 -22.98 -53.77
C CYS S 88 49.70 -21.45 -53.62
N GLN S 89 48.80 -20.90 -52.81
CA GLN S 89 48.61 -19.43 -52.62
C GLN S 89 48.11 -19.15 -51.20
N VAL S 90 48.65 -18.11 -50.56
CA VAL S 90 48.18 -17.63 -49.23
C VAL S 90 47.85 -16.15 -49.34
N TRP S 91 47.16 -15.63 -48.34
CA TRP S 91 46.68 -14.24 -48.23
C TRP S 91 47.18 -13.66 -46.91
N ASP S 92 47.83 -12.50 -46.97
CA ASP S 92 48.29 -11.75 -45.78
C ASP S 92 47.70 -10.34 -45.85
N SER S 93 46.40 -10.24 -45.55
CA SER S 93 45.72 -8.96 -45.25
C SER S 93 46.71 -8.09 -44.44
N ARG S 94 46.80 -6.80 -44.75
CA ARG S 94 47.69 -5.86 -44.03
C ARG S 94 49.13 -6.39 -44.05
N SER S 95 49.74 -6.41 -45.24
CA SER S 95 51.20 -6.55 -45.50
C SER S 95 51.52 -5.99 -46.89
N ASP S 96 52.79 -5.67 -47.15
CA ASP S 96 53.23 -4.98 -48.40
C ASP S 96 53.05 -5.92 -49.60
N HIS S 97 52.94 -7.23 -49.37
CA HIS S 97 52.71 -8.28 -50.41
C HIS S 97 51.54 -9.16 -49.97
N PRO S 98 50.28 -8.74 -50.22
CA PRO S 98 49.10 -9.38 -49.61
C PRO S 98 48.77 -10.75 -50.19
N TYR S 99 48.85 -10.89 -51.51
CA TYR S 99 48.61 -12.17 -52.25
C TYR S 99 49.96 -12.76 -52.66
N VAL S 100 50.29 -13.93 -52.11
CA VAL S 100 51.58 -14.62 -52.36
C VAL S 100 51.29 -15.98 -53.01
N PHE S 101 51.97 -16.27 -54.12
CA PHE S 101 51.88 -17.54 -54.88
C PHE S 101 53.15 -18.36 -54.66
N GLY S 102 53.02 -19.69 -54.73
CA GLY S 102 54.17 -20.62 -54.82
C GLY S 102 54.88 -20.46 -56.15
N THR S 103 56.11 -20.99 -56.26
CA THR S 103 56.95 -20.94 -57.48
C THR S 103 56.28 -21.78 -58.58
N GLY S 104 55.48 -22.77 -58.21
CA GLY S 104 54.75 -23.66 -59.14
C GLY S 104 55.37 -25.03 -59.23
N THR S 105 54.54 -26.08 -59.34
CA THR S 105 54.94 -27.49 -59.57
C THR S 105 54.29 -28.02 -60.86
N ARG S 106 55.09 -28.39 -61.85
CA ARG S 106 54.59 -29.04 -63.09
C ARG S 106 54.49 -30.55 -62.83
N GLY S 128 29.06 -22.35 -65.92
CA GLY S 128 28.92 -21.30 -66.94
C GLY S 128 27.83 -20.29 -66.62
N GLU S 129 27.69 -19.88 -65.35
CA GLU S 129 26.85 -18.75 -64.88
C GLU S 129 27.71 -17.47 -64.94
N VAL S 130 28.91 -17.53 -64.33
CA VAL S 130 29.93 -16.44 -64.31
C VAL S 130 30.81 -16.58 -65.56
N GLN S 131 31.05 -15.46 -66.27
CA GLN S 131 32.01 -15.35 -67.40
C GLN S 131 32.94 -14.15 -67.15
N LEU S 132 34.22 -14.30 -67.47
CA LEU S 132 35.24 -13.19 -67.47
C LEU S 132 35.93 -13.17 -68.83
N VAL S 133 35.57 -12.21 -69.69
CA VAL S 133 36.10 -12.02 -71.08
C VAL S 133 37.11 -10.87 -71.04
N GLU S 134 38.33 -11.11 -71.53
CA GLU S 134 39.47 -10.16 -71.44
C GLU S 134 39.74 -9.53 -72.82
N SER S 135 40.20 -8.27 -72.82
CA SER S 135 40.57 -7.47 -74.03
C SER S 135 41.80 -6.61 -73.73
N GLY S 136 42.41 -6.04 -74.77
CA GLY S 136 43.41 -4.96 -74.65
C GLY S 136 44.84 -5.40 -74.94
N GLY S 137 45.16 -6.68 -74.75
CA GLY S 137 46.53 -7.22 -74.95
C GLY S 137 47.05 -7.00 -76.36
N GLY S 138 48.35 -7.22 -76.58
CA GLY S 138 48.99 -7.14 -77.90
C GLY S 138 50.44 -6.67 -77.82
N LEU S 139 50.99 -6.21 -78.95
CA LEU S 139 52.37 -5.67 -79.07
C LEU S 139 52.37 -4.19 -78.65
N VAL S 140 53.39 -3.77 -77.89
CA VAL S 140 53.63 -2.34 -77.52
C VAL S 140 55.13 -2.16 -77.18
N LYS S 141 55.68 -0.99 -77.53
CA LYS S 141 57.14 -0.67 -77.41
C LYS S 141 57.49 -0.29 -75.98
N PRO S 142 58.77 -0.50 -75.54
CA PRO S 142 59.22 -0.03 -74.23
C PRO S 142 58.92 1.47 -74.01
N GLY S 143 58.36 1.81 -72.84
CA GLY S 143 57.98 3.19 -72.46
C GLY S 143 56.58 3.57 -72.91
N GLY S 144 55.85 2.65 -73.56
CA GLY S 144 54.50 2.88 -74.11
C GLY S 144 53.41 2.57 -73.11
N SER S 145 52.14 2.66 -73.53
CA SER S 145 50.93 2.46 -72.68
C SER S 145 50.03 1.36 -73.29
N LEU S 146 49.15 0.79 -72.47
CA LEU S 146 48.18 -0.26 -72.88
C LEU S 146 47.09 -0.37 -71.81
N ARG S 147 45.83 -0.55 -72.22
CA ARG S 147 44.66 -0.62 -71.30
C ARG S 147 44.03 -2.01 -71.43
N LEU S 148 44.26 -2.87 -70.45
CA LEU S 148 43.57 -4.18 -70.32
C LEU S 148 42.17 -3.91 -69.77
N SER S 149 41.17 -4.64 -70.25
CA SER S 149 39.79 -4.65 -69.70
C SER S 149 39.31 -6.09 -69.55
N CYS S 150 38.46 -6.33 -68.55
CA CYS S 150 37.87 -7.65 -68.22
C CYS S 150 36.37 -7.46 -67.99
N ALA S 151 35.55 -7.92 -68.92
CA ALA S 151 34.07 -7.75 -68.90
C ALA S 151 33.43 -8.96 -68.20
N ALA S 152 32.98 -8.75 -66.96
CA ALA S 152 32.24 -9.77 -66.18
C ALA S 152 30.77 -9.76 -66.60
N SER S 153 30.12 -10.93 -66.56
CA SER S 153 28.66 -11.11 -66.77
C SER S 153 28.16 -12.26 -65.89
N GLY S 154 26.92 -12.15 -65.41
CA GLY S 154 26.27 -13.15 -64.55
C GLY S 154 26.45 -12.87 -63.06
N ILE S 155 27.09 -11.74 -62.72
CA ILE S 155 27.35 -11.34 -61.31
C ILE S 155 27.06 -9.84 -61.14
N THR S 156 26.57 -9.45 -59.96
CA THR S 156 26.43 -8.04 -59.51
C THR S 156 27.82 -7.56 -59.07
N PHE S 157 28.51 -6.84 -59.94
CA PHE S 157 29.99 -6.68 -59.92
C PHE S 157 30.48 -6.06 -58.62
N GLN S 158 29.71 -5.14 -58.02
CA GLN S 158 30.14 -4.30 -56.86
C GLN S 158 30.38 -5.14 -55.59
N TYR S 159 29.94 -6.41 -55.58
CA TYR S 159 30.06 -7.32 -54.40
C TYR S 159 31.26 -8.26 -54.54
N TYR S 160 32.17 -8.00 -55.49
CA TYR S 160 33.34 -8.88 -55.77
C TYR S 160 34.61 -8.04 -55.85
N ALA S 161 35.57 -8.30 -54.96
CA ALA S 161 36.97 -7.85 -55.11
C ALA S 161 37.56 -8.54 -56.34
N MET S 162 38.28 -7.77 -57.16
CA MET S 162 38.83 -8.24 -58.47
C MET S 162 40.35 -8.04 -58.46
N ASN S 163 41.05 -8.83 -59.28
CA ASN S 163 42.54 -8.87 -59.28
C ASN S 163 43.04 -9.04 -60.71
N TRP S 164 44.27 -8.56 -60.95
CA TRP S 164 45.12 -8.89 -62.12
C TRP S 164 46.29 -9.76 -61.67
N VAL S 165 46.43 -10.94 -62.28
CA VAL S 165 47.58 -11.89 -62.08
C VAL S 165 48.21 -12.11 -63.46
N ARG S 166 49.55 -12.21 -63.52
CA ARG S 166 50.29 -12.38 -64.81
C ARG S 166 51.23 -13.58 -64.71
N GLN S 167 51.60 -14.12 -65.87
CA GLN S 167 52.56 -15.24 -66.03
C GLN S 167 53.53 -14.90 -67.16
N ALA S 168 54.75 -14.47 -66.80
CA ALA S 168 55.84 -14.16 -67.77
C ALA S 168 56.30 -15.46 -68.44
N PRO S 169 56.69 -15.43 -69.73
CA PRO S 169 57.19 -16.63 -70.40
C PRO S 169 58.28 -17.30 -69.55
N GLY S 170 58.04 -18.56 -69.14
CA GLY S 170 58.98 -19.35 -68.32
C GLY S 170 58.60 -19.34 -66.84
N LYS S 171 58.41 -18.16 -66.26
CA LYS S 171 58.14 -17.96 -64.80
C LYS S 171 56.73 -18.46 -64.45
N GLY S 172 56.39 -18.49 -63.15
CA GLY S 172 55.08 -18.94 -62.63
C GLY S 172 54.10 -17.80 -62.51
N LEU S 173 53.01 -17.98 -61.75
CA LEU S 173 51.97 -16.96 -61.52
C LEU S 173 52.51 -15.91 -60.55
N GLU S 174 52.34 -14.63 -60.89
CA GLU S 174 52.71 -13.47 -60.03
C GLU S 174 51.46 -12.59 -59.91
N TRP S 175 51.00 -12.32 -58.69
CA TRP S 175 49.91 -11.34 -58.41
C TRP S 175 50.41 -9.94 -58.79
N VAL S 176 49.56 -9.13 -59.44
CA VAL S 176 49.93 -7.79 -59.99
C VAL S 176 49.23 -6.70 -59.16
N SER S 177 47.90 -6.76 -59.08
CA SER S 177 47.07 -5.68 -58.50
C SER S 177 45.71 -6.24 -58.04
N SER S 178 45.16 -5.65 -56.97
CA SER S 178 43.84 -5.98 -56.38
C SER S 178 43.04 -4.70 -56.17
N ILE S 179 41.71 -4.79 -56.33
CA ILE S 179 40.77 -3.65 -56.07
C ILE S 179 39.53 -4.20 -55.35
N GLY S 180 38.95 -3.39 -54.45
CA GLY S 180 37.72 -3.72 -53.71
C GLY S 180 36.51 -3.66 -54.62
N GLY S 181 35.35 -4.10 -54.12
CA GLY S 181 34.09 -4.10 -54.87
C GLY S 181 33.60 -2.69 -55.17
N ARG S 182 33.79 -1.76 -54.25
CA ARG S 182 33.34 -0.34 -54.39
C ARG S 182 34.46 0.51 -54.99
N GLY S 183 35.64 -0.08 -55.24
CA GLY S 183 36.83 0.62 -55.77
C GLY S 183 37.62 1.33 -54.68
N ASP S 184 37.23 1.13 -53.41
CA ASP S 184 37.82 1.79 -52.21
C ASP S 184 39.28 1.41 -52.04
N THR S 185 39.56 0.11 -51.99
CA THR S 185 40.89 -0.48 -51.69
C THR S 185 41.61 -0.73 -53.02
N THR S 186 42.87 -0.31 -53.13
CA THR S 186 43.77 -0.59 -54.28
C THR S 186 45.14 -1.01 -53.74
N TYR S 187 45.67 -2.13 -54.23
CA TYR S 187 47.01 -2.66 -53.88
C TYR S 187 47.73 -3.11 -55.17
N TYR S 188 49.05 -2.93 -55.20
CA TYR S 188 49.93 -3.25 -56.36
C TYR S 188 51.16 -3.99 -55.85
N THR S 189 51.78 -4.85 -56.68
CA THR S 189 53.14 -5.40 -56.44
C THR S 189 54.13 -4.23 -56.46
N ASP S 190 55.26 -4.36 -55.75
CA ASP S 190 56.29 -3.29 -55.62
C ASP S 190 56.87 -2.95 -57.00
N SER S 191 56.82 -3.87 -57.97
CA SER S 191 57.46 -3.74 -59.30
C SER S 191 56.56 -2.99 -60.31
N VAL S 192 55.40 -2.45 -59.88
CA VAL S 192 54.48 -1.71 -60.80
C VAL S 192 53.84 -0.50 -60.09
N LYS S 193 54.35 -0.09 -58.92
CA LYS S 193 53.69 0.90 -58.02
C LYS S 193 53.22 2.14 -58.80
N GLY S 194 54.15 2.92 -59.35
CA GLY S 194 53.87 4.25 -59.93
C GLY S 194 53.40 4.18 -61.37
N ARG S 195 53.38 3.00 -61.99
CA ARG S 195 53.20 2.80 -63.46
C ARG S 195 51.80 2.26 -63.76
N PHE S 196 51.36 1.21 -63.05
CA PHE S 196 50.06 0.51 -63.24
C PHE S 196 48.98 1.15 -62.35
N THR S 197 47.77 1.30 -62.89
CA THR S 197 46.55 1.80 -62.17
C THR S 197 45.40 0.84 -62.44
N ILE S 198 44.79 0.31 -61.37
CA ILE S 198 43.60 -0.58 -61.41
C ILE S 198 42.35 0.27 -61.12
N SER S 199 41.23 -0.04 -61.78
CA SER S 199 39.95 0.72 -61.67
C SER S 199 38.77 -0.17 -62.09
N ARG S 200 37.55 0.30 -61.83
CA ARG S 200 36.29 -0.46 -62.08
C ARG S 200 35.22 0.47 -62.65
N ASP S 201 34.30 -0.09 -63.44
CA ASP S 201 32.99 0.52 -63.77
C ASP S 201 31.92 -0.51 -63.44
N ASN S 202 31.37 -0.45 -62.21
CA ASN S 202 30.42 -1.46 -61.68
C ASN S 202 29.17 -1.51 -62.56
N SER S 203 28.71 -0.36 -63.06
CA SER S 203 27.52 -0.26 -63.96
C SER S 203 27.79 -1.00 -65.27
N LYS S 204 28.91 -0.70 -65.95
CA LYS S 204 29.34 -1.38 -67.20
C LYS S 204 29.84 -2.79 -66.87
N SER S 205 30.13 -3.08 -65.58
CA SER S 205 30.40 -4.43 -65.03
C SER S 205 31.76 -4.96 -65.48
N THR S 206 32.74 -4.06 -65.68
CA THR S 206 34.09 -4.39 -66.23
C THR S 206 35.19 -3.91 -65.26
N LEU S 207 36.32 -4.62 -65.28
CA LEU S 207 37.58 -4.28 -64.54
C LEU S 207 38.60 -3.77 -65.56
N TYR S 208 39.38 -2.74 -65.19
CA TYR S 208 40.42 -2.11 -66.04
C TYR S 208 41.79 -2.21 -65.36
N LEU S 209 42.84 -2.37 -66.16
CA LEU S 209 44.26 -2.15 -65.75
C LEU S 209 44.89 -1.19 -66.76
N GLN S 210 45.15 0.06 -66.33
CA GLN S 210 45.88 1.09 -67.12
C GLN S 210 47.38 0.87 -66.88
N MET S 211 48.04 0.16 -67.80
CA MET S 211 49.51 -0.08 -67.78
C MET S 211 50.18 0.94 -68.69
N ASN S 212 50.85 1.95 -68.13
CA ASN S 212 51.68 2.89 -68.91
C ASN S 212 53.11 2.87 -68.32
N SER S 213 54.05 3.49 -69.02
CA SER S 213 55.51 3.47 -68.71
C SER S 213 55.98 2.01 -68.64
N LEU S 214 55.66 1.20 -69.66
CA LEU S 214 55.85 -0.27 -69.71
C LEU S 214 57.34 -0.60 -69.88
N ARG S 215 57.84 -1.55 -69.08
CA ARG S 215 59.22 -2.09 -69.16
C ARG S 215 59.16 -3.48 -69.81
N ALA S 216 60.33 -4.02 -70.17
CA ALA S 216 60.50 -5.28 -70.94
C ALA S 216 60.04 -6.47 -70.11
N GLU S 217 60.26 -6.44 -68.79
CA GLU S 217 59.96 -7.56 -67.84
C GLU S 217 58.47 -7.59 -67.50
N ASP S 218 57.62 -6.83 -68.22
CA ASP S 218 56.15 -6.83 -68.06
C ASP S 218 55.49 -7.80 -69.05
N THR S 219 56.25 -8.32 -70.03
CA THR S 219 55.71 -9.27 -71.06
C THR S 219 55.26 -10.55 -70.34
N ALA S 220 53.97 -10.85 -70.43
CA ALA S 220 53.30 -11.96 -69.71
C ALA S 220 51.87 -12.11 -70.24
N VAL S 221 51.24 -13.25 -69.94
CA VAL S 221 49.77 -13.45 -70.09
C VAL S 221 49.11 -12.86 -68.85
N TYR S 222 48.29 -11.82 -69.01
CA TYR S 222 47.60 -11.11 -67.90
C TYR S 222 46.22 -11.73 -67.69
N TYR S 223 46.03 -12.35 -66.53
CA TYR S 223 44.80 -13.05 -66.11
C TYR S 223 43.98 -12.13 -65.20
N CYS S 224 42.67 -12.12 -65.44
CA CYS S 224 41.61 -11.44 -64.65
C CYS S 224 41.10 -12.44 -63.61
N ALA S 225 41.19 -12.12 -62.30
CA ALA S 225 40.92 -13.06 -61.19
C ALA S 225 39.89 -12.49 -60.22
N LYS S 226 38.76 -13.19 -60.09
CA LYS S 226 37.61 -12.80 -59.23
C LYS S 226 37.75 -13.48 -57.86
N GLU S 227 37.37 -12.77 -56.79
CA GLU S 227 37.28 -13.32 -55.41
C GLU S 227 35.83 -13.65 -55.09
N PRO S 228 35.56 -14.53 -54.09
CA PRO S 228 34.20 -14.91 -53.73
C PRO S 228 33.34 -13.71 -53.31
N PHE S 229 32.03 -13.89 -53.39
CA PHE S 229 31.01 -12.88 -53.01
C PHE S 229 31.28 -12.37 -51.60
N ASP S 230 31.14 -11.05 -51.40
CA ASP S 230 31.22 -10.39 -50.08
C ASP S 230 30.22 -9.23 -50.08
N SER S 231 29.38 -9.14 -49.04
CA SER S 231 28.30 -8.12 -48.93
C SER S 231 28.87 -6.69 -49.08
N SER S 232 30.14 -6.47 -48.71
CA SER S 232 30.85 -5.16 -48.77
C SER S 232 31.80 -5.10 -49.96
N GLY S 233 32.00 -6.21 -50.67
CA GLY S 233 33.02 -6.34 -51.74
C GLY S 233 34.42 -6.30 -51.17
N ASP S 234 34.62 -6.81 -49.95
CA ASP S 234 35.95 -6.86 -49.27
C ASP S 234 36.82 -7.91 -49.95
N HIS S 235 38.13 -7.82 -49.71
CA HIS S 235 39.14 -8.83 -50.13
C HIS S 235 38.98 -10.05 -49.22
N ARG S 236 39.13 -11.25 -49.78
CA ARG S 236 38.97 -12.53 -49.03
C ARG S 236 40.24 -13.39 -49.16
N GLY S 237 41.05 -13.16 -50.19
CA GLY S 237 42.38 -13.78 -50.36
C GLY S 237 42.33 -15.07 -51.15
N VAL S 238 41.31 -15.25 -51.99
CA VAL S 238 41.17 -16.47 -52.84
C VAL S 238 40.58 -16.05 -54.18
N PHE S 239 41.08 -16.65 -55.26
CA PHE S 239 40.66 -16.39 -56.66
C PHE S 239 39.81 -17.57 -57.13
N ASP S 240 38.48 -17.50 -56.93
CA ASP S 240 37.57 -18.66 -57.12
C ASP S 240 37.22 -18.83 -58.60
N TYR S 241 37.53 -17.85 -59.45
CA TYR S 241 37.25 -17.92 -60.91
C TYR S 241 38.16 -16.96 -61.67
N TRP S 242 38.65 -17.40 -62.83
CA TRP S 242 39.69 -16.70 -63.64
C TRP S 242 39.21 -16.51 -65.08
N GLY S 243 39.68 -15.44 -65.74
CA GLY S 243 39.51 -15.19 -67.18
C GLY S 243 40.54 -15.98 -67.98
N GLN S 244 40.32 -16.13 -69.30
CA GLN S 244 41.13 -17.02 -70.17
C GLN S 244 42.50 -16.37 -70.45
N GLY S 245 42.60 -15.05 -70.25
CA GLY S 245 43.87 -14.29 -70.30
C GLY S 245 43.96 -13.42 -71.53
N THR S 246 45.18 -13.01 -71.88
CA THR S 246 45.54 -12.16 -73.06
C THR S 246 47.05 -11.88 -72.99
N LEU S 247 47.81 -12.17 -74.05
CA LEU S 247 49.30 -12.03 -74.06
C LEU S 247 49.66 -10.56 -74.31
N VAL S 248 50.59 -10.02 -73.51
CA VAL S 248 51.19 -8.66 -73.66
C VAL S 248 52.69 -8.86 -73.87
N THR S 249 53.23 -8.40 -75.01
CA THR S 249 54.64 -8.62 -75.45
C THR S 249 55.35 -7.29 -75.74
N VAL S 250 56.69 -7.31 -75.78
CA VAL S 250 57.59 -6.13 -75.94
C VAL S 250 58.77 -6.54 -76.83
N GLY T 1 54.02 -55.73 4.37
CA GLY T 1 53.16 -54.53 4.17
C GLY T 1 53.39 -53.95 2.78
N SER T 2 52.76 -54.56 1.77
CA SER T 2 53.02 -54.40 0.32
C SER T 2 52.14 -55.38 -0.46
N TYR T 3 51.08 -54.90 -1.09
CA TYR T 3 49.96 -55.76 -1.54
C TYR T 3 50.54 -56.85 -2.45
N VAL T 4 49.98 -58.06 -2.39
CA VAL T 4 50.48 -59.27 -3.09
C VAL T 4 49.50 -59.69 -4.20
N LEU T 5 49.98 -59.83 -5.43
CA LEU T 5 49.24 -60.43 -6.57
C LEU T 5 49.96 -61.71 -7.00
N THR T 6 49.31 -62.88 -6.84
CA THR T 6 49.86 -64.20 -7.24
C THR T 6 49.23 -64.61 -8.56
N GLN T 7 50.05 -65.11 -9.48
CA GLN T 7 49.67 -65.61 -10.83
C GLN T 7 50.28 -67.00 -11.05
N PRO T 8 49.56 -67.95 -11.69
CA PRO T 8 50.16 -69.20 -12.13
C PRO T 8 51.36 -68.90 -13.01
N PRO T 9 52.53 -69.55 -12.79
CA PRO T 9 53.73 -69.24 -13.57
C PRO T 9 53.52 -69.43 -15.08
N SER T 10 52.78 -70.47 -15.49
CA SER T 10 52.51 -70.81 -16.91
C SER T 10 51.14 -71.45 -17.10
N VAL T 11 50.64 -71.38 -18.34
CA VAL T 11 49.37 -72.00 -18.80
C VAL T 11 49.60 -72.47 -20.25
N SER T 12 49.11 -73.66 -20.59
CA SER T 12 49.16 -74.25 -21.96
C SER T 12 47.73 -74.40 -22.51
N VAL T 13 47.53 -74.10 -23.80
CA VAL T 13 46.24 -74.30 -24.51
C VAL T 13 46.50 -74.60 -25.98
N ALA T 14 45.63 -75.40 -26.59
CA ALA T 14 45.64 -75.72 -28.04
C ALA T 14 45.02 -74.56 -28.80
N PRO T 15 45.41 -74.32 -30.08
CA PRO T 15 44.77 -73.29 -30.89
C PRO T 15 43.26 -73.55 -30.96
N GLY T 16 42.44 -72.51 -30.80
CA GLY T 16 40.97 -72.58 -30.83
C GLY T 16 40.37 -72.63 -29.43
N LYS T 17 40.92 -73.48 -28.56
CA LYS T 17 40.49 -73.61 -27.14
C LYS T 17 40.73 -72.25 -26.44
N THR T 18 40.13 -72.06 -25.26
CA THR T 18 40.20 -70.80 -24.47
C THR T 18 41.25 -70.94 -23.35
N ALA T 19 41.99 -69.86 -23.07
CA ALA T 19 43.05 -69.77 -22.03
C ALA T 19 42.55 -68.88 -20.89
N ARG T 20 42.79 -69.29 -19.65
CA ARG T 20 42.37 -68.54 -18.42
C ARG T 20 43.59 -68.27 -17.53
N ILE T 21 43.97 -67.01 -17.43
CA ILE T 21 45.07 -66.53 -16.53
C ILE T 21 44.40 -65.92 -15.31
N THR T 22 44.61 -66.51 -14.13
CA THR T 22 44.04 -66.04 -12.84
C THR T 22 45.04 -65.09 -12.16
N CYS T 23 44.52 -64.07 -11.48
CA CYS T 23 45.28 -63.07 -10.68
C CYS T 23 44.72 -63.08 -9.25
N GLY T 24 45.35 -63.85 -8.37
CA GLY T 24 44.92 -63.99 -6.96
C GLY T 24 45.35 -62.79 -6.15
N GLY T 25 44.43 -62.24 -5.36
CA GLY T 25 44.70 -61.08 -4.48
C GLY T 25 43.73 -61.03 -3.33
N ASN T 26 44.23 -60.67 -2.15
CA ASN T 26 43.45 -60.54 -0.90
C ASN T 26 42.36 -59.47 -1.13
N ASN T 27 41.12 -59.92 -1.39
CA ASN T 27 39.95 -59.06 -1.66
C ASN T 27 40.25 -58.17 -2.88
N ILE T 28 40.80 -58.75 -3.95
CA ILE T 28 41.20 -58.03 -5.20
C ILE T 28 39.94 -57.47 -5.88
N GLY T 29 38.78 -58.05 -5.58
CA GLY T 29 37.49 -57.71 -6.18
C GLY T 29 37.07 -56.28 -5.92
N SER T 30 37.60 -55.65 -4.86
CA SER T 30 37.31 -54.24 -4.47
C SER T 30 38.47 -53.34 -4.92
N ARG T 31 39.27 -53.79 -5.88
CA ARG T 31 40.37 -53.00 -6.52
C ARG T 31 40.19 -53.10 -8.03
N SER T 32 40.57 -52.05 -8.77
CA SER T 32 40.58 -52.04 -10.25
C SER T 32 41.85 -52.76 -10.72
N VAL T 33 41.67 -53.82 -11.51
CA VAL T 33 42.77 -54.68 -12.06
C VAL T 33 42.94 -54.35 -13.54
N HIS T 34 44.17 -54.09 -13.97
CA HIS T 34 44.58 -53.87 -15.38
C HIS T 34 45.52 -55.01 -15.82
N TRP T 35 45.45 -55.39 -17.10
CA TRP T 35 46.23 -56.52 -17.68
C TRP T 35 47.12 -56.02 -18.80
N TYR T 36 48.37 -56.49 -18.83
CA TYR T 36 49.38 -56.17 -19.87
C TYR T 36 49.82 -57.46 -20.55
N GLN T 37 49.89 -57.43 -21.88
CA GLN T 37 50.56 -58.46 -22.73
C GLN T 37 51.99 -58.02 -22.98
N HIS T 38 52.95 -58.94 -22.94
CA HIS T 38 54.40 -58.68 -23.19
C HIS T 38 54.99 -59.83 -24.00
N LYS T 39 55.36 -59.56 -25.25
CA LYS T 39 56.11 -60.50 -26.12
C LYS T 39 57.59 -60.16 -26.04
N PRO T 40 58.50 -61.16 -25.98
CA PRO T 40 59.93 -60.88 -25.84
C PRO T 40 60.43 -59.86 -26.87
N GLY T 41 61.16 -58.84 -26.41
CA GLY T 41 61.84 -57.86 -27.28
C GLY T 41 60.98 -56.62 -27.51
N GLN T 42 59.66 -56.73 -27.38
CA GLN T 42 58.70 -55.65 -27.75
C GLN T 42 58.19 -54.89 -26.52
N ALA T 43 57.55 -53.75 -26.77
CA ALA T 43 56.89 -52.89 -25.76
C ALA T 43 55.64 -53.59 -25.24
N PRO T 44 55.45 -53.72 -23.91
CA PRO T 44 54.21 -54.23 -23.36
C PRO T 44 53.01 -53.39 -23.83
N VAL T 45 51.90 -54.05 -24.17
CA VAL T 45 50.61 -53.37 -24.52
C VAL T 45 49.61 -53.67 -23.40
N MET T 46 48.79 -52.67 -23.07
CA MET T 46 47.63 -52.84 -22.16
C MET T 46 46.47 -53.47 -22.97
N ILE T 47 45.93 -54.60 -22.49
CA ILE T 47 44.86 -55.37 -23.19
C ILE T 47 43.53 -55.22 -22.45
N ILE T 48 43.55 -55.12 -21.12
CA ILE T 48 42.35 -54.83 -20.28
C ILE T 48 42.71 -53.72 -19.29
N SER T 49 41.82 -52.74 -19.14
CA SER T 49 41.88 -51.69 -18.08
C SER T 49 40.58 -51.74 -17.27
N TYR T 50 40.67 -51.44 -15.98
CA TYR T 50 39.52 -51.35 -15.04
C TYR T 50 38.69 -52.63 -15.20
N ASP T 51 39.32 -53.77 -14.96
CA ASP T 51 38.71 -55.11 -14.76
C ASP T 51 38.36 -55.78 -16.09
N MET T 52 37.70 -55.08 -17.01
CA MET T 52 37.07 -55.75 -18.18
C MET T 52 36.95 -54.82 -19.40
N ASN T 53 37.62 -53.67 -19.42
CA ASN T 53 37.50 -52.69 -20.55
C ASN T 53 38.66 -52.90 -21.54
N ARG T 54 38.33 -53.02 -22.83
CA ARG T 54 39.29 -53.28 -23.94
C ARG T 54 39.61 -51.99 -24.69
N PRO T 55 40.90 -51.59 -24.77
CA PRO T 55 41.30 -50.44 -25.58
C PRO T 55 41.02 -50.66 -27.07
N SER T 56 40.93 -49.56 -27.86
CA SER T 56 40.87 -49.61 -29.34
C SER T 56 42.03 -50.49 -29.82
N GLY T 57 41.74 -51.55 -30.58
CA GLY T 57 42.75 -52.47 -31.14
C GLY T 57 42.60 -53.90 -30.62
N ILE T 58 42.37 -54.07 -29.33
CA ILE T 58 42.31 -55.42 -28.68
C ILE T 58 40.97 -56.05 -29.04
N PRO T 59 40.98 -57.32 -29.53
CA PRO T 59 39.77 -57.96 -30.04
C PRO T 59 38.83 -58.50 -28.94
N GLU T 60 37.58 -58.77 -29.33
CA GLU T 60 36.47 -59.19 -28.44
C GLU T 60 36.81 -60.52 -27.76
N ARG T 61 37.63 -61.36 -28.41
CA ARG T 61 38.18 -62.63 -27.87
C ARG T 61 38.72 -62.42 -26.45
N VAL T 62 39.53 -61.37 -26.27
CA VAL T 62 40.16 -61.01 -24.96
C VAL T 62 39.06 -60.43 -24.07
N SER T 63 39.03 -60.87 -22.81
CA SER T 63 37.91 -60.67 -21.87
C SER T 63 38.45 -60.65 -20.44
N GLY T 64 37.90 -59.78 -19.59
CA GLY T 64 38.34 -59.61 -18.20
C GLY T 64 37.20 -59.73 -17.20
N SER T 65 37.48 -60.29 -16.03
CA SER T 65 36.56 -60.25 -14.85
C SER T 65 37.41 -60.07 -13.60
N ASN T 66 36.73 -59.86 -12.46
CA ASN T 66 37.30 -59.55 -11.14
C ASN T 66 36.16 -59.55 -10.13
N TYR T 67 36.07 -60.56 -9.27
CA TYR T 67 34.97 -60.67 -8.28
C TYR T 67 35.51 -60.94 -6.86
N GLY T 68 36.07 -62.12 -6.63
CA GLY T 68 36.28 -62.59 -5.25
C GLY T 68 37.63 -62.18 -4.72
N ASN T 69 38.47 -63.18 -4.43
CA ASN T 69 39.91 -63.05 -4.15
C ASN T 69 40.67 -63.45 -5.43
N THR T 70 40.04 -63.28 -6.59
CA THR T 70 40.58 -63.75 -7.89
C THR T 70 39.98 -62.91 -9.01
N ALA T 71 40.84 -62.35 -9.86
CA ALA T 71 40.53 -61.70 -11.16
C ALA T 71 41.01 -62.61 -12.29
N THR T 72 40.33 -62.61 -13.45
CA THR T 72 40.54 -63.60 -14.54
C THR T 72 40.62 -62.91 -15.90
N LEU T 73 41.77 -63.04 -16.57
CA LEU T 73 41.94 -62.77 -18.02
C LEU T 73 41.55 -64.04 -18.80
N THR T 74 40.79 -63.87 -19.89
CA THR T 74 40.26 -64.97 -20.73
C THR T 74 40.48 -64.63 -22.21
N ILE T 75 41.46 -65.25 -22.84
CA ILE T 75 41.63 -65.28 -24.33
C ILE T 75 40.88 -66.52 -24.81
N SER T 76 39.94 -66.38 -25.74
CA SER T 76 38.90 -67.40 -26.04
C SER T 76 39.26 -68.25 -27.29
N ARG T 77 39.49 -67.61 -28.43
CA ARG T 77 39.85 -68.32 -29.68
C ARG T 77 41.34 -68.06 -29.84
N VAL T 78 42.15 -68.91 -29.26
CA VAL T 78 43.61 -68.67 -29.10
C VAL T 78 44.31 -68.91 -30.44
N GLU T 79 45.27 -68.04 -30.78
CA GLU T 79 46.08 -68.07 -32.02
C GLU T 79 47.55 -68.13 -31.62
N ALA T 80 48.43 -68.56 -32.53
CA ALA T 80 49.90 -68.55 -32.34
C ALA T 80 50.35 -67.19 -31.78
N GLY T 81 49.77 -66.10 -32.30
CA GLY T 81 50.07 -64.71 -31.92
C GLY T 81 49.87 -64.43 -30.44
N ASP T 82 48.95 -65.16 -29.79
CA ASP T 82 48.56 -64.94 -28.38
C ASP T 82 49.65 -65.45 -27.42
N GLU T 83 50.63 -66.21 -27.91
CA GLU T 83 51.78 -66.70 -27.10
C GLU T 83 52.58 -65.50 -26.61
N ALA T 84 52.60 -65.28 -25.29
CA ALA T 84 53.23 -64.11 -24.62
C ALA T 84 53.12 -64.23 -23.10
N ASP T 85 53.75 -63.29 -22.38
CA ASP T 85 53.65 -63.15 -20.89
C ASP T 85 52.49 -62.18 -20.59
N TYR T 86 51.64 -62.55 -19.65
CA TYR T 86 50.46 -61.75 -19.21
C TYR T 86 50.60 -61.40 -17.73
N TYR T 87 50.58 -60.10 -17.43
CA TYR T 87 50.68 -59.55 -16.06
C TYR T 87 49.38 -58.82 -15.70
N CYS T 88 48.85 -59.08 -14.51
CA CYS T 88 47.82 -58.25 -13.84
C CYS T 88 48.51 -57.21 -12.95
N GLN T 89 47.85 -56.07 -12.72
CA GLN T 89 48.42 -54.90 -12.02
C GLN T 89 47.30 -54.17 -11.28
N VAL T 90 47.56 -53.71 -10.06
CA VAL T 90 46.64 -52.85 -9.27
C VAL T 90 47.39 -51.59 -8.84
N TRP T 91 46.63 -50.60 -8.38
CA TRP T 91 47.12 -49.28 -7.92
C TRP T 91 46.61 -49.06 -6.50
N ASP T 92 47.52 -48.73 -5.58
CA ASP T 92 47.18 -48.36 -4.18
C ASP T 92 47.75 -46.96 -3.92
N SER T 93 47.09 -45.94 -4.46
CA SER T 93 47.27 -44.52 -4.07
C SER T 93 47.50 -44.49 -2.56
N ARG T 94 48.45 -43.70 -2.07
CA ARG T 94 48.72 -43.57 -0.62
C ARG T 94 49.00 -44.96 -0.02
N SER T 95 50.12 -45.56 -0.42
CA SER T 95 50.80 -46.72 0.24
C SER T 95 52.28 -46.73 -0.17
N ASP T 96 53.14 -47.43 0.59
CA ASP T 96 54.61 -47.43 0.37
C ASP T 96 54.95 -48.13 -0.95
N HIS T 97 54.04 -48.95 -1.49
CA HIS T 97 54.18 -49.66 -2.79
C HIS T 97 52.94 -49.38 -3.63
N PRO T 98 52.88 -48.25 -4.37
CA PRO T 98 51.65 -47.78 -4.99
C PRO T 98 51.23 -48.60 -6.22
N TYR T 99 52.19 -48.95 -7.09
CA TYR T 99 51.96 -49.75 -8.32
C TYR T 99 52.47 -51.16 -8.07
N VAL T 100 51.57 -52.15 -8.07
CA VAL T 100 51.88 -53.58 -7.76
C VAL T 100 51.56 -54.40 -9.00
N PHE T 101 52.50 -55.23 -9.43
CA PHE T 101 52.38 -56.16 -10.58
C PHE T 101 52.26 -57.59 -10.07
N GLY T 102 51.59 -58.45 -10.83
CA GLY T 102 51.58 -59.91 -10.63
C GLY T 102 52.94 -60.50 -11.00
N THR T 103 53.20 -61.74 -10.56
CA THR T 103 54.47 -62.47 -10.79
C THR T 103 54.63 -62.77 -12.29
N GLY T 104 53.51 -62.79 -13.03
CA GLY T 104 53.45 -63.02 -14.49
C GLY T 104 53.06 -64.44 -14.84
N THR T 105 52.27 -64.61 -15.91
CA THR T 105 51.85 -65.92 -16.48
C THR T 105 52.31 -66.00 -17.93
N ARG T 106 53.17 -66.97 -18.26
CA ARG T 106 53.57 -67.27 -19.65
C ARG T 106 52.56 -68.23 -20.28
N VAL T 107 51.87 -67.79 -21.34
CA VAL T 107 50.94 -68.63 -22.15
C VAL T 107 51.70 -69.20 -23.34
N THR T 108 51.63 -70.52 -23.54
CA THR T 108 52.22 -71.24 -24.71
C THR T 108 51.10 -71.94 -25.48
N VAL T 109 51.22 -71.99 -26.81
CA VAL T 109 50.19 -72.57 -27.73
C VAL T 109 50.83 -73.75 -28.46
N LEU T 110 50.12 -74.87 -28.54
CA LEU T 110 50.66 -76.16 -29.06
C LEU T 110 50.69 -76.09 -30.59
N GLY T 111 51.87 -75.82 -31.16
CA GLY T 111 52.10 -75.61 -32.61
C GLY T 111 53.26 -74.65 -32.88
N GLY T 128 49.62 -45.09 -33.70
CA GLY T 128 50.90 -44.39 -33.93
C GLY T 128 50.77 -42.89 -33.91
N GLU T 129 49.97 -42.33 -32.97
CA GLU T 129 49.90 -40.88 -32.64
C GLU T 129 50.93 -40.58 -31.54
N VAL T 130 50.90 -41.37 -30.46
CA VAL T 130 51.85 -41.33 -29.31
C VAL T 130 53.06 -42.21 -29.64
N GLN T 131 54.27 -41.69 -29.41
CA GLN T 131 55.56 -42.44 -29.50
C GLN T 131 56.36 -42.22 -28.21
N LEU T 132 57.01 -43.27 -27.69
CA LEU T 132 57.98 -43.20 -26.56
C LEU T 132 59.30 -43.87 -26.98
N VAL T 133 60.32 -43.07 -27.28
CA VAL T 133 61.65 -43.52 -27.75
C VAL T 133 62.61 -43.41 -26.57
N GLU T 134 63.33 -44.50 -26.24
CA GLU T 134 64.20 -44.60 -25.05
C GLU T 134 65.68 -44.54 -25.44
N SER T 135 66.52 -43.99 -24.56
CA SER T 135 67.99 -43.85 -24.73
C SER T 135 68.69 -44.08 -23.38
N GLY T 136 70.01 -44.25 -23.40
CA GLY T 136 70.87 -44.17 -22.20
C GLY T 136 71.41 -45.52 -21.74
N GLY T 137 70.70 -46.62 -22.04
CA GLY T 137 71.07 -47.99 -21.60
C GLY T 137 72.46 -48.39 -22.07
N GLY T 138 73.01 -49.48 -21.52
CA GLY T 138 74.31 -50.06 -21.93
C GLY T 138 75.04 -50.72 -20.77
N LEU T 139 76.35 -50.94 -20.94
CA LEU T 139 77.26 -51.54 -19.93
C LEU T 139 77.74 -50.48 -18.94
N VAL T 140 77.76 -50.79 -17.64
CA VAL T 140 78.31 -49.91 -16.58
C VAL T 140 78.69 -50.78 -15.37
N LYS T 141 79.78 -50.39 -14.68
CA LYS T 141 80.42 -51.17 -13.57
C LYS T 141 79.67 -50.96 -12.27
N PRO T 142 79.70 -51.93 -11.33
CA PRO T 142 79.12 -51.74 -10.00
C PRO T 142 79.63 -50.45 -9.31
N GLY T 143 78.72 -49.65 -8.75
CA GLY T 143 79.02 -48.37 -8.07
C GLY T 143 79.00 -47.18 -9.02
N GLY T 144 78.75 -47.41 -10.32
CA GLY T 144 78.78 -46.38 -11.38
C GLY T 144 77.44 -45.69 -11.53
N SER T 145 77.32 -44.81 -12.54
CA SER T 145 76.12 -43.98 -12.84
C SER T 145 75.66 -44.21 -14.29
N LEU T 146 74.41 -43.85 -14.58
CA LEU T 146 73.81 -43.97 -15.93
C LEU T 146 72.51 -43.15 -15.96
N ARG T 147 72.24 -42.46 -17.07
CA ARG T 147 71.07 -41.56 -17.24
C ARG T 147 70.20 -42.10 -18.36
N LEU T 148 69.08 -42.72 -18.00
CA LEU T 148 68.03 -43.14 -18.96
C LEU T 148 67.21 -41.90 -19.33
N SER T 149 66.83 -41.77 -20.60
CA SER T 149 65.89 -40.74 -21.10
C SER T 149 64.83 -41.40 -21.98
N CYS T 150 63.63 -40.83 -21.99
CA CYS T 150 62.46 -41.29 -22.78
C CYS T 150 61.82 -40.08 -23.45
N ALA T 151 61.99 -39.94 -24.77
CA ALA T 151 61.49 -38.79 -25.56
C ALA T 151 60.08 -39.08 -26.08
N ALA T 152 59.08 -38.46 -25.47
CA ALA T 152 57.67 -38.54 -25.90
C ALA T 152 57.44 -37.58 -27.07
N SER T 153 56.53 -37.94 -27.98
CA SER T 153 56.06 -37.07 -29.08
C SER T 153 54.59 -37.42 -29.38
N GLY T 154 53.82 -36.41 -29.77
CA GLY T 154 52.38 -36.52 -30.10
C GLY T 154 51.48 -36.23 -28.91
N ILE T 155 52.05 -35.85 -27.77
CA ILE T 155 51.29 -35.56 -26.51
C ILE T 155 51.85 -34.30 -25.86
N THR T 156 50.98 -33.50 -25.23
CA THR T 156 51.32 -32.35 -24.35
C THR T 156 51.76 -32.93 -23.00
N PHE T 157 53.07 -33.02 -22.78
CA PHE T 157 53.69 -33.93 -21.82
C PHE T 157 53.21 -33.65 -20.39
N GLN T 158 52.94 -32.39 -20.05
CA GLN T 158 52.68 -31.96 -18.65
C GLN T 158 51.36 -32.55 -18.12
N TYR T 159 50.52 -33.13 -18.97
CA TYR T 159 49.18 -33.67 -18.59
C TYR T 159 49.24 -35.18 -18.40
N TYR T 160 50.44 -35.78 -18.32
CA TYR T 160 50.62 -37.25 -18.21
C TYR T 160 51.62 -37.58 -17.09
N ALA T 161 51.16 -38.31 -16.07
CA ALA T 161 52.04 -38.98 -15.09
C ALA T 161 52.86 -40.03 -15.85
N MET T 162 54.15 -40.14 -15.56
CA MET T 162 55.09 -41.02 -16.29
C MET T 162 55.78 -41.93 -15.28
N ASN T 163 56.24 -43.11 -15.75
CA ASN T 163 56.78 -44.18 -14.88
C ASN T 163 57.97 -44.88 -15.55
N TRP T 164 58.87 -45.42 -14.72
CA TRP T 164 59.92 -46.39 -15.10
C TRP T 164 59.54 -47.76 -14.52
N VAL T 165 59.44 -48.77 -15.39
CA VAL T 165 59.23 -50.20 -15.01
C VAL T 165 60.40 -50.99 -15.60
N ARG T 166 60.90 -52.00 -14.90
CA ARG T 166 62.07 -52.81 -15.34
C ARG T 166 61.73 -54.30 -15.30
N GLN T 167 62.45 -55.10 -16.09
CA GLN T 167 62.35 -56.58 -16.14
C GLN T 167 63.76 -57.17 -16.09
N ALA T 168 64.16 -57.69 -14.93
CA ALA T 168 65.46 -58.37 -14.72
C ALA T 168 65.46 -59.69 -15.50
N PRO T 169 66.61 -60.12 -16.07
CA PRO T 169 66.67 -61.41 -16.77
C PRO T 169 66.07 -62.51 -15.88
N GLY T 170 65.02 -63.17 -16.36
CA GLY T 170 64.34 -64.28 -15.65
C GLY T 170 63.09 -63.81 -14.94
N LYS T 171 63.19 -62.75 -14.11
CA LYS T 171 62.09 -62.21 -13.27
C LYS T 171 61.01 -61.54 -14.15
N GLY T 172 59.89 -61.14 -13.54
CA GLY T 172 58.76 -60.47 -14.22
C GLY T 172 58.91 -58.95 -14.21
N LEU T 173 57.81 -58.22 -14.45
CA LEU T 173 57.78 -56.73 -14.46
C LEU T 173 57.81 -56.24 -13.00
N GLU T 174 58.67 -55.29 -12.70
CA GLU T 174 58.77 -54.60 -11.39
C GLU T 174 58.68 -53.09 -11.63
N TRP T 175 57.72 -52.41 -11.01
CA TRP T 175 57.61 -50.94 -11.04
C TRP T 175 58.83 -50.36 -10.32
N VAL T 176 59.42 -49.29 -10.84
CA VAL T 176 60.68 -48.69 -10.32
C VAL T 176 60.40 -47.33 -9.71
N SER T 177 59.79 -46.42 -10.48
CA SER T 177 59.58 -45.00 -10.10
C SER T 177 58.42 -44.38 -10.89
N SER T 178 57.72 -43.43 -10.27
CA SER T 178 56.58 -42.66 -10.83
C SER T 178 56.81 -41.18 -10.58
N ILE T 179 56.39 -40.32 -11.51
CA ILE T 179 56.44 -38.83 -11.38
C ILE T 179 55.13 -38.24 -11.91
N GLY T 180 54.67 -37.14 -11.32
CA GLY T 180 53.47 -36.41 -11.75
C GLY T 180 53.73 -35.64 -13.04
N GLY T 181 52.68 -35.07 -13.63
CA GLY T 181 52.75 -34.30 -14.89
C GLY T 181 53.54 -33.02 -14.72
N ARG T 182 53.42 -32.38 -13.55
CA ARG T 182 54.09 -31.10 -13.22
C ARG T 182 55.42 -31.36 -12.51
N GLY T 183 55.75 -32.63 -12.25
CA GLY T 183 56.97 -33.05 -11.53
C GLY T 183 56.82 -32.96 -10.02
N ASP T 184 55.60 -32.66 -9.55
CA ASP T 184 55.25 -32.43 -8.12
C ASP T 184 55.49 -33.70 -7.31
N THR T 185 54.86 -34.78 -7.73
CA THR T 185 54.83 -36.08 -7.02
C THR T 185 55.97 -36.97 -7.55
N THR T 186 56.76 -37.57 -6.65
CA THR T 186 57.83 -38.56 -6.97
C THR T 186 57.73 -39.73 -5.98
N TYR T 187 57.71 -40.95 -6.51
CA TYR T 187 57.64 -42.21 -5.71
C TYR T 187 58.64 -43.21 -6.31
N TYR T 188 59.28 -44.00 -5.45
CA TYR T 188 60.34 -45.00 -5.82
C TYR T 188 60.02 -46.32 -5.12
N THR T 189 60.46 -47.46 -5.67
CA THR T 189 60.48 -48.77 -4.96
C THR T 189 61.50 -48.66 -3.81
N ASP T 190 61.30 -49.44 -2.75
CA ASP T 190 62.15 -49.38 -1.53
C ASP T 190 63.60 -49.73 -1.90
N SER T 191 63.83 -50.49 -2.97
CA SER T 191 65.16 -51.02 -3.38
C SER T 191 65.96 -50.00 -4.19
N VAL T 192 65.49 -48.76 -4.37
CA VAL T 192 66.24 -47.74 -5.16
C VAL T 192 66.11 -46.34 -4.52
N LYS T 193 65.62 -46.25 -3.27
CA LYS T 193 65.21 -44.97 -2.63
C LYS T 193 66.28 -43.89 -2.81
N GLY T 194 67.47 -44.06 -2.22
CA GLY T 194 68.49 -43.01 -2.11
C GLY T 194 69.36 -42.91 -3.36
N ARG T 195 69.18 -43.82 -4.32
CA ARG T 195 70.13 -44.04 -5.45
C ARG T 195 69.56 -43.47 -6.76
N PHE T 196 68.31 -43.81 -7.08
CA PHE T 196 67.60 -43.41 -8.32
C PHE T 196 66.86 -42.09 -8.10
N THR T 197 66.88 -41.20 -9.11
CA THR T 197 66.14 -39.91 -9.14
C THR T 197 65.38 -39.80 -10.47
N ILE T 198 64.07 -39.61 -10.40
CA ILE T 198 63.18 -39.40 -11.58
C ILE T 198 62.94 -37.90 -11.74
N SER T 199 62.83 -37.42 -12.98
CA SER T 199 62.68 -35.99 -13.34
C SER T 199 62.09 -35.84 -14.74
N ARG T 200 61.67 -34.62 -15.09
CA ARG T 200 60.99 -34.30 -16.38
C ARG T 200 61.52 -32.98 -16.93
N ASP T 201 61.48 -32.83 -18.27
CA ASP T 201 61.56 -31.54 -18.98
C ASP T 201 60.35 -31.46 -19.91
N ASN T 202 59.25 -30.87 -19.43
CA ASN T 202 57.96 -30.84 -20.15
C ASN T 202 58.13 -30.11 -21.49
N SER T 203 58.94 -29.06 -21.54
CA SER T 203 59.22 -28.27 -22.78
C SER T 203 59.94 -29.16 -23.81
N LYS T 204 61.03 -29.84 -23.42
CA LYS T 204 61.78 -30.80 -24.29
C LYS T 204 60.97 -32.10 -24.45
N SER T 205 59.96 -32.31 -23.60
CA SER T 205 58.92 -33.36 -23.73
C SER T 205 59.52 -34.75 -23.43
N THR T 206 60.50 -34.82 -22.54
CA THR T 206 61.26 -36.07 -22.21
C THR T 206 61.20 -36.38 -20.71
N LEU T 207 61.25 -37.67 -20.37
CA LEU T 207 61.34 -38.20 -18.98
C LEU T 207 62.77 -38.71 -18.75
N TYR T 208 63.31 -38.49 -17.56
CA TYR T 208 64.70 -38.89 -17.18
C TYR T 208 64.66 -39.83 -15.97
N LEU T 209 65.57 -40.79 -15.91
CA LEU T 209 65.92 -41.57 -14.69
C LEU T 209 67.43 -41.50 -14.48
N GLN T 210 67.86 -40.74 -13.47
CA GLN T 210 69.27 -40.64 -13.03
C GLN T 210 69.56 -41.80 -12.08
N MET T 211 70.14 -42.88 -12.60
CA MET T 211 70.54 -44.09 -11.82
C MET T 211 72.03 -43.99 -11.50
N ASN T 212 72.38 -43.66 -10.25
CA ASN T 212 73.79 -43.69 -9.79
C ASN T 212 73.86 -44.61 -8.57
N SER T 213 75.09 -44.95 -8.14
CA SER T 213 75.38 -45.94 -7.07
C SER T 213 74.73 -47.27 -7.43
N LEU T 214 74.96 -47.74 -8.67
CA LEU T 214 74.28 -48.92 -9.28
C LEU T 214 74.80 -50.21 -8.65
N ARG T 215 73.89 -51.11 -8.30
CA ARG T 215 74.19 -52.47 -7.78
C ARG T 215 73.94 -53.50 -8.89
N ALA T 216 74.36 -54.75 -8.68
CA ALA T 216 74.33 -55.86 -9.66
C ALA T 216 72.89 -56.27 -9.98
N GLU T 217 71.98 -56.21 -9.00
CA GLU T 217 70.57 -56.66 -9.13
C GLU T 217 69.73 -55.58 -9.83
N ASP T 218 70.37 -54.57 -10.43
CA ASP T 218 69.69 -53.50 -11.22
C ASP T 218 69.70 -53.86 -12.71
N THR T 219 70.45 -54.89 -13.12
CA THR T 219 70.52 -55.31 -14.54
C THR T 219 69.13 -55.76 -14.98
N ALA T 220 68.55 -55.07 -15.95
CA ALA T 220 67.17 -55.28 -16.45
C ALA T 220 66.95 -54.46 -17.72
N VAL T 221 65.90 -54.79 -18.46
CA VAL T 221 65.34 -53.93 -19.54
C VAL T 221 64.46 -52.89 -18.85
N TYR T 222 64.81 -51.60 -18.97
CA TYR T 222 64.08 -50.48 -18.33
C TYR T 222 63.07 -49.89 -19.33
N TYR T 223 61.78 -50.04 -19.01
CA TYR T 223 60.64 -49.60 -19.83
C TYR T 223 60.11 -48.26 -19.31
N CYS T 224 59.82 -47.37 -20.25
CA CYS T 224 59.16 -46.06 -20.04
C CYS T 224 57.64 -46.29 -20.16
N ALA T 225 56.86 -45.93 -19.13
CA ALA T 225 55.41 -46.25 -19.06
C ALA T 225 54.59 -44.99 -18.78
N LYS T 226 53.69 -44.66 -19.71
CA LYS T 226 52.80 -43.46 -19.69
C LYS T 226 51.47 -43.85 -19.07
N GLU T 227 50.87 -42.94 -18.28
CA GLU T 227 49.51 -43.07 -17.72
C GLU T 227 48.54 -42.26 -18.58
N PRO T 228 47.21 -42.54 -18.53
CA PRO T 228 46.23 -41.80 -19.31
C PRO T 228 46.20 -40.30 -18.97
N PHE T 229 45.70 -39.50 -19.91
CA PHE T 229 45.58 -38.03 -19.79
C PHE T 229 44.89 -37.68 -18.47
N ASP T 230 45.38 -36.63 -17.80
CA ASP T 230 44.74 -36.03 -16.61
C ASP T 230 44.95 -34.52 -16.67
N SER T 231 43.89 -33.72 -16.47
CA SER T 231 43.96 -32.24 -16.56
C SER T 231 45.05 -31.68 -15.63
N SER T 232 45.34 -32.35 -14.52
CA SER T 232 46.34 -31.94 -13.49
C SER T 232 47.65 -32.72 -13.64
N GLY T 233 47.66 -33.73 -14.50
CA GLY T 233 48.78 -34.68 -14.63
C GLY T 233 48.91 -35.54 -13.37
N ASP T 234 47.79 -35.88 -12.73
CA ASP T 234 47.75 -36.76 -11.54
C ASP T 234 48.04 -38.21 -11.95
N HIS T 235 48.41 -39.02 -10.97
CA HIS T 235 48.58 -40.49 -11.09
C HIS T 235 47.18 -41.12 -11.21
N ARG T 236 47.03 -42.15 -12.05
CA ARG T 236 45.72 -42.82 -12.28
C ARG T 236 45.83 -44.33 -12.02
N GLY T 237 47.04 -44.88 -12.07
CA GLY T 237 47.33 -46.27 -11.66
C GLY T 237 47.24 -47.25 -12.81
N VAL T 238 47.38 -46.78 -14.04
CA VAL T 238 47.35 -47.64 -15.25
C VAL T 238 48.37 -47.13 -16.26
N PHE T 239 49.07 -48.04 -16.92
CA PHE T 239 50.11 -47.76 -17.94
C PHE T 239 49.53 -48.06 -19.33
N ASP T 240 48.90 -47.07 -19.96
CA ASP T 240 48.09 -47.28 -21.20
C ASP T 240 49.00 -47.36 -22.43
N TYR T 241 50.27 -46.97 -22.31
CA TYR T 241 51.24 -47.02 -23.45
C TYR T 241 52.69 -47.07 -22.92
N TRP T 242 53.52 -47.90 -23.55
CA TRP T 242 54.90 -48.25 -23.12
C TRP T 242 55.91 -47.95 -24.22
N GLY T 243 57.15 -47.65 -23.83
CA GLY T 243 58.31 -47.56 -24.75
C GLY T 243 58.89 -48.94 -25.02
N GLN T 244 59.74 -49.07 -26.05
CA GLN T 244 60.24 -50.39 -26.52
C GLN T 244 61.30 -50.91 -25.55
N GLY T 245 61.91 -50.02 -24.76
CA GLY T 245 62.84 -50.38 -23.66
C GLY T 245 64.28 -50.14 -24.05
N THR T 246 65.20 -50.23 -23.08
CA THR T 246 66.68 -50.20 -23.29
C THR T 246 67.34 -50.84 -22.06
N LEU T 247 68.26 -51.79 -22.26
CA LEU T 247 68.82 -52.63 -21.16
C LEU T 247 70.02 -51.93 -20.54
N VAL T 248 70.05 -51.94 -19.20
CA VAL T 248 71.25 -51.62 -18.37
C VAL T 248 71.80 -52.97 -17.89
N THR T 249 73.12 -53.17 -18.08
CA THR T 249 73.88 -54.39 -17.71
C THR T 249 75.10 -54.01 -16.85
N VAL T 250 74.91 -53.92 -15.54
CA VAL T 250 75.96 -54.12 -14.50
C VAL T 250 76.30 -55.62 -14.46
#